data_8HC3
#
_entry.id   8HC3
#
_cell.length_a   1.00
_cell.length_b   1.00
_cell.length_c   1.00
_cell.angle_alpha   90.00
_cell.angle_beta   90.00
_cell.angle_gamma   90.00
#
_symmetry.space_group_name_H-M   'P 1'
#
loop_
_entity.id
_entity.type
_entity.pdbx_description
1 polymer 'Spike glycoprotein'
2 polymer 'Light chain of YB9-258'
3 polymer 'Heavy chain of YB9-258'
4 branched 2-acetamido-2-deoxy-beta-D-glucopyranose-(1-4)-2-acetamido-2-deoxy-beta-D-glucopyranose
5 non-polymer 2-acetamido-2-deoxy-beta-D-glucopyranose
#
loop_
_entity_poly.entity_id
_entity_poly.type
_entity_poly.pdbx_seq_one_letter_code
_entity_poly.pdbx_strand_id
1 'polypeptide(L)'
;QCVNLTTRTQLPPAYTNSFTRGVYYPDKVFRSSVLHSTQDLFLPFFSNVTWFHVISGTNGTKRFDNPVLPFNDGVYFASI
EKSNIIRGWIFGTTLDSKTQSLLIVNNATNVVIKVCEFQFCNDPFLDHKNNKSWMESEFRVYSSANNCTFEYVSQPFLMD
LEGKQGNFKNLREFVFKNIDGYFKIYSKHTPIIVREPEDLPQGFSALEPLVDLPIGINITRFQTLLALHRSYLTPGDSSS
GWTAGAAAYYVGYLQPRTFLLKYNENGTITDAVDCALDPLSETKCTLKSFTVEKGIYQTSNFRVQPTESIVRFPNITNLC
PFDEVFNATRFASVYAWNRKRISNCVADYSVLYNLAPFFTFKCYGVSPTKLNDLCFTNVYADSFVIRGDEVRQIAPGQTG
NIADYNYKLPDDFTGCVIAWNSNKLDSKVSGNYNYLYRLFRKSNLKPFERDISTEIYQAGNKPCNGVAGFNCYFPLRSYS
FRPTYGVGHQPYRVVVLSFELLHAPATVCGPKKSTNLVKNKCVNFNFNGLKGTGVLTESNKKFLPFQQFGRDIADTTDAV
RDPQTLEILDITPCSFGGVSVITPGTNTSNQVAVLYQGVNCTEVPVAIHADQLTPTWRVYSTGSNVFQTRAGCLIGAEYV
NNSYECDIPIGAGICASYQTQTKSRSVASQSIIAYTMSLGAENSVAYSNNSIAIPTNFTISVTTEILPVSMTKTSVDCTM
YICGDSTECSNLLLQYGSFCTQLKRALTGIAVEQDKNTQEVFAQVKQIYKTPPIKYFGGFNFSQILPDPSKPSKRSPIED
LLFNKVTLADAGFIKQYGDCLGDIAARDLICAQKFKGLTVLPPLLTDEMIAQYTSALLAGTITSGWTFGAGPALQIPFPM
QMAYRFNGIGVTQNVLYENQKLIANQFNSAIGKIQDSLSSTPSALGKLQDVVNHNAQALNTLVKQLSSKFGAISSVLNDI
FSRLDPPEAEVQIDRLITGRLQSLQTYVTQQLIRAAEIRASANLAATKMSECVLGQSKRVDFCGKGYHLMSFPQSAPHGV
VFLHVTYVPAQEKNFTTAPAICHDGKAHFPREGVFVSNGTHWFVTQRNFYEPQIITTDNTFVSGNCDVVIGIVNNTVYDP
LQPELDSFKEELDKYFKNHTSPDVDLGDISGINASVVNIQKEIDRLNEVAKNLNESLIDLQELGKYEQYIKGSGRENLYF
QGGGGSGYIPEAPRDGQAYVRKDGEWVLLSTFLGHHHHHH
;
A,B,C
2 'polypeptide(L)'
;DIQMTQSPSSVSASVGDRVTITCRASQGIGSWLAWYQQKPGKAPQLLIYAASTLQSGVPPRFSGSGSGTDFTLTITSLQP
EDFASYYCQQANSVLALTFGGGTKVEIKRTVAAPSVFIFPPSDEQLKSGTASVVCLLNNFYPREAKVQWKVDNALQSGNS
QESVTEQDSKDSTYSLSSTLTLSKADYEKHKVYACEVTHQGLSSPVTKSFNRGEC
;
L,E
3 'polypeptide(L)'
;EVQLVESGGGLIQPGGSLRLSCAASGLTVSSNYMHWVRQAPGKGLEWVSVLYAGGSAFYADSVKGRFTISRNNSKNTLYL
QMNSLRAEDTAIYYCARGLGDYLDSWGQGTLVTVSSASTKGPSVFPLAPSSKSTSGGTAALGCLVKDYFPEPVTVSWNSG
ALTSGVHTFPAVLQSSGLYSLSSVVTVPSSSLGTQTYICNVNHKPSNTKVDKKVEPKSCD
;
H,D
#
# COMPACT_ATOMS: atom_id res chain seq x y z
N GLN A 1 42.74 -32.04 -20.57
CA GLN A 1 43.95 -32.27 -21.34
C GLN A 1 44.31 -31.04 -22.19
N CYS A 2 45.20 -30.21 -21.67
CA CYS A 2 45.65 -29.00 -22.36
C CYS A 2 47.17 -28.93 -22.33
N VAL A 3 47.75 -28.43 -23.42
CA VAL A 3 49.19 -28.30 -23.55
C VAL A 3 49.52 -26.86 -23.92
N ASN A 4 50.76 -26.47 -23.62
CA ASN A 4 51.21 -25.12 -23.92
C ASN A 4 51.48 -24.97 -25.41
N LEU A 5 51.13 -23.81 -25.96
CA LEU A 5 51.34 -23.49 -27.36
C LEU A 5 52.14 -22.19 -27.46
N THR A 6 53.20 -22.21 -28.28
CA THR A 6 54.07 -21.06 -28.46
C THR A 6 54.12 -20.59 -29.91
N THR A 7 53.16 -21.02 -30.73
CA THR A 7 53.12 -20.64 -32.13
C THR A 7 52.27 -19.41 -32.39
N ARG A 8 51.72 -18.79 -31.35
CA ARG A 8 50.89 -17.61 -31.52
C ARG A 8 51.76 -16.37 -31.69
N THR A 9 51.38 -15.52 -32.64
CA THR A 9 52.08 -14.27 -32.91
C THR A 9 51.42 -13.11 -32.20
N GLN A 10 52.22 -12.12 -31.81
CA GLN A 10 51.73 -10.96 -31.09
C GLN A 10 51.38 -9.85 -32.07
N LEU A 11 50.11 -9.44 -32.07
CA LEU A 11 49.62 -8.36 -32.93
C LEU A 11 48.52 -7.63 -32.18
N PRO A 12 48.48 -6.30 -32.28
CA PRO A 12 47.42 -5.55 -31.60
C PRO A 12 46.07 -5.83 -32.25
N PRO A 13 44.98 -5.78 -31.48
CA PRO A 13 43.66 -6.01 -32.07
C PRO A 13 43.27 -4.88 -33.02
N ALA A 14 42.48 -5.24 -34.03
CA ALA A 14 41.98 -4.28 -35.00
C ALA A 14 40.66 -3.67 -34.53
N TYR A 15 40.38 -2.48 -35.03
CA TYR A 15 39.15 -1.77 -34.69
C TYR A 15 38.44 -1.36 -35.96
N THR A 16 37.14 -1.64 -36.02
CA THR A 16 36.29 -1.25 -37.14
C THR A 16 35.03 -0.61 -36.57
N ASN A 17 34.05 -0.34 -37.43
CA ASN A 17 32.85 0.38 -37.01
C ASN A 17 31.62 -0.49 -37.28
N SER A 18 30.51 -0.10 -36.67
CA SER A 18 29.28 -0.89 -36.56
C SER A 18 28.09 -0.10 -37.08
N PHE A 19 28.21 0.39 -38.32
CA PHE A 19 27.27 1.31 -38.96
C PHE A 19 25.80 0.99 -38.72
N THR A 20 25.35 -0.18 -39.17
CA THR A 20 23.94 -0.56 -39.11
C THR A 20 23.79 -1.99 -38.62
N ARG A 21 24.50 -2.34 -37.54
CA ARG A 21 24.46 -3.69 -36.99
C ARG A 21 24.22 -3.62 -35.48
N GLY A 22 23.55 -4.64 -34.97
CA GLY A 22 23.37 -4.77 -33.53
C GLY A 22 21.98 -4.43 -33.04
N VAL A 23 20.95 -4.75 -33.83
CA VAL A 23 19.57 -4.50 -33.46
C VAL A 23 18.82 -5.83 -33.52
N TYR A 24 18.17 -6.19 -32.42
CA TYR A 24 17.37 -7.41 -32.33
C TYR A 24 15.95 -7.07 -31.88
N TYR A 25 15.15 -8.09 -31.72
CA TYR A 25 13.77 -7.90 -31.25
C TYR A 25 13.78 -7.75 -29.73
N PRO A 26 13.18 -6.69 -29.19
CA PRO A 26 13.18 -6.51 -27.73
C PRO A 26 12.46 -7.62 -26.97
N ASP A 27 11.44 -8.21 -27.56
CA ASP A 27 10.65 -9.26 -26.91
C ASP A 27 9.98 -10.06 -28.02
N LYS A 28 9.16 -11.04 -27.62
CA LYS A 28 8.39 -11.84 -28.56
C LYS A 28 7.05 -11.20 -28.91
N VAL A 29 6.93 -9.89 -28.74
CA VAL A 29 5.70 -9.15 -29.01
C VAL A 29 5.63 -8.85 -30.49
N PHE A 30 4.54 -9.25 -31.13
CA PHE A 30 4.33 -8.99 -32.55
C PHE A 30 3.73 -7.61 -32.75
N ARG A 31 4.25 -6.88 -33.74
CA ARG A 31 3.74 -5.56 -34.08
C ARG A 31 3.65 -5.44 -35.60
N SER A 32 2.65 -4.68 -36.05
CA SER A 32 2.40 -4.51 -37.49
C SER A 32 2.05 -3.07 -37.77
N SER A 33 2.88 -2.41 -38.57
CA SER A 33 2.65 -1.04 -39.06
C SER A 33 2.45 -0.04 -37.93
N VAL A 34 3.25 -0.19 -36.87
CA VAL A 34 3.21 0.72 -35.73
C VAL A 34 4.64 1.12 -35.37
N LEU A 35 4.78 2.33 -34.83
CA LEU A 35 6.06 2.84 -34.38
C LEU A 35 6.13 2.71 -32.86
N HIS A 36 7.03 1.86 -32.38
CA HIS A 36 7.14 1.55 -30.96
C HIS A 36 8.54 1.88 -30.46
N SER A 37 8.61 2.39 -29.24
CA SER A 37 9.88 2.71 -28.57
C SER A 37 9.99 1.88 -27.31
N THR A 38 11.14 1.24 -27.12
CA THR A 38 11.38 0.38 -25.97
C THR A 38 12.73 0.73 -25.35
N GLN A 39 12.86 0.39 -24.06
CA GLN A 39 14.06 0.69 -23.29
C GLN A 39 14.69 -0.63 -22.85
N ASP A 40 15.82 -0.97 -23.45
CA ASP A 40 16.56 -2.18 -23.11
C ASP A 40 17.99 -2.03 -23.64
N LEU A 41 18.78 -3.08 -23.44
CA LEU A 41 20.17 -3.08 -23.91
C LEU A 41 20.21 -3.24 -25.42
N PHE A 42 21.02 -2.43 -26.09
CA PHE A 42 21.12 -2.47 -27.54
C PHE A 42 22.49 -1.92 -27.95
N LEU A 43 22.93 -2.34 -29.13
CA LEU A 43 24.20 -1.86 -29.65
C LEU A 43 24.03 -0.46 -30.23
N PRO A 44 24.84 0.53 -29.79
CA PRO A 44 24.71 1.88 -30.35
C PRO A 44 25.06 1.92 -31.82
N PHE A 45 24.36 2.78 -32.55
CA PHE A 45 24.61 2.95 -33.98
C PHE A 45 25.89 3.75 -34.21
N PHE A 46 26.64 3.34 -35.23
CA PHE A 46 27.91 3.97 -35.60
C PHE A 46 28.89 4.00 -34.42
N SER A 47 28.98 2.87 -33.73
CA SER A 47 29.77 2.74 -32.51
C SER A 47 30.96 1.83 -32.73
N ASN A 48 31.92 1.94 -31.81
CA ASN A 48 33.16 1.17 -31.90
C ASN A 48 32.90 -0.32 -31.70
N VAL A 49 33.63 -1.14 -32.44
CA VAL A 49 33.55 -2.59 -32.31
C VAL A 49 34.95 -3.16 -32.55
N THR A 50 35.34 -4.14 -31.74
CA THR A 50 36.67 -4.71 -31.82
C THR A 50 36.72 -5.81 -32.87
N TRP A 51 37.80 -5.82 -33.65
CA TRP A 51 37.97 -6.76 -34.75
C TRP A 51 39.21 -7.63 -34.50
N PHE A 52 39.07 -8.92 -34.81
CA PHE A 52 40.17 -9.87 -34.71
C PHE A 52 40.27 -10.66 -36.01
N HIS A 53 41.48 -11.10 -36.33
CA HIS A 53 41.77 -11.85 -37.55
C HIS A 53 42.44 -13.17 -37.19
N VAL A 54 41.93 -14.26 -37.76
CA VAL A 54 42.47 -15.59 -37.56
C VAL A 54 42.69 -16.22 -38.94
N ILE A 55 43.94 -16.56 -39.25
CA ILE A 55 44.26 -17.20 -40.52
C ILE A 55 45.04 -18.49 -40.27
N LYS A 62 49.70 -17.27 -40.10
CA LYS A 62 49.18 -18.00 -38.95
C LYS A 62 48.84 -17.05 -37.80
N ARG A 63 47.56 -16.70 -37.68
CA ARG A 63 47.08 -15.81 -36.64
C ARG A 63 46.15 -16.56 -35.71
N PHE A 64 46.44 -16.48 -34.41
CA PHE A 64 45.60 -17.09 -33.38
C PHE A 64 45.13 -15.99 -32.45
N ASP A 65 43.80 -15.87 -32.28
CA ASP A 65 43.19 -14.81 -31.49
C ASP A 65 42.19 -15.45 -30.53
N ASN A 66 42.63 -15.71 -29.30
CA ASN A 66 41.76 -16.20 -28.22
C ASN A 66 42.00 -15.33 -26.99
N PRO A 67 41.50 -14.09 -27.01
CA PRO A 67 41.80 -13.17 -25.90
C PRO A 67 40.84 -13.31 -24.74
N VAL A 68 41.01 -12.46 -23.73
CA VAL A 68 40.15 -12.44 -22.54
C VAL A 68 39.42 -11.11 -22.52
N LEU A 69 38.09 -11.17 -22.48
CA LEU A 69 37.24 -9.99 -22.53
C LEU A 69 36.24 -10.01 -21.39
N PRO A 70 35.81 -8.83 -20.91
CA PRO A 70 34.84 -8.79 -19.81
C PRO A 70 33.43 -9.23 -20.22
N PHE A 71 32.50 -9.17 -19.26
CA PHE A 71 31.12 -9.62 -19.44
C PHE A 71 30.15 -8.52 -19.05
N ASN A 72 30.32 -7.34 -19.66
CA ASN A 72 29.40 -6.22 -19.48
C ASN A 72 27.95 -6.62 -19.77
N ASP A 73 27.00 -5.79 -19.33
CA ASP A 73 25.58 -6.17 -19.30
C ASP A 73 25.06 -6.53 -20.69
N GLY A 74 25.58 -5.92 -21.73
CA GLY A 74 25.24 -6.26 -23.10
C GLY A 74 26.48 -6.59 -23.90
N VAL A 75 26.39 -7.65 -24.71
CA VAL A 75 27.48 -8.07 -25.59
C VAL A 75 26.93 -8.30 -26.98
N TYR A 76 27.78 -8.05 -27.98
CA TYR A 76 27.45 -8.28 -29.39
C TYR A 76 28.57 -9.08 -30.03
N PHE A 77 28.21 -10.16 -30.72
CA PHE A 77 29.18 -11.01 -31.40
C PHE A 77 28.77 -11.18 -32.84
N ALA A 78 29.65 -10.81 -33.76
CA ALA A 78 29.45 -11.00 -35.19
C ALA A 78 30.70 -11.65 -35.77
N SER A 79 30.50 -12.53 -36.75
CA SER A 79 31.62 -13.26 -37.33
C SER A 79 31.35 -13.52 -38.80
N ILE A 80 32.30 -13.16 -39.65
CA ILE A 80 32.27 -13.52 -41.08
C ILE A 80 32.86 -14.93 -41.17
N GLU A 81 31.99 -15.92 -41.28
CA GLU A 81 32.35 -17.32 -41.07
C GLU A 81 32.19 -18.11 -42.36
N LYS A 82 33.21 -18.88 -42.71
CA LYS A 82 33.16 -19.81 -43.82
C LYS A 82 33.75 -21.14 -43.39
N SER A 83 33.17 -22.23 -43.91
CA SER A 83 33.56 -23.62 -43.64
C SER A 83 33.41 -24.01 -42.17
N ASN A 84 32.65 -23.22 -41.41
CA ASN A 84 32.29 -23.53 -40.01
C ASN A 84 33.51 -23.74 -39.13
N ILE A 85 34.42 -22.76 -39.15
CA ILE A 85 35.59 -22.81 -38.27
C ILE A 85 35.17 -22.60 -36.82
N ILE A 86 34.18 -21.74 -36.58
CA ILE A 86 33.73 -21.47 -35.22
C ILE A 86 33.04 -22.70 -34.64
N ARG A 87 33.14 -22.85 -33.33
CA ARG A 87 32.56 -24.01 -32.65
C ARG A 87 31.64 -23.64 -31.50
N GLY A 88 31.96 -22.59 -30.75
CA GLY A 88 31.12 -22.22 -29.62
C GLY A 88 31.80 -21.15 -28.79
N TRP A 89 31.30 -20.98 -27.56
CA TRP A 89 31.78 -19.95 -26.65
C TRP A 89 31.87 -20.52 -25.25
N ILE A 90 32.66 -19.85 -24.41
CA ILE A 90 32.83 -20.21 -23.00
C ILE A 90 32.42 -19.01 -22.16
N PHE A 91 31.59 -19.26 -21.14
CA PHE A 91 31.17 -18.22 -20.22
C PHE A 91 31.44 -18.67 -18.79
N GLY A 92 31.90 -17.74 -17.96
CA GLY A 92 32.19 -18.07 -16.57
C GLY A 92 32.74 -16.87 -15.84
N THR A 93 33.17 -17.10 -14.60
CA THR A 93 33.74 -16.05 -13.76
C THR A 93 35.26 -16.16 -13.70
N THR A 94 35.78 -17.32 -13.31
CA THR A 94 37.22 -17.54 -13.24
C THR A 94 37.67 -18.74 -14.07
N LEU A 95 36.75 -19.41 -14.76
CA LEU A 95 37.05 -20.55 -15.65
C LEU A 95 37.77 -21.68 -14.89
N ASP A 96 37.17 -22.10 -13.79
CA ASP A 96 37.70 -23.20 -12.99
C ASP A 96 36.55 -23.88 -12.26
N SER A 97 36.89 -24.74 -11.31
CA SER A 97 35.89 -25.51 -10.57
C SER A 97 35.37 -24.77 -9.34
N LYS A 98 35.91 -23.59 -9.03
CA LYS A 98 35.44 -22.84 -7.87
C LYS A 98 34.12 -22.14 -8.10
N THR A 99 33.66 -22.05 -9.35
CA THR A 99 32.40 -21.39 -9.66
C THR A 99 31.79 -22.02 -10.90
N GLN A 100 30.49 -21.82 -11.07
CA GLN A 100 29.78 -22.37 -12.22
C GLN A 100 30.16 -21.62 -13.49
N SER A 101 30.29 -22.37 -14.58
CA SER A 101 30.66 -21.80 -15.87
C SER A 101 29.75 -22.36 -16.96
N LEU A 102 29.47 -21.54 -17.97
CA LEU A 102 28.60 -21.93 -19.07
C LEU A 102 29.46 -22.29 -20.28
N LEU A 103 29.17 -23.44 -20.88
CA LEU A 103 29.93 -23.98 -21.99
C LEU A 103 29.01 -24.21 -23.18
N ILE A 104 29.44 -23.76 -24.36
CA ILE A 104 28.68 -23.89 -25.60
C ILE A 104 29.53 -24.61 -26.62
N VAL A 105 29.04 -25.75 -27.12
CA VAL A 105 29.67 -26.48 -28.22
C VAL A 105 28.60 -26.86 -29.22
N ASN A 106 29.01 -26.91 -30.49
CA ASN A 106 28.09 -27.27 -31.57
C ASN A 106 28.93 -27.92 -32.67
N ASN A 107 28.94 -29.26 -32.68
CA ASN A 107 29.69 -29.99 -33.70
C ASN A 107 28.78 -30.26 -34.90
N ALA A 108 29.22 -31.13 -35.81
CA ALA A 108 28.57 -31.30 -37.10
C ALA A 108 27.20 -31.94 -37.03
N THR A 109 26.80 -32.50 -35.89
CA THR A 109 25.52 -33.20 -35.81
C THR A 109 24.50 -32.55 -34.87
N ASN A 110 24.94 -31.83 -33.84
CA ASN A 110 24.02 -31.24 -32.88
C ASN A 110 24.74 -30.16 -32.09
N VAL A 111 23.98 -29.43 -31.29
CA VAL A 111 24.50 -28.40 -30.40
C VAL A 111 24.22 -28.84 -28.97
N VAL A 112 25.22 -28.70 -28.10
CA VAL A 112 25.11 -29.09 -26.69
C VAL A 112 25.30 -27.84 -25.84
N ILE A 113 24.31 -27.54 -25.01
CA ILE A 113 24.37 -26.41 -24.09
C ILE A 113 24.52 -26.98 -22.69
N LYS A 114 25.67 -26.74 -22.07
CA LYS A 114 25.98 -27.31 -20.76
C LYS A 114 26.53 -26.22 -19.86
N VAL A 115 26.07 -26.23 -18.60
CA VAL A 115 26.59 -25.36 -17.55
C VAL A 115 27.03 -26.23 -16.38
N CYS A 116 28.25 -26.01 -15.92
CA CYS A 116 28.85 -26.84 -14.87
C CYS A 116 30.09 -26.13 -14.34
N GLU A 117 30.70 -26.72 -13.32
CA GLU A 117 31.95 -26.23 -12.75
C GLU A 117 33.12 -26.89 -13.48
N PHE A 118 33.22 -26.59 -14.77
CA PHE A 118 34.25 -27.17 -15.61
C PHE A 118 35.62 -26.58 -15.28
N GLN A 119 36.66 -27.38 -15.49
CA GLN A 119 38.04 -26.97 -15.27
C GLN A 119 38.62 -26.55 -16.63
N PHE A 120 38.76 -25.24 -16.82
CA PHE A 120 39.23 -24.68 -18.08
C PHE A 120 40.71 -24.33 -17.98
N CYS A 121 41.46 -24.66 -19.02
CA CYS A 121 42.87 -24.37 -19.09
C CYS A 121 43.08 -22.94 -19.61
N ASN A 122 44.33 -22.56 -19.86
CA ASN A 122 44.63 -21.21 -20.32
C ASN A 122 44.41 -21.02 -21.81
N ASP A 123 44.21 -22.09 -22.57
CA ASP A 123 43.99 -22.01 -24.02
C ASP A 123 43.10 -23.15 -24.47
N PRO A 124 41.78 -22.99 -24.32
CA PRO A 124 40.87 -24.01 -24.83
C PRO A 124 40.86 -24.05 -26.35
N PHE A 125 40.67 -25.25 -26.89
CA PHE A 125 40.67 -25.45 -28.33
C PHE A 125 39.92 -26.74 -28.65
N LEU A 126 39.53 -26.86 -29.91
CA LEU A 126 38.83 -28.04 -30.41
C LEU A 126 39.45 -28.49 -31.72
N ASP A 127 39.45 -29.80 -31.93
CA ASP A 127 40.02 -30.39 -33.14
C ASP A 127 38.94 -31.04 -33.99
N MET A 135 38.08 -34.33 -40.43
CA MET A 135 36.92 -34.15 -39.56
C MET A 135 37.35 -33.89 -38.12
N GLU A 136 36.40 -34.00 -37.19
CA GLU A 136 36.65 -33.79 -35.77
C GLU A 136 36.71 -35.15 -35.07
N SER A 137 37.82 -35.40 -34.37
CA SER A 137 37.97 -36.66 -33.66
C SER A 137 38.58 -36.48 -32.27
N GLU A 138 38.78 -35.24 -31.81
CA GLU A 138 39.35 -34.99 -30.50
C GLU A 138 38.49 -33.98 -29.76
N PHE A 139 38.37 -34.16 -28.44
CA PHE A 139 37.56 -33.28 -27.60
C PHE A 139 38.35 -33.01 -26.32
N ARG A 140 39.04 -31.87 -26.27
CA ARG A 140 39.85 -31.45 -25.12
C ARG A 140 39.43 -30.04 -24.73
N VAL A 141 38.42 -29.94 -23.88
CA VAL A 141 37.92 -28.63 -23.44
C VAL A 141 38.05 -28.51 -21.94
N TYR A 142 37.39 -29.41 -21.20
CA TYR A 142 37.38 -29.38 -19.74
C TYR A 142 38.06 -30.64 -19.20
N SER A 143 38.10 -30.74 -17.88
CA SER A 143 38.72 -31.87 -17.21
C SER A 143 37.81 -32.54 -16.19
N SER A 144 36.97 -31.77 -15.49
CA SER A 144 36.13 -32.33 -14.44
C SER A 144 34.75 -31.68 -14.47
N ALA A 145 33.78 -32.38 -13.89
CA ALA A 145 32.40 -31.88 -13.80
C ALA A 145 31.77 -32.52 -12.57
N ASN A 146 31.50 -31.73 -11.54
CA ASN A 146 31.04 -32.24 -10.27
C ASN A 146 29.64 -31.80 -9.89
N ASN A 147 29.36 -30.50 -9.90
CA ASN A 147 28.10 -29.96 -9.38
C ASN A 147 27.32 -29.31 -10.52
N CYS A 148 26.52 -30.11 -11.21
CA CYS A 148 25.64 -29.63 -12.27
C CYS A 148 24.62 -30.71 -12.59
N THR A 149 23.39 -30.29 -12.87
CA THR A 149 22.30 -31.20 -13.21
C THR A 149 21.51 -30.75 -14.42
N PHE A 150 21.97 -29.73 -15.14
CA PHE A 150 21.25 -29.18 -16.29
C PHE A 150 22.02 -29.45 -17.57
N GLU A 151 21.34 -30.05 -18.56
CA GLU A 151 21.90 -30.30 -19.86
C GLU A 151 20.84 -30.04 -20.92
N TYR A 152 21.29 -29.56 -22.08
CA TYR A 152 20.38 -29.23 -23.17
C TYR A 152 21.02 -29.59 -24.51
N VAL A 153 20.22 -30.20 -25.38
CA VAL A 153 20.64 -30.53 -26.75
C VAL A 153 19.55 -30.05 -27.70
N SER A 154 19.95 -29.76 -28.94
CA SER A 154 19.03 -29.27 -29.96
C SER A 154 19.66 -29.48 -31.33
N GLN A 155 18.92 -29.10 -32.36
CA GLN A 155 19.44 -29.18 -33.72
C GLN A 155 20.56 -28.18 -33.92
N PRO A 156 21.59 -28.50 -34.71
CA PRO A 156 22.71 -27.58 -34.90
C PRO A 156 22.28 -26.28 -35.58
N PHE A 157 22.82 -25.17 -35.09
CA PHE A 157 22.44 -23.86 -35.63
C PHE A 157 23.13 -23.58 -36.95
N LEU A 158 24.37 -24.04 -37.11
CA LEU A 158 25.13 -23.80 -38.34
C LEU A 158 24.63 -24.71 -39.47
N ASN A 167 36.35 -17.59 -50.91
CA ASN A 167 35.50 -16.43 -50.81
C ASN A 167 34.45 -16.61 -49.72
N PHE A 168 34.15 -15.53 -49.01
CA PHE A 168 33.16 -15.58 -47.94
C PHE A 168 31.75 -15.73 -48.51
N LYS A 169 30.94 -16.54 -47.83
CA LYS A 169 29.56 -16.76 -48.28
C LYS A 169 28.52 -16.73 -47.18
N ASN A 170 28.90 -16.75 -45.90
CA ASN A 170 27.94 -16.80 -44.82
C ASN A 170 28.37 -15.87 -43.69
N LEU A 171 27.39 -15.39 -42.94
CA LEU A 171 27.62 -14.48 -41.82
C LEU A 171 26.86 -14.97 -40.59
N ARG A 172 27.40 -14.64 -39.42
CA ARG A 172 26.80 -15.02 -38.14
C ARG A 172 26.73 -13.80 -37.24
N GLU A 173 25.64 -13.71 -36.48
CA GLU A 173 25.43 -12.61 -35.54
C GLU A 173 24.81 -13.17 -34.26
N PHE A 174 25.51 -13.01 -33.14
CA PHE A 174 25.07 -13.55 -31.86
C PHE A 174 25.10 -12.45 -30.80
N VAL A 175 24.08 -12.43 -29.95
CA VAL A 175 24.06 -11.56 -28.78
C VAL A 175 23.60 -12.38 -27.57
N PHE A 176 24.16 -12.04 -26.42
CA PHE A 176 23.87 -12.74 -25.18
C PHE A 176 23.39 -11.75 -24.13
N LYS A 177 22.26 -12.06 -23.49
CA LYS A 177 21.67 -11.20 -22.47
C LYS A 177 21.43 -12.01 -21.20
N ASN A 178 21.73 -11.39 -20.05
CA ASN A 178 21.55 -12.01 -18.74
C ASN A 178 20.67 -11.09 -17.89
N ILE A 179 19.37 -11.28 -17.98
CA ILE A 179 18.39 -10.47 -17.26
C ILE A 179 17.50 -11.40 -16.44
N ASP A 180 17.41 -11.13 -15.13
CA ASP A 180 16.57 -11.88 -14.19
C ASP A 180 16.93 -13.37 -14.21
N GLY A 181 18.23 -13.65 -14.27
CA GLY A 181 18.69 -15.02 -14.25
C GLY A 181 18.44 -15.81 -15.52
N TYR A 182 18.00 -15.16 -16.59
CA TYR A 182 17.69 -15.82 -17.85
C TYR A 182 18.77 -15.48 -18.88
N PHE A 183 19.33 -16.51 -19.50
CA PHE A 183 20.34 -16.33 -20.54
C PHE A 183 19.67 -16.47 -21.91
N LYS A 184 19.79 -15.44 -22.73
CA LYS A 184 19.16 -15.38 -24.04
C LYS A 184 20.22 -15.39 -25.12
N ILE A 185 20.08 -16.30 -26.08
CA ILE A 185 20.97 -16.39 -27.23
C ILE A 185 20.14 -16.13 -28.48
N TYR A 186 20.48 -15.08 -29.21
CA TYR A 186 19.76 -14.70 -30.43
C TYR A 186 20.68 -14.91 -31.62
N SER A 187 20.18 -15.58 -32.66
CA SER A 187 20.99 -15.94 -33.81
C SER A 187 20.26 -15.57 -35.10
N LYS A 188 21.04 -15.22 -36.12
CA LYS A 188 20.52 -14.94 -37.45
C LYS A 188 21.62 -15.18 -38.47
N HIS A 189 21.31 -15.91 -39.53
CA HIS A 189 22.25 -16.19 -40.60
C HIS A 189 21.83 -15.43 -41.86
N THR A 190 22.74 -14.63 -42.39
CA THR A 190 22.47 -13.79 -43.57
C THR A 190 23.56 -14.05 -44.60
N PRO A 191 23.43 -15.10 -45.40
CA PRO A 191 24.43 -15.36 -46.45
C PRO A 191 24.41 -14.29 -47.52
N ILE A 192 25.59 -13.99 -48.05
CA ILE A 192 25.74 -12.99 -49.10
C ILE A 192 26.48 -13.58 -50.29
N ASP A 199 35.84 -6.47 -43.81
CA ASP A 199 35.03 -5.47 -43.10
C ASP A 199 33.58 -5.90 -43.02
N LEU A 200 32.83 -5.27 -42.13
CA LEU A 200 31.41 -5.58 -41.99
C LEU A 200 30.65 -5.09 -43.22
N PRO A 201 29.79 -5.93 -43.81
CA PRO A 201 29.02 -5.49 -44.97
C PRO A 201 28.03 -4.39 -44.61
N GLN A 202 27.77 -3.52 -45.58
CA GLN A 202 26.83 -2.42 -45.39
C GLN A 202 25.41 -2.91 -45.59
N GLY A 203 24.57 -2.67 -44.61
CA GLY A 203 23.18 -3.09 -44.69
C GLY A 203 22.60 -3.31 -43.31
N PHE A 204 21.30 -3.61 -43.30
CA PHE A 204 20.57 -3.86 -42.07
C PHE A 204 19.74 -5.13 -42.21
N SER A 205 19.64 -5.89 -41.13
CA SER A 205 18.86 -7.11 -41.12
C SER A 205 18.35 -7.35 -39.70
N ALA A 206 17.27 -8.13 -39.60
CA ALA A 206 16.70 -8.47 -38.32
C ALA A 206 17.56 -9.51 -37.60
N LEU A 207 17.36 -9.62 -36.29
CA LEU A 207 18.08 -10.57 -35.45
C LEU A 207 17.03 -11.31 -34.62
N GLU A 208 16.55 -12.43 -35.14
CA GLU A 208 15.48 -13.17 -34.48
C GLU A 208 16.03 -13.91 -33.26
N PRO A 209 15.27 -13.95 -32.16
CA PRO A 209 15.68 -14.78 -31.01
C PRO A 209 15.66 -16.26 -31.35
N LEU A 210 16.53 -17.00 -30.67
CA LEU A 210 16.71 -18.42 -30.94
C LEU A 210 16.26 -19.31 -29.78
N VAL A 211 16.80 -19.09 -28.58
CA VAL A 211 16.52 -19.98 -27.45
C VAL A 211 16.72 -19.19 -26.16
N ASP A 212 15.95 -19.55 -25.14
CA ASP A 212 16.04 -18.96 -23.81
C ASP A 212 16.26 -20.06 -22.78
N LEU A 213 17.21 -19.84 -21.88
CA LEU A 213 17.54 -20.82 -20.85
C LEU A 213 17.62 -20.12 -19.50
N PRO A 214 16.96 -20.64 -18.46
CA PRO A 214 17.03 -20.04 -17.11
C PRO A 214 18.20 -20.58 -16.29
N ILE A 215 19.41 -20.12 -16.62
CA ILE A 215 20.60 -20.59 -15.94
C ILE A 215 20.77 -19.87 -14.59
N GLY A 216 20.93 -18.56 -14.62
CA GLY A 216 21.10 -17.79 -13.41
C GLY A 216 22.42 -18.01 -12.71
N ILE A 217 23.52 -17.63 -13.37
CA ILE A 217 24.87 -17.80 -12.82
C ILE A 217 25.60 -16.47 -12.94
N ASN A 218 26.76 -16.41 -12.28
CA ASN A 218 27.60 -15.23 -12.29
C ASN A 218 28.69 -15.42 -13.35
N ILE A 219 28.73 -14.53 -14.34
CA ILE A 219 29.68 -14.60 -15.43
C ILE A 219 30.45 -13.29 -15.47
N THR A 220 31.79 -13.39 -15.49
CA THR A 220 32.66 -12.22 -15.45
C THR A 220 33.55 -12.11 -16.69
N ARG A 221 34.13 -13.21 -17.15
CA ARG A 221 34.99 -13.21 -18.33
C ARG A 221 34.57 -14.35 -19.25
N PHE A 222 34.52 -14.07 -20.55
CA PHE A 222 34.04 -15.04 -21.52
C PHE A 222 35.09 -15.26 -22.61
N GLN A 223 35.06 -16.47 -23.18
CA GLN A 223 36.02 -16.87 -24.19
C GLN A 223 35.32 -17.37 -25.46
N THR A 224 36.07 -17.94 -26.38
CA THR A 224 35.53 -18.45 -27.63
C THR A 224 36.25 -19.73 -28.02
N LEU A 225 35.62 -20.51 -28.90
CA LEU A 225 36.16 -21.77 -29.40
C LEU A 225 36.45 -21.66 -30.87
N LEU A 226 37.60 -22.18 -31.29
CA LEU A 226 37.99 -22.23 -32.70
C LEU A 226 38.48 -23.63 -33.04
N ALA A 227 38.02 -24.14 -34.18
CA ALA A 227 38.40 -25.48 -34.62
C ALA A 227 39.75 -25.43 -35.33
N LEU A 228 40.54 -26.49 -35.13
CA LEU A 228 41.87 -26.62 -35.72
C LEU A 228 41.88 -27.78 -36.69
N HIS A 229 42.47 -27.56 -37.86
CA HIS A 229 42.58 -28.57 -38.90
C HIS A 229 44.01 -29.10 -38.94
N ARG A 230 44.15 -30.42 -38.92
CA ARG A 230 45.45 -31.08 -38.93
C ARG A 230 45.71 -31.67 -40.31
N SER A 231 46.88 -31.36 -40.86
CA SER A 231 47.27 -31.86 -42.17
C SER A 231 48.66 -32.47 -42.15
N GLY A 241 51.88 -28.92 -35.04
CA GLY A 241 51.59 -28.08 -36.18
C GLY A 241 50.14 -28.16 -36.63
N TRP A 242 49.46 -27.02 -36.62
CA TRP A 242 48.06 -26.93 -37.02
C TRP A 242 47.87 -25.76 -37.98
N THR A 243 46.96 -25.93 -38.93
CA THR A 243 46.65 -24.93 -39.93
C THR A 243 45.17 -24.62 -39.89
N ALA A 244 44.82 -23.33 -39.91
CA ALA A 244 43.44 -22.89 -39.89
C ALA A 244 43.18 -21.95 -41.06
N GLY A 245 41.94 -21.98 -41.55
CA GLY A 245 41.56 -21.13 -42.65
C GLY A 245 41.36 -19.69 -42.24
N ALA A 246 41.16 -18.83 -43.24
CA ALA A 246 40.95 -17.41 -43.00
C ALA A 246 39.59 -17.17 -42.36
N ALA A 247 39.59 -16.43 -41.25
CA ALA A 247 38.35 -16.15 -40.53
C ALA A 247 38.53 -14.85 -39.74
N ALA A 248 37.41 -14.25 -39.36
CA ALA A 248 37.41 -13.02 -38.59
C ALA A 248 36.10 -12.92 -37.83
N TYR A 249 36.16 -12.26 -36.68
CA TYR A 249 34.97 -12.07 -35.85
C TYR A 249 35.01 -10.70 -35.19
N TYR A 250 33.84 -10.21 -34.82
CA TYR A 250 33.68 -8.92 -34.19
C TYR A 250 33.04 -9.09 -32.81
N VAL A 251 33.53 -8.34 -31.84
CA VAL A 251 32.99 -8.37 -30.48
C VAL A 251 32.68 -6.94 -30.06
N GLY A 252 31.48 -6.72 -29.50
CA GLY A 252 31.05 -5.42 -29.06
C GLY A 252 30.23 -5.51 -27.80
N TYR A 253 29.88 -4.33 -27.27
CA TYR A 253 29.12 -4.23 -26.03
C TYR A 253 27.89 -3.37 -26.26
N LEU A 254 26.73 -3.87 -25.84
CA LEU A 254 25.48 -3.14 -25.98
C LEU A 254 25.35 -2.06 -24.91
N GLN A 255 24.41 -1.15 -25.12
CA GLN A 255 24.17 -0.04 -24.22
C GLN A 255 22.68 0.09 -23.93
N PRO A 256 22.31 0.58 -22.74
CA PRO A 256 20.89 0.69 -22.40
C PRO A 256 20.23 1.97 -22.89
N ARG A 257 20.86 2.66 -23.84
CA ARG A 257 20.31 3.91 -24.35
C ARG A 257 19.02 3.67 -25.12
N THR A 258 18.15 4.68 -25.09
CA THR A 258 16.83 4.58 -25.73
C THR A 258 16.97 4.63 -27.25
N PHE A 259 16.28 3.72 -27.94
CA PHE A 259 16.27 3.64 -29.39
C PHE A 259 14.85 3.80 -29.92
N LEU A 260 14.71 3.70 -31.23
CA LEU A 260 13.43 3.67 -31.91
C LEU A 260 13.33 2.40 -32.75
N LEU A 261 12.17 1.76 -32.71
CA LEU A 261 11.93 0.54 -33.47
C LEU A 261 10.80 0.77 -34.46
N LYS A 262 11.04 0.43 -35.72
CA LYS A 262 10.04 0.55 -36.78
C LYS A 262 9.61 -0.85 -37.20
N TYR A 263 8.30 -1.08 -37.22
CA TYR A 263 7.72 -2.35 -37.64
C TYR A 263 6.95 -2.13 -38.93
N ASN A 264 7.31 -2.89 -39.97
CA ASN A 264 6.68 -2.76 -41.27
C ASN A 264 5.41 -3.61 -41.32
N GLU A 265 4.86 -3.79 -42.52
CA GLU A 265 3.67 -4.62 -42.69
C GLU A 265 3.97 -6.11 -42.57
N ASN A 266 5.24 -6.50 -42.57
CA ASN A 266 5.63 -7.90 -42.42
C ASN A 266 6.12 -8.23 -41.01
N GLY A 267 6.13 -7.26 -40.09
CA GLY A 267 6.52 -7.50 -38.73
C GLY A 267 8.01 -7.57 -38.47
N THR A 268 8.84 -7.21 -39.45
CA THR A 268 10.28 -7.24 -39.29
C THR A 268 10.82 -5.82 -39.14
N ILE A 269 12.02 -5.73 -38.57
CA ILE A 269 12.66 -4.44 -38.34
C ILE A 269 13.38 -4.01 -39.61
N THR A 270 13.05 -2.81 -40.09
CA THR A 270 13.67 -2.26 -41.29
C THR A 270 14.64 -1.13 -41.01
N ASP A 271 14.28 -0.18 -40.14
CA ASP A 271 15.14 0.92 -39.79
C ASP A 271 15.03 1.21 -38.30
N ALA A 272 16.11 1.72 -37.72
CA ALA A 272 16.15 2.11 -36.33
C ALA A 272 16.90 3.42 -36.19
N VAL A 273 16.50 4.22 -35.20
CA VAL A 273 17.04 5.56 -35.00
C VAL A 273 17.45 5.72 -33.54
N ASP A 274 18.71 6.09 -33.32
CA ASP A 274 19.18 6.41 -31.99
C ASP A 274 18.64 7.76 -31.54
N CYS A 275 18.33 7.88 -30.26
CA CYS A 275 17.78 9.12 -29.70
C CYS A 275 18.86 10.04 -29.13
N ALA A 276 20.13 9.64 -29.19
CA ALA A 276 21.20 10.45 -28.61
C ALA A 276 22.45 10.47 -29.49
N LEU A 277 22.28 10.37 -30.81
CA LEU A 277 23.42 10.40 -31.73
C LEU A 277 23.67 11.81 -32.25
N ASP A 278 22.69 12.39 -32.93
CA ASP A 278 22.75 13.73 -33.46
C ASP A 278 21.39 14.40 -33.21
N PRO A 279 21.35 15.73 -33.17
CA PRO A 279 20.08 16.42 -32.81
C PRO A 279 18.91 16.10 -33.73
N LEU A 280 19.15 15.84 -35.02
CA LEU A 280 18.05 15.50 -35.92
C LEU A 280 17.39 14.18 -35.50
N SER A 281 18.19 13.19 -35.13
CA SER A 281 17.62 11.93 -34.65
C SER A 281 17.03 12.07 -33.26
N GLU A 282 17.57 13.00 -32.45
CA GLU A 282 16.95 13.30 -31.16
C GLU A 282 15.55 13.87 -31.33
N THR A 283 15.37 14.77 -32.30
CA THR A 283 14.04 15.31 -32.58
C THR A 283 13.15 14.27 -33.25
N LYS A 284 13.73 13.36 -34.03
CA LYS A 284 12.96 12.23 -34.55
C LYS A 284 12.44 11.36 -33.42
N CYS A 285 13.26 11.15 -32.39
CA CYS A 285 12.81 10.43 -31.19
C CYS A 285 11.73 11.22 -30.47
N THR A 286 11.88 12.54 -30.38
CA THR A 286 10.90 13.36 -29.68
C THR A 286 9.58 13.42 -30.46
N LEU A 287 9.64 13.61 -31.78
CA LEU A 287 8.44 13.69 -32.59
C LEU A 287 7.86 12.32 -32.93
N LYS A 288 8.56 11.23 -32.59
CA LYS A 288 8.12 9.85 -32.84
C LYS A 288 7.84 9.60 -34.32
N SER A 289 8.68 10.17 -35.18
CA SER A 289 8.56 9.97 -36.62
C SER A 289 9.95 9.96 -37.22
N PHE A 290 10.08 9.31 -38.37
CA PHE A 290 11.37 9.19 -39.05
C PHE A 290 11.68 10.39 -39.93
N THR A 291 10.74 11.32 -40.08
CA THR A 291 10.97 12.54 -40.84
C THR A 291 10.48 13.73 -40.01
N VAL A 292 11.11 14.88 -40.25
CA VAL A 292 10.78 16.11 -39.54
C VAL A 292 10.44 17.19 -40.56
N GLU A 293 9.45 18.02 -40.23
CA GLU A 293 9.05 19.11 -41.10
C GLU A 293 9.91 20.33 -40.83
N LYS A 294 9.75 21.34 -41.69
CA LYS A 294 10.48 22.59 -41.55
C LYS A 294 9.84 23.44 -40.46
N GLY A 295 10.62 23.76 -39.43
CA GLY A 295 10.11 24.52 -38.30
C GLY A 295 11.14 24.59 -37.20
N ILE A 296 10.70 25.14 -36.07
CA ILE A 296 11.53 25.24 -34.87
C ILE A 296 11.07 24.18 -33.88
N TYR A 297 12.03 23.45 -33.32
CA TYR A 297 11.72 22.36 -32.39
C TYR A 297 12.79 22.29 -31.31
N GLN A 298 12.36 22.02 -30.08
CA GLN A 298 13.25 21.72 -28.97
C GLN A 298 12.92 20.34 -28.41
N THR A 299 13.94 19.67 -27.89
CA THR A 299 13.77 18.26 -27.50
C THR A 299 14.12 17.95 -26.05
N SER A 300 15.09 18.61 -25.44
CA SER A 300 15.52 18.26 -24.09
C SER A 300 16.21 19.45 -23.46
N ASN A 301 16.92 19.21 -22.36
CA ASN A 301 17.72 20.23 -21.69
C ASN A 301 18.78 19.51 -20.87
N PHE A 302 19.70 20.30 -20.30
CA PHE A 302 20.75 19.80 -19.42
C PHE A 302 20.50 20.30 -18.00
N ARG A 303 21.42 19.97 -17.10
CA ARG A 303 21.32 20.33 -15.70
C ARG A 303 22.57 21.10 -15.28
N VAL A 304 22.44 21.80 -14.16
CA VAL A 304 23.54 22.57 -13.60
C VAL A 304 24.44 21.65 -12.79
N GLN A 305 25.74 21.88 -12.86
CA GLN A 305 26.69 21.07 -12.12
C GLN A 305 26.74 21.51 -10.66
N PRO A 306 26.42 20.63 -9.71
CA PRO A 306 26.51 20.99 -8.30
C PRO A 306 27.96 21.20 -7.87
N THR A 307 28.17 22.14 -6.94
CA THR A 307 29.53 22.58 -6.64
C THR A 307 29.90 22.53 -5.17
N GLU A 308 28.98 22.91 -4.27
CA GLU A 308 29.33 23.10 -2.87
C GLU A 308 29.09 21.80 -2.10
N SER A 309 30.08 20.92 -2.11
CA SER A 309 30.05 19.68 -1.35
C SER A 309 30.61 19.84 0.05
N ILE A 310 30.70 21.07 0.56
CA ILE A 310 31.23 21.31 1.89
C ILE A 310 30.27 20.75 2.93
N VAL A 311 30.80 19.96 3.86
CA VAL A 311 30.01 19.39 4.94
C VAL A 311 29.43 20.45 5.86
N ARG A 312 29.95 21.69 5.76
CA ARG A 312 29.63 22.78 6.69
C ARG A 312 29.92 22.37 8.13
N PHE A 313 31.09 21.80 8.34
CA PHE A 313 31.57 21.50 9.67
C PHE A 313 31.80 22.82 10.41
N PRO A 314 31.27 22.96 11.63
CA PRO A 314 31.46 24.22 12.37
C PRO A 314 32.89 24.42 12.85
N ASN A 315 33.09 25.48 13.64
CA ASN A 315 34.38 25.83 14.20
C ASN A 315 34.71 24.91 15.37
N ILE A 316 35.68 25.31 16.21
CA ILE A 316 36.09 24.52 17.37
C ILE A 316 34.88 24.16 18.23
N THR A 317 34.02 25.14 18.50
CA THR A 317 32.71 24.94 19.12
C THR A 317 32.84 24.21 20.46
N ASN A 318 33.74 24.72 21.30
CA ASN A 318 34.05 24.15 22.62
C ASN A 318 34.46 22.68 22.51
N LEU A 319 35.59 22.46 21.83
CA LEU A 319 36.12 21.11 21.65
C LEU A 319 36.58 20.57 23.00
N CYS A 320 35.87 19.57 23.51
CA CYS A 320 36.22 18.98 24.80
C CYS A 320 37.49 18.15 24.66
N PRO A 321 38.56 18.45 25.40
CA PRO A 321 39.76 17.62 25.32
C PRO A 321 39.67 16.37 26.17
N PHE A 322 38.79 16.34 27.16
CA PHE A 322 38.62 15.26 28.16
C PHE A 322 39.97 14.68 28.61
N ASP A 323 40.91 15.57 28.93
CA ASP A 323 42.22 15.13 29.39
C ASP A 323 42.19 14.65 30.84
N GLU A 324 41.27 15.19 31.65
CA GLU A 324 41.24 14.86 33.07
C GLU A 324 40.66 13.48 33.37
N VAL A 325 40.04 12.83 32.39
CA VAL A 325 39.40 11.54 32.66
C VAL A 325 40.31 10.35 32.40
N PHE A 326 41.37 10.51 31.60
CA PHE A 326 42.28 9.40 31.35
C PHE A 326 43.75 9.80 31.31
N ASN A 327 44.09 11.07 31.56
CA ASN A 327 45.47 11.50 31.61
C ASN A 327 45.78 12.21 32.94
N ALA A 328 45.07 11.84 33.99
CA ALA A 328 45.27 12.44 35.30
C ALA A 328 46.34 11.69 36.09
N THR A 329 46.99 12.41 37.00
CA THR A 329 48.03 11.80 37.82
C THR A 329 47.47 10.87 38.88
N ARG A 330 46.19 11.00 39.23
CA ARG A 330 45.57 10.13 40.22
C ARG A 330 44.09 9.97 39.88
N PHE A 331 43.50 8.90 40.41
CA PHE A 331 42.10 8.59 40.18
C PHE A 331 41.45 8.19 41.49
N ALA A 332 40.12 8.23 41.50
CA ALA A 332 39.35 7.88 42.68
C ALA A 332 39.31 6.36 42.86
N SER A 333 38.83 5.94 44.04
CA SER A 333 38.73 4.53 44.35
C SER A 333 37.54 3.90 43.63
N VAL A 334 37.47 2.56 43.69
CA VAL A 334 36.41 1.84 43.00
C VAL A 334 35.06 2.05 43.70
N TYR A 335 35.05 2.26 45.02
CA TYR A 335 33.80 2.47 45.72
C TYR A 335 33.40 3.94 45.75
N ALA A 336 34.34 4.84 46.00
CA ALA A 336 34.10 6.29 45.94
C ALA A 336 34.49 6.85 44.58
N TRP A 337 33.94 6.27 43.51
CA TRP A 337 34.28 6.68 42.16
C TRP A 337 33.61 8.01 41.82
N ASN A 338 34.38 8.95 41.29
CA ASN A 338 33.83 10.26 40.97
C ASN A 338 32.98 10.20 39.71
N ARG A 339 32.09 11.19 39.58
CA ARG A 339 31.17 11.29 38.47
C ARG A 339 31.57 12.47 37.59
N LYS A 340 31.72 12.21 36.29
CA LYS A 340 32.04 13.25 35.31
C LYS A 340 31.03 13.21 34.19
N ARG A 341 30.45 14.36 33.87
CA ARG A 341 29.43 14.48 32.84
C ARG A 341 30.00 15.21 31.63
N ILE A 342 29.79 14.65 30.45
CA ILE A 342 30.21 15.25 29.19
C ILE A 342 28.95 15.60 28.40
N SER A 343 28.78 16.88 28.08
CA SER A 343 27.59 17.34 27.37
C SER A 343 27.93 18.65 26.67
N ASN A 344 27.01 19.06 25.79
CA ASN A 344 27.05 20.27 24.97
C ASN A 344 28.44 20.58 24.38
N CYS A 345 29.14 19.54 23.95
CA CYS A 345 30.45 19.71 23.33
C CYS A 345 30.75 18.49 22.47
N VAL A 346 31.51 18.71 21.40
CA VAL A 346 31.89 17.63 20.50
C VAL A 346 32.99 16.79 21.14
N ALA A 347 32.83 15.47 21.06
CA ALA A 347 33.82 14.53 21.57
C ALA A 347 34.71 14.09 20.42
N ASP A 348 35.96 14.55 20.42
CA ASP A 348 36.93 14.21 19.38
C ASP A 348 37.41 12.78 19.64
N TYR A 349 36.74 11.83 19.00
CA TYR A 349 37.10 10.41 19.13
C TYR A 349 38.18 9.98 18.15
N SER A 350 38.67 10.89 17.31
CA SER A 350 39.74 10.58 16.37
C SER A 350 41.12 10.56 17.03
N VAL A 351 41.24 11.04 18.27
CA VAL A 351 42.51 11.02 18.99
C VAL A 351 42.71 9.69 19.73
N LEU A 352 41.87 8.69 19.44
CA LEU A 352 41.85 7.41 20.15
C LEU A 352 43.18 6.67 20.06
N TYR A 353 44.00 6.97 19.05
CA TYR A 353 45.31 6.35 18.90
C TYR A 353 46.36 7.29 19.48
N ASN A 354 46.76 7.03 20.73
CA ASN A 354 47.81 7.81 21.37
C ASN A 354 48.92 6.90 21.89
N LEU A 355 48.56 5.70 22.31
CA LEU A 355 49.48 4.79 22.98
C LEU A 355 49.71 3.54 22.12
N ALA A 356 50.97 3.12 22.04
CA ALA A 356 51.28 1.84 21.42
C ALA A 356 50.68 0.63 22.14
N PRO A 357 50.72 0.51 23.50
CA PRO A 357 50.13 -0.69 24.13
C PRO A 357 48.62 -0.61 24.30
N PHE A 358 47.96 0.27 23.54
CA PHE A 358 46.52 0.50 23.64
C PHE A 358 45.74 -0.80 23.46
N PHE A 359 44.80 -1.03 24.39
CA PHE A 359 43.97 -2.23 24.38
C PHE A 359 42.82 -2.05 23.40
N THR A 360 42.24 -3.17 22.98
CA THR A 360 41.13 -3.16 22.03
C THR A 360 39.90 -2.51 22.66
N PHE A 361 38.99 -2.08 21.78
CA PHE A 361 37.82 -1.32 22.23
C PHE A 361 36.84 -2.20 23.00
N LYS A 362 36.54 -3.38 22.44
CA LYS A 362 35.53 -4.34 22.94
C LYS A 362 34.28 -3.65 23.45
N CYS A 363 33.75 -2.73 22.64
CA CYS A 363 32.55 -2.00 23.00
C CYS A 363 31.33 -2.93 23.02
N TYR A 364 30.40 -2.63 23.92
CA TYR A 364 29.21 -3.45 24.14
C TYR A 364 28.00 -2.71 23.60
N GLY A 365 27.40 -3.23 22.54
CA GLY A 365 26.17 -2.69 21.98
C GLY A 365 26.38 -1.65 20.89
N VAL A 366 27.58 -1.08 20.77
CA VAL A 366 27.87 -0.06 19.78
C VAL A 366 29.09 -0.50 18.99
N SER A 367 28.96 -0.59 17.67
CA SER A 367 30.10 -0.95 16.84
C SER A 367 31.07 0.23 16.75
N PRO A 368 32.38 -0.03 16.68
CA PRO A 368 33.34 1.07 16.61
C PRO A 368 33.27 1.88 15.32
N THR A 369 32.63 1.35 14.27
CA THR A 369 32.61 2.05 12.99
C THR A 369 31.67 3.25 13.00
N LYS A 370 30.54 3.15 13.70
CA LYS A 370 29.48 4.14 13.62
C LYS A 370 29.47 5.12 14.78
N LEU A 371 30.52 5.16 15.60
CA LEU A 371 30.56 6.11 16.70
C LEU A 371 30.85 7.53 16.26
N ASN A 372 31.33 7.73 15.02
CA ASN A 372 31.66 9.07 14.56
C ASN A 372 30.40 9.92 14.35
N ASP A 373 29.39 9.36 13.69
CA ASP A 373 28.13 10.05 13.49
C ASP A 373 27.11 9.74 14.58
N LEU A 374 27.46 8.90 15.56
CA LEU A 374 26.56 8.64 16.67
C LEU A 374 26.50 9.85 17.59
N CYS A 375 25.28 10.25 17.97
CA CYS A 375 25.06 11.43 18.79
C CYS A 375 24.25 11.01 20.01
N PHE A 376 24.78 11.30 21.20
CA PHE A 376 24.11 11.01 22.46
C PHE A 376 24.11 12.26 23.32
N THR A 377 22.93 12.64 23.81
CA THR A 377 22.79 13.90 24.55
C THR A 377 23.40 13.84 25.94
N ASN A 378 23.74 12.65 26.44
CA ASN A 378 24.31 12.53 27.78
C ASN A 378 25.40 11.47 27.75
N VAL A 379 26.59 11.85 28.22
CA VAL A 379 27.74 10.94 28.29
C VAL A 379 28.19 10.90 29.75
N TYR A 380 28.28 9.68 30.29
CA TYR A 380 28.66 9.45 31.69
C TYR A 380 30.05 8.83 31.73
N ALA A 381 30.93 9.42 32.51
CA ALA A 381 32.32 8.95 32.62
C ALA A 381 32.58 8.44 34.03
N ASP A 382 32.97 7.17 34.14
CA ASP A 382 33.30 6.55 35.41
C ASP A 382 34.69 5.94 35.29
N SER A 383 35.58 6.33 36.21
CA SER A 383 36.96 5.88 36.17
C SER A 383 37.34 5.28 37.52
N PHE A 384 37.87 4.06 37.48
CA PHE A 384 38.34 3.38 38.68
C PHE A 384 39.33 2.29 38.27
N VAL A 385 40.11 1.83 39.25
CA VAL A 385 41.26 0.96 39.00
C VAL A 385 40.85 -0.50 39.08
N ILE A 386 41.34 -1.29 38.13
CA ILE A 386 41.10 -2.74 38.07
C ILE A 386 42.44 -3.42 37.86
N ARG A 387 42.69 -4.49 38.60
CA ARG A 387 43.91 -5.27 38.43
C ARG A 387 43.92 -5.97 37.07
N GLY A 388 45.09 -6.47 36.70
CA GLY A 388 45.29 -7.04 35.38
C GLY A 388 44.67 -8.40 35.14
N ASP A 389 44.26 -9.12 36.18
CA ASP A 389 43.73 -10.46 36.03
C ASP A 389 42.21 -10.55 36.24
N GLU A 390 41.52 -9.41 36.22
CA GLU A 390 40.06 -9.42 36.15
C GLU A 390 39.58 -8.34 35.17
N VAL A 391 40.34 -8.11 34.11
CA VAL A 391 39.99 -7.10 33.12
C VAL A 391 38.72 -7.45 32.36
N ARG A 392 38.34 -8.74 32.33
CA ARG A 392 37.11 -9.17 31.68
C ARG A 392 35.93 -9.25 32.63
N GLN A 393 36.10 -8.84 33.89
CA GLN A 393 35.03 -8.94 34.87
C GLN A 393 33.89 -7.96 34.59
N ILE A 394 34.20 -6.80 34.03
CA ILE A 394 33.20 -5.75 33.80
C ILE A 394 32.39 -6.13 32.56
N ALA A 395 31.25 -6.79 32.80
CA ALA A 395 30.34 -7.25 31.75
C ALA A 395 28.98 -7.59 32.38
N PRO A 396 27.88 -7.37 31.66
CA PRO A 396 26.58 -7.78 32.19
C PRO A 396 26.49 -9.30 32.34
N GLY A 397 25.86 -9.73 33.44
CA GLY A 397 25.72 -11.15 33.71
C GLY A 397 26.89 -11.74 34.46
N GLN A 398 28.10 -11.32 34.13
CA GLN A 398 29.30 -11.84 34.78
C GLN A 398 29.41 -11.27 36.19
N THR A 399 29.65 -12.15 37.15
CA THR A 399 29.77 -11.78 38.56
C THR A 399 31.19 -12.09 39.05
N GLY A 400 31.44 -11.78 40.31
CA GLY A 400 32.76 -12.02 40.89
C GLY A 400 32.88 -11.33 42.23
N ASN A 401 34.12 -11.07 42.63
CA ASN A 401 34.39 -10.37 43.89
C ASN A 401 34.11 -8.88 43.79
N ILE A 402 34.25 -8.30 42.60
CA ILE A 402 34.09 -6.86 42.42
C ILE A 402 32.88 -6.50 41.57
N ALA A 403 32.45 -7.38 40.66
CA ALA A 403 31.41 -7.03 39.70
C ALA A 403 30.07 -6.75 40.37
N ASP A 404 29.68 -7.57 41.35
CA ASP A 404 28.41 -7.40 42.03
C ASP A 404 28.52 -6.61 43.33
N TYR A 405 29.72 -6.15 43.70
CA TYR A 405 29.93 -5.48 44.97
C TYR A 405 30.32 -4.02 44.85
N ASN A 406 30.95 -3.62 43.74
CA ASN A 406 31.44 -2.25 43.60
C ASN A 406 30.88 -1.53 42.39
N TYR A 407 30.72 -2.22 41.25
CA TYR A 407 30.22 -1.58 40.03
C TYR A 407 29.54 -2.66 39.20
N LYS A 408 28.21 -2.66 39.20
CA LYS A 408 27.43 -3.65 38.47
C LYS A 408 26.97 -3.06 37.14
N LEU A 409 27.15 -3.83 36.07
CA LEU A 409 26.75 -3.40 34.74
C LEU A 409 25.38 -4.00 34.42
N PRO A 410 24.37 -3.19 34.12
CA PRO A 410 23.04 -3.74 33.80
C PRO A 410 23.05 -4.45 32.46
N ASP A 411 22.03 -5.29 32.26
CA ASP A 411 21.90 -6.02 31.00
C ASP A 411 21.63 -5.07 29.84
N ASP A 412 20.78 -4.06 30.04
CA ASP A 412 20.48 -3.08 28.99
C ASP A 412 21.47 -1.92 29.08
N PHE A 413 22.73 -2.25 28.80
CA PHE A 413 23.82 -1.29 28.87
C PHE A 413 24.42 -1.07 27.48
N THR A 414 24.68 0.19 27.15
CA THR A 414 25.33 0.56 25.91
C THR A 414 26.50 1.49 26.21
N GLY A 415 27.50 1.45 25.34
CA GLY A 415 28.70 2.25 25.52
C GLY A 415 29.97 1.48 25.25
N CYS A 416 31.07 1.86 25.89
CA CYS A 416 32.34 1.21 25.69
C CYS A 416 33.21 1.36 26.93
N VAL A 417 34.21 0.49 27.04
CA VAL A 417 35.17 0.52 28.14
C VAL A 417 36.56 0.31 27.55
N ILE A 418 37.54 1.03 28.08
CA ILE A 418 38.91 0.99 27.57
C ILE A 418 39.87 0.82 28.72
N ALA A 419 41.08 0.35 28.40
CA ALA A 419 42.11 0.11 29.40
C ALA A 419 43.48 0.29 28.75
N TRP A 420 44.49 0.49 29.61
CA TRP A 420 45.86 0.62 29.15
C TRP A 420 46.79 0.27 30.30
N ASN A 421 48.06 0.04 29.96
CA ASN A 421 49.06 -0.34 30.94
C ASN A 421 49.60 0.90 31.65
N SER A 422 49.60 0.86 32.99
CA SER A 422 50.09 1.96 33.81
C SER A 422 50.95 1.41 34.95
N ASN A 423 51.84 0.47 34.64
CA ASN A 423 52.64 -0.17 35.67
C ASN A 423 53.76 0.74 36.19
N LYS A 424 54.10 1.80 35.46
CA LYS A 424 55.18 2.69 35.87
C LYS A 424 54.68 4.00 36.46
N LEU A 425 53.39 4.10 36.78
CA LEU A 425 52.81 5.31 37.34
C LEU A 425 52.39 5.14 38.79
N ASP A 426 51.58 4.13 39.10
CA ASP A 426 51.02 3.93 40.43
C ASP A 426 51.61 2.71 41.12
N SER A 427 52.91 2.48 40.94
CA SER A 427 53.59 1.35 41.56
C SER A 427 54.86 1.83 42.23
N LYS A 428 55.08 1.40 43.47
CA LYS A 428 56.27 1.74 44.22
C LYS A 428 56.81 0.49 44.90
N VAL A 429 58.12 0.50 45.17
CA VAL A 429 58.75 -0.64 45.82
C VAL A 429 58.29 -0.79 47.26
N SER A 430 58.02 0.33 47.94
CA SER A 430 57.53 0.26 49.31
C SER A 430 56.08 -0.20 49.36
N GLY A 431 55.27 0.22 48.40
CA GLY A 431 53.87 -0.14 48.37
C GLY A 431 52.95 1.07 48.35
N ASN A 432 51.82 0.95 47.66
CA ASN A 432 50.85 2.03 47.56
C ASN A 432 49.64 1.72 48.43
N TYR A 433 49.28 2.67 49.30
CA TYR A 433 48.18 2.49 50.23
C TYR A 433 47.09 3.53 50.06
N ASN A 434 47.16 4.36 49.01
CA ASN A 434 46.13 5.38 48.79
C ASN A 434 44.84 4.78 48.27
N TYR A 435 44.94 3.73 47.43
CA TYR A 435 43.76 3.12 46.84
C TYR A 435 43.16 2.09 47.80
N LEU A 436 41.86 2.22 48.04
CA LEU A 436 41.13 1.34 48.94
C LEU A 436 39.92 0.78 48.21
N TYR A 437 39.52 -0.44 48.59
CA TYR A 437 38.34 -1.05 48.02
C TYR A 437 37.57 -1.81 49.09
N ARG A 438 36.26 -1.90 48.91
CA ARG A 438 35.39 -2.61 49.85
C ARG A 438 35.26 -4.07 49.46
N LEU A 439 35.17 -4.94 50.45
CA LEU A 439 35.11 -6.38 50.22
C LEU A 439 33.88 -7.03 50.82
N PHE A 440 33.46 -6.63 52.02
CA PHE A 440 32.36 -7.27 52.73
C PHE A 440 31.11 -6.39 52.67
N ARG A 441 29.99 -6.99 52.27
CA ARG A 441 28.71 -6.31 52.27
C ARG A 441 27.61 -7.36 52.35
N LYS A 442 26.41 -6.89 52.72
CA LYS A 442 25.30 -7.82 52.98
C LYS A 442 24.82 -8.47 51.68
N SER A 443 24.58 -7.67 50.65
CA SER A 443 24.05 -8.18 49.39
C SER A 443 24.36 -7.18 48.29
N ASN A 444 24.12 -7.60 47.06
CA ASN A 444 24.35 -6.74 45.91
C ASN A 444 23.33 -5.60 45.87
N LEU A 445 23.72 -4.50 45.26
CA LEU A 445 22.90 -3.30 45.17
C LEU A 445 22.51 -3.02 43.72
N LYS A 446 21.70 -1.97 43.55
CA LYS A 446 21.29 -1.53 42.22
C LYS A 446 22.50 -0.96 41.47
N PRO A 447 22.56 -1.16 40.15
CA PRO A 447 23.62 -0.52 39.36
C PRO A 447 23.51 0.99 39.36
N PHE A 448 24.63 1.64 39.02
CA PHE A 448 24.74 3.11 38.91
C PHE A 448 24.44 3.79 40.25
N GLU A 449 25.27 3.48 41.25
CA GLU A 449 25.18 4.14 42.54
C GLU A 449 26.56 4.18 43.16
N ARG A 450 26.73 5.09 44.12
CA ARG A 450 27.99 5.26 44.84
C ARG A 450 27.76 5.02 46.33
N ASP A 451 28.62 4.22 46.94
CA ASP A 451 28.53 3.90 48.36
C ASP A 451 29.73 4.49 49.09
N ILE A 452 29.45 5.21 50.17
CA ILE A 452 30.49 5.93 50.91
C ILE A 452 30.61 5.37 52.32
N SER A 453 29.50 4.82 52.84
CA SER A 453 29.48 4.33 54.21
C SER A 453 30.41 3.14 54.38
N THR A 454 31.17 3.16 55.48
CA THR A 454 32.17 2.13 55.78
C THR A 454 31.95 1.59 57.19
N GLU A 455 30.71 1.23 57.50
CA GLU A 455 30.38 0.71 58.81
C GLU A 455 30.95 -0.69 59.00
N ILE A 456 30.98 -1.13 60.26
CA ILE A 456 31.53 -2.44 60.59
C ILE A 456 30.62 -3.54 60.05
N TYR A 457 31.24 -4.56 59.46
CA TYR A 457 30.49 -5.67 58.88
C TYR A 457 29.97 -6.60 59.97
N GLN A 458 28.70 -6.98 59.87
CA GLN A 458 28.08 -7.91 60.80
C GLN A 458 27.97 -9.28 60.12
N ALA A 459 28.60 -10.29 60.73
CA ALA A 459 28.63 -11.62 60.16
C ALA A 459 28.22 -12.71 61.14
N GLY A 460 27.88 -12.37 62.38
CA GLY A 460 27.50 -13.35 63.38
C GLY A 460 26.24 -12.94 64.12
N ASN A 461 25.77 -13.85 64.97
CA ASN A 461 24.59 -13.58 65.77
C ASN A 461 24.84 -12.45 66.77
N LYS A 462 26.00 -12.46 67.42
CA LYS A 462 26.32 -11.42 68.39
C LYS A 462 26.68 -10.12 67.68
N PRO A 463 26.31 -8.97 68.24
CA PRO A 463 26.73 -7.70 67.66
C PRO A 463 28.12 -7.31 68.11
N CYS A 464 28.84 -6.60 67.24
CA CYS A 464 30.18 -6.12 67.54
C CYS A 464 30.20 -4.66 67.99
N ASN A 465 29.17 -3.88 67.61
CA ASN A 465 28.99 -2.49 68.05
C ASN A 465 30.20 -1.61 67.71
N GLY A 466 30.76 -1.82 66.51
CA GLY A 466 31.88 -1.02 66.06
C GLY A 466 33.23 -1.42 66.61
N VAL A 467 33.31 -2.52 67.36
CA VAL A 467 34.56 -2.99 67.93
C VAL A 467 35.13 -4.06 67.00
N ALA A 468 36.35 -3.86 66.55
CA ALA A 468 37.02 -4.80 65.64
C ALA A 468 37.54 -5.96 66.48
N GLY A 469 36.72 -7.01 66.62
CA GLY A 469 37.05 -8.18 67.39
C GLY A 469 36.81 -9.45 66.60
N PHE A 470 36.37 -10.48 67.30
CA PHE A 470 36.10 -11.76 66.67
C PHE A 470 34.84 -11.70 65.83
N ASN A 471 34.86 -12.42 64.70
CA ASN A 471 33.71 -12.61 63.80
C ASN A 471 33.23 -11.30 63.18
N CYS A 472 34.07 -10.27 63.16
CA CYS A 472 33.78 -9.02 62.47
C CYS A 472 35.09 -8.34 62.13
N TYR A 473 35.36 -8.18 60.83
CA TYR A 473 36.61 -7.64 60.35
C TYR A 473 36.36 -6.35 59.57
N PHE A 474 37.44 -5.65 59.29
CA PHE A 474 37.35 -4.37 58.59
C PHE A 474 37.22 -4.61 57.09
N PRO A 475 36.11 -4.20 56.47
CA PRO A 475 35.83 -4.62 55.09
C PRO A 475 36.66 -3.92 54.04
N LEU A 476 37.40 -2.87 54.38
CA LEU A 476 38.13 -2.06 53.42
C LEU A 476 39.59 -2.50 53.40
N ARG A 477 40.10 -2.87 52.23
CA ARG A 477 41.48 -3.30 52.07
C ARG A 477 42.13 -2.45 50.99
N SER A 478 43.44 -2.29 51.09
CA SER A 478 44.21 -1.52 50.13
C SER A 478 44.79 -2.42 49.04
N TYR A 479 45.09 -1.81 47.90
CA TYR A 479 45.69 -2.52 46.78
C TYR A 479 47.20 -2.60 46.98
N SER A 480 47.69 -3.79 47.32
CA SER A 480 49.12 -4.01 47.52
C SER A 480 49.75 -4.32 46.16
N PHE A 481 50.52 -3.36 45.64
CA PHE A 481 51.16 -3.50 44.34
C PHE A 481 52.65 -3.23 44.45
N ARG A 482 53.44 -3.99 43.70
CA ARG A 482 54.88 -3.87 43.67
C ARG A 482 55.36 -3.94 42.23
N PRO A 483 56.50 -3.31 41.90
CA PRO A 483 57.00 -3.34 40.53
C PRO A 483 57.67 -4.64 40.11
N THR A 484 57.53 -5.71 40.89
CA THR A 484 58.14 -7.01 40.58
C THR A 484 57.06 -8.09 40.58
N TYR A 485 55.96 -7.82 39.89
CA TYR A 485 54.83 -8.73 39.78
C TYR A 485 54.77 -9.31 38.37
N GLY A 486 53.80 -10.20 38.17
CA GLY A 486 53.62 -10.85 36.89
C GLY A 486 52.82 -10.01 35.92
N VAL A 487 52.48 -10.63 34.79
CA VAL A 487 51.74 -9.95 33.73
C VAL A 487 50.28 -9.71 34.07
N GLY A 488 49.78 -10.30 35.15
CA GLY A 488 48.40 -10.10 35.57
C GLY A 488 48.20 -9.33 36.84
N HIS A 489 49.22 -8.63 37.34
CA HIS A 489 49.14 -7.91 38.62
C HIS A 489 49.70 -6.50 38.47
N GLN A 490 49.28 -5.80 37.42
CA GLN A 490 49.68 -4.41 37.25
C GLN A 490 48.50 -3.48 37.48
N PRO A 491 48.74 -2.29 38.03
CA PRO A 491 47.64 -1.32 38.21
C PRO A 491 47.24 -0.72 36.87
N TYR A 492 45.97 -0.90 36.50
CA TYR A 492 45.43 -0.42 35.23
C TYR A 492 44.41 0.67 35.50
N ARG A 493 44.61 1.83 34.88
CA ARG A 493 43.63 2.91 34.95
C ARG A 493 42.57 2.68 33.88
N VAL A 494 41.33 2.47 34.30
CA VAL A 494 40.23 2.12 33.40
C VAL A 494 39.12 3.15 33.57
N VAL A 495 38.67 3.71 32.44
CA VAL A 495 37.56 4.65 32.42
C VAL A 495 36.42 4.02 31.62
N VAL A 496 35.19 4.19 32.11
CA VAL A 496 34.01 3.62 31.49
C VAL A 496 33.27 4.73 30.76
N LEU A 497 33.01 4.51 29.46
CA LEU A 497 32.32 5.47 28.62
C LEU A 497 30.92 4.93 28.34
N SER A 498 29.93 5.44 29.08
CA SER A 498 28.55 5.03 28.92
C SER A 498 27.73 6.19 28.38
N PHE A 499 26.79 5.88 27.49
CA PHE A 499 25.97 6.88 26.82
C PHE A 499 24.51 6.53 27.01
N GLU A 500 23.66 7.57 27.00
CA GLU A 500 22.22 7.39 27.15
C GLU A 500 21.52 8.59 26.54
N LEU A 501 20.22 8.41 26.30
CA LEU A 501 19.38 9.47 25.73
C LEU A 501 18.39 9.97 26.78
N LEU A 502 18.17 11.27 26.79
CA LEU A 502 17.27 11.91 27.74
C LEU A 502 16.50 13.01 27.03
N HIS A 503 15.85 13.87 27.81
CA HIS A 503 15.03 14.94 27.24
C HIS A 503 15.87 16.06 26.65
N ALA A 504 17.15 16.17 27.03
CA ALA A 504 18.00 17.23 26.53
C ALA A 504 18.33 17.00 25.06
N PRO A 505 18.51 18.09 24.29
CA PRO A 505 18.92 17.93 22.89
C PRO A 505 20.34 17.39 22.79
N ALA A 506 20.59 16.69 21.68
CA ALA A 506 21.90 16.09 21.42
C ALA A 506 22.75 17.09 20.65
N THR A 507 23.77 17.64 21.30
CA THR A 507 24.67 18.62 20.72
C THR A 507 26.12 18.17 20.83
N VAL A 508 26.37 16.87 20.64
CA VAL A 508 27.71 16.31 20.70
C VAL A 508 28.22 15.87 19.35
N CYS A 509 27.43 16.02 18.28
CA CYS A 509 27.86 15.61 16.96
C CYS A 509 29.04 16.43 16.48
N GLY A 510 28.91 17.75 16.53
CA GLY A 510 30.01 18.65 16.25
C GLY A 510 30.46 18.63 14.80
N PRO A 511 31.68 19.12 14.54
CA PRO A 511 32.19 19.14 13.16
C PRO A 511 32.80 17.82 12.72
N LYS A 512 33.30 17.04 13.68
CA LYS A 512 33.99 15.77 13.48
C LYS A 512 35.27 15.90 12.65
N LYS A 513 35.76 17.13 12.46
CA LYS A 513 37.02 17.41 11.75
C LYS A 513 37.03 16.83 10.34
N SER A 514 35.89 16.90 9.66
CA SER A 514 35.78 16.47 8.26
C SER A 514 35.97 17.69 7.36
N THR A 515 37.24 18.11 7.24
CA THR A 515 37.53 19.33 6.50
C THR A 515 37.44 19.11 5.00
N ASN A 516 36.73 20.02 4.32
CA ASN A 516 36.58 20.01 2.88
C ASN A 516 36.01 21.34 2.42
N LEU A 517 36.67 22.02 1.48
CA LEU A 517 36.16 23.28 0.95
C LEU A 517 36.65 23.46 -0.47
N VAL A 518 35.71 23.68 -1.39
CA VAL A 518 36.01 23.91 -2.80
C VAL A 518 34.77 24.53 -3.44
N LYS A 519 35.01 25.50 -4.34
CA LYS A 519 33.89 26.13 -5.03
C LYS A 519 34.18 26.37 -6.52
N ASN A 520 35.24 25.77 -7.05
CA ASN A 520 35.62 25.98 -8.44
C ASN A 520 35.47 24.75 -9.33
N LYS A 521 35.50 23.55 -8.78
CA LYS A 521 35.56 22.34 -9.60
C LYS A 521 34.18 21.86 -10.02
N CYS A 522 33.12 22.23 -9.29
CA CYS A 522 31.73 21.89 -9.62
C CYS A 522 31.52 20.37 -9.67
N VAL A 523 31.60 19.74 -8.49
CA VAL A 523 31.49 18.29 -8.40
C VAL A 523 30.18 17.82 -7.76
N ASN A 524 29.75 18.44 -6.66
CA ASN A 524 28.64 17.92 -5.87
C ASN A 524 28.16 18.98 -4.89
N PHE A 525 26.85 18.96 -4.56
CA PHE A 525 26.25 19.91 -3.62
C PHE A 525 25.69 19.14 -2.44
N ASN A 526 26.17 19.48 -1.24
CA ASN A 526 25.72 18.84 -0.01
C ASN A 526 26.05 19.79 1.14
N PHE A 527 25.18 19.82 2.15
CA PHE A 527 25.39 20.69 3.30
C PHE A 527 24.53 20.20 4.46
N ASN A 528 25.18 20.05 5.62
CA ASN A 528 24.54 19.65 6.87
C ASN A 528 23.75 18.35 6.73
N GLY A 529 24.26 17.41 5.95
CA GLY A 529 23.56 16.16 5.72
C GLY A 529 22.38 16.29 4.79
N LEU A 530 22.29 17.43 4.09
CA LEU A 530 21.20 17.71 3.17
C LEU A 530 21.77 17.94 1.79
N LYS A 531 21.48 17.03 0.86
CA LYS A 531 22.03 17.09 -0.48
C LYS A 531 21.16 17.97 -1.38
N GLY A 532 21.47 18.00 -2.66
CA GLY A 532 20.75 18.79 -3.63
C GLY A 532 21.68 19.26 -4.73
N THR A 533 21.31 20.38 -5.34
CA THR A 533 22.10 20.99 -6.40
C THR A 533 22.19 22.49 -6.15
N GLY A 534 23.27 23.08 -6.66
CA GLY A 534 23.50 24.51 -6.50
C GLY A 534 24.98 24.82 -6.48
N VAL A 535 25.30 26.06 -6.79
CA VAL A 535 26.67 26.56 -6.82
C VAL A 535 26.78 27.75 -5.88
N LEU A 536 27.84 27.78 -5.08
CA LEU A 536 28.04 28.82 -4.06
C LEU A 536 29.44 29.37 -4.21
N THR A 537 29.56 30.61 -4.71
CA THR A 537 30.88 31.19 -4.94
C THR A 537 31.05 32.56 -4.31
N GLU A 538 30.03 33.41 -4.35
CA GLU A 538 30.19 34.79 -3.89
C GLU A 538 28.87 35.30 -3.33
N SER A 539 28.96 36.36 -2.54
CA SER A 539 27.78 37.03 -1.99
C SER A 539 28.17 38.43 -1.53
N ASN A 540 27.18 39.33 -1.53
CA ASN A 540 27.36 40.69 -1.04
C ASN A 540 26.50 41.01 0.17
N LYS A 541 25.54 40.15 0.51
CA LYS A 541 24.65 40.40 1.63
C LYS A 541 25.37 40.16 2.96
N LYS A 542 24.90 40.85 3.99
CA LYS A 542 25.43 40.71 5.34
C LYS A 542 24.40 40.02 6.22
N PHE A 543 24.82 38.97 6.91
CA PHE A 543 23.92 38.19 7.75
C PHE A 543 23.95 38.73 9.18
N LEU A 544 23.31 37.99 10.09
CA LEU A 544 23.27 38.27 11.51
C LEU A 544 24.06 37.21 12.27
N PRO A 545 24.52 37.53 13.49
CA PRO A 545 25.26 36.52 14.27
C PRO A 545 24.46 35.27 14.58
N PHE A 546 23.13 35.37 14.68
CA PHE A 546 22.28 34.21 14.89
C PHE A 546 21.79 33.57 13.60
N GLN A 547 21.92 34.26 12.46
CA GLN A 547 21.41 33.75 11.20
C GLN A 547 22.34 32.69 10.64
N GLN A 548 21.77 31.56 10.24
CA GLN A 548 22.53 30.45 9.64
C GLN A 548 22.06 30.14 8.23
N PHE A 549 20.76 30.07 8.00
CA PHE A 549 20.19 29.71 6.71
C PHE A 549 19.52 30.92 6.08
N GLY A 550 19.70 31.07 4.76
CA GLY A 550 19.05 32.16 4.05
C GLY A 550 18.10 31.66 2.98
N ARG A 551 16.90 32.22 2.94
CA ARG A 551 15.88 31.83 1.98
C ARG A 551 15.37 33.06 1.24
N ASP A 552 15.21 32.93 -0.07
CA ASP A 552 14.72 34.02 -0.90
C ASP A 552 13.20 33.96 -1.01
N ILE A 553 12.64 34.74 -1.93
CA ILE A 553 11.19 34.76 -2.14
C ILE A 553 10.67 33.50 -2.81
N ALA A 554 11.56 32.64 -3.30
CA ALA A 554 11.17 31.43 -4.02
C ALA A 554 11.16 30.19 -3.13
N ASP A 555 11.30 30.37 -1.81
CA ASP A 555 11.34 29.27 -0.84
C ASP A 555 12.44 28.26 -1.19
N THR A 556 13.60 28.78 -1.61
CA THR A 556 14.74 27.97 -2.00
C THR A 556 15.99 28.50 -1.31
N THR A 557 16.85 27.60 -0.87
CA THR A 557 18.07 27.99 -0.17
C THR A 557 19.07 28.62 -1.14
N ASP A 558 19.04 29.94 -1.25
CA ASP A 558 19.95 30.66 -2.11
C ASP A 558 21.12 31.28 -1.37
N ALA A 559 20.99 31.51 -0.06
CA ALA A 559 22.05 32.08 0.75
C ALA A 559 22.30 31.19 1.95
N VAL A 560 23.56 31.18 2.41
CA VAL A 560 23.96 30.34 3.54
C VAL A 560 25.20 30.97 4.15
N ARG A 561 25.38 30.78 5.46
CA ARG A 561 26.52 31.30 6.19
C ARG A 561 27.49 30.17 6.48
N ASP A 562 28.77 30.41 6.24
CA ASP A 562 29.79 29.44 6.57
C ASP A 562 29.88 29.28 8.09
N PRO A 563 29.83 28.06 8.62
CA PRO A 563 29.85 27.88 10.08
C PRO A 563 31.23 28.02 10.69
N GLN A 564 32.31 28.01 9.90
CA GLN A 564 33.65 28.11 10.44
C GLN A 564 34.27 29.50 10.29
N THR A 565 33.74 30.34 9.40
CA THR A 565 34.24 31.70 9.23
C THR A 565 33.10 32.58 8.76
N LEU A 566 33.28 33.90 8.94
CA LEU A 566 32.25 34.87 8.58
C LEU A 566 32.26 35.04 7.06
N GLU A 567 31.62 34.09 6.37
CA GLU A 567 31.54 34.11 4.92
C GLU A 567 30.12 33.78 4.48
N ILE A 568 29.67 34.48 3.44
CA ILE A 568 28.33 34.33 2.90
C ILE A 568 28.44 33.94 1.43
N LEU A 569 27.53 33.09 0.97
CA LEU A 569 27.57 32.58 -0.39
C LEU A 569 26.21 32.64 -1.05
N ASP A 570 26.19 33.01 -2.33
CA ASP A 570 24.98 33.01 -3.15
C ASP A 570 25.17 32.17 -4.41
N ILE A 571 24.20 32.20 -5.31
CA ILE A 571 24.14 31.28 -6.45
C ILE A 571 24.76 31.93 -7.68
N THR A 572 25.78 31.28 -8.23
CA THR A 572 26.37 31.65 -9.52
C THR A 572 26.66 30.34 -10.26
N PRO A 573 25.71 29.86 -11.07
CA PRO A 573 25.78 28.48 -11.57
C PRO A 573 26.97 28.21 -12.47
N CYS A 574 27.48 26.98 -12.37
CA CYS A 574 28.62 26.56 -13.20
C CYS A 574 28.20 26.42 -14.66
N SER A 575 27.09 25.73 -14.91
CA SER A 575 26.62 25.43 -16.26
C SER A 575 25.11 25.63 -16.34
N PHE A 576 24.55 25.35 -17.50
CA PHE A 576 23.12 25.54 -17.76
C PHE A 576 22.66 24.45 -18.71
N GLY A 577 21.48 24.64 -19.31
CA GLY A 577 20.93 23.66 -20.22
C GLY A 577 19.85 24.26 -21.10
N GLY A 578 19.27 23.40 -21.93
CA GLY A 578 18.23 23.81 -22.86
C GLY A 578 18.69 23.79 -24.31
N VAL A 579 18.19 22.83 -25.09
CA VAL A 579 18.62 22.64 -26.46
C VAL A 579 17.43 22.82 -27.40
N SER A 580 17.66 23.46 -28.54
CA SER A 580 16.70 23.58 -29.61
C SER A 580 17.44 23.49 -30.95
N VAL A 581 16.77 22.94 -31.95
CA VAL A 581 17.43 22.61 -33.20
C VAL A 581 16.97 23.56 -34.31
N ILE A 582 17.83 23.69 -35.32
CA ILE A 582 17.55 24.46 -36.52
C ILE A 582 17.86 23.56 -37.72
N THR A 583 16.83 23.17 -38.46
CA THR A 583 17.01 22.29 -39.60
C THR A 583 15.81 22.42 -40.52
N PRO A 584 15.99 22.25 -41.83
CA PRO A 584 14.83 22.16 -42.75
C PRO A 584 14.28 20.75 -42.80
N GLY A 585 13.35 20.51 -43.71
CA GLY A 585 12.79 19.17 -43.87
C GLY A 585 13.81 18.19 -44.39
N THR A 586 13.55 16.91 -44.10
CA THR A 586 14.48 15.84 -44.47
C THR A 586 14.55 15.62 -45.97
N ASN A 587 13.52 16.00 -46.73
CA ASN A 587 13.54 15.83 -48.17
C ASN A 587 14.45 16.83 -48.86
N THR A 588 14.81 17.93 -48.18
CA THR A 588 15.66 18.96 -48.76
C THR A 588 17.10 18.86 -48.30
N SER A 589 17.34 18.85 -46.99
CA SER A 589 18.69 18.80 -46.46
C SER A 589 18.67 18.18 -45.07
N ASN A 590 19.85 17.75 -44.62
CA ASN A 590 20.00 17.13 -43.31
C ASN A 590 20.89 17.94 -42.36
N GLN A 591 21.31 19.13 -42.75
CA GLN A 591 22.15 19.94 -41.88
C GLN A 591 21.34 20.47 -40.70
N VAL A 592 21.97 20.49 -39.53
CA VAL A 592 21.32 20.91 -38.29
C VAL A 592 22.17 21.95 -37.59
N ALA A 593 21.51 22.74 -36.74
CA ALA A 593 22.17 23.74 -35.91
C ALA A 593 21.52 23.73 -34.53
N VAL A 594 22.34 23.82 -33.49
CA VAL A 594 21.86 23.77 -32.13
C VAL A 594 21.82 25.18 -31.55
N LEU A 595 20.77 25.47 -30.78
CA LEU A 595 20.58 26.77 -30.15
C LEU A 595 20.34 26.58 -28.66
N TYR A 596 21.07 27.34 -27.85
CA TYR A 596 20.85 27.39 -26.40
C TYR A 596 20.06 28.65 -26.09
N GLN A 597 18.92 28.48 -25.42
CA GLN A 597 17.98 29.56 -25.18
C GLN A 597 18.11 30.07 -23.75
N GLY A 598 18.23 31.38 -23.59
CA GLY A 598 18.21 32.03 -22.30
C GLY A 598 19.56 32.14 -21.61
N VAL A 599 20.61 31.53 -22.15
CA VAL A 599 21.93 31.55 -21.55
C VAL A 599 22.98 31.83 -22.62
N ASN A 600 24.19 32.14 -22.17
CA ASN A 600 25.30 32.43 -23.07
C ASN A 600 26.18 31.20 -23.23
N CYS A 601 26.83 31.11 -24.39
CA CYS A 601 27.66 29.96 -24.73
C CYS A 601 29.08 30.08 -24.20
N THR A 602 29.41 31.17 -23.51
CA THR A 602 30.76 31.34 -22.97
C THR A 602 31.07 30.37 -21.84
N GLU A 603 30.05 29.82 -21.19
CA GLU A 603 30.22 28.87 -20.10
C GLU A 603 29.58 27.53 -20.43
N VAL A 604 29.75 27.08 -21.67
CA VAL A 604 29.19 25.81 -22.11
C VAL A 604 30.08 24.66 -21.63
N ASN A 625 31.26 28.90 -35.90
CA ASN A 625 29.95 29.39 -36.30
C ASN A 625 29.03 29.54 -35.10
N VAL A 626 29.43 30.37 -34.15
CA VAL A 626 28.67 30.63 -32.93
C VAL A 626 28.28 32.09 -32.92
N PHE A 627 26.99 32.36 -32.80
CA PHE A 627 26.45 33.71 -32.74
C PHE A 627 25.60 33.86 -31.49
N GLN A 628 25.64 35.04 -30.88
CA GLN A 628 24.92 35.32 -29.64
C GLN A 628 23.82 36.33 -29.90
N THR A 629 22.59 35.97 -29.53
CA THR A 629 21.43 36.83 -29.66
C THR A 629 20.83 37.09 -28.28
N ARG A 630 19.80 37.94 -28.26
CA ARG A 630 19.12 38.23 -26.99
C ARG A 630 18.40 37.00 -26.46
N ALA A 631 17.79 36.20 -27.35
CA ALA A 631 17.16 34.96 -26.92
C ALA A 631 18.19 33.95 -26.42
N GLY A 632 19.33 33.87 -27.09
CA GLY A 632 20.37 32.95 -26.67
C GLY A 632 21.45 32.83 -27.73
N CYS A 633 22.27 31.81 -27.57
CA CYS A 633 23.40 31.55 -28.47
C CYS A 633 23.12 30.31 -29.30
N LEU A 634 23.37 30.39 -30.59
CA LEU A 634 23.16 29.29 -31.52
C LEU A 634 24.48 28.91 -32.17
N ILE A 635 24.66 27.60 -32.40
CA ILE A 635 25.87 27.06 -33.01
C ILE A 635 25.47 26.32 -34.29
N GLY A 636 26.15 26.64 -35.38
CA GLY A 636 25.90 26.01 -36.65
C GLY A 636 25.33 26.91 -37.73
N ALA A 637 25.20 28.22 -37.46
CA ALA A 637 24.67 29.16 -38.43
C ALA A 637 25.60 30.36 -38.53
N GLU A 638 25.65 30.95 -39.73
CA GLU A 638 26.49 32.11 -40.00
C GLU A 638 25.62 33.36 -40.09
N TYR A 639 26.01 34.41 -39.39
CA TYR A 639 25.25 35.66 -39.40
C TYR A 639 25.43 36.37 -40.74
N VAL A 640 24.32 36.82 -41.31
CA VAL A 640 24.30 37.53 -42.58
C VAL A 640 23.71 38.92 -42.34
N ASN A 641 24.43 39.95 -42.80
CA ASN A 641 23.97 41.32 -42.59
C ASN A 641 22.72 41.64 -43.40
N ASN A 642 22.53 40.99 -44.56
CA ASN A 642 21.36 41.25 -45.38
C ASN A 642 20.13 40.61 -44.77
N SER A 643 18.96 41.19 -45.04
CA SER A 643 17.70 40.73 -44.50
C SER A 643 16.88 40.10 -45.63
N TYR A 644 16.52 38.82 -45.46
CA TYR A 644 15.67 38.12 -46.41
C TYR A 644 14.37 37.67 -45.75
N GLU A 645 13.58 36.88 -46.46
CA GLU A 645 12.36 36.30 -45.93
C GLU A 645 12.69 34.91 -45.37
N CYS A 646 12.70 34.79 -44.05
CA CYS A 646 13.01 33.52 -43.40
C CYS A 646 11.77 32.63 -43.37
N ASP A 647 11.94 31.42 -42.84
CA ASP A 647 10.85 30.46 -42.79
C ASP A 647 10.66 29.88 -41.39
N ILE A 648 11.74 29.81 -40.62
CA ILE A 648 11.77 29.16 -39.32
C ILE A 648 12.04 30.22 -38.25
N PRO A 649 11.08 30.54 -37.40
CA PRO A 649 11.29 31.60 -36.40
C PRO A 649 12.25 31.18 -35.31
N ILE A 650 12.93 32.18 -34.75
CA ILE A 650 13.85 31.97 -33.63
C ILE A 650 13.39 32.82 -32.45
N GLY A 651 13.32 34.13 -32.65
CA GLY A 651 12.90 35.04 -31.61
C GLY A 651 13.89 36.18 -31.44
N ALA A 652 13.44 37.20 -30.72
CA ALA A 652 14.22 38.41 -30.41
C ALA A 652 14.73 39.10 -31.67
N GLY A 653 13.89 39.13 -32.70
CA GLY A 653 14.22 39.77 -33.97
C GLY A 653 14.99 38.91 -34.95
N ILE A 654 15.89 38.07 -34.43
CA ILE A 654 16.69 37.19 -35.28
C ILE A 654 15.83 36.04 -35.76
N CYS A 655 15.93 35.72 -37.06
CA CYS A 655 15.18 34.62 -37.64
C CYS A 655 16.11 33.85 -38.56
N ALA A 656 16.35 32.58 -38.24
CA ALA A 656 17.21 31.75 -39.08
C ALA A 656 16.46 31.32 -40.33
N SER A 657 17.23 30.84 -41.31
CA SER A 657 16.67 30.38 -42.58
C SER A 657 17.67 29.47 -43.27
N TYR A 658 17.17 28.71 -44.25
CA TYR A 658 17.99 27.85 -45.07
C TYR A 658 18.02 28.39 -46.50
N GLN A 659 19.21 28.51 -47.06
CA GLN A 659 19.38 29.02 -48.42
C GLN A 659 20.08 28.00 -49.30
N SER A 671 23.03 25.96 -47.15
CA SER A 671 23.59 26.22 -45.82
C SER A 671 22.56 26.89 -44.92
N ILE A 672 22.82 26.88 -43.61
CA ILE A 672 21.93 27.45 -42.62
C ILE A 672 22.51 28.79 -42.17
N ILE A 673 21.72 29.85 -42.29
CA ILE A 673 22.13 31.19 -41.90
C ILE A 673 21.06 31.79 -41.00
N ALA A 674 21.47 32.76 -40.18
CA ALA A 674 20.59 33.47 -39.28
C ALA A 674 20.73 34.96 -39.51
N TYR A 675 19.61 35.66 -39.61
CA TYR A 675 19.62 37.10 -39.85
C TYR A 675 18.38 37.72 -39.21
N THR A 676 18.14 38.99 -39.53
CA THR A 676 17.08 39.78 -38.92
C THR A 676 15.89 39.88 -39.87
N MET A 677 14.69 39.98 -39.31
CA MET A 677 13.46 40.14 -40.09
C MET A 677 13.52 41.36 -41.00
N SER A 678 13.13 41.16 -42.26
CA SER A 678 12.93 42.26 -43.18
C SER A 678 11.48 42.70 -43.10
N LEU A 679 11.25 43.97 -42.73
CA LEU A 679 9.88 44.45 -42.53
C LEU A 679 9.13 44.55 -43.86
N GLY A 680 9.84 44.73 -44.96
CA GLY A 680 9.21 44.81 -46.26
C GLY A 680 10.03 45.66 -47.21
N ALA A 681 9.47 45.82 -48.41
CA ALA A 681 10.12 46.66 -49.41
C ALA A 681 10.02 48.13 -49.00
N GLU A 682 11.15 48.82 -49.06
CA GLU A 682 11.18 50.23 -48.68
C GLU A 682 10.46 51.08 -49.71
N ASN A 683 9.56 51.94 -49.24
CA ASN A 683 8.78 52.80 -50.13
C ASN A 683 8.51 54.11 -49.43
N SER A 684 8.90 55.22 -50.06
CA SER A 684 8.67 56.56 -49.53
C SER A 684 7.82 57.32 -50.52
N VAL A 685 6.53 57.47 -50.21
CA VAL A 685 5.61 58.18 -51.09
C VAL A 685 5.90 59.67 -51.03
N ALA A 686 5.86 60.32 -52.19
CA ALA A 686 6.13 61.76 -52.29
C ALA A 686 4.86 62.51 -51.94
N TYR A 687 4.61 62.63 -50.63
CA TYR A 687 3.44 63.35 -50.15
C TYR A 687 3.59 64.85 -50.38
N SER A 688 2.50 65.48 -50.81
CA SER A 688 2.50 66.91 -51.06
C SER A 688 1.12 67.46 -50.77
N ASN A 689 1.06 68.77 -50.53
CA ASN A 689 -0.18 69.46 -50.24
C ASN A 689 -0.89 69.97 -51.49
N ASN A 690 -0.31 69.75 -52.68
CA ASN A 690 -0.94 70.19 -53.91
C ASN A 690 -0.85 69.16 -55.02
N SER A 691 -0.47 67.92 -54.71
CA SER A 691 -0.35 66.85 -55.69
C SER A 691 -1.27 65.70 -55.31
N ILE A 692 -1.93 65.11 -56.31
CA ILE A 692 -2.85 64.01 -56.11
C ILE A 692 -2.52 62.91 -57.11
N ALA A 693 -2.94 61.69 -56.79
CA ALA A 693 -2.75 60.53 -57.65
C ALA A 693 -4.09 59.83 -57.82
N ILE A 694 -4.47 59.59 -59.07
CA ILE A 694 -5.73 58.94 -59.42
C ILE A 694 -5.41 57.70 -60.22
N PRO A 695 -5.88 56.52 -59.81
CA PRO A 695 -5.63 55.31 -60.60
C PRO A 695 -6.35 55.36 -61.94
N THR A 696 -5.75 54.71 -62.93
CA THR A 696 -6.30 54.68 -64.28
C THR A 696 -6.73 53.29 -64.73
N ASN A 697 -6.36 52.24 -64.00
CA ASN A 697 -6.71 50.88 -64.36
C ASN A 697 -7.14 50.13 -63.11
N PHE A 698 -7.75 48.96 -63.32
CA PHE A 698 -8.19 48.11 -62.22
C PHE A 698 -8.01 46.65 -62.61
N THR A 699 -7.92 45.79 -61.61
CA THR A 699 -7.74 44.37 -61.82
C THR A 699 -8.66 43.60 -60.87
N ILE A 700 -8.96 42.37 -61.25
CA ILE A 700 -9.81 41.48 -60.47
C ILE A 700 -8.92 40.38 -59.90
N SER A 701 -8.95 40.24 -58.57
CA SER A 701 -8.14 39.26 -57.87
C SER A 701 -9.04 38.39 -57.00
N VAL A 702 -8.70 37.10 -56.91
CA VAL A 702 -9.44 36.14 -56.10
C VAL A 702 -8.52 35.65 -54.98
N THR A 703 -9.01 35.73 -53.76
CA THR A 703 -8.27 35.30 -52.58
C THR A 703 -9.01 34.17 -51.89
N THR A 704 -8.23 33.27 -51.27
CA THR A 704 -8.79 32.11 -50.59
C THR A 704 -8.73 32.32 -49.08
N GLU A 705 -9.87 32.15 -48.42
CA GLU A 705 -9.98 32.25 -46.97
C GLU A 705 -10.58 30.96 -46.44
N ILE A 706 -9.90 30.35 -45.46
CA ILE A 706 -10.30 29.07 -44.88
C ILE A 706 -10.59 29.29 -43.40
N LEU A 707 -11.79 28.92 -42.98
CA LEU A 707 -12.20 29.03 -41.57
C LEU A 707 -12.81 27.70 -41.15
N PRO A 708 -12.30 27.08 -40.09
CA PRO A 708 -12.89 25.80 -39.63
C PRO A 708 -14.29 26.00 -39.10
N VAL A 709 -15.10 24.95 -39.27
CA VAL A 709 -16.51 24.96 -38.86
C VAL A 709 -16.74 24.03 -37.67
N SER A 710 -16.29 22.79 -37.78
CA SER A 710 -16.51 21.79 -36.74
C SER A 710 -15.45 20.70 -36.88
N MET A 711 -15.34 19.88 -35.84
CA MET A 711 -14.45 18.74 -35.84
C MET A 711 -15.28 17.45 -35.75
N THR A 712 -14.58 16.32 -35.67
CA THR A 712 -15.27 15.03 -35.59
C THR A 712 -15.91 14.86 -34.22
N LYS A 713 -17.18 14.47 -34.22
CA LYS A 713 -17.88 14.23 -32.96
C LYS A 713 -17.43 12.92 -32.34
N THR A 714 -17.13 12.95 -31.04
CA THR A 714 -16.58 11.80 -30.35
C THR A 714 -17.43 11.50 -29.12
N SER A 715 -17.62 10.21 -28.85
CA SER A 715 -18.30 9.74 -27.64
C SER A 715 -17.37 8.79 -26.90
N VAL A 716 -17.21 9.01 -25.60
CA VAL A 716 -16.30 8.22 -24.76
C VAL A 716 -17.09 7.66 -23.58
N ASP A 717 -16.87 6.38 -23.29
CA ASP A 717 -17.47 5.71 -22.15
C ASP A 717 -16.41 5.46 -21.10
N CYS A 718 -16.70 5.85 -19.86
CA CYS A 718 -15.72 5.72 -18.78
C CYS A 718 -15.48 4.26 -18.43
N THR A 719 -16.56 3.48 -18.27
CA THR A 719 -16.43 2.10 -17.83
C THR A 719 -15.80 1.20 -18.88
N MET A 720 -15.79 1.61 -20.14
CA MET A 720 -15.11 0.86 -21.20
C MET A 720 -13.67 1.31 -21.39
N TYR A 721 -13.40 2.61 -21.27
CA TYR A 721 -12.06 3.12 -21.49
C TYR A 721 -11.15 2.83 -20.30
N ILE A 722 -11.68 2.89 -19.08
CA ILE A 722 -10.85 2.76 -17.90
C ILE A 722 -10.46 1.30 -17.67
N CYS A 723 -11.44 0.44 -17.48
CA CYS A 723 -11.18 -0.96 -17.18
C CYS A 723 -11.79 -1.93 -18.19
N GLY A 724 -13.03 -1.71 -18.61
CA GLY A 724 -13.65 -2.56 -19.61
C GLY A 724 -14.65 -3.55 -19.04
N ASP A 725 -14.31 -4.85 -19.09
CA ASP A 725 -15.22 -5.93 -18.74
C ASP A 725 -14.97 -6.46 -17.32
N SER A 726 -14.60 -5.59 -16.39
CA SER A 726 -14.37 -5.98 -15.01
C SER A 726 -15.59 -5.61 -14.17
N THR A 727 -16.21 -6.62 -13.54
CA THR A 727 -17.38 -6.37 -12.71
C THR A 727 -17.00 -5.65 -11.42
N GLU A 728 -15.84 -5.99 -10.84
CA GLU A 728 -15.39 -5.31 -9.63
C GLU A 728 -15.08 -3.85 -9.89
N CYS A 729 -14.53 -3.53 -11.07
CA CYS A 729 -14.32 -2.13 -11.43
C CYS A 729 -15.63 -1.38 -11.57
N SER A 730 -16.64 -2.04 -12.15
CA SER A 730 -17.95 -1.42 -12.28
C SER A 730 -18.60 -1.17 -10.92
N ASN A 731 -18.42 -2.11 -9.98
CA ASN A 731 -18.92 -1.91 -8.63
C ASN A 731 -18.16 -0.80 -7.92
N LEU A 732 -16.85 -0.70 -8.16
CA LEU A 732 -16.03 0.30 -7.48
C LEU A 732 -16.27 1.71 -7.99
N LEU A 733 -16.54 1.87 -9.29
CA LEU A 733 -16.70 3.21 -9.85
C LEU A 733 -17.99 3.87 -9.42
N LEU A 734 -18.94 3.11 -8.86
CA LEU A 734 -20.18 3.69 -8.39
C LEU A 734 -19.99 4.49 -7.11
N GLN A 735 -18.89 4.27 -6.38
CA GLN A 735 -18.61 5.01 -5.15
C GLN A 735 -17.93 6.34 -5.42
N TYR A 736 -17.57 6.64 -6.67
CA TYR A 736 -16.93 7.91 -7.01
C TYR A 736 -17.93 9.04 -7.24
N GLY A 737 -19.22 8.76 -7.16
CA GLY A 737 -20.24 9.78 -7.39
C GLY A 737 -20.87 9.64 -8.78
N SER A 738 -20.90 10.74 -9.52
CA SER A 738 -21.46 10.78 -10.86
C SER A 738 -20.50 11.44 -11.84
N PHE A 739 -19.21 11.10 -11.72
CA PHE A 739 -18.21 11.66 -12.64
C PHE A 739 -18.46 11.21 -14.08
N CYS A 740 -18.84 9.94 -14.26
CA CYS A 740 -19.18 9.47 -15.59
C CYS A 740 -20.42 10.16 -16.13
N THR A 741 -21.38 10.50 -15.26
CA THR A 741 -22.54 11.26 -15.69
C THR A 741 -22.14 12.66 -16.14
N GLN A 742 -21.21 13.30 -15.41
CA GLN A 742 -20.71 14.61 -15.83
C GLN A 742 -20.00 14.53 -17.18
N LEU A 743 -19.19 13.48 -17.38
CA LEU A 743 -18.50 13.31 -18.66
C LEU A 743 -19.49 13.08 -19.80
N LYS A 744 -20.52 12.25 -19.56
CA LYS A 744 -21.52 12.02 -20.59
C LYS A 744 -22.29 13.29 -20.92
N ARG A 745 -22.61 14.09 -19.90
CA ARG A 745 -23.27 15.37 -20.12
C ARG A 745 -22.38 16.31 -20.94
N ALA A 746 -21.07 16.33 -20.63
CA ALA A 746 -20.15 17.20 -21.35
C ALA A 746 -20.00 16.78 -22.81
N LEU A 747 -19.92 15.48 -23.08
CA LEU A 747 -19.81 15.03 -24.47
C LEU A 747 -21.11 15.24 -25.25
N THR A 748 -22.27 15.05 -24.60
CA THR A 748 -23.52 15.37 -25.28
C THR A 748 -23.61 16.87 -25.56
N GLY A 749 -23.12 17.69 -24.63
CA GLY A 749 -23.11 19.13 -24.85
C GLY A 749 -22.20 19.54 -26.01
N ILE A 750 -20.99 18.98 -26.07
CA ILE A 750 -20.10 19.34 -27.16
C ILE A 750 -20.64 18.83 -28.50
N ALA A 751 -21.29 17.66 -28.51
CA ALA A 751 -21.90 17.15 -29.74
C ALA A 751 -23.03 18.07 -30.20
N VAL A 752 -23.89 18.49 -29.27
CA VAL A 752 -25.02 19.34 -29.67
C VAL A 752 -24.53 20.73 -30.06
N GLU A 753 -23.45 21.24 -29.45
CA GLU A 753 -22.91 22.52 -29.88
C GLU A 753 -22.30 22.42 -31.28
N GLN A 754 -21.59 21.33 -31.57
CA GLN A 754 -21.06 21.14 -32.92
C GLN A 754 -22.19 21.05 -33.94
N ASP A 755 -23.25 20.30 -33.62
CA ASP A 755 -24.40 20.22 -34.51
C ASP A 755 -25.06 21.58 -34.71
N LYS A 756 -25.20 22.35 -33.64
CA LYS A 756 -25.85 23.66 -33.72
C LYS A 756 -25.04 24.62 -34.59
N ASN A 757 -23.72 24.67 -34.39
CA ASN A 757 -22.94 25.62 -35.18
C ASN A 757 -22.79 25.17 -36.62
N THR A 758 -22.69 23.86 -36.88
CA THR A 758 -22.62 23.42 -38.27
C THR A 758 -23.98 23.52 -38.98
N GLN A 759 -25.07 23.59 -38.23
CA GLN A 759 -26.37 23.87 -38.84
C GLN A 759 -26.55 25.37 -39.10
N GLU A 760 -26.06 26.21 -38.18
CA GLU A 760 -26.22 27.65 -38.32
C GLU A 760 -25.30 28.24 -39.37
N VAL A 761 -24.09 27.69 -39.53
CA VAL A 761 -23.14 28.29 -40.45
C VAL A 761 -23.50 28.02 -41.91
N PHE A 762 -24.29 26.99 -42.19
CA PHE A 762 -24.60 26.60 -43.56
C PHE A 762 -26.04 26.85 -43.96
N ALA A 763 -27.00 26.55 -43.09
CA ALA A 763 -28.42 26.72 -43.42
C ALA A 763 -28.87 28.15 -43.10
N GLN A 764 -28.30 29.08 -43.86
CA GLN A 764 -28.66 30.49 -43.71
C GLN A 764 -29.95 30.84 -44.44
N VAL A 765 -30.39 29.99 -45.38
CA VAL A 765 -31.61 30.21 -46.14
C VAL A 765 -32.44 28.94 -46.12
N LYS A 766 -33.76 29.10 -46.11
CA LYS A 766 -34.69 27.97 -46.10
C LYS A 766 -35.20 27.62 -47.49
N GLN A 767 -34.72 28.30 -48.53
CA GLN A 767 -35.14 28.04 -49.90
C GLN A 767 -33.94 27.55 -50.70
N ILE A 768 -34.13 26.47 -51.44
CA ILE A 768 -33.10 25.88 -52.28
C ILE A 768 -33.30 26.39 -53.70
N TYR A 769 -32.31 27.10 -54.22
CA TYR A 769 -32.36 27.66 -55.56
C TYR A 769 -31.50 26.82 -56.51
N LYS A 770 -31.93 26.76 -57.77
CA LYS A 770 -31.26 25.98 -58.80
C LYS A 770 -30.81 26.90 -59.93
N THR A 771 -29.61 26.65 -60.44
CA THR A 771 -29.08 27.44 -61.54
C THR A 771 -29.88 27.16 -62.82
N PRO A 772 -30.02 28.17 -63.69
CA PRO A 772 -30.69 27.92 -64.96
C PRO A 772 -29.86 27.00 -65.84
N PRO A 773 -30.51 26.21 -66.71
CA PRO A 773 -29.74 25.32 -67.60
C PRO A 773 -28.79 26.05 -68.55
N ILE A 774 -29.14 27.26 -68.96
CA ILE A 774 -28.27 28.04 -69.84
C ILE A 774 -27.18 28.69 -68.99
N LYS A 775 -25.93 28.37 -69.30
CA LYS A 775 -24.79 28.90 -68.55
C LYS A 775 -24.21 30.13 -69.24
N TYR A 776 -25.03 31.18 -69.29
CA TYR A 776 -24.65 32.46 -69.88
C TYR A 776 -24.87 33.57 -68.86
N PHE A 777 -23.82 34.33 -68.58
CA PHE A 777 -23.87 35.44 -67.64
C PHE A 777 -23.15 36.65 -68.20
N GLY A 778 -23.38 36.95 -69.48
CA GLY A 778 -22.72 38.07 -70.12
C GLY A 778 -21.22 37.92 -70.28
N GLY A 779 -20.76 36.72 -70.64
CA GLY A 779 -19.35 36.46 -70.85
C GLY A 779 -18.61 35.92 -69.65
N PHE A 780 -19.17 36.03 -68.46
CA PHE A 780 -18.53 35.51 -67.26
C PHE A 780 -18.60 33.99 -67.23
N ASN A 781 -17.59 33.38 -66.62
CA ASN A 781 -17.48 31.93 -66.51
C ASN A 781 -17.56 31.52 -65.05
N PHE A 782 -18.39 30.51 -64.76
CA PHE A 782 -18.55 30.00 -63.40
C PHE A 782 -18.53 28.47 -63.36
N SER A 783 -17.91 27.83 -64.35
CA SER A 783 -17.89 26.37 -64.39
C SER A 783 -17.07 25.76 -63.26
N GLN A 784 -16.13 26.51 -62.70
CA GLN A 784 -15.30 25.98 -61.62
C GLN A 784 -16.06 25.91 -60.30
N ILE A 785 -17.02 26.81 -60.08
CA ILE A 785 -17.73 26.86 -58.80
C ILE A 785 -19.09 26.17 -58.93
N LEU A 786 -19.65 26.17 -60.13
CA LEU A 786 -20.93 25.50 -60.34
C LEU A 786 -20.74 23.98 -60.27
N PRO A 787 -21.67 23.27 -59.65
CA PRO A 787 -21.52 21.82 -59.51
C PRO A 787 -21.54 21.09 -60.85
N ASP A 788 -20.76 20.01 -60.92
CA ASP A 788 -20.65 19.23 -62.13
C ASP A 788 -21.69 18.12 -62.14
N PRO A 789 -22.60 18.10 -63.12
CA PRO A 789 -23.57 16.99 -63.18
C PRO A 789 -22.94 15.63 -63.41
N SER A 790 -21.75 15.59 -64.02
CA SER A 790 -21.09 14.31 -64.27
C SER A 790 -20.56 13.67 -62.98
N LYS A 791 -20.29 14.47 -61.96
CA LYS A 791 -19.80 13.93 -60.70
C LYS A 791 -20.92 13.17 -59.99
N PRO A 792 -20.65 11.97 -59.47
CA PRO A 792 -21.70 11.23 -58.75
C PRO A 792 -22.18 11.93 -57.49
N SER A 793 -21.31 12.69 -56.83
CA SER A 793 -21.66 13.39 -55.61
C SER A 793 -22.22 14.79 -55.86
N LYS A 794 -22.37 15.17 -57.13
CA LYS A 794 -22.85 16.51 -57.52
C LYS A 794 -21.99 17.61 -56.93
N ARG A 795 -20.68 17.43 -56.97
CA ARG A 795 -19.73 18.36 -56.41
C ARG A 795 -18.91 19.02 -57.52
N SER A 796 -18.74 20.33 -57.42
CA SER A 796 -17.89 21.05 -58.35
C SER A 796 -16.43 20.64 -58.15
N PRO A 797 -15.61 20.71 -59.20
CA PRO A 797 -14.21 20.25 -59.08
C PRO A 797 -13.39 20.98 -58.03
N ILE A 798 -13.74 22.22 -57.68
CA ILE A 798 -13.03 22.92 -56.62
C ILE A 798 -13.25 22.21 -55.28
N GLU A 799 -14.51 21.87 -54.97
CA GLU A 799 -14.80 21.12 -53.74
C GLU A 799 -14.20 19.72 -53.79
N ASP A 800 -14.15 19.11 -54.98
CA ASP A 800 -13.51 17.81 -55.11
C ASP A 800 -12.02 17.89 -54.81
N LEU A 801 -11.35 18.94 -55.29
CA LEU A 801 -9.93 19.14 -54.99
C LEU A 801 -9.73 19.40 -53.51
N LEU A 802 -10.62 20.19 -52.89
CA LEU A 802 -10.51 20.46 -51.47
C LEU A 802 -10.70 19.19 -50.64
N PHE A 803 -11.62 18.32 -51.06
CA PHE A 803 -11.83 17.06 -50.36
C PHE A 803 -10.65 16.12 -50.57
N ASN A 804 -10.05 16.12 -51.76
CA ASN A 804 -8.90 15.26 -52.02
C ASN A 804 -7.66 15.73 -51.29
N LYS A 805 -7.51 17.03 -51.07
CA LYS A 805 -6.35 17.56 -50.38
C LYS A 805 -6.41 17.36 -48.87
N VAL A 806 -7.55 16.91 -48.33
CA VAL A 806 -7.70 16.66 -46.90
C VAL A 806 -7.83 15.15 -46.71
N THR A 807 -6.95 14.59 -45.87
CA THR A 807 -6.96 13.17 -45.59
C THR A 807 -7.28 12.90 -44.13
N LYS A 836 -12.80 0.29 -28.26
CA LYS A 836 -12.49 0.32 -26.84
C LYS A 836 -13.18 1.50 -26.16
N GLY A 837 -14.49 1.61 -26.37
CA GLY A 837 -15.29 2.70 -25.82
C GLY A 837 -15.33 3.94 -26.67
N LEU A 838 -14.18 4.36 -27.20
CA LEU A 838 -14.13 5.54 -28.05
C LEU A 838 -14.78 5.25 -29.39
N THR A 839 -15.58 6.20 -29.88
CA THR A 839 -16.25 6.08 -31.15
C THR A 839 -16.44 7.46 -31.75
N VAL A 840 -16.63 7.49 -33.07
CA VAL A 840 -16.80 8.73 -33.82
C VAL A 840 -18.23 8.81 -34.31
N LEU A 841 -18.95 9.82 -33.84
CA LEU A 841 -20.33 10.02 -34.28
C LEU A 841 -20.34 10.65 -35.67
N PRO A 842 -21.05 10.05 -36.63
CA PRO A 842 -21.20 10.68 -37.95
C PRO A 842 -21.96 11.99 -37.83
N PRO A 843 -21.54 13.02 -38.58
CA PRO A 843 -22.24 14.31 -38.50
C PRO A 843 -23.63 14.24 -39.10
N LEU A 844 -24.53 15.06 -38.53
CA LEU A 844 -25.87 15.19 -39.10
C LEU A 844 -25.82 15.86 -40.46
N LEU A 845 -24.95 16.87 -40.61
CA LEU A 845 -24.79 17.60 -41.87
C LEU A 845 -23.62 16.97 -42.62
N THR A 846 -23.93 16.00 -43.47
CA THR A 846 -22.89 15.31 -44.23
C THR A 846 -22.55 16.10 -45.48
N ASP A 847 -21.83 15.47 -46.42
CA ASP A 847 -21.30 16.19 -47.57
C ASP A 847 -22.39 16.58 -48.56
N GLU A 848 -23.41 15.73 -48.74
CA GLU A 848 -24.35 15.93 -49.84
C GLU A 848 -25.23 17.16 -49.63
N MET A 849 -25.84 17.29 -48.45
CA MET A 849 -26.69 18.46 -48.23
C MET A 849 -25.88 19.72 -47.97
N ILE A 850 -24.64 19.61 -47.49
CA ILE A 850 -23.77 20.78 -47.42
C ILE A 850 -23.45 21.30 -48.81
N ALA A 851 -23.14 20.38 -49.74
CA ALA A 851 -22.90 20.76 -51.13
C ALA A 851 -24.15 21.35 -51.77
N GLN A 852 -25.32 20.78 -51.45
CA GLN A 852 -26.57 21.33 -51.97
C GLN A 852 -26.84 22.73 -51.43
N TYR A 853 -26.54 22.96 -50.15
CA TYR A 853 -26.69 24.28 -49.56
C TYR A 853 -25.76 25.29 -50.21
N THR A 854 -24.50 24.90 -50.45
CA THR A 854 -23.57 25.80 -51.12
C THR A 854 -24.00 26.10 -52.55
N SER A 855 -24.52 25.10 -53.26
CA SER A 855 -25.02 25.32 -54.61
C SER A 855 -26.23 26.26 -54.61
N ALA A 856 -27.13 26.09 -53.63
CA ALA A 856 -28.29 26.97 -53.52
C ALA A 856 -27.86 28.40 -53.19
N LEU A 857 -26.88 28.57 -52.31
CA LEU A 857 -26.37 29.90 -52.00
C LEU A 857 -25.71 30.54 -53.21
N LEU A 858 -24.95 29.76 -53.97
CA LEU A 858 -24.34 30.28 -55.20
C LEU A 858 -25.39 30.70 -56.22
N ALA A 859 -26.43 29.87 -56.38
CA ALA A 859 -27.53 30.23 -57.29
C ALA A 859 -28.24 31.50 -56.84
N GLY A 860 -28.47 31.64 -55.53
CA GLY A 860 -29.12 32.82 -55.03
C GLY A 860 -28.28 34.08 -55.20
N THR A 861 -26.97 33.97 -54.98
CA THR A 861 -26.10 35.13 -55.14
C THR A 861 -25.72 35.40 -56.60
N ILE A 862 -26.00 34.47 -57.51
CA ILE A 862 -25.73 34.70 -58.92
C ILE A 862 -26.98 35.07 -59.72
N THR A 863 -28.18 34.78 -59.20
CA THR A 863 -29.42 35.10 -59.91
C THR A 863 -30.28 36.12 -59.19
N SER A 864 -30.00 36.41 -57.93
CA SER A 864 -30.81 37.36 -57.17
C SER A 864 -30.03 38.43 -56.44
N GLY A 865 -28.70 38.29 -56.33
CA GLY A 865 -27.92 39.29 -55.61
C GLY A 865 -28.17 39.20 -54.12
N TRP A 866 -28.42 40.34 -53.49
CA TRP A 866 -28.71 40.40 -52.07
C TRP A 866 -30.20 40.36 -51.75
N THR A 867 -31.05 40.18 -52.77
CA THR A 867 -32.49 40.20 -52.54
C THR A 867 -32.97 38.93 -51.84
N PHE A 868 -32.35 37.78 -52.12
CA PHE A 868 -32.77 36.54 -51.49
C PHE A 868 -32.37 36.50 -50.01
N GLY A 869 -31.32 37.24 -49.64
CA GLY A 869 -30.93 37.33 -48.24
C GLY A 869 -31.73 38.32 -47.43
N ALA A 870 -32.60 39.10 -48.06
CA ALA A 870 -33.44 40.07 -47.37
C ALA A 870 -34.91 39.87 -47.68
N GLY A 871 -35.31 38.67 -48.11
CA GLY A 871 -36.68 38.39 -48.43
C GLY A 871 -36.81 37.42 -49.60
N PRO A 872 -37.89 37.55 -50.36
CA PRO A 872 -38.06 36.68 -51.53
C PRO A 872 -37.02 36.98 -52.61
N ALA A 873 -36.70 35.93 -53.37
CA ALA A 873 -35.71 36.06 -54.44
C ALA A 873 -36.30 36.82 -55.61
N LEU A 874 -35.57 37.82 -56.11
CA LEU A 874 -35.97 38.63 -57.25
C LEU A 874 -34.96 38.44 -58.37
N GLN A 875 -35.44 38.19 -59.58
CA GLN A 875 -34.56 37.98 -60.71
C GLN A 875 -33.83 39.26 -61.09
N ILE A 876 -32.55 39.12 -61.39
CA ILE A 876 -31.71 40.26 -61.77
C ILE A 876 -30.60 39.76 -62.70
N PRO A 877 -30.29 40.48 -63.77
CA PRO A 877 -29.13 40.11 -64.59
C PRO A 877 -27.83 40.32 -63.82
N PHE A 878 -26.84 39.49 -64.18
CA PHE A 878 -25.53 39.60 -63.54
C PHE A 878 -24.82 40.93 -63.79
N PRO A 879 -24.79 41.50 -65.01
CA PRO A 879 -24.21 42.86 -65.14
C PRO A 879 -24.92 43.91 -64.31
N MET A 880 -26.24 43.79 -64.13
CA MET A 880 -26.94 44.74 -63.26
C MET A 880 -26.49 44.58 -61.81
N GLN A 881 -26.26 43.35 -61.36
CA GLN A 881 -25.74 43.13 -60.01
C GLN A 881 -24.33 43.69 -59.86
N MET A 882 -23.49 43.52 -60.89
CA MET A 882 -22.15 44.11 -60.86
C MET A 882 -22.23 45.63 -60.81
N ALA A 883 -23.14 46.24 -61.57
CA ALA A 883 -23.32 47.68 -61.52
C ALA A 883 -23.78 48.14 -60.15
N TYR A 884 -24.70 47.39 -59.54
CA TYR A 884 -25.17 47.73 -58.20
C TYR A 884 -24.04 47.65 -57.18
N ARG A 885 -23.21 46.61 -57.28
CA ARG A 885 -22.08 46.47 -56.36
C ARG A 885 -21.05 47.56 -56.57
N PHE A 886 -20.80 47.94 -57.83
CA PHE A 886 -19.86 49.01 -58.12
C PHE A 886 -20.37 50.35 -57.60
N ASN A 887 -21.68 50.60 -57.73
CA ASN A 887 -22.25 51.81 -57.15
C ASN A 887 -22.20 51.79 -55.63
N GLY A 888 -22.36 50.60 -55.02
CA GLY A 888 -22.24 50.50 -53.58
C GLY A 888 -20.85 50.78 -53.08
N ILE A 889 -19.83 50.25 -53.77
CA ILE A 889 -18.45 50.51 -53.35
C ILE A 889 -17.99 51.90 -53.75
N GLY A 890 -18.59 52.51 -54.77
CA GLY A 890 -18.27 53.87 -55.14
C GLY A 890 -17.73 54.05 -56.53
N VAL A 891 -18.11 53.16 -57.46
CA VAL A 891 -17.67 53.22 -58.85
C VAL A 891 -18.90 53.41 -59.74
N THR A 892 -18.81 54.35 -60.66
CA THR A 892 -19.92 54.62 -61.57
C THR A 892 -20.08 53.49 -62.57
N GLN A 893 -21.26 53.43 -63.18
CA GLN A 893 -21.61 52.35 -64.10
C GLN A 893 -21.03 52.53 -65.49
N ASN A 894 -20.39 53.66 -65.78
CA ASN A 894 -19.86 53.91 -67.11
C ASN A 894 -18.71 52.98 -67.44
N VAL A 895 -17.86 52.67 -66.45
CA VAL A 895 -16.69 51.84 -66.68
C VAL A 895 -17.01 50.36 -66.83
N LEU A 896 -18.24 49.95 -66.52
CA LEU A 896 -18.59 48.53 -66.61
C LEU A 896 -18.95 48.14 -68.04
N TYR A 897 -19.87 48.86 -68.66
CA TYR A 897 -20.34 48.49 -70.00
C TYR A 897 -19.26 48.70 -71.05
N GLU A 898 -18.33 49.63 -70.81
CA GLU A 898 -17.23 49.85 -71.74
C GLU A 898 -16.12 48.81 -71.59
N ASN A 899 -16.10 48.05 -70.48
CA ASN A 899 -15.06 47.06 -70.24
C ASN A 899 -15.63 45.77 -69.67
N GLN A 900 -16.86 45.41 -70.04
CA GLN A 900 -17.48 44.20 -69.53
C GLN A 900 -16.73 42.95 -69.96
N LYS A 901 -16.32 42.90 -71.23
CA LYS A 901 -15.54 41.75 -71.71
C LYS A 901 -14.19 41.68 -71.02
N LEU A 902 -13.54 42.83 -70.83
CA LEU A 902 -12.26 42.86 -70.13
C LEU A 902 -12.41 42.41 -68.68
N ILE A 903 -13.49 42.85 -68.01
CA ILE A 903 -13.74 42.45 -66.63
C ILE A 903 -13.98 40.95 -66.55
N ALA A 904 -14.77 40.41 -67.49
CA ALA A 904 -15.04 38.97 -67.49
C ALA A 904 -13.77 38.17 -67.75
N ASN A 905 -12.93 38.63 -68.68
CA ASN A 905 -11.67 37.95 -68.96
C ASN A 905 -10.74 37.99 -67.77
N GLN A 906 -10.66 39.14 -67.09
CA GLN A 906 -9.84 39.25 -65.89
C GLN A 906 -10.34 38.34 -64.78
N PHE A 907 -11.67 38.26 -64.62
CA PHE A 907 -12.24 37.37 -63.60
C PHE A 907 -11.94 35.91 -63.91
N ASN A 908 -12.06 35.51 -65.18
CA ASN A 908 -11.75 34.14 -65.57
C ASN A 908 -10.26 33.82 -65.37
N SER A 909 -9.39 34.76 -65.72
CA SER A 909 -7.95 34.56 -65.52
C SER A 909 -7.61 34.45 -64.04
N ALA A 910 -8.24 35.28 -63.20
CA ALA A 910 -8.01 35.22 -61.77
C ALA A 910 -8.53 33.91 -61.18
N ILE A 911 -9.67 33.42 -61.66
CA ILE A 911 -10.20 32.14 -61.21
C ILE A 911 -9.25 31.01 -61.59
N GLY A 912 -8.75 31.03 -62.82
CA GLY A 912 -7.79 30.01 -63.23
C GLY A 912 -6.49 30.06 -62.43
N LYS A 913 -5.99 31.28 -62.17
CA LYS A 913 -4.76 31.42 -61.41
C LYS A 913 -4.93 30.96 -59.97
N ILE A 914 -6.06 31.30 -59.34
CA ILE A 914 -6.28 30.88 -57.96
C ILE A 914 -6.53 29.37 -57.89
N GLN A 915 -7.13 28.77 -58.94
CA GLN A 915 -7.27 27.33 -58.98
C GLN A 915 -5.93 26.65 -59.11
N ASP A 916 -5.04 27.19 -59.96
CA ASP A 916 -3.70 26.63 -60.09
C ASP A 916 -2.91 26.77 -58.80
N SER A 917 -3.04 27.91 -58.12
CA SER A 917 -2.36 28.10 -56.83
C SER A 917 -2.90 27.15 -55.78
N LEU A 918 -4.22 26.93 -55.76
CA LEU A 918 -4.81 25.99 -54.81
C LEU A 918 -4.34 24.56 -55.08
N SER A 919 -4.23 24.18 -56.35
CA SER A 919 -3.80 22.83 -56.69
C SER A 919 -2.30 22.64 -56.47
N SER A 920 -1.51 23.70 -56.56
CA SER A 920 -0.07 23.59 -56.46
C SER A 920 0.48 23.82 -55.05
N THR A 921 -0.29 24.47 -54.16
CA THR A 921 0.19 24.76 -52.82
C THR A 921 -0.48 23.83 -51.82
N PRO A 922 0.24 22.89 -51.21
CA PRO A 922 -0.38 22.02 -50.20
C PRO A 922 -0.61 22.72 -48.86
N SER A 923 0.00 23.88 -48.63
CA SER A 923 -0.14 24.60 -47.38
C SER A 923 -1.31 25.58 -47.37
N ALA A 924 -2.09 25.64 -48.45
CA ALA A 924 -3.23 26.55 -48.50
C ALA A 924 -4.33 26.11 -47.53
N LEU A 925 -4.44 24.81 -47.28
CA LEU A 925 -5.44 24.26 -46.36
C LEU A 925 -4.84 23.91 -45.01
N GLY A 926 -3.92 24.76 -44.53
CA GLY A 926 -3.18 24.45 -43.32
C GLY A 926 -4.04 24.38 -42.06
N LYS A 927 -5.07 25.22 -41.97
CA LYS A 927 -5.87 25.31 -40.75
C LYS A 927 -6.64 24.01 -40.49
N LEU A 928 -7.36 23.53 -41.50
CA LEU A 928 -8.09 22.27 -41.36
C LEU A 928 -7.13 21.11 -41.16
N GLN A 929 -5.97 21.14 -41.83
CA GLN A 929 -4.98 20.09 -41.67
C GLN A 929 -4.46 20.02 -40.24
N ASP A 930 -4.14 21.16 -39.64
CA ASP A 930 -3.64 21.14 -38.27
C ASP A 930 -4.74 20.81 -37.28
N VAL A 931 -5.99 21.20 -37.57
CA VAL A 931 -7.10 20.81 -36.70
C VAL A 931 -7.28 19.29 -36.70
N VAL A 932 -7.24 18.69 -37.89
CA VAL A 932 -7.37 17.23 -38.00
C VAL A 932 -6.19 16.54 -37.33
N ASN A 933 -4.98 17.05 -37.54
CA ASN A 933 -3.80 16.46 -36.93
C ASN A 933 -3.84 16.56 -35.41
N HIS A 934 -4.30 17.70 -34.88
CA HIS A 934 -4.42 17.86 -33.43
C HIS A 934 -5.46 16.92 -32.86
N ASN A 935 -6.60 16.76 -33.54
CA ASN A 935 -7.62 15.83 -33.06
C ASN A 935 -7.10 14.39 -33.07
N ALA A 936 -6.41 14.00 -34.15
CA ALA A 936 -5.87 12.65 -34.24
C ALA A 936 -4.79 12.42 -33.18
N GLN A 937 -3.93 13.41 -32.94
CA GLN A 937 -2.90 13.29 -31.92
C GLN A 937 -3.50 13.18 -30.53
N ALA A 938 -4.55 13.96 -30.25
CA ALA A 938 -5.22 13.89 -28.95
C ALA A 938 -5.87 12.53 -28.75
N LEU A 939 -6.53 12.01 -29.78
CA LEU A 939 -7.14 10.68 -29.68
C LEU A 939 -6.10 9.60 -29.47
N ASN A 940 -5.00 9.66 -30.23
CA ASN A 940 -3.94 8.67 -30.09
C ASN A 940 -3.28 8.73 -28.72
N THR A 941 -3.07 9.94 -28.20
CA THR A 941 -2.47 10.08 -26.87
C THR A 941 -3.41 9.59 -25.78
N LEU A 942 -4.72 9.85 -25.93
CA LEU A 942 -5.70 9.34 -24.98
C LEU A 942 -5.73 7.81 -25.01
N VAL A 943 -5.62 7.21 -26.20
CA VAL A 943 -5.57 5.76 -26.31
C VAL A 943 -4.29 5.22 -25.66
N LYS A 944 -3.16 5.87 -25.91
CA LYS A 944 -1.89 5.40 -25.39
C LYS A 944 -1.76 5.59 -23.88
N GLN A 945 -2.49 6.55 -23.30
CA GLN A 945 -2.43 6.77 -21.86
C GLN A 945 -3.04 5.62 -21.05
N LEU A 946 -3.77 4.71 -21.69
CA LEU A 946 -4.33 3.56 -20.98
C LEU A 946 -3.24 2.59 -20.54
N SER A 947 -2.13 2.52 -21.27
CA SER A 947 -1.04 1.59 -20.97
C SER A 947 0.00 2.18 -20.04
N SER A 948 -0.38 3.14 -19.20
CA SER A 948 0.53 3.75 -18.25
C SER A 948 0.45 3.03 -16.91
N LYS A 949 1.61 2.93 -16.24
CA LYS A 949 1.66 2.27 -14.94
C LYS A 949 0.90 3.05 -13.88
N PHE A 950 1.02 4.38 -13.90
CA PHE A 950 0.37 5.28 -12.93
C PHE A 950 0.74 4.91 -11.49
N GLY A 951 2.00 4.56 -11.28
CA GLY A 951 2.48 4.19 -9.97
C GLY A 951 2.19 2.77 -9.54
N ALA A 952 1.57 1.96 -10.40
CA ALA A 952 1.26 0.57 -10.07
C ALA A 952 2.36 -0.36 -10.58
N ILE A 953 2.25 -1.63 -10.20
CA ILE A 953 3.24 -2.62 -10.63
C ILE A 953 3.13 -2.89 -12.12
N SER A 954 1.93 -2.86 -12.68
CA SER A 954 1.74 -3.11 -14.10
C SER A 954 0.50 -2.39 -14.58
N SER A 955 0.42 -2.18 -15.90
CA SER A 955 -0.73 -1.54 -16.51
C SER A 955 -1.91 -2.48 -16.71
N VAL A 956 -1.69 -3.79 -16.56
CA VAL A 956 -2.75 -4.78 -16.70
C VAL A 956 -3.49 -4.89 -15.37
N LEU A 957 -4.81 -5.08 -15.44
CA LEU A 957 -5.65 -5.11 -14.24
C LEU A 957 -5.83 -6.51 -13.69
N ASN A 958 -6.02 -7.50 -14.57
CA ASN A 958 -6.41 -8.84 -14.13
C ASN A 958 -5.26 -9.56 -13.44
N ASP A 959 -4.02 -9.36 -13.90
CA ASP A 959 -2.88 -9.98 -13.24
C ASP A 959 -2.68 -9.41 -11.84
N ILE A 960 -2.92 -8.11 -11.68
CA ILE A 960 -2.87 -7.48 -10.36
C ILE A 960 -3.97 -8.05 -9.48
N PHE A 961 -5.18 -8.21 -10.04
CA PHE A 961 -6.29 -8.74 -9.25
C PHE A 961 -6.05 -10.18 -8.82
N SER A 962 -5.49 -11.01 -9.69
CA SER A 962 -5.29 -12.42 -9.40
C SER A 962 -3.94 -12.72 -8.76
N ARG A 963 -3.06 -11.73 -8.63
CA ARG A 963 -1.75 -11.93 -8.03
C ARG A 963 -1.56 -11.20 -6.71
N LEU A 964 -2.03 -9.95 -6.62
CA LEU A 964 -1.83 -9.15 -5.43
C LEU A 964 -2.91 -9.43 -4.40
N ASP A 965 -2.58 -9.25 -3.12
CA ASP A 965 -3.59 -9.44 -2.09
C ASP A 965 -4.64 -8.35 -2.26
N PRO A 966 -5.92 -8.75 -2.33
CA PRO A 966 -6.98 -7.77 -2.55
C PRO A 966 -6.90 -6.54 -1.64
N PRO A 967 -6.61 -6.72 -0.35
CA PRO A 967 -6.62 -5.55 0.53
C PRO A 967 -5.86 -4.37 -0.08
N GLU A 968 -4.64 -4.61 -0.55
CA GLU A 968 -3.86 -3.55 -1.18
C GLU A 968 -4.18 -3.47 -2.66
N ALA A 969 -4.52 -4.60 -3.28
CA ALA A 969 -4.89 -4.57 -4.68
C ALA A 969 -6.03 -3.59 -4.94
N GLU A 970 -6.93 -3.42 -3.97
CA GLU A 970 -7.98 -2.42 -4.07
C GLU A 970 -7.38 -1.01 -4.13
N VAL A 971 -6.37 -0.75 -3.30
CA VAL A 971 -5.71 0.55 -3.33
C VAL A 971 -4.98 0.76 -4.65
N GLN A 972 -4.31 -0.28 -5.16
CA GLN A 972 -3.62 -0.16 -6.44
C GLN A 972 -4.58 0.09 -7.59
N ILE A 973 -5.69 -0.64 -7.64
CA ILE A 973 -6.66 -0.44 -8.71
C ILE A 973 -7.37 0.90 -8.55
N ASP A 974 -7.55 1.37 -7.32
CA ASP A 974 -8.12 2.70 -7.10
C ASP A 974 -7.20 3.79 -7.63
N ARG A 975 -5.90 3.65 -7.37
CA ARG A 975 -4.93 4.61 -7.91
C ARG A 975 -4.91 4.56 -9.44
N LEU A 976 -4.99 3.37 -10.02
CA LEU A 976 -4.98 3.24 -11.47
C LEU A 976 -6.22 3.89 -12.09
N ILE A 977 -7.41 3.61 -11.53
CA ILE A 977 -8.62 4.16 -12.11
C ILE A 977 -8.72 5.66 -11.87
N THR A 978 -8.17 6.17 -10.76
CA THR A 978 -8.21 7.62 -10.56
C THR A 978 -7.19 8.33 -11.44
N GLY A 979 -6.06 7.68 -11.77
CA GLY A 979 -5.16 8.24 -12.76
C GLY A 979 -5.78 8.28 -14.15
N ARG A 980 -6.49 7.20 -14.51
CA ARG A 980 -7.21 7.19 -15.78
C ARG A 980 -8.29 8.25 -15.80
N LEU A 981 -8.97 8.46 -14.67
CA LEU A 981 -9.98 9.51 -14.58
C LEU A 981 -9.35 10.90 -14.72
N GLN A 982 -8.17 11.11 -14.14
CA GLN A 982 -7.48 12.38 -14.31
C GLN A 982 -7.10 12.62 -15.78
N SER A 983 -6.60 11.58 -16.45
CA SER A 983 -6.27 11.70 -17.86
C SER A 983 -7.52 11.99 -18.70
N LEU A 984 -8.63 11.32 -18.39
CA LEU A 984 -9.87 11.56 -19.12
C LEU A 984 -10.40 12.97 -18.88
N GLN A 985 -10.30 13.46 -17.64
CA GLN A 985 -10.75 14.82 -17.35
C GLN A 985 -9.88 15.85 -18.06
N THR A 986 -8.56 15.61 -18.13
CA THR A 986 -7.69 16.50 -18.89
C THR A 986 -8.06 16.49 -20.37
N TYR A 987 -8.35 15.31 -20.93
CA TYR A 987 -8.77 15.22 -22.33
C TYR A 987 -10.08 15.95 -22.57
N VAL A 988 -11.04 15.83 -21.65
CA VAL A 988 -12.32 16.51 -21.79
C VAL A 988 -12.14 18.03 -21.70
N THR A 989 -11.27 18.50 -20.80
CA THR A 989 -11.01 19.93 -20.69
C THR A 989 -10.37 20.47 -21.97
N GLN A 990 -9.39 19.73 -22.51
CA GLN A 990 -8.76 20.16 -23.76
C GLN A 990 -9.76 20.15 -24.92
N GLN A 991 -10.63 19.15 -24.96
CA GLN A 991 -11.66 19.10 -25.99
C GLN A 991 -12.65 20.25 -25.86
N LEU A 992 -12.98 20.64 -24.62
CA LEU A 992 -13.89 21.76 -24.41
C LEU A 992 -13.24 23.08 -24.84
N ILE A 993 -11.95 23.25 -24.56
CA ILE A 993 -11.25 24.47 -25.00
C ILE A 993 -11.18 24.51 -26.53
N ARG A 994 -10.87 23.37 -27.16
CA ARG A 994 -10.87 23.31 -28.62
C ARG A 994 -12.25 23.57 -29.20
N ALA A 995 -13.30 23.09 -28.52
CA ALA A 995 -14.66 23.36 -28.97
C ALA A 995 -15.01 24.83 -28.84
N ALA A 996 -14.53 25.50 -27.79
CA ALA A 996 -14.74 26.95 -27.67
C ALA A 996 -14.05 27.69 -28.79
N GLU A 997 -12.82 27.29 -29.12
CA GLU A 997 -12.11 27.91 -30.25
C GLU A 997 -12.83 27.66 -31.56
N ILE A 998 -13.34 26.44 -31.76
CA ILE A 998 -14.06 26.10 -32.98
C ILE A 998 -15.37 26.88 -33.08
N ARG A 999 -16.06 27.05 -31.96
CA ARG A 999 -17.29 27.84 -31.94
C ARG A 999 -17.00 29.30 -32.25
N ALA A 1000 -15.90 29.84 -31.73
CA ALA A 1000 -15.52 31.21 -32.05
C ALA A 1000 -15.22 31.36 -33.54
N SER A 1001 -14.48 30.41 -34.11
CA SER A 1001 -14.19 30.45 -35.55
C SER A 1001 -15.45 30.31 -36.39
N ALA A 1002 -16.37 29.45 -35.97
CA ALA A 1002 -17.62 29.25 -36.70
C ALA A 1002 -18.50 30.50 -36.62
N ASN A 1003 -18.52 31.17 -35.46
CA ASN A 1003 -19.25 32.42 -35.35
C ASN A 1003 -18.65 33.50 -36.23
N LEU A 1004 -17.31 33.55 -36.30
CA LEU A 1004 -16.66 34.49 -37.20
C LEU A 1004 -17.02 34.19 -38.66
N ALA A 1005 -17.03 32.91 -39.04
CA ALA A 1005 -17.41 32.53 -40.40
C ALA A 1005 -18.86 32.87 -40.69
N ALA A 1006 -19.75 32.68 -39.71
CA ALA A 1006 -21.15 33.03 -39.90
C ALA A 1006 -21.34 34.52 -40.05
N THR A 1007 -20.61 35.32 -39.27
CA THR A 1007 -20.67 36.77 -39.44
C THR A 1007 -20.13 37.20 -40.80
N LYS A 1008 -19.07 36.56 -41.28
CA LYS A 1008 -18.56 36.86 -42.61
C LYS A 1008 -19.57 36.49 -43.69
N MET A 1009 -20.25 35.35 -43.52
CA MET A 1009 -21.28 34.93 -44.47
C MET A 1009 -22.45 35.92 -44.48
N SER A 1010 -22.85 36.42 -43.30
CA SER A 1010 -23.92 37.40 -43.24
C SER A 1010 -23.47 38.73 -43.85
N GLU A 1011 -22.21 39.11 -43.67
CA GLU A 1011 -21.74 40.42 -44.11
C GLU A 1011 -21.47 40.45 -45.61
N CYS A 1012 -20.53 39.64 -46.08
CA CYS A 1012 -19.99 39.78 -47.43
C CYS A 1012 -20.20 38.53 -48.28
N VAL A 1013 -21.30 37.81 -48.07
CA VAL A 1013 -21.74 36.74 -48.95
C VAL A 1013 -23.17 36.95 -49.42
N LEU A 1014 -24.08 37.19 -48.47
CA LEU A 1014 -25.48 37.47 -48.78
C LEU A 1014 -25.72 38.92 -49.16
N GLY A 1015 -24.69 39.77 -49.13
CA GLY A 1015 -24.84 41.16 -49.49
C GLY A 1015 -23.49 41.84 -49.53
N GLN A 1016 -23.52 43.11 -49.92
CA GLN A 1016 -22.29 43.90 -50.00
C GLN A 1016 -21.89 44.40 -48.61
N SER A 1017 -20.59 44.34 -48.34
CA SER A 1017 -20.03 44.78 -47.07
C SER A 1017 -19.12 45.98 -47.29
N LYS A 1018 -19.32 47.04 -46.52
CA LYS A 1018 -18.51 48.25 -46.63
C LYS A 1018 -17.28 48.21 -45.72
N ARG A 1019 -17.09 47.14 -44.97
CA ARG A 1019 -15.93 47.04 -44.08
C ARG A 1019 -14.64 46.88 -44.88
N VAL A 1020 -13.56 47.42 -44.34
CA VAL A 1020 -12.25 47.39 -44.99
C VAL A 1020 -11.40 46.32 -44.33
N ASP A 1021 -10.84 45.43 -45.15
CA ASP A 1021 -9.93 44.36 -44.71
C ASP A 1021 -10.60 43.44 -43.68
N PHE A 1022 -11.89 43.16 -43.89
CA PHE A 1022 -12.62 42.24 -43.03
C PHE A 1022 -12.66 40.83 -43.58
N CYS A 1023 -13.08 40.67 -44.83
CA CYS A 1023 -13.14 39.38 -45.51
C CYS A 1023 -12.57 39.49 -46.91
N GLY A 1024 -11.41 40.13 -47.03
CA GLY A 1024 -10.76 40.30 -48.31
C GLY A 1024 -9.95 41.57 -48.41
N LYS A 1025 -8.75 41.46 -48.99
CA LYS A 1025 -7.88 42.62 -49.16
C LYS A 1025 -8.41 43.50 -50.29
N GLY A 1026 -8.52 44.80 -50.03
CA GLY A 1026 -9.00 45.73 -51.02
C GLY A 1026 -10.50 45.90 -50.99
N TYR A 1027 -11.01 46.53 -52.05
CA TYR A 1027 -12.44 46.79 -52.18
C TYR A 1027 -13.16 45.50 -52.50
N HIS A 1028 -13.89 44.97 -51.52
CA HIS A 1028 -14.59 43.69 -51.70
C HIS A 1028 -15.77 43.85 -52.65
N LEU A 1029 -15.99 42.82 -53.47
CA LEU A 1029 -17.13 42.78 -54.38
C LEU A 1029 -18.13 41.70 -54.01
N MET A 1030 -17.68 40.44 -53.96
CA MET A 1030 -18.53 39.33 -53.54
C MET A 1030 -17.63 38.17 -53.13
N SER A 1031 -18.23 37.18 -52.45
CA SER A 1031 -17.53 35.99 -52.01
C SER A 1031 -18.33 34.75 -52.39
N PHE A 1032 -17.64 33.73 -52.85
CA PHE A 1032 -18.26 32.47 -53.23
C PHE A 1032 -17.94 31.39 -52.20
N PRO A 1033 -18.91 30.94 -51.41
CA PRO A 1033 -18.61 29.89 -50.43
C PRO A 1033 -18.44 28.54 -51.10
N GLN A 1034 -17.44 27.79 -50.62
CA GLN A 1034 -17.14 26.46 -51.15
C GLN A 1034 -17.11 25.46 -50.01
N SER A 1035 -17.62 24.26 -50.27
CA SER A 1035 -17.64 23.21 -49.26
C SER A 1035 -16.24 22.65 -49.03
N ALA A 1036 -15.93 22.35 -47.77
CA ALA A 1036 -14.64 21.80 -47.37
C ALA A 1036 -14.87 20.74 -46.30
N PRO A 1037 -13.97 19.76 -46.18
CA PRO A 1037 -14.08 18.77 -45.11
C PRO A 1037 -13.81 19.42 -43.76
N HIS A 1038 -14.83 19.42 -42.89
CA HIS A 1038 -14.74 19.99 -41.54
C HIS A 1038 -14.34 21.47 -41.57
N GLY A 1039 -14.88 22.20 -42.55
CA GLY A 1039 -14.56 23.61 -42.69
C GLY A 1039 -15.27 24.20 -43.88
N VAL A 1040 -14.99 25.47 -44.13
CA VAL A 1040 -15.55 26.19 -45.27
C VAL A 1040 -14.45 27.05 -45.89
N VAL A 1041 -14.43 27.08 -47.23
CA VAL A 1041 -13.47 27.88 -47.98
C VAL A 1041 -14.24 28.92 -48.77
N PHE A 1042 -13.80 30.18 -48.68
CA PHE A 1042 -14.45 31.29 -49.38
C PHE A 1042 -13.53 31.80 -50.47
N LEU A 1043 -14.12 32.09 -51.64
CA LEU A 1043 -13.39 32.65 -52.78
C LEU A 1043 -13.78 34.12 -52.89
N HIS A 1044 -13.05 34.97 -52.18
CA HIS A 1044 -13.34 36.41 -52.18
C HIS A 1044 -12.82 37.05 -53.45
N VAL A 1045 -13.68 37.82 -54.12
CA VAL A 1045 -13.31 38.57 -55.31
C VAL A 1045 -13.31 40.05 -54.94
N THR A 1046 -12.19 40.73 -55.22
CA THR A 1046 -11.98 42.09 -54.75
C THR A 1046 -11.64 43.00 -55.91
N TYR A 1047 -11.86 44.30 -55.68
CA TYR A 1047 -11.56 45.34 -56.66
C TYR A 1047 -10.26 46.03 -56.24
N VAL A 1048 -9.25 45.97 -57.10
CA VAL A 1048 -7.94 46.53 -56.79
C VAL A 1048 -7.56 47.57 -57.84
N PRO A 1049 -7.44 48.83 -57.47
CA PRO A 1049 -6.97 49.84 -58.44
C PRO A 1049 -5.49 49.67 -58.74
N ALA A 1050 -5.09 50.16 -59.91
CA ALA A 1050 -3.70 50.05 -60.34
C ALA A 1050 -3.43 51.15 -61.36
N GLN A 1051 -2.15 51.29 -61.71
CA GLN A 1051 -1.66 52.23 -62.73
C GLN A 1051 -2.04 53.68 -62.37
N GLU A 1052 -1.49 54.15 -61.25
CA GLU A 1052 -1.75 55.50 -60.80
C GLU A 1052 -1.01 56.51 -61.67
N LYS A 1053 -1.55 57.73 -61.71
CA LYS A 1053 -0.94 58.82 -62.47
C LYS A 1053 -0.97 60.08 -61.63
N ASN A 1054 0.07 60.90 -61.77
CA ASN A 1054 0.20 62.12 -60.99
C ASN A 1054 -0.68 63.23 -61.56
N PHE A 1055 -1.33 63.97 -60.67
CA PHE A 1055 -2.20 65.07 -61.07
C PHE A 1055 -2.12 66.17 -60.01
N THR A 1056 -2.53 67.37 -60.41
CA THR A 1056 -2.56 68.53 -59.52
C THR A 1056 -4.00 68.79 -59.08
N THR A 1057 -4.21 68.88 -57.77
CA THR A 1057 -5.54 69.03 -57.20
C THR A 1057 -5.69 70.39 -56.54
N ALA A 1058 -6.93 70.84 -56.42
CA ALA A 1058 -7.29 72.08 -55.76
C ALA A 1058 -8.48 71.83 -54.85
N PRO A 1059 -8.55 72.52 -53.70
CA PRO A 1059 -9.72 72.34 -52.82
C PRO A 1059 -11.02 72.79 -53.45
N ALA A 1060 -11.01 73.83 -54.28
CA ALA A 1060 -12.23 74.35 -54.89
C ALA A 1060 -11.83 75.17 -56.11
N ILE A 1061 -12.83 75.78 -56.74
CA ILE A 1061 -12.64 76.64 -57.90
C ILE A 1061 -13.33 77.97 -57.63
N CYS A 1062 -12.57 79.06 -57.74
CA CYS A 1062 -13.10 80.41 -57.53
C CYS A 1062 -13.53 80.98 -58.88
N HIS A 1063 -14.84 81.03 -59.11
CA HIS A 1063 -15.40 81.56 -60.35
C HIS A 1063 -16.42 82.64 -60.01
N ASP A 1064 -16.22 83.84 -60.58
CA ASP A 1064 -17.10 84.99 -60.39
C ASP A 1064 -17.26 85.33 -58.90
N GLY A 1065 -16.17 85.21 -58.15
CA GLY A 1065 -16.20 85.52 -56.73
C GLY A 1065 -16.85 84.47 -55.87
N LYS A 1066 -17.15 83.29 -56.41
CA LYS A 1066 -17.81 82.23 -55.67
C LYS A 1066 -16.98 80.96 -55.74
N ALA A 1067 -17.01 80.18 -54.67
CA ALA A 1067 -16.25 78.93 -54.58
C ALA A 1067 -17.15 77.76 -54.92
N HIS A 1068 -16.66 76.88 -55.80
CA HIS A 1068 -17.40 75.71 -56.26
C HIS A 1068 -16.74 74.46 -55.71
N PHE A 1069 -17.52 73.63 -55.03
CA PHE A 1069 -17.03 72.38 -54.46
C PHE A 1069 -17.71 71.19 -55.15
N PRO A 1070 -16.95 70.15 -55.48
CA PRO A 1070 -17.57 68.99 -56.15
C PRO A 1070 -18.52 68.24 -55.22
N ARG A 1071 -19.60 67.74 -55.80
CA ARG A 1071 -20.57 66.98 -55.01
C ARG A 1071 -20.04 65.61 -54.65
N GLU A 1072 -19.44 64.91 -55.62
CA GLU A 1072 -18.90 63.58 -55.37
C GLU A 1072 -17.51 63.34 -55.96
N GLY A 1073 -17.00 64.22 -56.82
CA GLY A 1073 -15.72 64.02 -57.44
C GLY A 1073 -14.61 64.84 -56.79
N VAL A 1074 -13.48 64.92 -57.47
CA VAL A 1074 -12.32 65.69 -57.03
C VAL A 1074 -11.74 66.41 -58.24
N PHE A 1075 -11.34 67.67 -58.04
CA PHE A 1075 -10.73 68.44 -59.11
C PHE A 1075 -9.28 68.02 -59.31
N VAL A 1076 -8.94 67.65 -60.55
CA VAL A 1076 -7.59 67.24 -60.90
C VAL A 1076 -7.14 68.05 -62.12
N SER A 1077 -5.82 68.13 -62.28
CA SER A 1077 -5.23 68.86 -63.40
C SER A 1077 -4.04 68.10 -63.95
N ASN A 1078 -3.91 68.08 -65.27
CA ASN A 1078 -2.80 67.43 -65.94
C ASN A 1078 -1.68 68.39 -66.32
N GLY A 1079 -1.83 69.68 -66.00
CA GLY A 1079 -0.79 70.64 -66.26
C GLY A 1079 -1.28 71.94 -66.86
N THR A 1080 -2.33 71.88 -67.69
CA THR A 1080 -2.91 73.08 -68.28
C THR A 1080 -4.43 73.12 -68.26
N HIS A 1081 -5.12 72.01 -67.97
CA HIS A 1081 -6.56 71.99 -67.91
C HIS A 1081 -7.00 71.25 -66.65
N TRP A 1082 -8.17 71.62 -66.13
CA TRP A 1082 -8.72 71.03 -64.92
C TRP A 1082 -9.94 70.18 -65.27
N PHE A 1083 -10.11 69.08 -64.55
CA PHE A 1083 -11.23 68.18 -64.76
C PHE A 1083 -11.63 67.57 -63.42
N VAL A 1084 -12.85 67.06 -63.38
CA VAL A 1084 -13.38 66.37 -62.20
C VAL A 1084 -13.38 64.87 -62.48
N THR A 1085 -12.91 64.09 -61.51
CA THR A 1085 -12.76 62.65 -61.67
C THR A 1085 -13.34 61.93 -60.46
N GLN A 1086 -13.66 60.66 -60.66
CA GLN A 1086 -14.17 59.84 -59.57
C GLN A 1086 -13.07 59.52 -58.57
N ARG A 1087 -13.48 59.06 -57.39
CA ARG A 1087 -12.55 58.79 -56.31
C ARG A 1087 -11.77 57.49 -56.49
N ASN A 1088 -12.19 56.62 -57.43
CA ASN A 1088 -11.50 55.37 -57.66
C ASN A 1088 -11.06 55.15 -59.10
N PHE A 1089 -11.54 55.95 -60.04
CA PHE A 1089 -11.17 55.79 -61.45
C PHE A 1089 -10.90 57.15 -62.06
N TYR A 1090 -10.08 57.15 -63.11
CA TYR A 1090 -9.73 58.38 -63.82
C TYR A 1090 -10.66 58.55 -65.02
N GLU A 1091 -11.44 59.62 -65.01
CA GLU A 1091 -12.36 59.94 -66.10
C GLU A 1091 -12.58 61.45 -66.12
N PRO A 1092 -11.89 62.17 -67.00
CA PRO A 1092 -12.00 63.63 -66.99
C PRO A 1092 -13.35 64.11 -67.49
N GLN A 1093 -13.91 65.09 -66.80
CA GLN A 1093 -15.18 65.71 -67.17
C GLN A 1093 -15.07 67.21 -67.02
N ILE A 1094 -15.87 67.93 -67.82
CA ILE A 1094 -15.90 69.39 -67.74
C ILE A 1094 -16.60 69.81 -66.47
N ILE A 1095 -16.03 70.79 -65.78
CA ILE A 1095 -16.61 71.31 -64.54
C ILE A 1095 -17.88 72.07 -64.88
N THR A 1096 -19.01 71.61 -64.36
CA THR A 1096 -20.31 72.22 -64.62
C THR A 1096 -21.00 72.50 -63.29
N THR A 1097 -22.22 73.03 -63.37
CA THR A 1097 -22.98 73.39 -62.18
C THR A 1097 -23.83 72.24 -61.64
N ASP A 1098 -23.98 71.15 -62.39
CA ASP A 1098 -24.80 70.04 -61.91
C ASP A 1098 -24.07 69.21 -60.86
N ASN A 1099 -22.76 69.03 -61.02
CA ASN A 1099 -21.96 68.23 -60.09
C ASN A 1099 -21.23 69.08 -59.06
N THR A 1100 -21.48 70.39 -59.04
CA THR A 1100 -20.83 71.29 -58.10
C THR A 1100 -21.87 72.15 -57.40
N PHE A 1101 -21.56 72.55 -56.17
CA PHE A 1101 -22.43 73.41 -55.38
C PHE A 1101 -21.63 74.60 -54.88
N VAL A 1102 -22.33 75.72 -54.68
CA VAL A 1102 -21.71 76.98 -54.28
C VAL A 1102 -22.06 77.24 -52.82
N SER A 1103 -21.04 77.49 -52.00
CA SER A 1103 -21.22 77.79 -50.58
C SER A 1103 -20.15 78.80 -50.18
N GLY A 1104 -20.52 80.08 -50.13
CA GLY A 1104 -19.61 81.12 -49.73
C GLY A 1104 -18.73 81.60 -50.87
N ASN A 1105 -17.83 82.53 -50.52
CA ASN A 1105 -16.91 83.13 -51.47
C ASN A 1105 -15.63 82.30 -51.53
N CYS A 1106 -14.62 82.80 -52.27
CA CYS A 1106 -13.41 82.04 -52.55
C CYS A 1106 -12.17 82.62 -51.87
N ASP A 1107 -12.34 83.52 -50.90
CA ASP A 1107 -11.18 84.10 -50.22
C ASP A 1107 -10.93 83.50 -48.84
N VAL A 1108 -11.96 82.95 -48.19
CA VAL A 1108 -11.76 82.33 -46.87
C VAL A 1108 -11.03 81.00 -47.00
N VAL A 1109 -11.15 80.33 -48.14
CA VAL A 1109 -10.48 79.05 -48.35
C VAL A 1109 -9.00 79.29 -48.63
N ILE A 1110 -8.21 78.23 -48.45
CA ILE A 1110 -6.76 78.27 -48.64
C ILE A 1110 -6.38 77.31 -49.75
N GLY A 1111 -5.60 77.80 -50.71
CA GLY A 1111 -5.12 76.98 -51.80
C GLY A 1111 -6.00 76.94 -53.03
N ILE A 1112 -6.99 77.82 -53.13
CA ILE A 1112 -7.87 77.81 -54.30
C ILE A 1112 -7.15 78.40 -55.51
N VAL A 1113 -7.59 77.97 -56.70
CA VAL A 1113 -6.98 78.43 -57.95
C VAL A 1113 -8.04 79.09 -58.81
N ASN A 1114 -7.64 79.53 -60.00
CA ASN A 1114 -8.53 80.22 -60.94
C ASN A 1114 -8.97 79.27 -62.05
N ASN A 1115 -10.27 79.21 -62.30
CA ASN A 1115 -10.81 78.52 -63.46
C ASN A 1115 -12.23 78.99 -63.70
N THR A 1116 -12.63 79.02 -64.97
CA THR A 1116 -14.00 79.33 -65.34
C THR A 1116 -14.86 78.07 -65.26
N VAL A 1117 -16.16 78.29 -65.07
CA VAL A 1117 -17.13 77.20 -64.96
C VAL A 1117 -18.04 77.27 -66.17
N TYR A 1118 -18.06 76.20 -66.96
CA TYR A 1118 -18.93 76.13 -68.13
C TYR A 1118 -20.37 75.93 -67.71
N ASP A 1119 -21.27 76.72 -68.28
CA ASP A 1119 -22.69 76.63 -67.96
C ASP A 1119 -23.39 75.76 -68.98
N PRO A 1120 -23.97 74.62 -68.59
CA PRO A 1120 -24.69 73.77 -69.56
C PRO A 1120 -26.01 74.36 -70.02
N LEU A 1121 -26.47 75.47 -69.44
CA LEU A 1121 -27.73 76.09 -69.80
C LEU A 1121 -27.57 77.33 -70.66
N GLN A 1122 -26.41 78.00 -70.59
CA GLN A 1122 -26.22 79.26 -71.31
C GLN A 1122 -26.32 79.16 -72.83
N PRO A 1123 -25.67 78.21 -73.52
CA PRO A 1123 -25.77 78.20 -75.00
C PRO A 1123 -27.16 77.92 -75.53
N GLU A 1124 -28.07 77.38 -74.72
CA GLU A 1124 -29.43 77.14 -75.18
C GLU A 1124 -30.17 78.44 -75.46
N LEU A 1125 -30.02 79.43 -74.57
CA LEU A 1125 -30.65 80.74 -74.78
C LEU A 1125 -29.69 81.77 -75.34
N ASP A 1126 -28.42 81.41 -75.56
CA ASP A 1126 -27.50 82.34 -76.23
C ASP A 1126 -27.89 82.55 -77.68
N SER A 1127 -28.38 81.52 -78.36
CA SER A 1127 -28.79 81.62 -79.75
C SER A 1127 -30.25 82.08 -79.86
N GLN B 1 -43.74 -38.71 12.91
CA GLN B 1 -45.02 -39.29 12.51
C GLN B 1 -45.72 -38.41 11.48
N CYS B 2 -45.98 -38.99 10.30
CA CYS B 2 -46.65 -38.28 9.22
C CYS B 2 -47.62 -39.23 8.52
N VAL B 3 -48.62 -38.65 7.87
CA VAL B 3 -49.65 -39.39 7.17
C VAL B 3 -49.52 -39.09 5.68
N ASN B 4 -49.38 -40.14 4.87
CA ASN B 4 -49.26 -39.96 3.43
C ASN B 4 -50.60 -39.52 2.83
N LEU B 5 -50.51 -38.78 1.73
CA LEU B 5 -51.66 -38.25 1.02
C LEU B 5 -51.75 -38.87 -0.36
N THR B 6 -52.91 -39.40 -0.71
CA THR B 6 -53.12 -40.06 -1.99
C THR B 6 -54.32 -39.51 -2.76
N THR B 7 -54.93 -38.42 -2.28
CA THR B 7 -56.08 -37.81 -2.94
C THR B 7 -55.70 -36.58 -3.76
N ARG B 8 -54.40 -36.35 -3.97
CA ARG B 8 -53.96 -35.18 -4.73
C ARG B 8 -54.36 -35.30 -6.19
N THR B 9 -54.79 -34.19 -6.77
CA THR B 9 -55.20 -34.13 -8.17
C THR B 9 -54.07 -33.51 -9.00
N GLN B 10 -53.76 -34.15 -10.12
CA GLN B 10 -52.68 -33.69 -10.99
C GLN B 10 -53.11 -32.43 -11.72
N LEU B 11 -52.36 -31.34 -11.55
CA LEU B 11 -52.68 -30.07 -12.18
C LEU B 11 -51.41 -29.24 -12.31
N PRO B 12 -51.00 -28.91 -13.55
CA PRO B 12 -49.76 -28.14 -13.72
C PRO B 12 -49.90 -26.74 -13.15
N PRO B 13 -48.83 -26.17 -12.61
CA PRO B 13 -48.91 -24.85 -11.99
C PRO B 13 -49.25 -23.76 -13.01
N ALA B 14 -50.03 -22.78 -12.56
CA ALA B 14 -50.44 -21.67 -13.40
C ALA B 14 -49.48 -20.49 -13.23
N TYR B 15 -49.58 -19.52 -14.13
CA TYR B 15 -48.71 -18.35 -14.13
C TYR B 15 -49.56 -17.10 -14.30
N THR B 16 -49.28 -16.08 -13.49
CA THR B 16 -49.93 -14.77 -13.59
C THR B 16 -48.86 -13.70 -13.62
N ASN B 17 -49.28 -12.44 -13.69
CA ASN B 17 -48.37 -11.32 -13.88
C ASN B 17 -47.98 -10.70 -12.55
N SER B 18 -46.95 -9.86 -12.61
CA SER B 18 -46.31 -9.23 -11.45
C SER B 18 -46.07 -7.74 -11.72
N PHE B 19 -47.15 -7.05 -12.12
CA PHE B 19 -47.08 -5.67 -12.62
C PHE B 19 -46.27 -4.74 -11.72
N THR B 20 -46.73 -4.55 -10.48
CA THR B 20 -46.12 -3.59 -9.56
C THR B 20 -45.93 -4.24 -8.18
N ARG B 21 -45.36 -5.44 -8.17
CA ARG B 21 -45.12 -6.16 -6.94
C ARG B 21 -43.64 -6.56 -6.85
N GLY B 22 -43.16 -6.70 -5.63
CA GLY B 22 -41.79 -7.12 -5.40
C GLY B 22 -40.80 -5.99 -5.19
N VAL B 23 -41.17 -5.04 -4.32
CA VAL B 23 -40.30 -3.92 -3.99
C VAL B 23 -40.27 -3.76 -2.47
N TYR B 24 -39.10 -3.46 -1.93
CA TYR B 24 -38.94 -3.24 -0.50
C TYR B 24 -37.85 -2.20 -0.29
N TYR B 25 -37.58 -1.89 0.98
CA TYR B 25 -36.53 -0.93 1.31
C TYR B 25 -35.17 -1.56 1.10
N PRO B 26 -34.30 -0.97 0.28
CA PRO B 26 -32.95 -1.54 0.10
C PRO B 26 -32.11 -1.54 1.37
N ASP B 27 -32.31 -0.55 2.23
CA ASP B 27 -31.57 -0.47 3.49
C ASP B 27 -32.48 0.13 4.56
N LYS B 28 -32.02 0.04 5.80
CA LYS B 28 -32.79 0.56 6.93
C LYS B 28 -32.67 2.08 7.07
N VAL B 29 -31.83 2.74 6.27
CA VAL B 29 -31.72 4.18 6.31
C VAL B 29 -32.96 4.81 5.69
N PHE B 30 -33.36 5.96 6.23
CA PHE B 30 -34.54 6.67 5.76
C PHE B 30 -34.13 7.87 4.93
N ARG B 31 -34.75 8.03 3.76
CA ARG B 31 -34.50 9.15 2.86
C ARG B 31 -35.83 9.76 2.46
N SER B 32 -35.80 11.07 2.21
CA SER B 32 -37.02 11.81 1.88
C SER B 32 -36.77 12.76 0.72
N SER B 33 -37.70 12.78 -0.23
CA SER B 33 -37.72 13.71 -1.36
C SER B 33 -36.44 13.62 -2.20
N VAL B 34 -35.91 12.40 -2.36
CA VAL B 34 -34.72 12.16 -3.16
C VAL B 34 -34.98 10.95 -4.06
N LEU B 35 -34.16 10.84 -5.10
CA LEU B 35 -34.19 9.70 -6.02
C LEU B 35 -32.81 9.05 -5.98
N HIS B 36 -32.74 7.85 -5.40
CA HIS B 36 -31.49 7.15 -5.20
C HIS B 36 -31.51 5.81 -5.94
N SER B 37 -30.32 5.38 -6.37
CA SER B 37 -30.15 4.13 -7.10
C SER B 37 -29.38 3.15 -6.24
N THR B 38 -29.95 1.97 -6.01
CA THR B 38 -29.33 0.92 -5.21
C THR B 38 -29.34 -0.38 -5.98
N GLN B 39 -28.20 -1.08 -5.99
CA GLN B 39 -28.08 -2.37 -6.66
C GLN B 39 -28.30 -3.47 -5.63
N ASP B 40 -29.39 -4.22 -5.77
CA ASP B 40 -29.73 -5.26 -4.82
C ASP B 40 -30.65 -6.26 -5.51
N LEU B 41 -30.77 -7.43 -4.89
CA LEU B 41 -31.64 -8.49 -5.42
C LEU B 41 -33.10 -8.07 -5.29
N PHE B 42 -33.85 -8.20 -6.38
CA PHE B 42 -35.23 -7.74 -6.42
C PHE B 42 -36.01 -8.57 -7.44
N LEU B 43 -37.33 -8.59 -7.27
CA LEU B 43 -38.20 -9.24 -8.24
C LEU B 43 -38.40 -8.34 -9.44
N PRO B 44 -38.06 -8.77 -10.65
CA PRO B 44 -38.27 -7.93 -11.83
C PRO B 44 -39.76 -7.71 -12.12
N PHE B 45 -40.04 -6.55 -12.69
CA PHE B 45 -41.42 -6.21 -13.05
C PHE B 45 -41.80 -6.87 -14.37
N PHE B 46 -43.11 -7.12 -14.52
CA PHE B 46 -43.70 -7.74 -15.72
C PHE B 46 -43.06 -9.10 -16.01
N SER B 47 -43.16 -10.00 -15.04
CA SER B 47 -42.63 -11.35 -15.16
C SER B 47 -43.62 -12.34 -14.56
N ASN B 48 -43.46 -13.61 -14.95
CA ASN B 48 -44.26 -14.67 -14.34
C ASN B 48 -43.97 -14.82 -12.86
N VAL B 49 -45.04 -15.07 -12.10
CA VAL B 49 -44.95 -15.54 -10.72
C VAL B 49 -45.85 -16.78 -10.63
N THR B 50 -45.36 -17.83 -9.99
CA THR B 50 -46.03 -19.12 -10.02
C THR B 50 -47.30 -19.10 -9.17
N TRP B 51 -48.37 -19.70 -9.71
CA TRP B 51 -49.68 -19.71 -9.07
C TRP B 51 -49.99 -21.13 -8.58
N PHE B 52 -50.32 -21.25 -7.30
CA PHE B 52 -50.81 -22.48 -6.72
C PHE B 52 -52.13 -22.19 -6.02
N HIS B 53 -53.16 -22.99 -6.31
CA HIS B 53 -54.48 -22.81 -5.73
C HIS B 53 -54.83 -24.02 -4.87
N VAL B 54 -55.33 -23.76 -3.67
CA VAL B 54 -55.70 -24.81 -2.72
C VAL B 54 -57.19 -24.69 -2.45
N ILE B 55 -57.91 -25.80 -2.66
CA ILE B 55 -59.35 -25.83 -2.41
C ILE B 55 -59.77 -27.22 -1.94
N LYS B 62 -61.11 -29.93 -4.42
CA LYS B 62 -60.14 -30.48 -3.48
C LYS B 62 -58.74 -30.52 -4.10
N ARG B 63 -57.98 -29.44 -3.89
CA ARG B 63 -56.62 -29.33 -4.43
C ARG B 63 -55.65 -29.21 -3.27
N PHE B 64 -54.57 -29.99 -3.33
CA PHE B 64 -53.51 -30.00 -2.32
C PHE B 64 -52.19 -29.78 -3.05
N ASP B 65 -51.78 -28.53 -3.17
CA ASP B 65 -50.57 -28.15 -3.89
C ASP B 65 -49.50 -27.76 -2.87
N ASN B 66 -48.62 -28.72 -2.55
CA ASN B 66 -47.47 -28.49 -1.67
C ASN B 66 -46.22 -29.05 -2.35
N PRO B 67 -45.70 -28.37 -3.36
CA PRO B 67 -44.52 -28.86 -4.08
C PRO B 67 -43.23 -28.41 -3.41
N VAL B 68 -42.13 -29.02 -3.85
CA VAL B 68 -40.79 -28.70 -3.38
C VAL B 68 -40.04 -28.05 -4.54
N LEU B 69 -39.55 -26.83 -4.32
CA LEU B 69 -38.83 -26.09 -5.36
C LEU B 69 -37.45 -25.70 -4.85
N PRO B 70 -36.44 -25.69 -5.72
CA PRO B 70 -35.09 -25.30 -5.30
C PRO B 70 -35.01 -23.82 -4.97
N PHE B 71 -34.08 -23.50 -4.07
CA PHE B 71 -33.82 -22.12 -3.63
C PHE B 71 -32.48 -21.69 -4.21
N ASN B 72 -32.51 -21.18 -5.44
CA ASN B 72 -31.29 -20.71 -6.07
C ASN B 72 -30.97 -19.27 -5.66
N ASP B 73 -31.99 -18.44 -5.52
CA ASP B 73 -31.84 -17.06 -5.08
C ASP B 73 -33.01 -16.72 -4.16
N GLY B 74 -33.18 -15.44 -3.87
CA GLY B 74 -34.28 -15.01 -3.03
C GLY B 74 -35.62 -15.22 -3.70
N VAL B 75 -36.65 -15.41 -2.87
CA VAL B 75 -37.99 -15.69 -3.36
C VAL B 75 -38.96 -14.66 -2.80
N TYR B 76 -40.03 -14.41 -3.54
CA TYR B 76 -41.07 -13.47 -3.16
C TYR B 76 -42.37 -14.25 -2.99
N PHE B 77 -42.95 -14.20 -1.80
CA PHE B 77 -44.13 -14.98 -1.45
C PHE B 77 -45.31 -14.05 -1.23
N ALA B 78 -46.29 -14.13 -2.13
CA ALA B 78 -47.54 -13.39 -2.01
C ALA B 78 -48.69 -14.38 -1.84
N SER B 79 -49.59 -14.08 -0.92
CA SER B 79 -50.70 -14.98 -0.61
C SER B 79 -51.97 -14.17 -0.43
N ILE B 80 -53.00 -14.52 -1.21
CA ILE B 80 -54.35 -13.98 -1.00
C ILE B 80 -55.00 -14.94 0.00
N GLU B 81 -54.76 -14.69 1.27
CA GLU B 81 -55.07 -15.64 2.34
C GLU B 81 -56.24 -15.11 3.17
N LYS B 82 -57.20 -15.98 3.45
CA LYS B 82 -58.35 -15.67 4.28
C LYS B 82 -58.41 -16.65 5.45
N SER B 83 -58.78 -16.12 6.63
CA SER B 83 -58.96 -16.89 7.85
C SER B 83 -57.68 -17.59 8.32
N ASN B 84 -56.51 -17.08 7.90
CA ASN B 84 -55.20 -17.53 8.38
C ASN B 84 -54.99 -19.02 8.12
N ILE B 85 -54.95 -19.37 6.84
CA ILE B 85 -54.72 -20.77 6.46
C ILE B 85 -53.23 -21.10 6.45
N ILE B 86 -52.43 -20.29 5.78
CA ILE B 86 -50.99 -20.54 5.70
C ILE B 86 -50.35 -20.22 7.03
N ARG B 87 -49.53 -21.15 7.53
CA ARG B 87 -48.89 -21.01 8.84
C ARG B 87 -47.40 -20.73 8.76
N GLY B 88 -46.68 -21.33 7.82
CA GLY B 88 -45.25 -21.12 7.75
C GLY B 88 -44.66 -21.83 6.55
N TRP B 89 -43.32 -21.85 6.53
CA TRP B 89 -42.58 -22.46 5.43
C TRP B 89 -41.44 -23.29 6.01
N ILE B 90 -40.96 -24.24 5.20
CA ILE B 90 -39.86 -25.13 5.56
C ILE B 90 -38.73 -24.88 4.56
N PHE B 91 -37.54 -24.55 5.09
CA PHE B 91 -36.38 -24.28 4.27
C PHE B 91 -35.25 -25.22 4.66
N GLY B 92 -34.60 -25.82 3.66
CA GLY B 92 -33.49 -26.71 3.92
C GLY B 92 -32.94 -27.25 2.62
N THR B 93 -31.67 -27.67 2.68
CA THR B 93 -31.00 -28.16 1.48
C THR B 93 -31.58 -29.50 1.03
N THR B 94 -31.70 -30.45 1.96
CA THR B 94 -32.22 -31.77 1.64
C THR B 94 -33.37 -32.23 2.52
N LEU B 95 -33.71 -31.48 3.57
CA LEU B 95 -34.83 -31.78 4.48
C LEU B 95 -34.66 -33.14 5.13
N ASP B 96 -33.55 -33.30 5.85
CA ASP B 96 -33.25 -34.53 6.58
C ASP B 96 -32.35 -34.20 7.75
N SER B 97 -32.01 -35.23 8.52
CA SER B 97 -31.15 -35.06 9.69
C SER B 97 -29.69 -34.88 9.32
N LYS B 98 -29.31 -35.12 8.06
CA LYS B 98 -27.93 -34.95 7.64
C LYS B 98 -27.55 -33.49 7.42
N THR B 99 -28.52 -32.59 7.42
CA THR B 99 -28.26 -31.17 7.18
C THR B 99 -29.03 -30.33 8.19
N GLN B 100 -28.74 -29.04 8.19
CA GLN B 100 -29.40 -28.07 9.06
C GLN B 100 -30.46 -27.34 8.25
N SER B 101 -31.71 -27.39 8.72
CA SER B 101 -32.84 -26.87 7.97
C SER B 101 -33.69 -25.98 8.86
N LEU B 102 -34.28 -24.95 8.24
CA LEU B 102 -35.14 -24.01 8.95
C LEU B 102 -36.52 -24.60 9.20
N LEU B 103 -37.26 -23.96 10.09
CA LEU B 103 -38.62 -24.39 10.42
C LEU B 103 -39.35 -23.18 11.00
N ILE B 104 -40.39 -22.71 10.30
CA ILE B 104 -41.21 -21.60 10.74
C ILE B 104 -42.62 -22.13 10.96
N VAL B 105 -43.11 -22.04 12.20
CA VAL B 105 -44.44 -22.52 12.56
C VAL B 105 -45.13 -21.42 13.36
N ASN B 106 -46.33 -21.03 12.92
CA ASN B 106 -47.15 -20.03 13.60
C ASN B 106 -48.43 -20.72 14.04
N ASN B 107 -48.50 -21.10 15.32
CA ASN B 107 -49.68 -21.73 15.86
C ASN B 107 -50.66 -20.66 16.35
N ALA B 108 -51.68 -21.08 17.11
CA ALA B 108 -52.75 -20.18 17.52
C ALA B 108 -52.33 -19.17 18.59
N THR B 109 -51.14 -19.31 19.17
CA THR B 109 -50.71 -18.45 20.27
C THR B 109 -49.61 -17.48 19.88
N ASN B 110 -48.50 -17.98 19.34
CA ASN B 110 -47.34 -17.13 19.07
C ASN B 110 -46.64 -17.64 17.81
N VAL B 111 -45.44 -17.13 17.57
CA VAL B 111 -44.61 -17.54 16.44
C VAL B 111 -43.27 -18.02 16.98
N VAL B 112 -42.89 -19.23 16.59
CA VAL B 112 -41.63 -19.84 17.02
C VAL B 112 -40.76 -20.11 15.80
N ILE B 113 -39.50 -19.73 15.89
CA ILE B 113 -38.51 -19.97 14.84
C ILE B 113 -37.48 -20.92 15.42
N LYS B 114 -37.42 -22.14 14.89
CA LYS B 114 -36.48 -23.15 15.32
C LYS B 114 -35.74 -23.71 14.11
N VAL B 115 -34.44 -23.92 14.26
CA VAL B 115 -33.61 -24.48 13.21
C VAL B 115 -32.77 -25.63 13.81
N CYS B 116 -33.06 -26.85 13.36
CA CYS B 116 -32.39 -28.04 13.85
C CYS B 116 -32.29 -29.04 12.71
N GLU B 117 -31.82 -30.25 13.03
CA GLU B 117 -31.74 -31.35 12.07
C GLU B 117 -33.06 -32.12 12.06
N PHE B 118 -34.10 -31.46 11.55
CA PHE B 118 -35.43 -32.05 11.55
C PHE B 118 -35.54 -33.13 10.48
N GLN B 119 -36.06 -34.29 10.88
CA GLN B 119 -36.30 -35.40 9.94
C GLN B 119 -37.67 -35.18 9.28
N PHE B 120 -37.67 -34.33 8.26
CA PHE B 120 -38.90 -33.99 7.57
C PHE B 120 -39.41 -35.17 6.76
N CYS B 121 -40.74 -35.36 6.80
CA CYS B 121 -41.37 -36.44 6.06
C CYS B 121 -41.67 -36.00 4.64
N ASN B 122 -42.33 -36.88 3.88
CA ASN B 122 -42.65 -36.56 2.49
C ASN B 122 -43.73 -35.49 2.38
N ASP B 123 -44.71 -35.52 3.27
CA ASP B 123 -45.83 -34.59 3.25
C ASP B 123 -46.00 -33.97 4.63
N PRO B 124 -45.24 -32.92 4.95
CA PRO B 124 -45.46 -32.21 6.22
C PRO B 124 -46.54 -31.15 6.10
N PHE B 125 -47.48 -31.14 7.04
CA PHE B 125 -48.58 -30.19 7.02
C PHE B 125 -49.07 -29.96 8.45
N LEU B 126 -50.08 -29.12 8.59
CA LEU B 126 -50.66 -28.78 9.87
C LEU B 126 -52.14 -29.16 9.89
N ASP B 127 -52.66 -29.36 11.10
CA ASP B 127 -54.06 -29.69 11.28
C ASP B 127 -54.70 -28.84 12.37
N MET B 135 -60.32 -26.26 16.10
CA MET B 135 -59.12 -26.20 16.92
C MET B 135 -57.93 -26.82 16.21
N GLU B 136 -56.73 -26.58 16.73
CA GLU B 136 -55.50 -27.11 16.17
C GLU B 136 -54.73 -27.81 17.29
N SER B 137 -54.65 -29.14 17.20
CA SER B 137 -53.93 -29.92 18.22
C SER B 137 -53.12 -31.03 17.57
N GLU B 138 -52.70 -30.85 16.31
CA GLU B 138 -51.91 -31.85 15.60
C GLU B 138 -50.85 -31.13 14.78
N PHE B 139 -49.59 -31.47 15.02
CA PHE B 139 -48.45 -30.86 14.32
C PHE B 139 -47.57 -31.99 13.78
N ARG B 140 -47.89 -32.46 12.58
CA ARG B 140 -47.12 -33.51 11.92
C ARG B 140 -46.18 -32.85 10.90
N VAL B 141 -45.06 -32.33 11.40
CA VAL B 141 -44.07 -31.66 10.58
C VAL B 141 -42.73 -32.37 10.61
N TYR B 142 -42.32 -32.89 11.76
CA TYR B 142 -41.04 -33.58 11.88
C TYR B 142 -41.15 -34.68 12.93
N SER B 143 -40.24 -35.64 12.85
CA SER B 143 -40.22 -36.73 13.82
C SER B 143 -39.46 -36.33 15.09
N SER B 144 -38.18 -36.02 14.96
CA SER B 144 -37.35 -35.66 16.11
C SER B 144 -36.14 -34.88 15.63
N ALA B 145 -35.49 -34.21 16.58
CA ALA B 145 -34.25 -33.48 16.34
C ALA B 145 -33.22 -33.86 17.40
N ASN B 146 -31.95 -33.91 16.97
CA ASN B 146 -30.88 -34.37 17.84
C ASN B 146 -30.06 -33.23 18.46
N ASN B 147 -29.48 -32.36 17.64
CA ASN B 147 -28.58 -31.32 18.14
C ASN B 147 -28.81 -30.02 17.37
N CYS B 148 -29.07 -28.94 18.11
CA CYS B 148 -29.18 -27.62 17.54
C CYS B 148 -29.00 -26.57 18.63
N THR B 149 -28.72 -25.34 18.21
CA THR B 149 -28.35 -24.27 19.13
C THR B 149 -29.32 -23.09 19.08
N PHE B 150 -29.73 -22.66 17.89
CA PHE B 150 -30.48 -21.41 17.75
C PHE B 150 -31.98 -21.68 17.79
N GLU B 151 -32.67 -20.98 18.68
CA GLU B 151 -34.13 -21.00 18.76
C GLU B 151 -34.62 -19.58 19.02
N TYR B 152 -35.65 -19.17 18.30
CA TYR B 152 -36.18 -17.81 18.39
C TYR B 152 -37.69 -17.83 18.52
N VAL B 153 -38.22 -16.88 19.30
CA VAL B 153 -39.66 -16.69 19.47
C VAL B 153 -39.98 -15.26 19.07
N SER B 154 -40.97 -15.09 18.21
CA SER B 154 -41.32 -13.78 17.66
C SER B 154 -42.81 -13.52 17.84
N GLN B 155 -43.18 -12.25 17.66
CA GLN B 155 -44.56 -11.83 17.76
C GLN B 155 -45.38 -12.39 16.59
N PRO B 156 -46.69 -12.56 16.77
CA PRO B 156 -47.54 -13.04 15.67
C PRO B 156 -47.58 -12.03 14.52
N PHE B 157 -47.13 -12.48 13.34
CA PHE B 157 -47.08 -11.59 12.20
C PHE B 157 -48.47 -11.27 11.66
N LEU B 158 -49.37 -12.25 11.66
CA LEU B 158 -50.71 -12.06 11.14
C LEU B 158 -51.58 -11.31 12.15
N ASN B 167 -65.52 -14.07 0.37
CA ASN B 167 -64.71 -13.07 -0.33
C ASN B 167 -63.40 -12.82 0.41
N PHE B 168 -62.30 -12.80 -0.34
CA PHE B 168 -60.99 -12.55 0.26
C PHE B 168 -60.87 -11.10 0.71
N LYS B 169 -60.27 -10.90 1.88
CA LYS B 169 -60.12 -9.57 2.44
C LYS B 169 -58.71 -9.26 2.94
N ASN B 170 -57.80 -10.23 2.96
CA ASN B 170 -56.45 -10.01 3.45
C ASN B 170 -55.44 -10.47 2.41
N LEU B 171 -54.46 -9.62 2.13
CA LEU B 171 -53.37 -9.94 1.21
C LEU B 171 -52.05 -9.76 1.93
N ARG B 172 -51.23 -10.82 1.94
CA ARG B 172 -49.96 -10.83 2.65
C ARG B 172 -48.83 -11.09 1.65
N GLU B 173 -47.76 -10.31 1.76
CA GLU B 173 -46.59 -10.42 0.89
C GLU B 173 -45.35 -10.66 1.75
N PHE B 174 -44.55 -11.64 1.36
CA PHE B 174 -43.33 -11.99 2.07
C PHE B 174 -42.17 -12.14 1.10
N VAL B 175 -40.99 -11.72 1.52
CA VAL B 175 -39.77 -11.88 0.74
C VAL B 175 -38.71 -12.51 1.64
N PHE B 176 -38.15 -13.63 1.19
CA PHE B 176 -37.11 -14.34 1.93
C PHE B 176 -35.79 -14.18 1.20
N LYS B 177 -34.77 -13.70 1.91
CA LYS B 177 -33.46 -13.47 1.34
C LYS B 177 -32.39 -14.10 2.22
N ASN B 178 -31.35 -14.62 1.59
CA ASN B 178 -30.21 -15.23 2.28
C ASN B 178 -28.93 -14.64 1.69
N ILE B 179 -28.49 -13.50 2.22
CA ILE B 179 -27.26 -12.85 1.81
C ILE B 179 -26.43 -12.55 3.06
N ASP B 180 -25.11 -12.75 2.94
CA ASP B 180 -24.15 -12.55 4.03
C ASP B 180 -24.49 -13.37 5.27
N GLY B 181 -25.11 -14.53 5.06
CA GLY B 181 -25.52 -15.37 6.18
C GLY B 181 -26.67 -14.81 6.99
N TYR B 182 -27.46 -13.90 6.42
CA TYR B 182 -28.56 -13.26 7.12
C TYR B 182 -29.88 -13.65 6.45
N PHE B 183 -30.85 -14.03 7.27
CA PHE B 183 -32.19 -14.37 6.80
C PHE B 183 -33.06 -13.12 6.94
N LYS B 184 -33.10 -12.31 5.89
CA LYS B 184 -33.86 -11.07 5.89
C LYS B 184 -35.30 -11.38 5.46
N ILE B 185 -36.15 -11.65 6.44
CA ILE B 185 -37.56 -11.92 6.19
C ILE B 185 -38.34 -10.62 6.28
N TYR B 186 -39.26 -10.43 5.33
CA TYR B 186 -40.04 -9.20 5.22
C TYR B 186 -41.53 -9.55 5.27
N SER B 187 -42.30 -8.71 5.95
CA SER B 187 -43.73 -8.94 6.12
C SER B 187 -44.50 -7.66 5.83
N LYS B 188 -45.69 -7.82 5.24
CA LYS B 188 -46.59 -6.71 4.98
C LYS B 188 -48.00 -7.26 4.80
N HIS B 189 -48.97 -6.63 5.44
CA HIS B 189 -50.37 -7.03 5.34
C HIS B 189 -51.21 -5.84 4.93
N THR B 190 -52.05 -6.02 3.92
CA THR B 190 -52.93 -4.98 3.42
C THR B 190 -54.33 -5.54 3.21
N PRO B 191 -55.36 -4.72 3.44
CA PRO B 191 -56.74 -5.18 3.19
C PRO B 191 -57.13 -4.98 1.73
N ILE B 192 -57.87 -5.97 1.21
CA ILE B 192 -58.34 -5.92 -0.17
C ILE B 192 -59.85 -6.11 -0.21
N ASP B 199 -57.25 -12.95 -9.05
CA ASP B 199 -55.92 -12.69 -9.56
C ASP B 199 -55.18 -11.69 -8.68
N LEU B 200 -53.94 -11.39 -9.03
CA LEU B 200 -53.13 -10.45 -8.27
C LEU B 200 -53.61 -9.03 -8.54
N PRO B 201 -54.00 -8.27 -7.51
CA PRO B 201 -54.40 -6.87 -7.73
C PRO B 201 -53.22 -6.01 -8.15
N GLN B 202 -53.53 -4.96 -8.91
CA GLN B 202 -52.52 -4.04 -9.41
C GLN B 202 -52.45 -2.83 -8.49
N GLY B 203 -51.28 -2.58 -7.92
CA GLY B 203 -51.11 -1.45 -7.02
C GLY B 203 -49.71 -1.45 -6.45
N PHE B 204 -49.46 -0.45 -5.61
CA PHE B 204 -48.16 -0.28 -4.96
C PHE B 204 -48.32 -0.43 -3.46
N SER B 205 -47.44 -1.21 -2.85
CA SER B 205 -47.46 -1.45 -1.41
C SER B 205 -46.02 -1.53 -0.91
N ALA B 206 -45.68 -0.67 0.03
CA ALA B 206 -44.34 -0.68 0.61
C ALA B 206 -44.15 -1.90 1.49
N LEU B 207 -42.93 -2.44 1.48
CA LEU B 207 -42.57 -3.64 2.23
C LEU B 207 -41.46 -3.27 3.21
N GLU B 208 -41.85 -2.95 4.44
CA GLU B 208 -40.90 -2.60 5.49
C GLU B 208 -40.20 -3.84 6.02
N PRO B 209 -38.93 -3.72 6.40
CA PRO B 209 -38.22 -4.86 7.00
C PRO B 209 -38.80 -5.19 8.38
N LEU B 210 -38.81 -6.50 8.69
CA LEU B 210 -39.37 -6.98 9.95
C LEU B 210 -38.31 -7.62 10.84
N VAL B 211 -37.62 -8.65 10.37
CA VAL B 211 -36.66 -9.39 11.19
C VAL B 211 -35.44 -9.70 10.34
N ASP B 212 -34.25 -9.37 10.85
CA ASP B 212 -32.97 -9.71 10.23
C ASP B 212 -32.34 -10.81 11.08
N LEU B 213 -32.59 -12.05 10.70
CA LEU B 213 -32.14 -13.20 11.48
C LEU B 213 -30.80 -13.71 10.94
N PRO B 214 -29.73 -13.68 11.73
CA PRO B 214 -28.42 -14.19 11.28
C PRO B 214 -28.28 -15.70 11.42
N ILE B 215 -28.81 -16.43 10.43
CA ILE B 215 -28.79 -17.88 10.50
C ILE B 215 -27.44 -18.45 10.04
N GLY B 216 -26.94 -17.97 8.89
CA GLY B 216 -25.65 -18.38 8.38
C GLY B 216 -25.52 -19.86 8.05
N ILE B 217 -26.49 -20.43 7.35
CA ILE B 217 -26.45 -21.82 6.92
C ILE B 217 -26.71 -21.90 5.43
N ASN B 218 -26.48 -23.08 4.87
CA ASN B 218 -26.74 -23.33 3.46
C ASN B 218 -28.22 -23.60 3.24
N ILE B 219 -28.80 -22.94 2.24
CA ILE B 219 -30.21 -23.15 1.86
C ILE B 219 -30.26 -23.23 0.34
N THR B 220 -30.74 -24.36 -0.18
CA THR B 220 -30.88 -24.53 -1.63
C THR B 220 -32.22 -25.13 -2.03
N ARG B 221 -33.14 -25.29 -1.09
CA ARG B 221 -34.48 -25.80 -1.40
C ARG B 221 -35.44 -25.31 -0.33
N PHE B 222 -36.73 -25.33 -0.65
CA PHE B 222 -37.75 -24.87 0.28
C PHE B 222 -39.07 -25.55 -0.05
N GLN B 223 -39.98 -25.52 0.92
CA GLN B 223 -41.30 -26.13 0.77
C GLN B 223 -42.25 -25.45 1.76
N THR B 224 -43.39 -24.98 1.25
CA THR B 224 -44.35 -24.28 2.09
C THR B 224 -45.22 -25.28 2.86
N LEU B 225 -45.81 -24.79 3.95
CA LEU B 225 -46.66 -25.58 4.81
C LEU B 225 -48.11 -25.17 4.66
N LEU B 226 -49.02 -26.11 4.91
CA LEU B 226 -50.45 -25.89 4.78
C LEU B 226 -51.16 -26.45 6.00
N ALA B 227 -52.22 -25.77 6.43
CA ALA B 227 -53.04 -26.20 7.56
C ALA B 227 -54.36 -26.76 7.03
N LEU B 228 -54.72 -27.95 7.49
CA LEU B 228 -55.93 -28.63 7.05
C LEU B 228 -56.97 -28.61 8.17
N HIS B 229 -58.23 -28.70 7.77
CA HIS B 229 -59.37 -28.72 8.69
C HIS B 229 -60.04 -30.08 8.62
N ARG B 230 -60.39 -30.62 9.80
CA ARG B 230 -61.01 -31.93 9.91
C ARG B 230 -62.50 -31.75 10.23
N SER B 231 -63.34 -32.42 9.45
CA SER B 231 -64.79 -32.34 9.65
C SER B 231 -65.31 -33.59 10.34
N GLY B 241 -62.64 -37.40 6.09
CA GLY B 241 -61.32 -36.97 5.68
C GLY B 241 -60.98 -35.57 6.14
N TRP B 242 -60.48 -34.75 5.21
CA TRP B 242 -60.11 -33.37 5.49
C TRP B 242 -60.67 -32.46 4.40
N THR B 243 -61.04 -31.25 4.81
CA THR B 243 -61.59 -30.24 3.90
C THR B 243 -60.79 -28.96 4.04
N ALA B 244 -60.37 -28.40 2.91
CA ALA B 244 -59.59 -27.18 2.88
C ALA B 244 -60.34 -26.09 2.14
N GLY B 245 -60.30 -24.87 2.67
CA GLY B 245 -60.96 -23.74 2.06
C GLY B 245 -60.21 -23.21 0.86
N ALA B 246 -60.84 -22.23 0.19
CA ALA B 246 -60.24 -21.63 -0.99
C ALA B 246 -59.08 -20.73 -0.59
N ALA B 247 -57.91 -20.96 -1.20
CA ALA B 247 -56.72 -20.17 -0.93
C ALA B 247 -55.80 -20.22 -2.13
N ALA B 248 -54.91 -19.23 -2.22
CA ALA B 248 -53.95 -19.16 -3.30
C ALA B 248 -52.72 -18.40 -2.83
N TYR B 249 -51.54 -18.90 -3.21
CA TYR B 249 -50.29 -18.28 -2.85
C TYR B 249 -49.37 -18.23 -4.05
N TYR B 250 -48.44 -17.26 -4.04
CA TYR B 250 -47.53 -17.00 -5.14
C TYR B 250 -46.10 -17.19 -4.69
N VAL B 251 -45.25 -17.63 -5.61
CA VAL B 251 -43.81 -17.74 -5.37
C VAL B 251 -43.06 -17.28 -6.61
N GLY B 252 -42.02 -16.47 -6.41
CA GLY B 252 -41.24 -15.92 -7.50
C GLY B 252 -39.75 -15.95 -7.27
N TYR B 253 -38.99 -15.29 -8.15
CA TYR B 253 -37.54 -15.25 -8.08
C TYR B 253 -37.06 -13.81 -8.05
N LEU B 254 -35.86 -13.60 -7.51
CA LEU B 254 -35.28 -12.27 -7.35
C LEU B 254 -34.02 -12.15 -8.21
N GLN B 255 -33.83 -10.97 -8.78
CA GLN B 255 -32.70 -10.66 -9.66
C GLN B 255 -32.09 -9.32 -9.27
N PRO B 256 -30.80 -9.12 -9.54
CA PRO B 256 -30.16 -7.83 -9.24
C PRO B 256 -30.68 -6.74 -10.17
N ARG B 257 -31.26 -5.69 -9.58
CA ARG B 257 -31.78 -4.58 -10.35
C ARG B 257 -31.71 -3.31 -9.51
N THR B 258 -31.78 -2.16 -10.20
CA THR B 258 -31.70 -0.85 -9.57
C THR B 258 -33.01 -0.11 -9.76
N PHE B 259 -33.60 0.33 -8.64
CA PHE B 259 -34.85 1.08 -8.65
C PHE B 259 -34.62 2.54 -8.28
N LEU B 260 -35.53 3.38 -8.75
CA LEU B 260 -35.59 4.78 -8.40
C LEU B 260 -36.97 5.07 -7.80
N LEU B 261 -36.98 5.74 -6.65
CA LEU B 261 -38.22 6.03 -5.94
C LEU B 261 -38.39 7.53 -5.80
N LYS B 262 -39.60 8.01 -6.03
CA LYS B 262 -39.94 9.43 -5.90
C LYS B 262 -40.83 9.61 -4.67
N TYR B 263 -40.44 10.53 -3.80
CA TYR B 263 -41.18 10.83 -2.58
C TYR B 263 -41.90 12.17 -2.72
N ASN B 264 -42.54 12.59 -1.64
CA ASN B 264 -43.28 13.85 -1.62
C ASN B 264 -42.96 14.58 -0.32
N GLU B 265 -43.73 15.62 -0.03
CA GLU B 265 -43.46 16.46 1.13
C GLU B 265 -43.77 15.71 2.43
N ASN B 266 -44.87 14.97 2.48
CA ASN B 266 -45.31 14.35 3.72
C ASN B 266 -44.63 13.02 4.01
N GLY B 267 -43.88 12.47 3.06
CA GLY B 267 -43.13 11.25 3.30
C GLY B 267 -43.83 9.98 2.89
N THR B 268 -44.35 9.93 1.66
CA THR B 268 -44.97 8.73 1.12
C THR B 268 -44.42 8.43 -0.25
N ILE B 269 -44.45 7.16 -0.63
CA ILE B 269 -43.97 6.71 -1.93
C ILE B 269 -45.12 6.73 -2.92
N THR B 270 -44.90 7.35 -4.08
CA THR B 270 -45.94 7.50 -5.10
C THR B 270 -45.73 6.56 -6.28
N ASP B 271 -44.57 6.60 -6.91
CA ASP B 271 -44.31 5.80 -8.11
C ASP B 271 -42.89 5.24 -8.03
N ALA B 272 -42.71 4.07 -8.65
CA ALA B 272 -41.41 3.42 -8.73
C ALA B 272 -41.12 3.06 -10.18
N VAL B 273 -39.88 3.26 -10.59
CA VAL B 273 -39.46 3.02 -11.97
C VAL B 273 -38.24 2.10 -11.95
N ASP B 274 -38.24 1.10 -12.84
CA ASP B 274 -37.17 0.12 -12.94
C ASP B 274 -36.45 0.30 -14.28
N CYS B 275 -35.12 0.39 -14.22
CA CYS B 275 -34.33 0.67 -15.41
C CYS B 275 -34.24 -0.52 -16.34
N ALA B 276 -34.60 -1.72 -15.89
CA ALA B 276 -34.46 -2.94 -16.68
C ALA B 276 -35.77 -3.39 -17.32
N LEU B 277 -36.81 -2.56 -17.30
CA LEU B 277 -38.10 -2.94 -17.84
C LEU B 277 -38.16 -2.68 -19.35
N ASP B 278 -38.00 -1.42 -19.74
CA ASP B 278 -37.97 -1.02 -21.15
C ASP B 278 -37.03 0.17 -21.28
N PRO B 279 -36.55 0.47 -22.48
CA PRO B 279 -35.66 1.63 -22.65
C PRO B 279 -36.27 2.96 -22.23
N LEU B 280 -37.59 3.10 -22.28
CA LEU B 280 -38.24 4.32 -21.80
C LEU B 280 -37.99 4.53 -20.32
N SER B 281 -38.20 3.48 -19.52
CA SER B 281 -37.95 3.59 -18.08
C SER B 281 -36.47 3.73 -17.77
N GLU B 282 -35.60 3.12 -18.58
CA GLU B 282 -34.16 3.32 -18.40
C GLU B 282 -33.77 4.77 -18.65
N THR B 283 -34.34 5.38 -19.68
CA THR B 283 -34.09 6.80 -19.95
C THR B 283 -34.65 7.67 -18.83
N LYS B 284 -35.83 7.31 -18.31
CA LYS B 284 -36.41 8.07 -17.20
C LYS B 284 -35.54 7.99 -15.94
N CYS B 285 -35.03 6.79 -15.62
CA CYS B 285 -34.28 6.61 -14.39
C CYS B 285 -32.86 7.16 -14.50
N THR B 286 -32.25 7.09 -15.68
CA THR B 286 -30.89 7.62 -15.83
C THR B 286 -30.86 9.14 -15.82
N LEU B 287 -31.96 9.78 -16.22
CA LEU B 287 -32.05 11.24 -16.21
C LEU B 287 -32.57 11.79 -14.90
N LYS B 288 -32.94 10.93 -13.95
CA LYS B 288 -33.44 11.32 -12.63
C LYS B 288 -34.68 12.23 -12.75
N SER B 289 -35.55 11.92 -13.70
CA SER B 289 -36.77 12.69 -13.90
C SER B 289 -37.86 11.76 -14.42
N PHE B 290 -39.11 12.11 -14.12
CA PHE B 290 -40.24 11.30 -14.54
C PHE B 290 -40.84 11.75 -15.87
N THR B 291 -40.53 12.97 -16.32
CA THR B 291 -41.01 13.50 -17.59
C THR B 291 -39.81 13.73 -18.50
N VAL B 292 -39.54 12.76 -19.37
CA VAL B 292 -38.42 12.85 -20.30
C VAL B 292 -38.80 13.80 -21.43
N GLU B 293 -37.95 14.80 -21.67
CA GLU B 293 -38.23 15.78 -22.71
C GLU B 293 -38.03 15.17 -24.10
N LYS B 294 -38.56 15.87 -25.10
CA LYS B 294 -38.50 15.39 -26.48
C LYS B 294 -37.07 15.56 -27.01
N GLY B 295 -36.36 14.44 -27.15
CA GLY B 295 -35.00 14.50 -27.65
C GLY B 295 -34.37 13.12 -27.61
N ILE B 296 -33.08 13.09 -27.95
CA ILE B 296 -32.28 11.87 -27.97
C ILE B 296 -31.29 11.92 -26.81
N TYR B 297 -31.16 10.79 -26.11
CA TYR B 297 -30.29 10.71 -24.94
C TYR B 297 -29.49 9.43 -24.98
N GLN B 298 -28.23 9.51 -24.57
CA GLN B 298 -27.37 8.34 -24.40
C GLN B 298 -27.54 7.84 -22.97
N THR B 299 -28.14 6.66 -22.81
CA THR B 299 -28.53 6.17 -21.50
C THR B 299 -27.70 5.00 -20.98
N SER B 300 -27.17 4.15 -21.85
CA SER B 300 -26.42 2.97 -21.42
C SER B 300 -25.59 2.46 -22.58
N ASN B 301 -25.02 1.27 -22.41
CA ASN B 301 -24.24 0.61 -23.45
C ASN B 301 -24.65 -0.85 -23.52
N PHE B 302 -24.43 -1.46 -24.68
CA PHE B 302 -24.78 -2.85 -24.92
C PHE B 302 -23.51 -3.69 -25.04
N ARG B 303 -23.47 -4.81 -24.32
CA ARG B 303 -22.31 -5.70 -24.35
C ARG B 303 -22.76 -7.09 -23.92
N VAL B 304 -22.32 -8.09 -24.67
CA VAL B 304 -22.61 -9.50 -24.35
C VAL B 304 -21.52 -10.01 -23.40
N GLN B 305 -21.88 -10.98 -22.57
CA GLN B 305 -20.96 -11.47 -21.56
C GLN B 305 -20.38 -12.82 -21.95
N PRO B 306 -19.13 -13.10 -21.55
CA PRO B 306 -18.56 -14.42 -21.80
C PRO B 306 -19.24 -15.50 -20.96
N THR B 307 -19.15 -16.73 -21.46
CA THR B 307 -19.80 -17.88 -20.83
C THR B 307 -18.82 -18.84 -20.17
N GLU B 308 -17.82 -19.31 -20.90
CA GLU B 308 -16.86 -20.28 -20.39
C GLU B 308 -15.46 -19.68 -20.39
N SER B 309 -14.58 -20.30 -19.61
CA SER B 309 -13.17 -19.90 -19.53
C SER B 309 -12.31 -21.13 -19.75
N ILE B 310 -12.06 -21.46 -21.02
CA ILE B 310 -11.16 -22.55 -21.40
C ILE B 310 -10.26 -22.04 -22.52
N VAL B 311 -8.97 -22.37 -22.43
CA VAL B 311 -7.97 -21.76 -23.30
C VAL B 311 -7.26 -22.85 -24.09
N ARG B 312 -6.52 -23.72 -23.40
CA ARG B 312 -5.89 -24.89 -24.00
C ARG B 312 -6.02 -26.05 -23.02
N PHE B 313 -5.19 -27.07 -23.21
CA PHE B 313 -5.16 -28.28 -22.40
C PHE B 313 -3.76 -28.49 -21.84
N PRO B 314 -3.62 -29.25 -20.73
CA PRO B 314 -2.29 -29.50 -20.17
C PRO B 314 -1.41 -30.37 -21.04
N ASN B 315 -0.85 -29.78 -22.09
CA ASN B 315 0.06 -30.46 -23.01
C ASN B 315 1.39 -30.82 -22.36
N ILE B 316 1.73 -30.19 -21.24
CA ILE B 316 3.07 -30.21 -20.63
C ILE B 316 3.58 -31.63 -20.42
N THR B 317 4.70 -31.96 -21.06
CA THR B 317 5.27 -33.29 -20.98
C THR B 317 6.10 -33.47 -19.71
N ASN B 318 6.39 -34.73 -19.39
CA ASN B 318 7.17 -35.05 -18.22
C ASN B 318 8.65 -34.76 -18.46
N LEU B 319 9.26 -34.00 -17.55
CA LEU B 319 10.66 -33.62 -17.68
C LEU B 319 11.60 -34.56 -16.96
N CYS B 320 11.09 -35.57 -16.24
CA CYS B 320 11.93 -36.50 -15.52
C CYS B 320 11.20 -37.83 -15.38
N PRO B 321 11.91 -38.96 -15.53
CA PRO B 321 11.26 -40.25 -15.38
C PRO B 321 10.83 -40.50 -13.94
N PHE B 322 9.75 -41.28 -13.80
CA PHE B 322 9.20 -41.62 -12.50
C PHE B 322 9.08 -43.12 -12.25
N ASP B 323 9.17 -43.95 -13.29
CA ASP B 323 8.98 -45.39 -13.12
C ASP B 323 10.13 -46.07 -12.39
N GLU B 324 11.26 -45.38 -12.20
CA GLU B 324 12.40 -45.98 -11.53
C GLU B 324 12.21 -46.13 -10.02
N VAL B 325 11.17 -45.51 -9.46
CA VAL B 325 10.95 -45.57 -8.00
C VAL B 325 9.88 -46.57 -7.61
N PHE B 326 9.08 -47.08 -8.56
CA PHE B 326 8.07 -48.07 -8.22
C PHE B 326 8.02 -49.26 -9.18
N ASN B 327 8.65 -49.20 -10.35
CA ASN B 327 8.66 -50.30 -11.29
C ASN B 327 10.05 -50.93 -11.43
N ALA B 328 10.93 -50.70 -10.46
CA ALA B 328 12.26 -51.27 -10.50
C ALA B 328 12.24 -52.77 -10.25
N THR B 329 13.18 -53.48 -10.86
CA THR B 329 13.27 -54.93 -10.67
C THR B 329 13.65 -55.30 -9.25
N ARG B 330 14.56 -54.54 -8.64
CA ARG B 330 15.00 -54.81 -7.28
C ARG B 330 15.31 -53.50 -6.58
N PHE B 331 14.76 -53.30 -5.40
CA PHE B 331 14.98 -52.10 -4.62
C PHE B 331 16.13 -52.31 -3.63
N ALA B 332 16.54 -51.21 -3.00
CA ALA B 332 17.62 -51.24 -2.03
C ALA B 332 17.12 -51.81 -0.70
N SER B 333 18.06 -52.08 0.20
CA SER B 333 17.74 -52.66 1.50
C SER B 333 17.10 -51.62 2.41
N VAL B 334 16.59 -52.10 3.55
CA VAL B 334 15.91 -51.21 4.50
C VAL B 334 16.90 -50.28 5.17
N TYR B 335 18.13 -50.74 5.40
CA TYR B 335 19.12 -49.90 6.09
C TYR B 335 19.92 -49.04 5.11
N ALA B 336 20.32 -49.62 3.99
CA ALA B 336 21.04 -48.88 2.94
C ALA B 336 20.06 -48.43 1.85
N TRP B 337 19.05 -47.67 2.26
CA TRP B 337 18.04 -47.17 1.33
C TRP B 337 18.64 -46.05 0.48
N ASN B 338 18.45 -46.14 -0.82
CA ASN B 338 18.99 -45.16 -1.74
C ASN B 338 18.19 -43.86 -1.69
N ARG B 339 18.84 -42.77 -2.09
CA ARG B 339 18.23 -41.45 -2.13
C ARG B 339 18.08 -41.01 -3.58
N LYS B 340 16.89 -40.53 -3.93
CA LYS B 340 16.59 -40.04 -5.27
C LYS B 340 16.26 -38.56 -5.20
N ARG B 341 16.86 -37.79 -6.10
CA ARG B 341 16.70 -36.34 -6.13
C ARG B 341 15.76 -35.95 -7.27
N ILE B 342 14.74 -35.17 -6.93
CA ILE B 342 13.77 -34.67 -7.91
C ILE B 342 13.79 -33.16 -7.84
N SER B 343 14.13 -32.52 -8.97
CA SER B 343 14.19 -31.07 -9.05
C SER B 343 13.98 -30.65 -10.50
N ASN B 344 13.64 -29.36 -10.66
CA ASN B 344 13.35 -28.66 -11.92
C ASN B 344 12.58 -29.53 -12.93
N CYS B 345 11.51 -30.17 -12.46
CA CYS B 345 10.74 -31.08 -13.28
C CYS B 345 9.26 -30.87 -12.96
N VAL B 346 8.40 -31.71 -13.53
CA VAL B 346 6.97 -31.66 -13.31
C VAL B 346 6.48 -33.06 -12.99
N ALA B 347 5.57 -33.18 -12.02
CA ALA B 347 5.05 -34.45 -11.57
C ALA B 347 3.65 -34.67 -12.13
N ASP B 348 3.47 -35.74 -12.90
CA ASP B 348 2.17 -36.11 -13.45
C ASP B 348 1.51 -37.13 -12.53
N TYR B 349 0.68 -36.62 -11.61
CA TYR B 349 0.03 -37.45 -10.62
C TYR B 349 -1.30 -38.01 -11.09
N SER B 350 -1.67 -37.81 -12.35
CA SER B 350 -2.88 -38.37 -12.92
C SER B 350 -2.71 -39.82 -13.35
N VAL B 351 -1.50 -40.38 -13.25
CA VAL B 351 -1.22 -41.76 -13.61
C VAL B 351 -1.31 -42.62 -12.35
N LEU B 352 -1.92 -42.06 -11.29
CA LEU B 352 -1.97 -42.70 -9.99
C LEU B 352 -2.73 -44.02 -10.00
N TYR B 353 -3.64 -44.22 -10.95
CA TYR B 353 -4.46 -45.43 -11.01
C TYR B 353 -3.85 -46.37 -12.05
N ASN B 354 -3.11 -47.37 -11.57
CA ASN B 354 -2.48 -48.33 -12.47
C ASN B 354 -2.77 -49.77 -12.04
N LEU B 355 -2.96 -49.99 -10.75
CA LEU B 355 -3.08 -51.33 -10.18
C LEU B 355 -4.45 -51.52 -9.56
N ALA B 356 -5.03 -52.71 -9.80
CA ALA B 356 -6.23 -53.12 -9.09
C ALA B 356 -6.03 -53.29 -7.59
N PRO B 357 -4.95 -53.95 -7.08
CA PRO B 357 -4.81 -54.08 -5.62
C PRO B 357 -4.20 -52.85 -4.96
N PHE B 358 -4.27 -51.70 -5.63
CA PHE B 358 -3.70 -50.45 -5.13
C PHE B 358 -4.25 -50.11 -3.75
N PHE B 359 -3.35 -49.79 -2.83
CA PHE B 359 -3.67 -49.50 -1.44
C PHE B 359 -4.00 -48.02 -1.28
N THR B 360 -4.75 -47.70 -0.22
CA THR B 360 -5.16 -46.33 0.04
C THR B 360 -3.95 -45.45 0.37
N PHE B 361 -4.18 -44.14 0.34
CA PHE B 361 -3.08 -43.19 0.51
C PHE B 361 -2.62 -43.11 1.96
N LYS B 362 -3.55 -42.75 2.86
CA LYS B 362 -3.25 -42.49 4.28
C LYS B 362 -2.15 -41.44 4.41
N CYS B 363 -2.32 -40.33 3.70
CA CYS B 363 -1.35 -39.26 3.72
C CYS B 363 -1.34 -38.54 5.06
N TYR B 364 -0.18 -38.02 5.43
CA TYR B 364 0.02 -37.34 6.71
C TYR B 364 0.44 -35.90 6.45
N GLY B 365 -0.44 -34.95 6.77
CA GLY B 365 -0.14 -33.55 6.70
C GLY B 365 -0.59 -32.85 5.43
N VAL B 366 -0.81 -33.60 4.36
CA VAL B 366 -1.26 -33.04 3.08
C VAL B 366 -2.44 -33.87 2.59
N SER B 367 -3.57 -33.21 2.35
CA SER B 367 -4.73 -33.91 1.82
C SER B 367 -4.51 -34.23 0.34
N PRO B 368 -4.91 -35.41 -0.12
CA PRO B 368 -4.74 -35.75 -1.54
C PRO B 368 -5.61 -34.95 -2.49
N THR B 369 -6.63 -34.24 -1.98
CA THR B 369 -7.47 -33.42 -2.85
C THR B 369 -6.69 -32.25 -3.44
N LYS B 370 -5.82 -31.63 -2.64
CA LYS B 370 -5.13 -30.40 -3.02
C LYS B 370 -3.67 -30.60 -3.41
N LEU B 371 -3.29 -31.82 -3.81
CA LEU B 371 -1.92 -32.02 -4.27
C LEU B 371 -1.67 -31.45 -5.66
N ASN B 372 -2.70 -31.05 -6.39
CA ASN B 372 -2.51 -30.60 -7.76
C ASN B 372 -2.13 -29.12 -7.83
N ASP B 373 -2.88 -28.26 -7.13
CA ASP B 373 -2.60 -26.83 -7.19
C ASP B 373 -1.37 -26.42 -6.39
N LEU B 374 -0.82 -27.33 -5.58
CA LEU B 374 0.44 -27.06 -4.92
C LEU B 374 1.59 -27.01 -5.93
N CYS B 375 2.59 -26.20 -5.63
CA CYS B 375 3.83 -26.15 -6.39
C CYS B 375 4.99 -26.37 -5.44
N PHE B 376 5.59 -27.55 -5.50
CA PHE B 376 6.71 -27.91 -4.64
C PHE B 376 8.04 -27.57 -5.30
N THR B 377 9.09 -27.56 -4.50
CA THR B 377 10.44 -27.28 -4.98
C THR B 377 11.40 -28.45 -4.84
N ASN B 378 11.07 -29.47 -4.05
CA ASN B 378 11.94 -30.62 -3.88
C ASN B 378 11.11 -31.82 -3.44
N VAL B 379 11.27 -32.93 -4.15
CA VAL B 379 10.53 -34.17 -3.87
C VAL B 379 11.54 -35.24 -3.52
N TYR B 380 11.33 -35.91 -2.39
CA TYR B 380 12.22 -36.96 -1.90
C TYR B 380 11.54 -38.32 -2.04
N ALA B 381 12.27 -39.28 -2.59
CA ALA B 381 11.77 -40.64 -2.78
C ALA B 381 12.64 -41.59 -1.98
N ASP B 382 12.01 -42.33 -1.06
CA ASP B 382 12.71 -43.29 -0.20
C ASP B 382 11.98 -44.62 -0.30
N SER B 383 12.57 -45.56 -1.04
CA SER B 383 11.94 -46.84 -1.34
C SER B 383 12.67 -47.97 -0.64
N PHE B 384 11.95 -48.74 0.17
CA PHE B 384 12.48 -49.94 0.81
C PHE B 384 11.33 -50.85 1.19
N VAL B 385 11.65 -52.12 1.39
CA VAL B 385 10.64 -53.18 1.49
C VAL B 385 10.28 -53.41 2.96
N ILE B 386 8.97 -53.61 3.20
CA ILE B 386 8.43 -53.84 4.53
C ILE B 386 7.52 -55.07 4.47
N ARG B 387 7.58 -55.92 5.49
CA ARG B 387 6.68 -57.06 5.57
C ARG B 387 5.24 -56.58 5.76
N GLY B 388 4.29 -57.46 5.42
CA GLY B 388 2.90 -57.05 5.36
C GLY B 388 2.21 -56.86 6.69
N ASP B 389 2.82 -57.30 7.80
CA ASP B 389 2.18 -57.22 9.11
C ASP B 389 2.74 -56.11 9.99
N GLU B 390 3.50 -55.17 9.42
CA GLU B 390 3.84 -53.94 10.12
C GLU B 390 3.69 -52.74 9.19
N VAL B 391 2.70 -52.78 8.30
CA VAL B 391 2.48 -51.71 7.34
C VAL B 391 2.05 -50.41 8.02
N ARG B 392 1.52 -50.48 9.23
CA ARG B 392 1.11 -49.30 9.99
C ARG B 392 2.22 -48.78 10.90
N GLN B 393 3.41 -49.37 10.85
CA GLN B 393 4.51 -48.93 11.71
C GLN B 393 5.04 -47.57 11.31
N ILE B 394 4.88 -47.18 10.06
CA ILE B 394 5.38 -45.89 9.58
C ILE B 394 4.40 -44.80 9.97
N ALA B 395 4.62 -44.20 11.14
CA ALA B 395 3.75 -43.16 11.68
C ALA B 395 4.52 -42.41 12.76
N PRO B 396 4.24 -41.12 12.95
CA PRO B 396 4.89 -40.40 14.05
C PRO B 396 4.47 -40.94 15.41
N GLY B 397 5.43 -41.01 16.33
CA GLY B 397 5.17 -41.51 17.66
C GLY B 397 5.21 -43.01 17.78
N GLN B 398 4.77 -43.73 16.75
CA GLN B 398 4.75 -45.18 16.77
C GLN B 398 6.17 -45.72 16.68
N THR B 399 6.50 -46.66 17.57
CA THR B 399 7.80 -47.30 17.62
C THR B 399 7.66 -48.79 17.35
N GLY B 400 8.79 -49.50 17.39
CA GLY B 400 8.78 -50.93 17.14
C GLY B 400 10.18 -51.44 16.89
N ASN B 401 10.25 -52.58 16.20
CA ASN B 401 11.54 -53.17 15.86
C ASN B 401 12.23 -52.45 14.72
N ILE B 402 11.46 -51.86 13.81
CA ILE B 402 12.02 -51.23 12.61
C ILE B 402 11.86 -49.71 12.63
N ALA B 403 10.84 -49.17 13.31
CA ALA B 403 10.53 -47.74 13.22
C ALA B 403 11.65 -46.88 13.79
N ASP B 404 12.22 -47.28 14.93
CA ASP B 404 13.27 -46.50 15.56
C ASP B 404 14.68 -47.00 15.26
N TYR B 405 14.80 -48.03 14.42
CA TYR B 405 16.09 -48.64 14.13
C TYR B 405 16.54 -48.52 12.69
N ASN B 406 15.63 -48.37 11.74
CA ASN B 406 15.99 -48.32 10.32
C ASN B 406 15.55 -47.04 9.64
N TYR B 407 14.35 -46.55 9.93
CA TYR B 407 13.83 -45.34 9.29
C TYR B 407 12.86 -44.68 10.25
N LYS B 408 13.30 -43.59 10.89
CA LYS B 408 12.48 -42.85 11.83
C LYS B 408 11.81 -41.69 11.10
N LEU B 409 10.51 -41.52 11.33
CA LEU B 409 9.73 -40.47 10.68
C LEU B 409 9.41 -39.39 11.70
N PRO B 410 9.88 -38.16 11.51
CA PRO B 410 9.64 -37.11 12.50
C PRO B 410 8.19 -36.66 12.53
N ASP B 411 7.83 -35.99 13.62
CA ASP B 411 6.47 -35.51 13.79
C ASP B 411 6.12 -34.44 12.76
N ASP B 412 7.05 -33.53 12.49
CA ASP B 412 6.83 -32.47 11.50
C ASP B 412 7.20 -32.98 10.10
N PHE B 413 6.39 -33.93 9.62
CA PHE B 413 6.61 -34.57 8.34
C PHE B 413 5.46 -34.24 7.40
N THR B 414 5.80 -33.92 6.16
CA THR B 414 4.82 -33.65 5.12
C THR B 414 5.07 -34.60 3.94
N GLY B 415 3.97 -35.06 3.33
CA GLY B 415 4.07 -36.00 2.23
C GLY B 415 3.08 -37.15 2.34
N CYS B 416 3.43 -38.29 1.76
CA CYS B 416 2.54 -39.45 1.77
C CYS B 416 3.36 -40.72 1.60
N VAL B 417 2.71 -41.85 1.90
CA VAL B 417 3.32 -43.17 1.79
C VAL B 417 2.35 -44.07 1.03
N ILE B 418 2.89 -45.04 0.30
CA ILE B 418 2.06 -45.91 -0.54
C ILE B 418 2.72 -47.28 -0.62
N ALA B 419 1.88 -48.32 -0.63
CA ALA B 419 2.34 -49.70 -0.70
C ALA B 419 1.49 -50.47 -1.69
N TRP B 420 2.00 -51.61 -2.14
CA TRP B 420 1.26 -52.48 -3.03
C TRP B 420 1.78 -53.91 -2.89
N ASN B 421 0.98 -54.86 -3.39
CA ASN B 421 1.33 -56.27 -3.28
C ASN B 421 2.28 -56.67 -4.40
N SER B 422 3.39 -57.31 -4.03
CA SER B 422 4.38 -57.79 -4.99
C SER B 422 4.85 -59.18 -4.58
N ASN B 423 3.91 -60.05 -4.22
CA ASN B 423 4.26 -61.38 -3.74
C ASN B 423 4.73 -62.31 -4.85
N LYS B 424 4.48 -61.96 -6.11
CA LYS B 424 4.88 -62.79 -7.25
C LYS B 424 6.16 -62.28 -7.91
N LEU B 425 6.86 -61.32 -7.30
CA LEU B 425 8.08 -60.76 -7.86
C LEU B 425 9.31 -61.09 -7.04
N ASP B 426 9.28 -60.87 -5.73
CA ASP B 426 10.44 -61.05 -4.86
C ASP B 426 10.26 -62.23 -3.91
N SER B 427 9.67 -63.32 -4.40
CA SER B 427 9.46 -64.52 -3.61
C SER B 427 9.86 -65.75 -4.42
N LYS B 428 10.50 -66.70 -3.76
CA LYS B 428 10.91 -67.95 -4.39
C LYS B 428 10.77 -69.09 -3.38
N VAL B 429 10.62 -70.30 -3.91
CA VAL B 429 10.42 -71.46 -3.04
C VAL B 429 11.68 -71.79 -2.26
N SER B 430 12.85 -71.53 -2.85
CA SER B 430 14.10 -71.81 -2.15
C SER B 430 14.34 -70.80 -1.03
N GLY B 431 14.01 -69.53 -1.26
CA GLY B 431 14.20 -68.51 -0.26
C GLY B 431 15.08 -67.37 -0.75
N ASN B 432 14.70 -66.14 -0.42
CA ASN B 432 15.43 -64.95 -0.85
C ASN B 432 16.35 -64.49 0.29
N TYR B 433 17.62 -64.25 -0.04
CA TYR B 433 18.60 -63.82 0.95
C TYR B 433 19.32 -62.54 0.55
N ASN B 434 18.88 -61.87 -0.52
CA ASN B 434 19.55 -60.65 -0.94
C ASN B 434 19.24 -59.48 -0.01
N TYR B 435 18.02 -59.44 0.53
CA TYR B 435 17.61 -58.35 1.39
C TYR B 435 18.09 -58.59 2.82
N LEU B 436 18.67 -57.56 3.43
CA LEU B 436 19.18 -57.63 4.79
C LEU B 436 18.56 -56.51 5.62
N TYR B 437 18.38 -56.77 6.91
CA TYR B 437 17.86 -55.77 7.83
C TYR B 437 18.68 -55.75 9.12
N ARG B 438 18.80 -54.55 9.69
CA ARG B 438 19.52 -54.37 10.95
C ARG B 438 18.58 -54.62 12.12
N LEU B 439 19.10 -55.27 13.16
CA LEU B 439 18.31 -55.65 14.31
C LEU B 439 18.86 -55.14 15.63
N PHE B 440 20.18 -55.14 15.81
CA PHE B 440 20.80 -54.79 17.08
C PHE B 440 21.58 -53.48 16.93
N ARG B 441 21.32 -52.53 17.83
CA ARG B 441 22.06 -51.29 17.88
C ARG B 441 21.95 -50.72 19.29
N LYS B 442 22.82 -49.75 19.58
CA LYS B 442 22.88 -49.19 20.93
C LYS B 442 21.63 -48.38 21.27
N SER B 443 21.23 -47.48 20.36
CA SER B 443 20.10 -46.60 20.62
C SER B 443 19.58 -46.07 19.28
N ASN B 444 18.47 -45.34 19.35
CA ASN B 444 17.90 -44.72 18.16
C ASN B 444 18.74 -43.53 17.71
N LEU B 445 18.54 -43.15 16.45
CA LEU B 445 19.30 -42.07 15.83
C LEU B 445 18.36 -40.99 15.31
N LYS B 446 18.96 -39.94 14.74
CA LYS B 446 18.20 -38.86 14.16
C LYS B 446 17.46 -39.33 12.91
N PRO B 447 16.28 -38.78 12.64
CA PRO B 447 15.60 -39.10 11.37
C PRO B 447 16.37 -38.57 10.17
N PHE B 448 16.07 -39.18 9.02
CA PHE B 448 16.65 -38.81 7.71
C PHE B 448 18.17 -38.98 7.70
N GLU B 449 18.60 -40.22 7.91
CA GLU B 449 20.01 -40.57 7.80
C GLU B 449 20.13 -42.01 7.35
N ARG B 450 21.28 -42.33 6.76
CA ARG B 450 21.57 -43.66 6.24
C ARG B 450 22.75 -44.25 7.02
N ASP B 451 22.60 -45.49 7.46
CA ASP B 451 23.63 -46.19 8.23
C ASP B 451 24.18 -47.35 7.39
N ILE B 452 25.50 -47.41 7.26
CA ILE B 452 26.14 -48.42 6.43
C ILE B 452 27.00 -49.32 7.31
N SER B 453 27.46 -48.80 8.44
CA SER B 453 28.36 -49.55 9.31
C SER B 453 27.67 -50.77 9.91
N THR B 454 28.33 -51.91 9.82
CA THR B 454 27.81 -53.20 10.30
C THR B 454 28.81 -53.86 11.23
N GLU B 455 29.31 -53.10 12.20
CA GLU B 455 30.29 -53.61 13.14
C GLU B 455 29.65 -54.61 14.10
N ILE B 456 30.51 -55.30 14.86
CA ILE B 456 30.04 -56.30 15.80
C ILE B 456 29.28 -55.63 16.94
N TYR B 457 28.22 -56.28 17.41
CA TYR B 457 27.37 -55.73 18.44
C TYR B 457 27.90 -56.11 19.82
N GLN B 458 27.85 -55.15 20.75
CA GLN B 458 28.31 -55.35 22.11
C GLN B 458 27.10 -55.50 23.04
N ALA B 459 27.05 -56.60 23.78
CA ALA B 459 25.95 -56.84 24.70
C ALA B 459 26.46 -57.17 26.10
N GLY B 460 27.64 -57.81 26.17
CA GLY B 460 28.23 -58.18 27.44
C GLY B 460 29.32 -57.21 27.89
N ASN B 461 29.77 -57.42 29.13
CA ASN B 461 30.83 -56.58 29.68
C ASN B 461 32.16 -56.87 28.99
N LYS B 462 32.45 -58.14 28.72
CA LYS B 462 33.69 -58.51 28.05
C LYS B 462 33.54 -58.33 26.55
N PRO B 463 34.38 -57.53 25.90
CA PRO B 463 34.25 -57.35 24.44
C PRO B 463 34.62 -58.61 23.68
N CYS B 464 33.99 -58.76 22.51
CA CYS B 464 34.28 -59.86 21.61
C CYS B 464 35.40 -59.56 20.63
N ASN B 465 35.70 -58.27 20.41
CA ASN B 465 36.75 -57.82 19.49
C ASN B 465 36.53 -58.36 18.07
N GLY B 466 35.28 -58.36 17.62
CA GLY B 466 34.95 -58.77 16.28
C GLY B 466 34.80 -60.27 16.09
N VAL B 467 34.87 -61.05 17.15
CA VAL B 467 34.75 -62.51 17.07
C VAL B 467 33.34 -62.91 17.47
N ALA B 468 32.66 -63.64 16.60
CA ALA B 468 31.29 -64.07 16.86
C ALA B 468 31.24 -65.16 17.92
N GLY B 469 31.03 -64.78 19.17
CA GLY B 469 30.99 -65.72 20.28
C GLY B 469 29.82 -65.43 21.19
N PHE B 470 30.06 -65.61 22.49
CA PHE B 470 29.01 -65.41 23.49
C PHE B 470 28.75 -63.92 23.71
N ASN B 471 27.48 -63.60 23.97
CA ASN B 471 27.02 -62.24 24.27
C ASN B 471 27.32 -61.25 23.14
N CYS B 472 27.42 -61.76 21.92
CA CYS B 472 27.61 -60.90 20.74
C CYS B 472 27.21 -61.68 19.50
N TYR B 473 26.31 -61.10 18.70
CA TYR B 473 25.78 -61.76 17.53
C TYR B 473 25.70 -60.76 16.38
N PHE B 474 25.66 -61.28 15.16
CA PHE B 474 25.57 -60.42 13.98
C PHE B 474 24.19 -59.78 13.93
N PRO B 475 24.09 -58.46 13.75
CA PRO B 475 22.79 -57.80 13.71
C PRO B 475 22.12 -57.83 12.34
N LEU B 476 22.82 -58.27 11.29
CA LEU B 476 22.31 -58.22 9.93
C LEU B 476 21.67 -59.58 9.60
N ARG B 477 20.36 -59.67 9.80
CA ARG B 477 19.59 -60.84 9.42
C ARG B 477 18.88 -60.59 8.09
N SER B 478 18.44 -61.66 7.46
CA SER B 478 17.86 -61.61 6.12
C SER B 478 16.34 -61.73 6.18
N TYR B 479 15.70 -61.31 5.09
CA TYR B 479 14.25 -61.39 4.94
C TYR B 479 13.90 -62.77 4.40
N SER B 480 13.45 -63.66 5.28
CA SER B 480 13.06 -65.01 4.89
C SER B 480 11.60 -64.98 4.43
N PHE B 481 11.39 -65.15 3.12
CA PHE B 481 10.05 -65.10 2.54
C PHE B 481 9.81 -66.33 1.68
N ARG B 482 8.60 -66.87 1.76
CA ARG B 482 8.19 -68.04 1.00
C ARG B 482 6.87 -67.74 0.29
N PRO B 483 6.64 -68.35 -0.88
CA PRO B 483 5.37 -68.13 -1.58
C PRO B 483 4.16 -68.75 -0.91
N THR B 484 4.36 -69.65 0.06
CA THR B 484 3.26 -70.33 0.75
C THR B 484 2.95 -69.69 2.11
N TYR B 485 3.13 -68.38 2.23
CA TYR B 485 2.84 -67.67 3.47
C TYR B 485 1.41 -67.14 3.47
N GLY B 486 1.01 -66.60 4.61
CA GLY B 486 -0.33 -66.07 4.79
C GLY B 486 -0.47 -64.65 4.28
N VAL B 487 -1.61 -64.05 4.61
CA VAL B 487 -1.93 -62.71 4.14
C VAL B 487 -1.13 -61.61 4.83
N GLY B 488 -0.37 -61.95 5.88
CA GLY B 488 0.44 -60.98 6.58
C GLY B 488 1.94 -61.11 6.40
N HIS B 489 2.40 -61.89 5.43
CA HIS B 489 3.84 -62.12 5.23
C HIS B 489 4.20 -62.03 3.76
N GLN B 490 3.67 -60.99 3.08
CA GLN B 490 4.08 -60.80 1.69
C GLN B 490 5.06 -59.64 1.56
N PRO B 491 6.01 -59.72 0.64
CA PRO B 491 6.94 -58.61 0.42
C PRO B 491 6.23 -57.45 -0.28
N TYR B 492 6.22 -56.29 0.37
CA TYR B 492 5.55 -55.10 -0.15
C TYR B 492 6.59 -54.05 -0.50
N ARG B 493 6.55 -53.57 -1.74
CA ARG B 493 7.43 -52.49 -2.18
C ARG B 493 6.81 -51.16 -1.78
N VAL B 494 7.44 -50.46 -0.84
CA VAL B 494 6.92 -49.23 -0.28
C VAL B 494 7.90 -48.10 -0.56
N VAL B 495 7.40 -46.99 -1.07
CA VAL B 495 8.21 -45.80 -1.33
C VAL B 495 7.66 -44.65 -0.49
N VAL B 496 8.56 -43.93 0.18
CA VAL B 496 8.21 -42.82 1.04
C VAL B 496 8.40 -41.53 0.26
N LEU B 497 7.34 -40.70 0.22
CA LEU B 497 7.34 -39.46 -0.53
C LEU B 497 7.21 -38.29 0.45
N SER B 498 8.15 -37.34 0.36
CA SER B 498 8.12 -36.14 1.18
C SER B 498 8.47 -34.94 0.31
N PHE B 499 7.98 -33.77 0.71
CA PHE B 499 8.16 -32.54 -0.05
C PHE B 499 8.68 -31.44 0.89
N GLU B 500 8.93 -30.27 0.30
CA GLU B 500 9.35 -29.09 1.04
C GLU B 500 8.40 -27.95 0.74
N LEU B 501 8.04 -27.20 1.79
CA LEU B 501 7.03 -26.15 1.69
C LEU B 501 7.72 -24.78 1.80
N LEU B 502 7.88 -24.12 0.66
CA LEU B 502 8.35 -22.74 0.57
C LEU B 502 9.73 -22.55 1.23
N HIS B 503 10.65 -23.45 0.92
CA HIS B 503 12.02 -23.36 1.39
C HIS B 503 13.00 -23.08 0.26
N ALA B 504 12.52 -22.96 -0.98
CA ALA B 504 13.37 -22.75 -2.14
C ALA B 504 12.49 -22.23 -3.27
N PRO B 505 13.08 -21.67 -4.33
CA PRO B 505 12.27 -21.31 -5.51
C PRO B 505 11.54 -22.52 -6.08
N ALA B 506 10.28 -22.30 -6.46
CA ALA B 506 9.41 -23.39 -6.85
C ALA B 506 9.83 -23.97 -8.20
N THR B 507 9.78 -25.30 -8.30
CA THR B 507 10.16 -26.02 -9.51
C THR B 507 9.07 -26.92 -10.06
N VAL B 508 8.31 -27.59 -9.19
CA VAL B 508 7.33 -28.56 -9.64
C VAL B 508 5.92 -28.04 -9.40
N CYS B 509 5.35 -27.36 -10.39
CA CYS B 509 3.96 -26.90 -10.32
C CYS B 509 3.04 -27.89 -11.02
N GLY B 510 1.79 -27.93 -10.56
CA GLY B 510 0.79 -28.77 -11.17
C GLY B 510 0.21 -28.15 -12.42
N PRO B 511 -0.44 -28.96 -13.25
CA PRO B 511 -1.01 -28.45 -14.51
C PRO B 511 -2.35 -27.77 -14.30
N LYS B 512 -2.36 -26.44 -14.45
CA LYS B 512 -3.59 -25.65 -14.42
C LYS B 512 -3.58 -24.76 -15.66
N LYS B 513 -4.05 -25.31 -16.78
CA LYS B 513 -4.10 -24.59 -18.05
C LYS B 513 -5.38 -24.89 -18.80
N SER B 514 -6.51 -24.88 -18.08
CA SER B 514 -7.85 -25.10 -18.63
C SER B 514 -8.00 -26.47 -19.30
N THR B 515 -9.06 -26.64 -20.09
CA THR B 515 -9.39 -27.94 -20.67
C THR B 515 -9.38 -27.94 -22.19
N ASN B 516 -10.06 -26.99 -22.84
CA ASN B 516 -10.22 -27.01 -24.29
C ASN B 516 -10.14 -25.59 -24.82
N LEU B 517 -10.54 -25.41 -26.08
CA LEU B 517 -10.45 -24.14 -26.78
C LEU B 517 -11.82 -23.71 -27.28
N VAL B 518 -11.95 -22.40 -27.54
CA VAL B 518 -13.21 -21.80 -27.98
C VAL B 518 -12.95 -20.98 -29.22
N LYS B 519 -13.76 -21.20 -30.26
CA LYS B 519 -13.67 -20.44 -31.50
C LYS B 519 -14.99 -19.74 -31.79
N ASN B 520 -14.90 -18.61 -32.48
CA ASN B 520 -16.06 -17.81 -32.92
C ASN B 520 -16.92 -17.37 -31.75
N LYS B 521 -16.27 -16.99 -30.64
CA LYS B 521 -16.99 -16.50 -29.48
C LYS B 521 -16.02 -15.69 -28.62
N CYS B 522 -16.51 -14.59 -28.06
CA CYS B 522 -15.69 -13.73 -27.21
C CYS B 522 -15.78 -14.23 -25.77
N VAL B 523 -14.73 -14.92 -25.31
CA VAL B 523 -14.64 -15.40 -23.94
C VAL B 523 -13.27 -14.99 -23.39
N ASN B 524 -13.17 -15.02 -22.06
CA ASN B 524 -11.98 -14.53 -21.36
C ASN B 524 -10.88 -15.59 -21.40
N PHE B 525 -9.88 -15.36 -22.25
CA PHE B 525 -8.72 -16.23 -22.33
C PHE B 525 -7.66 -15.80 -21.32
N ASN B 526 -6.82 -16.77 -20.93
CA ASN B 526 -5.70 -16.54 -20.01
C ASN B 526 -4.46 -17.15 -20.67
N PHE B 527 -3.75 -16.34 -21.44
CA PHE B 527 -2.58 -16.80 -22.19
C PHE B 527 -1.34 -16.65 -21.32
N ASN B 528 -1.13 -17.65 -20.45
CA ASN B 528 0.06 -17.76 -19.60
C ASN B 528 0.23 -16.53 -18.70
N GLY B 529 -0.88 -15.97 -18.23
CA GLY B 529 -0.83 -14.86 -17.31
C GLY B 529 -1.62 -13.65 -17.74
N LEU B 530 -1.64 -13.36 -19.04
CA LEU B 530 -2.39 -12.22 -19.54
C LEU B 530 -3.84 -12.62 -19.78
N LYS B 531 -4.77 -11.75 -19.38
CA LYS B 531 -6.20 -12.03 -19.44
C LYS B 531 -6.85 -11.04 -20.38
N GLY B 532 -7.66 -11.54 -21.32
CA GLY B 532 -8.32 -10.67 -22.27
C GLY B 532 -9.56 -11.35 -22.84
N THR B 533 -10.41 -10.53 -23.43
CA THR B 533 -11.68 -10.97 -24.01
C THR B 533 -11.73 -10.59 -25.48
N GLY B 534 -12.07 -11.55 -26.33
CA GLY B 534 -12.19 -11.28 -27.76
C GLY B 534 -12.50 -12.57 -28.49
N VAL B 535 -12.78 -12.42 -29.78
CA VAL B 535 -13.12 -13.54 -30.64
C VAL B 535 -11.87 -13.99 -31.38
N LEU B 536 -11.57 -15.28 -31.30
CA LEU B 536 -10.42 -15.84 -32.01
C LEU B 536 -10.75 -15.94 -33.49
N THR B 537 -10.06 -15.15 -34.32
CA THR B 537 -10.29 -15.11 -35.75
C THR B 537 -8.99 -15.43 -36.47
N GLU B 538 -9.09 -16.20 -37.55
CA GLU B 538 -7.92 -16.55 -38.34
C GLU B 538 -7.30 -15.31 -38.97
N SER B 539 -5.98 -15.32 -39.09
CA SER B 539 -5.22 -14.18 -39.58
C SER B 539 -4.43 -14.58 -40.82
N ASN B 540 -4.51 -13.74 -41.86
CA ASN B 540 -3.71 -13.95 -43.07
C ASN B 540 -2.32 -13.39 -42.95
N LYS B 541 -2.02 -12.65 -41.88
CA LYS B 541 -0.69 -12.08 -41.69
C LYS B 541 0.29 -13.16 -41.25
N LYS B 542 1.42 -13.23 -41.94
CA LYS B 542 2.45 -14.21 -41.58
C LYS B 542 3.07 -13.86 -40.24
N PHE B 543 3.32 -14.88 -39.43
CA PHE B 543 3.87 -14.70 -38.09
C PHE B 543 5.23 -15.38 -38.00
N LEU B 544 6.22 -14.65 -37.50
CA LEU B 544 7.53 -15.23 -37.27
C LEU B 544 7.47 -16.21 -36.10
N PRO B 545 8.27 -17.29 -36.14
CA PRO B 545 8.13 -18.35 -35.14
C PRO B 545 8.38 -17.92 -33.70
N PHE B 546 9.26 -16.94 -33.47
CA PHE B 546 9.57 -16.55 -32.10
C PHE B 546 8.45 -15.72 -31.47
N GLN B 547 7.66 -15.03 -32.28
CA GLN B 547 6.60 -14.17 -31.73
C GLN B 547 5.52 -15.01 -31.06
N GLN B 548 5.01 -14.51 -29.93
CA GLN B 548 4.01 -15.21 -29.15
C GLN B 548 2.66 -14.51 -29.18
N PHE B 549 2.62 -13.22 -28.80
CA PHE B 549 1.39 -12.47 -28.78
C PHE B 549 1.61 -11.11 -29.43
N GLY B 550 0.58 -10.62 -30.12
CA GLY B 550 0.66 -9.35 -30.84
C GLY B 550 0.34 -8.15 -29.97
N ARG B 551 0.39 -6.98 -30.60
CA ARG B 551 0.10 -5.72 -29.92
C ARG B 551 -0.42 -4.72 -30.95
N ASP B 552 -1.52 -4.06 -30.61
CA ASP B 552 -2.10 -3.05 -31.48
C ASP B 552 -1.56 -1.67 -31.10
N ILE B 553 -2.18 -0.62 -31.64
CA ILE B 553 -1.78 0.74 -31.28
C ILE B 553 -2.24 1.10 -29.87
N ALA B 554 -3.15 0.32 -29.29
CA ALA B 554 -3.64 0.54 -27.93
C ALA B 554 -2.81 -0.20 -26.89
N ASP B 555 -1.72 -0.84 -27.30
CA ASP B 555 -0.85 -1.64 -26.41
C ASP B 555 -1.63 -2.74 -25.70
N THR B 556 -2.51 -3.41 -26.44
CA THR B 556 -3.29 -4.52 -25.92
C THR B 556 -3.11 -5.74 -26.82
N THR B 557 -3.43 -6.90 -26.27
CA THR B 557 -3.25 -8.17 -26.99
C THR B 557 -4.33 -8.31 -28.04
N ASP B 558 -3.96 -8.06 -29.30
CA ASP B 558 -4.87 -8.26 -30.43
C ASP B 558 -4.51 -9.48 -31.27
N ALA B 559 -3.30 -10.01 -31.13
CA ALA B 559 -2.89 -11.21 -31.84
C ALA B 559 -2.17 -12.12 -30.85
N VAL B 560 -2.20 -13.43 -31.12
CA VAL B 560 -1.55 -14.41 -30.27
C VAL B 560 -1.32 -15.66 -31.09
N ARG B 561 -0.32 -16.44 -30.70
CA ARG B 561 -0.11 -17.79 -31.22
C ARG B 561 -0.31 -18.80 -30.12
N ASP B 562 -0.66 -20.02 -30.52
CA ASP B 562 -0.88 -21.08 -29.54
C ASP B 562 0.45 -21.48 -28.91
N PRO B 563 0.48 -21.71 -27.59
CA PRO B 563 1.72 -22.15 -26.94
C PRO B 563 2.22 -23.50 -27.43
N GLN B 564 1.36 -24.32 -28.00
CA GLN B 564 1.73 -25.63 -28.50
C GLN B 564 1.53 -25.75 -30.01
N THR B 565 0.35 -25.40 -30.51
CA THR B 565 0.07 -25.48 -31.93
C THR B 565 0.73 -24.30 -32.65
N LEU B 566 1.18 -24.53 -33.88
CA LEU B 566 1.81 -23.48 -34.67
C LEU B 566 0.79 -22.50 -35.27
N GLU B 567 -0.50 -22.76 -35.13
CA GLU B 567 -1.52 -21.88 -35.68
C GLU B 567 -1.57 -20.56 -34.92
N ILE B 568 -2.01 -19.51 -35.61
CA ILE B 568 -2.05 -18.16 -35.06
C ILE B 568 -3.49 -17.67 -35.10
N LEU B 569 -3.92 -17.03 -34.01
CA LEU B 569 -5.28 -16.52 -33.87
C LEU B 569 -5.25 -15.03 -33.54
N ASP B 570 -6.17 -14.29 -34.14
CA ASP B 570 -6.30 -12.85 -33.88
C ASP B 570 -7.42 -12.61 -32.88
N ILE B 571 -7.20 -11.67 -31.96
CA ILE B 571 -8.21 -11.29 -30.98
C ILE B 571 -9.00 -10.12 -31.55
N THR B 572 -10.27 -10.34 -31.84
CA THR B 572 -11.17 -9.29 -32.29
C THR B 572 -12.32 -9.19 -31.30
N PRO B 573 -12.58 -8.03 -30.72
CA PRO B 573 -13.71 -7.90 -29.79
C PRO B 573 -15.04 -8.08 -30.50
N CYS B 574 -16.00 -8.66 -29.78
CA CYS B 574 -17.33 -8.89 -30.33
C CYS B 574 -18.16 -7.61 -30.24
N SER B 575 -19.47 -7.73 -30.43
CA SER B 575 -20.34 -6.56 -30.54
C SER B 575 -20.38 -5.78 -29.23
N PHE B 576 -20.09 -4.48 -29.33
CA PHE B 576 -20.09 -3.59 -28.18
C PHE B 576 -20.29 -2.17 -28.66
N GLY B 577 -20.74 -1.31 -27.76
CA GLY B 577 -20.95 0.09 -28.08
C GLY B 577 -22.13 0.65 -27.31
N GLY B 578 -22.25 1.97 -27.38
CA GLY B 578 -23.33 2.65 -26.69
C GLY B 578 -24.66 2.47 -27.39
N VAL B 579 -25.74 2.64 -26.61
CA VAL B 579 -27.10 2.54 -27.11
C VAL B 579 -27.86 3.81 -26.75
N SER B 580 -28.60 4.35 -27.70
CA SER B 580 -29.36 5.58 -27.51
C SER B 580 -30.84 5.31 -27.72
N VAL B 581 -31.67 6.05 -27.00
CA VAL B 581 -33.12 5.90 -27.03
C VAL B 581 -33.73 7.18 -27.57
N ILE B 582 -34.59 7.05 -28.59
CA ILE B 582 -35.32 8.17 -29.17
C ILE B 582 -36.78 8.04 -28.77
N THR B 583 -37.38 9.17 -28.37
CA THR B 583 -38.74 9.17 -27.87
C THR B 583 -39.31 10.57 -28.00
N PRO B 584 -40.63 10.71 -28.20
CA PRO B 584 -41.26 12.03 -28.11
C PRO B 584 -41.53 12.42 -26.66
N GLY B 585 -42.23 13.52 -26.45
CA GLY B 585 -42.57 13.93 -25.10
C GLY B 585 -43.52 12.97 -24.44
N THR B 586 -43.43 12.90 -23.10
CA THR B 586 -44.25 11.97 -22.34
C THR B 586 -45.73 12.36 -22.37
N ASN B 587 -46.03 13.65 -22.57
CA ASN B 587 -47.42 14.08 -22.64
C ASN B 587 -48.07 13.63 -23.94
N THR B 588 -47.29 13.46 -25.01
CA THR B 588 -47.86 13.07 -26.30
C THR B 588 -48.10 11.57 -26.37
N SER B 589 -47.04 10.77 -26.24
CA SER B 589 -47.16 9.32 -26.32
C SER B 589 -46.02 8.71 -25.51
N ASN B 590 -45.90 7.38 -25.59
CA ASN B 590 -44.87 6.65 -24.87
C ASN B 590 -44.11 5.66 -25.75
N GLN B 591 -44.33 5.69 -27.07
CA GLN B 591 -43.62 4.78 -27.96
C GLN B 591 -42.14 5.16 -28.04
N VAL B 592 -41.28 4.14 -28.01
CA VAL B 592 -39.85 4.33 -28.03
C VAL B 592 -39.22 3.43 -29.07
N ALA B 593 -38.01 3.78 -29.49
CA ALA B 593 -37.24 2.99 -30.43
C ALA B 593 -35.80 2.87 -29.93
N VAL B 594 -35.18 1.74 -30.26
CA VAL B 594 -33.81 1.47 -29.85
C VAL B 594 -32.88 1.80 -31.02
N LEU B 595 -31.65 2.22 -30.69
CA LEU B 595 -30.69 2.60 -31.70
C LEU B 595 -29.29 2.34 -31.18
N TYR B 596 -28.47 1.68 -31.99
CA TYR B 596 -27.09 1.36 -31.66
C TYR B 596 -26.15 2.18 -32.53
N GLN B 597 -25.19 2.86 -31.91
CA GLN B 597 -24.26 3.72 -32.62
C GLN B 597 -23.01 2.93 -32.99
N GLY B 598 -22.75 2.81 -34.30
CA GLY B 598 -21.56 2.12 -34.76
C GLY B 598 -21.58 0.62 -34.58
N VAL B 599 -22.75 0.03 -34.31
CA VAL B 599 -22.88 -1.39 -34.06
C VAL B 599 -23.80 -1.97 -35.12
N ASN B 600 -23.30 -2.96 -35.87
CA ASN B 600 -24.14 -3.69 -36.79
C ASN B 600 -25.06 -4.63 -36.02
N CYS B 601 -26.35 -4.59 -36.32
CA CYS B 601 -27.34 -5.36 -35.59
C CYS B 601 -27.57 -6.76 -36.18
N THR B 602 -26.85 -7.14 -37.22
CA THR B 602 -26.95 -8.47 -37.79
C THR B 602 -26.04 -9.48 -37.09
N GLU B 603 -25.20 -9.03 -36.15
CA GLU B 603 -24.32 -9.94 -35.43
C GLU B 603 -24.27 -9.63 -33.94
N VAL B 604 -25.28 -8.96 -33.39
CA VAL B 604 -25.31 -8.65 -31.96
C VAL B 604 -25.63 -9.91 -31.16
N ASN B 625 -39.88 -3.36 -38.22
CA ASN B 625 -39.44 -2.04 -38.65
C ASN B 625 -37.92 -1.90 -38.50
N VAL B 626 -37.19 -2.38 -39.51
CA VAL B 626 -35.74 -2.32 -39.52
C VAL B 626 -35.30 -1.45 -40.68
N PHE B 627 -34.48 -0.43 -40.38
CA PHE B 627 -33.94 0.47 -41.39
C PHE B 627 -32.48 0.71 -41.10
N GLN B 628 -31.60 0.12 -41.90
CA GLN B 628 -30.17 0.23 -41.69
C GLN B 628 -29.63 1.55 -42.22
N THR B 629 -28.96 2.31 -41.36
CA THR B 629 -28.33 3.57 -41.71
C THR B 629 -26.82 3.45 -41.54
N ARG B 630 -26.13 4.56 -41.81
CA ARG B 630 -24.67 4.57 -41.65
C ARG B 630 -24.26 4.44 -40.19
N ALA B 631 -24.96 5.15 -39.30
CA ALA B 631 -24.66 5.04 -37.87
C ALA B 631 -25.10 3.69 -37.32
N GLY B 632 -26.23 3.18 -37.78
CA GLY B 632 -26.74 1.92 -37.33
C GLY B 632 -28.18 1.73 -37.73
N CYS B 633 -28.66 0.51 -37.52
CA CYS B 633 -30.03 0.18 -37.88
C CYS B 633 -30.99 0.63 -36.79
N LEU B 634 -32.19 1.00 -37.20
CA LEU B 634 -33.23 1.50 -36.31
C LEU B 634 -34.34 0.47 -36.19
N ILE B 635 -34.70 0.14 -34.95
CA ILE B 635 -35.73 -0.86 -34.66
C ILE B 635 -36.89 -0.15 -33.98
N GLY B 636 -38.11 -0.36 -34.51
CA GLY B 636 -39.30 0.25 -33.97
C GLY B 636 -39.83 1.43 -34.76
N ALA B 637 -39.04 1.96 -35.70
CA ALA B 637 -39.46 3.07 -36.54
C ALA B 637 -39.34 2.67 -38.00
N GLU B 638 -40.39 2.96 -38.78
CA GLU B 638 -40.43 2.61 -40.19
C GLU B 638 -39.93 3.76 -41.04
N TYR B 639 -39.20 3.43 -42.11
CA TYR B 639 -38.68 4.44 -43.01
C TYR B 639 -39.75 4.89 -43.99
N VAL B 640 -39.79 6.20 -44.23
CA VAL B 640 -40.77 6.81 -45.13
C VAL B 640 -40.01 7.49 -46.26
N ASN B 641 -40.42 7.22 -47.50
CA ASN B 641 -39.78 7.85 -48.65
C ASN B 641 -40.01 9.36 -48.66
N ASN B 642 -41.21 9.80 -48.29
CA ASN B 642 -41.49 11.22 -48.21
C ASN B 642 -40.73 11.85 -47.06
N SER B 643 -40.29 13.09 -47.26
CA SER B 643 -39.47 13.81 -46.30
C SER B 643 -40.26 15.00 -45.74
N TYR B 644 -40.21 15.17 -44.43
CA TYR B 644 -40.89 16.29 -43.78
C TYR B 644 -39.90 17.05 -42.90
N GLU B 645 -40.41 17.98 -42.09
CA GLU B 645 -39.54 18.73 -41.19
C GLU B 645 -39.07 17.82 -40.05
N CYS B 646 -37.76 17.80 -39.84
CA CYS B 646 -37.17 16.95 -38.82
C CYS B 646 -37.42 17.52 -37.43
N ASP B 647 -37.64 16.62 -36.46
CA ASP B 647 -37.91 16.99 -35.09
C ASP B 647 -36.81 16.56 -34.13
N ILE B 648 -36.44 15.29 -34.12
CA ILE B 648 -35.42 14.75 -33.23
C ILE B 648 -34.25 14.29 -34.10
N PRO B 649 -33.14 15.01 -34.13
CA PRO B 649 -32.01 14.60 -34.97
C PRO B 649 -31.36 13.32 -34.47
N ILE B 650 -30.82 12.55 -35.42
CA ILE B 650 -30.13 11.29 -35.13
C ILE B 650 -28.70 11.32 -35.65
N GLY B 651 -28.53 11.60 -36.93
CA GLY B 651 -27.21 11.65 -37.55
C GLY B 651 -27.16 10.87 -38.84
N ALA B 652 -26.05 11.07 -39.56
CA ALA B 652 -25.78 10.42 -40.84
C ALA B 652 -26.87 10.69 -41.87
N GLY B 653 -27.40 11.91 -41.85
CA GLY B 653 -28.41 12.32 -42.81
C GLY B 653 -29.80 11.78 -42.57
N ILE B 654 -30.05 11.15 -41.43
CA ILE B 654 -31.35 10.59 -41.11
C ILE B 654 -31.76 11.04 -39.71
N CYS B 655 -33.06 11.06 -39.47
CA CYS B 655 -33.61 11.42 -38.17
C CYS B 655 -35.03 10.89 -38.08
N ALA B 656 -35.55 10.84 -36.85
CA ALA B 656 -36.88 10.32 -36.58
C ALA B 656 -37.76 11.38 -35.95
N SER B 657 -39.07 11.21 -36.11
CA SER B 657 -40.04 12.15 -35.58
C SER B 657 -41.33 11.39 -35.26
N TYR B 658 -42.18 12.04 -34.48
CA TYR B 658 -43.47 11.50 -34.08
C TYR B 658 -44.59 12.21 -34.83
N GLN B 659 -45.49 11.44 -35.43
CA GLN B 659 -46.61 12.00 -36.18
C GLN B 659 -47.93 11.40 -35.72
N SER B 671 -47.69 7.12 -34.37
CA SER B 671 -46.51 6.28 -34.56
C SER B 671 -45.27 7.12 -34.85
N ILE B 672 -44.10 6.51 -34.74
CA ILE B 672 -42.83 7.18 -35.00
C ILE B 672 -42.31 6.73 -36.36
N ILE B 673 -41.84 7.70 -37.16
CA ILE B 673 -41.34 7.45 -38.50
C ILE B 673 -40.00 8.15 -38.68
N ALA B 674 -39.24 7.70 -39.67
CA ALA B 674 -37.95 8.28 -39.99
C ALA B 674 -37.92 8.67 -41.46
N TYR B 675 -37.23 9.77 -41.77
CA TYR B 675 -37.15 10.26 -43.13
C TYR B 675 -35.86 11.03 -43.31
N THR B 676 -35.54 11.33 -44.57
CA THR B 676 -34.31 12.03 -44.91
C THR B 676 -34.46 13.52 -44.60
N MET B 677 -33.38 14.27 -44.83
CA MET B 677 -33.37 15.69 -44.55
C MET B 677 -34.25 16.45 -45.53
N SER B 678 -34.95 17.46 -45.02
CA SER B 678 -35.75 18.37 -45.84
C SER B 678 -35.07 19.73 -45.81
N LEU B 679 -34.34 20.05 -46.88
CA LEU B 679 -33.63 21.32 -46.95
C LEU B 679 -34.59 22.50 -47.04
N GLY B 680 -35.66 22.35 -47.79
CA GLY B 680 -36.64 23.41 -47.93
C GLY B 680 -37.46 23.23 -49.20
N ALA B 681 -38.38 24.16 -49.38
CA ALA B 681 -39.22 24.16 -50.57
C ALA B 681 -38.40 24.56 -51.80
N GLU B 682 -38.54 23.80 -52.87
CA GLU B 682 -37.80 24.09 -54.09
C GLU B 682 -38.39 25.32 -54.78
N ASN B 683 -37.51 26.26 -55.14
CA ASN B 683 -37.93 27.50 -55.79
C ASN B 683 -36.87 27.86 -56.84
N SER B 684 -37.13 27.49 -58.08
CA SER B 684 -36.21 27.79 -59.18
C SER B 684 -36.63 29.12 -59.81
N VAL B 685 -35.78 30.13 -59.66
CA VAL B 685 -36.06 31.46 -60.19
C VAL B 685 -35.74 31.48 -61.68
N ALA B 686 -36.58 32.17 -62.46
CA ALA B 686 -36.38 32.28 -63.89
C ALA B 686 -35.38 33.40 -64.16
N TYR B 687 -34.14 33.02 -64.47
CA TYR B 687 -33.07 33.98 -64.71
C TYR B 687 -33.02 34.33 -66.19
N SER B 688 -32.93 35.62 -66.49
CA SER B 688 -32.86 36.10 -67.86
C SER B 688 -31.98 37.34 -67.90
N ASN B 689 -31.46 37.64 -69.10
CA ASN B 689 -30.58 38.78 -69.29
C ASN B 689 -31.33 40.11 -69.38
N ASN B 690 -32.67 40.07 -69.47
CA ASN B 690 -33.44 41.31 -69.58
C ASN B 690 -34.70 41.29 -68.72
N SER B 691 -34.73 40.46 -67.67
CA SER B 691 -35.90 40.36 -66.80
C SER B 691 -35.52 40.83 -65.40
N ILE B 692 -36.37 41.68 -64.82
CA ILE B 692 -36.15 42.24 -63.49
C ILE B 692 -37.45 42.11 -62.71
N ALA B 693 -37.31 41.97 -61.38
CA ALA B 693 -38.46 41.85 -60.48
C ALA B 693 -38.39 43.01 -59.49
N ILE B 694 -39.15 44.07 -59.78
CA ILE B 694 -39.20 45.25 -58.92
C ILE B 694 -40.29 45.04 -57.87
N PRO B 695 -39.98 45.12 -56.59
CA PRO B 695 -41.02 44.95 -55.57
C PRO B 695 -42.02 46.11 -55.59
N THR B 696 -43.26 45.78 -55.21
CA THR B 696 -44.34 46.76 -55.17
C THR B 696 -44.92 46.98 -53.78
N ASN B 697 -44.67 46.09 -52.83
CA ASN B 697 -45.20 46.21 -51.49
C ASN B 697 -44.10 45.92 -50.48
N PHE B 698 -44.34 46.31 -49.23
CA PHE B 698 -43.40 46.11 -48.14
C PHE B 698 -44.13 45.59 -46.91
N THR B 699 -43.41 44.86 -46.08
CA THR B 699 -43.94 44.31 -44.85
C THR B 699 -43.05 44.73 -43.68
N ILE B 700 -43.67 45.24 -42.62
CA ILE B 700 -42.94 45.66 -41.42
C ILE B 700 -42.94 44.46 -40.48
N SER B 701 -41.88 43.66 -40.58
CA SER B 701 -41.76 42.45 -39.79
C SER B 701 -41.01 42.72 -38.48
N VAL B 702 -41.39 41.98 -37.45
CA VAL B 702 -40.78 42.08 -36.13
C VAL B 702 -40.24 40.71 -35.76
N THR B 703 -39.01 40.67 -35.25
CA THR B 703 -38.37 39.43 -34.82
C THR B 703 -37.77 39.63 -33.43
N THR B 704 -37.73 38.54 -32.67
CA THR B 704 -37.13 38.53 -31.34
C THR B 704 -35.79 37.81 -31.38
N GLU B 705 -34.77 38.44 -30.80
CA GLU B 705 -33.44 37.88 -30.71
C GLU B 705 -32.99 37.90 -29.26
N ILE B 706 -32.57 36.74 -28.75
CA ILE B 706 -32.29 36.55 -27.33
C ILE B 706 -30.85 36.08 -27.19
N LEU B 707 -30.07 36.80 -26.37
CA LEU B 707 -28.70 36.40 -26.04
C LEU B 707 -28.54 36.42 -24.52
N PRO B 708 -27.84 35.45 -23.95
CA PRO B 708 -27.56 35.50 -22.51
C PRO B 708 -26.60 36.63 -22.17
N VAL B 709 -26.75 37.15 -20.95
CA VAL B 709 -25.92 38.25 -20.45
C VAL B 709 -24.96 37.77 -19.38
N SER B 710 -25.47 37.17 -18.31
CA SER B 710 -24.64 36.78 -17.18
C SER B 710 -25.37 35.69 -16.40
N MET B 711 -24.61 35.03 -15.53
CA MET B 711 -25.13 33.99 -14.65
C MET B 711 -25.02 34.44 -13.20
N THR B 712 -25.66 33.69 -12.31
CA THR B 712 -25.63 34.00 -10.89
C THR B 712 -24.23 33.75 -10.33
N LYS B 713 -23.78 34.69 -9.49
CA LYS B 713 -22.47 34.56 -8.86
C LYS B 713 -22.54 33.54 -7.72
N THR B 714 -21.60 32.61 -7.70
CA THR B 714 -21.54 31.57 -6.68
C THR B 714 -20.24 31.69 -5.91
N SER B 715 -20.33 31.71 -4.58
CA SER B 715 -19.17 31.80 -3.71
C SER B 715 -19.15 30.58 -2.80
N VAL B 716 -18.00 29.89 -2.76
CA VAL B 716 -17.83 28.70 -1.94
C VAL B 716 -16.54 28.86 -1.12
N ASP B 717 -16.45 28.07 -0.06
CA ASP B 717 -15.28 28.06 0.81
C ASP B 717 -14.80 26.62 0.97
N CYS B 718 -13.48 26.46 1.13
CA CYS B 718 -12.90 25.12 1.19
C CYS B 718 -13.24 24.42 2.50
N THR B 719 -13.10 25.13 3.63
CA THR B 719 -13.17 24.48 4.93
C THR B 719 -14.57 23.94 5.22
N MET B 720 -15.61 24.73 4.94
CA MET B 720 -16.96 24.28 5.25
C MET B 720 -17.45 23.24 4.25
N TYR B 721 -17.18 23.46 2.95
CA TYR B 721 -17.71 22.55 1.93
C TYR B 721 -17.00 21.21 1.95
N ILE B 722 -15.68 21.19 2.14
CA ILE B 722 -14.94 19.94 2.06
C ILE B 722 -15.23 19.07 3.29
N CYS B 723 -15.06 19.63 4.47
CA CYS B 723 -15.31 18.85 5.68
C CYS B 723 -16.25 19.53 6.67
N GLY B 724 -16.15 20.85 6.81
CA GLY B 724 -17.00 21.56 7.75
C GLY B 724 -16.26 22.21 8.89
N ASP B 725 -16.55 21.77 10.12
CA ASP B 725 -16.00 22.37 11.33
C ASP B 725 -14.88 21.54 11.95
N SER B 726 -14.35 20.56 11.23
CA SER B 726 -13.30 19.70 11.76
C SER B 726 -11.98 20.46 11.81
N THR B 727 -11.40 20.58 13.01
CA THR B 727 -10.13 21.29 13.15
C THR B 727 -8.98 20.48 12.57
N GLU B 728 -9.00 19.16 12.73
CA GLU B 728 -7.97 18.31 12.16
C GLU B 728 -7.98 18.35 10.64
N CYS B 729 -9.17 18.43 10.04
CA CYS B 729 -9.27 18.60 8.60
C CYS B 729 -8.65 19.91 8.14
N SER B 730 -8.88 20.99 8.90
CA SER B 730 -8.25 22.28 8.57
C SER B 730 -6.73 22.20 8.71
N ASN B 731 -6.25 21.51 9.75
CA ASN B 731 -4.81 21.36 9.92
C ASN B 731 -4.18 20.55 8.78
N LEU B 732 -4.89 19.52 8.32
CA LEU B 732 -4.37 18.72 7.20
C LEU B 732 -4.44 19.51 5.90
N LEU B 733 -5.47 20.34 5.73
CA LEU B 733 -5.60 21.14 4.51
C LEU B 733 -4.59 22.28 4.48
N LEU B 734 -4.15 22.75 5.65
CA LEU B 734 -3.15 23.81 5.69
C LEU B 734 -1.82 23.37 5.10
N GLN B 735 -1.52 22.07 5.14
CA GLN B 735 -0.30 21.55 4.54
C GLN B 735 -0.37 21.45 3.02
N TYR B 736 -1.57 21.53 2.44
CA TYR B 736 -1.72 21.47 0.99
C TYR B 736 -1.29 22.74 0.30
N GLY B 737 -1.39 23.89 0.97
CA GLY B 737 -1.03 25.15 0.37
C GLY B 737 -2.16 26.16 0.35
N SER B 738 -2.41 26.75 -0.81
CA SER B 738 -3.45 27.78 -0.98
C SER B 738 -4.27 27.49 -2.23
N PHE B 739 -4.71 26.24 -2.37
CA PHE B 739 -5.57 25.88 -3.51
C PHE B 739 -6.93 26.56 -3.40
N CYS B 740 -7.58 26.46 -2.25
CA CYS B 740 -8.90 27.07 -2.10
C CYS B 740 -8.81 28.59 -2.02
N THR B 741 -7.66 29.13 -1.59
CA THR B 741 -7.44 30.56 -1.69
C THR B 741 -7.40 31.00 -3.16
N GLN B 742 -6.74 30.21 -4.00
CA GLN B 742 -6.74 30.49 -5.44
C GLN B 742 -8.14 30.35 -6.03
N LEU B 743 -8.92 29.37 -5.54
CA LEU B 743 -10.29 29.23 -6.01
C LEU B 743 -11.15 30.44 -5.61
N LYS B 744 -10.97 30.95 -4.39
CA LYS B 744 -11.68 32.14 -3.96
C LYS B 744 -11.26 33.36 -4.78
N ARG B 745 -9.97 33.45 -5.10
CA ARG B 745 -9.49 34.54 -5.96
C ARG B 745 -10.12 34.45 -7.36
N ALA B 746 -10.24 33.24 -7.90
CA ALA B 746 -10.90 33.05 -9.18
C ALA B 746 -12.38 33.38 -9.10
N LEU B 747 -13.02 33.09 -7.96
CA LEU B 747 -14.43 33.47 -7.78
C LEU B 747 -14.60 34.99 -7.74
N THR B 748 -13.69 35.69 -7.06
CA THR B 748 -13.71 37.15 -7.10
C THR B 748 -13.47 37.67 -8.51
N GLY B 749 -12.58 37.01 -9.26
CA GLY B 749 -12.32 37.42 -10.63
C GLY B 749 -13.52 37.23 -11.53
N ILE B 750 -14.21 36.09 -11.41
CA ILE B 750 -15.39 35.85 -12.24
C ILE B 750 -16.53 36.78 -11.83
N ALA B 751 -16.63 37.12 -10.54
CA ALA B 751 -17.64 38.10 -10.12
C ALA B 751 -17.35 39.47 -10.70
N VAL B 752 -16.08 39.89 -10.70
CA VAL B 752 -15.69 41.17 -11.28
C VAL B 752 -15.95 41.17 -12.79
N GLU B 753 -15.64 40.07 -13.46
CA GLU B 753 -15.90 39.97 -14.89
C GLU B 753 -17.40 40.03 -15.20
N GLN B 754 -18.22 39.36 -14.39
CA GLN B 754 -19.67 39.42 -14.57
C GLN B 754 -20.19 40.83 -14.35
N ASP B 755 -19.69 41.52 -13.32
CA ASP B 755 -20.12 42.90 -13.07
C ASP B 755 -19.73 43.82 -14.21
N LYS B 756 -18.50 43.66 -14.73
CA LYS B 756 -18.05 44.47 -15.86
C LYS B 756 -18.88 44.19 -17.11
N ASN B 757 -19.21 42.92 -17.35
CA ASN B 757 -20.04 42.58 -18.51
C ASN B 757 -21.43 43.18 -18.39
N THR B 758 -22.03 43.12 -17.21
CA THR B 758 -23.36 43.72 -17.01
C THR B 758 -23.31 45.23 -17.17
N GLN B 759 -22.26 45.87 -16.65
CA GLN B 759 -22.11 47.32 -16.81
C GLN B 759 -21.92 47.70 -18.27
N GLU B 760 -21.16 46.90 -19.02
CA GLU B 760 -20.94 47.19 -20.43
C GLU B 760 -22.22 46.99 -21.24
N VAL B 761 -22.99 45.94 -20.95
CA VAL B 761 -24.18 45.66 -21.74
C VAL B 761 -25.37 46.54 -21.34
N PHE B 762 -25.37 47.09 -20.13
CA PHE B 762 -26.49 47.89 -19.65
C PHE B 762 -26.16 49.36 -19.51
N ALA B 763 -25.10 49.70 -18.78
CA ALA B 763 -24.73 51.10 -18.54
C ALA B 763 -23.87 51.59 -19.69
N GLN B 764 -24.54 52.00 -20.76
CA GLN B 764 -23.86 52.54 -21.94
C GLN B 764 -23.99 54.05 -22.06
N VAL B 765 -25.08 54.63 -21.57
CA VAL B 765 -25.30 56.07 -21.62
C VAL B 765 -25.24 56.65 -20.21
N LYS B 766 -24.78 57.88 -20.09
CA LYS B 766 -24.67 58.51 -18.76
C LYS B 766 -25.86 59.40 -18.44
N GLN B 767 -26.78 59.53 -19.38
CA GLN B 767 -27.98 60.35 -19.17
C GLN B 767 -29.22 59.47 -19.16
N ILE B 768 -30.05 59.68 -18.14
CA ILE B 768 -31.29 58.92 -17.97
C ILE B 768 -32.43 59.75 -18.54
N TYR B 769 -33.06 59.24 -19.58
CA TYR B 769 -34.14 59.95 -20.27
C TYR B 769 -35.49 59.43 -19.84
N LYS B 770 -36.49 60.30 -19.88
CA LYS B 770 -37.85 59.97 -19.47
C LYS B 770 -38.81 60.17 -20.63
N THR B 771 -39.85 59.34 -20.66
CA THR B 771 -40.84 59.43 -21.72
C THR B 771 -41.65 60.72 -21.58
N PRO B 772 -42.12 61.28 -22.69
CA PRO B 772 -42.99 62.44 -22.62
C PRO B 772 -44.31 62.07 -21.97
N PRO B 773 -44.97 63.03 -21.30
CA PRO B 773 -46.25 62.72 -20.63
C PRO B 773 -47.34 62.26 -21.59
N ILE B 774 -47.36 62.77 -22.81
CA ILE B 774 -48.35 62.37 -23.82
C ILE B 774 -47.74 61.30 -24.71
N LYS B 775 -48.48 60.21 -24.92
CA LYS B 775 -48.01 59.09 -25.72
C LYS B 775 -48.57 59.17 -27.14
N TYR B 776 -48.15 60.21 -27.85
CA TYR B 776 -48.54 60.41 -29.24
C TYR B 776 -47.27 60.42 -30.10
N PHE B 777 -47.23 59.56 -31.11
CA PHE B 777 -46.08 59.45 -32.00
C PHE B 777 -46.54 59.32 -33.44
N GLY B 778 -47.50 60.15 -33.84
CA GLY B 778 -48.03 60.12 -35.19
C GLY B 778 -48.78 58.85 -35.56
N GLY B 779 -49.64 58.37 -34.67
CA GLY B 779 -50.44 57.19 -34.93
C GLY B 779 -49.78 55.87 -34.59
N PHE B 780 -48.52 55.89 -34.15
CA PHE B 780 -47.80 54.67 -33.81
C PHE B 780 -48.04 54.31 -32.34
N ASN B 781 -48.20 53.02 -32.07
CA ASN B 781 -48.51 52.52 -30.74
C ASN B 781 -47.27 51.93 -30.09
N PHE B 782 -47.02 52.31 -28.84
CA PHE B 782 -45.88 51.81 -28.08
C PHE B 782 -46.26 51.46 -26.65
N SER B 783 -47.52 51.05 -26.43
CA SER B 783 -47.97 50.76 -25.08
C SER B 783 -47.36 49.47 -24.53
N GLN B 784 -47.00 48.53 -25.42
CA GLN B 784 -46.48 47.25 -24.99
C GLN B 784 -45.00 47.31 -24.58
N ILE B 785 -44.30 48.40 -24.88
CA ILE B 785 -42.88 48.50 -24.58
C ILE B 785 -42.58 49.52 -23.50
N LEU B 786 -43.39 50.55 -23.34
CA LEU B 786 -43.18 51.50 -22.26
C LEU B 786 -43.55 50.87 -20.92
N PRO B 787 -42.85 51.20 -19.84
CA PRO B 787 -43.21 50.66 -18.53
C PRO B 787 -44.59 51.14 -18.09
N ASP B 788 -45.31 50.27 -17.40
CA ASP B 788 -46.66 50.58 -16.93
C ASP B 788 -46.58 51.29 -15.58
N PRO B 789 -47.06 52.53 -15.47
CA PRO B 789 -47.06 53.20 -14.15
C PRO B 789 -47.95 52.54 -13.13
N SER B 790 -48.97 51.78 -13.56
CA SER B 790 -49.83 51.08 -12.61
C SER B 790 -49.07 49.98 -11.87
N LYS B 791 -48.20 49.26 -12.57
CA LYS B 791 -47.43 48.21 -11.93
C LYS B 791 -46.39 48.82 -11.00
N PRO B 792 -46.26 48.33 -9.76
CA PRO B 792 -45.24 48.87 -8.85
C PRO B 792 -43.81 48.65 -9.33
N SER B 793 -43.56 47.58 -10.08
CA SER B 793 -42.22 47.29 -10.56
C SER B 793 -41.78 48.20 -11.70
N LYS B 794 -42.71 48.94 -12.32
CA LYS B 794 -42.44 49.85 -13.44
C LYS B 794 -41.76 49.11 -14.59
N ARG B 795 -42.36 48.00 -15.00
CA ARG B 795 -41.83 47.15 -16.05
C ARG B 795 -42.81 47.06 -17.20
N SER B 796 -42.26 46.88 -18.40
CA SER B 796 -43.08 46.71 -19.59
C SER B 796 -43.84 45.38 -19.53
N PRO B 797 -45.02 45.30 -20.15
CA PRO B 797 -45.73 44.00 -20.21
C PRO B 797 -44.94 42.91 -20.89
N ILE B 798 -44.16 43.25 -21.92
CA ILE B 798 -43.27 42.26 -22.53
C ILE B 798 -42.19 41.84 -21.55
N GLU B 799 -41.61 42.81 -20.83
CA GLU B 799 -40.61 42.49 -19.81
C GLU B 799 -41.21 41.67 -18.69
N ASP B 800 -42.45 41.99 -18.29
CA ASP B 800 -43.12 41.20 -17.26
C ASP B 800 -43.38 39.78 -17.73
N LEU B 801 -43.76 39.60 -19.00
CA LEU B 801 -43.96 38.27 -19.54
C LEU B 801 -42.64 37.50 -19.58
N LEU B 802 -41.55 38.16 -19.96
CA LEU B 802 -40.25 37.50 -19.97
C LEU B 802 -39.81 37.11 -18.56
N PHE B 803 -40.09 37.96 -17.58
CA PHE B 803 -39.76 37.63 -16.19
C PHE B 803 -40.60 36.47 -15.69
N ASN B 804 -41.89 36.43 -16.03
CA ASN B 804 -42.76 35.36 -15.58
C ASN B 804 -42.45 34.04 -16.29
N LYS B 805 -41.92 34.10 -17.50
CA LYS B 805 -41.61 32.88 -18.24
C LYS B 805 -40.30 32.23 -17.80
N VAL B 806 -39.54 32.88 -16.92
CA VAL B 806 -38.28 32.33 -16.41
C VAL B 806 -38.44 32.13 -14.91
N THR B 807 -38.20 30.90 -14.46
CA THR B 807 -38.32 30.57 -13.04
C THR B 807 -36.93 30.42 -12.40
N LYS B 836 -24.71 24.63 3.17
CA LYS B 836 -24.11 23.49 2.47
C LYS B 836 -22.81 23.88 1.80
N GLY B 837 -22.24 25.03 2.21
CA GLY B 837 -21.01 25.51 1.65
C GLY B 837 -21.14 26.26 0.34
N LEU B 838 -22.36 26.46 -0.15
CA LEU B 838 -22.60 27.17 -1.41
C LEU B 838 -23.43 28.41 -1.11
N THR B 839 -22.94 29.57 -1.53
CA THR B 839 -23.63 30.83 -1.36
C THR B 839 -23.77 31.52 -2.71
N VAL B 840 -24.91 32.18 -2.92
CA VAL B 840 -25.21 32.87 -4.17
C VAL B 840 -25.20 34.36 -3.89
N LEU B 841 -24.23 35.06 -4.47
CA LEU B 841 -24.16 36.50 -4.31
C LEU B 841 -25.18 37.18 -5.24
N PRO B 842 -26.04 38.03 -4.70
CA PRO B 842 -26.98 38.76 -5.57
C PRO B 842 -26.24 39.72 -6.48
N PRO B 843 -26.72 39.93 -7.70
CA PRO B 843 -26.04 40.85 -8.60
C PRO B 843 -26.17 42.31 -8.15
N LEU B 844 -25.15 43.09 -8.48
CA LEU B 844 -25.20 44.53 -8.20
C LEU B 844 -26.29 45.20 -9.03
N LEU B 845 -26.42 44.80 -10.30
CA LEU B 845 -27.42 45.37 -11.20
C LEU B 845 -28.72 44.61 -11.00
N THR B 846 -29.63 45.20 -10.23
CA THR B 846 -30.90 44.56 -9.95
C THR B 846 -31.86 44.69 -11.13
N ASP B 847 -33.01 44.05 -11.02
CA ASP B 847 -33.99 44.05 -12.11
C ASP B 847 -34.59 45.43 -12.31
N GLU B 848 -34.83 46.17 -11.22
CA GLU B 848 -35.45 47.49 -11.34
C GLU B 848 -34.53 48.47 -12.07
N MET B 849 -33.23 48.47 -11.73
CA MET B 849 -32.34 49.44 -12.36
C MET B 849 -32.02 49.08 -13.80
N ILE B 850 -31.94 47.79 -14.14
CA ILE B 850 -31.76 47.45 -15.55
C ILE B 850 -33.03 47.72 -16.35
N ALA B 851 -34.20 47.58 -15.71
CA ALA B 851 -35.45 47.96 -16.37
C ALA B 851 -35.49 49.46 -16.62
N GLN B 852 -35.03 50.25 -15.66
CA GLN B 852 -34.96 51.69 -15.84
C GLN B 852 -33.95 52.07 -16.93
N TYR B 853 -32.83 51.34 -16.99
CA TYR B 853 -31.84 51.57 -18.05
C TYR B 853 -32.43 51.27 -19.42
N THR B 854 -33.16 50.17 -19.55
CA THR B 854 -33.80 49.84 -20.83
C THR B 854 -34.87 50.87 -21.19
N SER B 855 -35.62 51.34 -20.20
CA SER B 855 -36.62 52.38 -20.45
C SER B 855 -35.96 53.67 -20.92
N ALA B 856 -34.84 54.05 -20.30
CA ALA B 856 -34.11 55.24 -20.71
C ALA B 856 -33.56 55.10 -22.12
N LEU B 857 -33.04 53.92 -22.46
CA LEU B 857 -32.54 53.68 -23.81
C LEU B 857 -33.67 53.74 -24.83
N LEU B 858 -34.84 53.18 -24.49
CA LEU B 858 -35.99 53.25 -25.38
C LEU B 858 -36.47 54.68 -25.56
N ALA B 859 -36.49 55.47 -24.49
CA ALA B 859 -36.86 56.87 -24.59
C ALA B 859 -35.87 57.65 -25.46
N GLY B 860 -34.57 57.35 -25.31
CA GLY B 860 -33.57 58.00 -26.13
C GLY B 860 -33.69 57.65 -27.60
N THR B 861 -33.95 56.38 -27.91
CA THR B 861 -34.07 55.97 -29.30
C THR B 861 -35.43 56.30 -29.90
N ILE B 862 -36.42 56.66 -29.09
CA ILE B 862 -37.71 57.07 -29.62
C ILE B 862 -37.89 58.58 -29.65
N THR B 863 -37.09 59.34 -28.90
CA THR B 863 -37.19 60.79 -28.88
C THR B 863 -35.98 61.49 -29.49
N SER B 864 -34.86 60.79 -29.68
CA SER B 864 -33.66 61.38 -30.25
C SER B 864 -33.04 60.56 -31.37
N GLY B 865 -33.51 59.35 -31.63
CA GLY B 865 -32.92 58.54 -32.69
C GLY B 865 -31.52 58.10 -32.31
N TRP B 866 -30.58 58.33 -33.22
CA TRP B 866 -29.17 58.02 -32.98
C TRP B 866 -28.36 59.22 -32.52
N THR B 867 -29.02 60.36 -32.31
CA THR B 867 -28.29 61.57 -31.90
C THR B 867 -27.81 61.47 -30.46
N PHE B 868 -28.61 60.85 -29.58
CA PHE B 868 -28.19 60.71 -28.19
C PHE B 868 -27.08 59.69 -28.03
N GLY B 869 -26.99 58.73 -28.94
CA GLY B 869 -25.91 57.76 -28.93
C GLY B 869 -24.63 58.22 -29.59
N ALA B 870 -24.63 59.43 -30.16
CA ALA B 870 -23.46 60.01 -30.82
C ALA B 870 -23.17 61.39 -30.28
N GLY B 871 -23.34 61.58 -28.97
CA GLY B 871 -23.10 62.86 -28.35
C GLY B 871 -24.28 63.34 -27.53
N PRO B 872 -24.48 64.65 -27.48
CA PRO B 872 -25.63 65.19 -26.74
C PRO B 872 -26.95 64.81 -27.41
N ALA B 873 -27.98 64.67 -26.58
CA ALA B 873 -29.30 64.30 -27.06
C ALA B 873 -29.95 65.47 -27.80
N LEU B 874 -30.48 65.19 -28.98
CA LEU B 874 -31.17 66.17 -29.80
C LEU B 874 -32.60 65.68 -30.02
N GLN B 875 -33.58 66.49 -29.64
CA GLN B 875 -34.97 66.08 -29.79
C GLN B 875 -35.36 66.03 -31.26
N ILE B 876 -36.09 64.98 -31.64
CA ILE B 876 -36.56 64.77 -33.00
C ILE B 876 -37.69 63.75 -32.98
N PRO B 877 -38.79 64.00 -33.67
CA PRO B 877 -39.91 63.04 -33.67
C PRO B 877 -39.61 61.75 -34.42
N PHE B 878 -40.62 60.88 -34.47
CA PHE B 878 -40.57 59.53 -35.04
C PHE B 878 -40.68 59.46 -36.56
N PRO B 879 -41.60 60.19 -37.24
CA PRO B 879 -41.76 59.98 -38.70
C PRO B 879 -40.53 60.33 -39.52
N MET B 880 -39.89 61.48 -39.27
CA MET B 880 -38.69 61.79 -40.06
C MET B 880 -37.50 60.94 -39.66
N GLN B 881 -37.49 60.40 -38.43
CA GLN B 881 -36.47 59.41 -38.08
C GLN B 881 -36.64 58.14 -38.91
N MET B 882 -37.89 57.66 -39.06
CA MET B 882 -38.14 56.54 -39.95
C MET B 882 -37.85 56.89 -41.41
N ALA B 883 -38.07 58.15 -41.80
CA ALA B 883 -37.73 58.59 -43.15
C ALA B 883 -36.23 58.51 -43.37
N TYR B 884 -35.43 58.94 -42.39
CA TYR B 884 -33.98 58.82 -42.48
C TYR B 884 -33.55 57.36 -42.53
N ARG B 885 -34.19 56.50 -41.73
CA ARG B 885 -33.84 55.09 -41.73
C ARG B 885 -34.16 54.43 -43.07
N PHE B 886 -35.29 54.81 -43.68
CA PHE B 886 -35.60 54.31 -45.02
C PHE B 886 -34.62 54.84 -46.06
N ASN B 887 -34.22 56.11 -45.93
CA ASN B 887 -33.25 56.68 -46.85
C ASN B 887 -31.87 56.05 -46.70
N GLY B 888 -31.56 55.50 -45.54
CA GLY B 888 -30.27 54.85 -45.33
C GLY B 888 -30.15 53.50 -46.02
N ILE B 889 -31.27 52.89 -46.39
CA ILE B 889 -31.26 51.60 -47.05
C ILE B 889 -31.70 51.71 -48.51
N GLY B 890 -31.61 52.91 -49.09
CA GLY B 890 -31.95 53.10 -50.48
C GLY B 890 -33.43 53.17 -50.79
N VAL B 891 -34.27 53.49 -49.81
CA VAL B 891 -35.70 53.62 -50.00
C VAL B 891 -36.08 55.09 -49.85
N THR B 892 -36.77 55.62 -50.85
CA THR B 892 -37.21 57.01 -50.80
C THR B 892 -38.27 57.18 -49.72
N GLN B 893 -38.25 58.35 -49.07
CA GLN B 893 -39.12 58.63 -47.94
C GLN B 893 -40.48 59.20 -48.34
N ASN B 894 -40.75 59.38 -49.63
CA ASN B 894 -42.05 59.85 -50.06
C ASN B 894 -43.14 58.81 -49.79
N VAL B 895 -42.80 57.53 -50.00
CA VAL B 895 -43.77 56.47 -49.75
C VAL B 895 -44.08 56.31 -48.27
N LEU B 896 -43.21 56.79 -47.38
CA LEU B 896 -43.51 56.79 -45.96
C LEU B 896 -44.65 57.76 -45.66
N TYR B 897 -44.56 58.97 -46.18
CA TYR B 897 -45.62 59.95 -45.99
C TYR B 897 -46.86 59.63 -46.81
N GLU B 898 -46.72 58.81 -47.86
CA GLU B 898 -47.88 58.43 -48.66
C GLU B 898 -48.82 57.51 -47.88
N ASN B 899 -48.27 56.55 -47.14
CA ASN B 899 -49.05 55.54 -46.43
C ASN B 899 -48.56 55.39 -44.99
N GLN B 900 -48.41 56.51 -44.28
CA GLN B 900 -47.94 56.48 -42.90
C GLN B 900 -48.91 55.73 -42.00
N LYS B 901 -50.21 55.91 -42.21
CA LYS B 901 -51.20 55.20 -41.41
C LYS B 901 -51.14 53.70 -41.65
N LEU B 902 -50.91 53.29 -42.90
CA LEU B 902 -50.76 51.86 -43.21
C LEU B 902 -49.53 51.27 -42.54
N ILE B 903 -48.42 52.02 -42.55
CA ILE B 903 -47.20 51.57 -41.89
C ILE B 903 -47.42 51.44 -40.39
N ALA B 904 -48.10 52.41 -39.78
CA ALA B 904 -48.38 52.36 -38.36
C ALA B 904 -49.28 51.18 -38.01
N ASN B 905 -50.31 50.93 -38.82
CA ASN B 905 -51.21 49.80 -38.57
C ASN B 905 -50.47 48.47 -38.72
N GLN B 906 -49.61 48.35 -39.73
CA GLN B 906 -48.84 47.13 -39.91
C GLN B 906 -47.88 46.90 -38.75
N PHE B 907 -47.22 47.97 -38.28
CA PHE B 907 -46.31 47.85 -37.15
C PHE B 907 -47.05 47.44 -35.88
N ASN B 908 -48.22 48.05 -35.63
CA ASN B 908 -49.01 47.69 -34.46
C ASN B 908 -49.50 46.25 -34.53
N SER B 909 -49.94 45.81 -35.71
CA SER B 909 -50.39 44.43 -35.87
C SER B 909 -49.26 43.45 -35.67
N ALA B 910 -48.07 43.76 -36.20
CA ALA B 910 -46.91 42.88 -36.01
C ALA B 910 -46.49 42.83 -34.54
N ILE B 911 -46.52 43.97 -33.85
CA ILE B 911 -46.17 44.01 -32.44
C ILE B 911 -47.15 43.18 -31.62
N GLY B 912 -48.45 43.33 -31.89
CA GLY B 912 -49.44 42.54 -31.18
C GLY B 912 -49.31 41.05 -31.46
N LYS B 913 -49.06 40.69 -32.72
CA LYS B 913 -48.90 39.29 -33.08
C LYS B 913 -47.69 38.66 -32.41
N ILE B 914 -46.56 39.38 -32.40
CA ILE B 914 -45.37 38.82 -31.78
C ILE B 914 -45.50 38.79 -30.26
N GLN B 915 -46.24 39.74 -29.67
CA GLN B 915 -46.48 39.70 -28.24
C GLN B 915 -47.37 38.51 -27.87
N ASP B 916 -48.36 38.20 -28.70
CA ASP B 916 -49.18 37.01 -28.48
C ASP B 916 -48.37 35.74 -28.67
N SER B 917 -47.48 35.72 -29.67
CA SER B 917 -46.71 34.51 -29.97
C SER B 917 -45.61 34.26 -28.95
N LEU B 918 -45.13 35.32 -28.28
CA LEU B 918 -44.05 35.15 -27.30
C LEU B 918 -44.51 34.32 -26.10
N SER B 919 -45.76 34.51 -25.67
CA SER B 919 -46.27 33.75 -24.54
C SER B 919 -46.44 32.27 -24.89
N SER B 920 -46.86 31.98 -26.11
CA SER B 920 -47.12 30.61 -26.55
C SER B 920 -45.87 29.88 -27.03
N THR B 921 -44.73 30.55 -27.10
CA THR B 921 -43.50 29.94 -27.57
C THR B 921 -42.46 29.94 -26.45
N PRO B 922 -42.28 28.83 -25.74
CA PRO B 922 -41.25 28.79 -24.69
C PRO B 922 -39.83 28.67 -25.22
N SER B 923 -39.66 28.40 -26.51
CA SER B 923 -38.33 28.25 -27.09
C SER B 923 -37.59 29.57 -27.27
N ALA B 924 -38.28 30.71 -27.15
CA ALA B 924 -37.62 32.00 -27.27
C ALA B 924 -36.63 32.22 -26.13
N LEU B 925 -37.03 31.88 -24.90
CA LEU B 925 -36.14 31.94 -23.74
C LEU B 925 -35.45 30.62 -23.48
N GLY B 926 -35.29 29.78 -24.52
CA GLY B 926 -34.69 28.47 -24.33
C GLY B 926 -33.23 28.54 -23.92
N LYS B 927 -32.49 29.52 -24.45
CA LYS B 927 -31.09 29.66 -24.07
C LYS B 927 -30.94 30.07 -22.60
N LEU B 928 -31.78 31.00 -22.13
CA LEU B 928 -31.73 31.40 -20.73
C LEU B 928 -32.17 30.25 -19.83
N GLN B 929 -33.18 29.48 -20.24
CA GLN B 929 -33.60 28.32 -19.46
C GLN B 929 -32.50 27.27 -19.43
N ASP B 930 -31.77 27.10 -20.53
CA ASP B 930 -30.66 26.16 -20.58
C ASP B 930 -29.54 26.61 -19.63
N VAL B 931 -29.26 27.91 -19.60
CA VAL B 931 -28.24 28.43 -18.68
C VAL B 931 -28.65 28.21 -17.24
N VAL B 932 -29.92 28.47 -16.92
CA VAL B 932 -30.41 28.25 -15.55
C VAL B 932 -30.35 26.77 -15.19
N ASN B 933 -30.69 25.90 -16.14
CA ASN B 933 -30.64 24.47 -15.89
C ASN B 933 -29.21 23.98 -15.70
N HIS B 934 -28.27 24.54 -16.45
CA HIS B 934 -26.86 24.21 -16.26
C HIS B 934 -26.38 24.65 -14.88
N ASN B 935 -26.81 25.83 -14.45
CA ASN B 935 -26.43 26.31 -13.12
C ASN B 935 -27.01 25.42 -12.03
N ALA B 936 -28.28 25.02 -12.17
CA ALA B 936 -28.91 24.13 -11.20
C ALA B 936 -28.25 22.76 -11.19
N GLN B 937 -27.85 22.28 -12.38
CA GLN B 937 -27.11 21.03 -12.46
C GLN B 937 -25.75 21.14 -11.80
N ALA B 938 -25.12 22.32 -11.86
CA ALA B 938 -23.86 22.53 -11.17
C ALA B 938 -24.03 22.44 -9.66
N LEU B 939 -25.07 23.10 -9.13
CA LEU B 939 -25.33 22.95 -7.69
C LEU B 939 -25.70 21.52 -7.32
N ASN B 940 -26.45 20.83 -8.17
CA ASN B 940 -26.80 19.44 -7.88
C ASN B 940 -25.56 18.56 -7.87
N THR B 941 -24.62 18.81 -8.78
CA THR B 941 -23.36 18.07 -8.78
C THR B 941 -22.56 18.35 -7.51
N LEU B 942 -22.51 19.62 -7.09
CA LEU B 942 -21.80 19.95 -5.85
C LEU B 942 -22.46 19.29 -4.63
N VAL B 943 -23.79 19.23 -4.63
CA VAL B 943 -24.50 18.56 -3.54
C VAL B 943 -24.21 17.07 -3.53
N LYS B 944 -24.23 16.44 -4.71
CA LYS B 944 -24.05 14.99 -4.80
C LYS B 944 -22.60 14.57 -4.60
N GLN B 945 -21.64 15.47 -4.80
CA GLN B 945 -20.24 15.12 -4.60
C GLN B 945 -19.90 14.86 -3.14
N LEU B 946 -20.71 15.37 -2.21
CA LEU B 946 -20.49 15.11 -0.79
C LEU B 946 -20.90 13.69 -0.39
N SER B 947 -21.67 13.00 -1.22
CA SER B 947 -22.14 11.65 -0.95
C SER B 947 -21.20 10.57 -1.48
N SER B 948 -20.11 10.96 -2.15
CA SER B 948 -19.18 9.99 -2.72
C SER B 948 -18.19 9.53 -1.67
N LYS B 949 -18.06 8.20 -1.52
CA LYS B 949 -17.12 7.65 -0.55
C LYS B 949 -15.68 7.77 -1.03
N PHE B 950 -15.47 7.84 -2.35
CA PHE B 950 -14.14 7.92 -2.97
C PHE B 950 -13.25 6.76 -2.54
N GLY B 951 -13.83 5.56 -2.46
CA GLY B 951 -13.10 4.38 -2.08
C GLY B 951 -12.92 4.16 -0.59
N ALA B 952 -13.45 5.05 0.25
CA ALA B 952 -13.34 4.92 1.69
C ALA B 952 -14.52 4.10 2.22
N ILE B 953 -14.66 4.05 3.54
CA ILE B 953 -15.73 3.28 4.16
C ILE B 953 -16.94 4.14 4.53
N SER B 954 -16.79 5.47 4.56
CA SER B 954 -17.90 6.34 4.89
C SER B 954 -17.71 7.67 4.18
N SER B 955 -18.80 8.40 4.02
CA SER B 955 -18.80 9.71 3.37
C SER B 955 -18.75 10.86 4.36
N VAL B 956 -18.64 10.58 5.65
CA VAL B 956 -18.59 11.60 6.69
C VAL B 956 -17.21 11.55 7.34
N LEU B 957 -16.50 12.69 7.33
CA LEU B 957 -15.16 12.73 7.90
C LEU B 957 -15.18 12.58 9.41
N ASN B 958 -16.25 13.03 10.07
CA ASN B 958 -16.38 12.82 11.51
C ASN B 958 -16.50 11.34 11.83
N ASP B 959 -17.22 10.59 11.00
CA ASP B 959 -17.34 9.14 11.19
C ASP B 959 -15.99 8.46 11.01
N ILE B 960 -15.19 8.92 10.03
CA ILE B 960 -13.85 8.36 9.84
C ILE B 960 -12.96 8.68 11.03
N PHE B 961 -13.04 9.91 11.55
CA PHE B 961 -12.20 10.31 12.67
C PHE B 961 -12.57 9.56 13.94
N SER B 962 -13.85 9.34 14.18
CA SER B 962 -14.30 8.67 15.39
C SER B 962 -14.48 7.17 15.22
N ARG B 963 -14.18 6.62 14.04
CA ARG B 963 -14.39 5.21 13.76
C ARG B 963 -13.13 4.44 13.42
N LEU B 964 -12.04 5.12 13.05
CA LEU B 964 -10.89 4.45 12.46
C LEU B 964 -9.61 4.99 13.10
N ASP B 965 -8.56 4.17 13.07
CA ASP B 965 -7.32 4.49 13.77
C ASP B 965 -6.64 5.70 13.14
N PRO B 966 -6.25 6.70 13.93
CA PRO B 966 -5.72 7.97 13.39
C PRO B 966 -4.49 7.84 12.49
N PRO B 967 -3.53 6.92 12.76
CA PRO B 967 -2.35 6.87 11.86
C PRO B 967 -2.66 6.62 10.40
N GLU B 968 -3.68 5.84 10.07
CA GLU B 968 -4.13 5.73 8.68
C GLU B 968 -5.44 6.45 8.41
N ALA B 969 -6.14 6.92 9.46
CA ALA B 969 -7.24 7.84 9.23
C ALA B 969 -6.74 9.17 8.67
N GLU B 970 -5.50 9.55 8.98
CA GLU B 970 -4.90 10.71 8.35
C GLU B 970 -4.80 10.53 6.83
N VAL B 971 -4.36 9.34 6.41
CA VAL B 971 -4.27 9.05 4.97
C VAL B 971 -5.65 8.99 4.34
N GLN B 972 -6.63 8.41 5.05
CA GLN B 972 -7.99 8.35 4.53
C GLN B 972 -8.59 9.74 4.36
N ILE B 973 -8.38 10.62 5.35
CA ILE B 973 -8.88 12.00 5.26
C ILE B 973 -8.15 12.75 4.15
N ASP B 974 -6.84 12.49 3.98
CA ASP B 974 -6.09 13.10 2.89
C ASP B 974 -6.66 12.68 1.53
N ARG B 975 -6.97 11.40 1.37
CA ARG B 975 -7.57 10.92 0.13
C ARG B 975 -8.94 11.56 -0.11
N LEU B 976 -9.76 11.66 0.95
CA LEU B 976 -11.08 12.26 0.80
C LEU B 976 -10.98 13.73 0.40
N ILE B 977 -10.10 14.48 1.06
CA ILE B 977 -10.01 15.91 0.77
C ILE B 977 -9.37 16.14 -0.59
N THR B 978 -8.44 15.27 -1.03
CA THR B 978 -7.87 15.47 -2.35
C THR B 978 -8.86 15.07 -3.45
N GLY B 979 -9.73 14.09 -3.19
CA GLY B 979 -10.79 13.79 -4.13
C GLY B 979 -11.79 14.93 -4.25
N ARG B 980 -12.20 15.50 -3.12
CA ARG B 980 -13.11 16.64 -3.16
C ARG B 980 -12.44 17.87 -3.78
N LEU B 981 -11.13 18.04 -3.55
CA LEU B 981 -10.41 19.14 -4.18
C LEU B 981 -10.33 18.96 -5.69
N GLN B 982 -10.13 17.72 -6.16
CA GLN B 982 -10.14 17.46 -7.60
C GLN B 982 -11.52 17.72 -8.19
N SER B 983 -12.58 17.33 -7.48
CA SER B 983 -13.94 17.62 -7.96
C SER B 983 -14.19 19.12 -8.01
N LEU B 984 -13.71 19.86 -7.01
CA LEU B 984 -13.85 21.31 -7.01
C LEU B 984 -13.06 21.95 -8.15
N GLN B 985 -11.86 21.42 -8.43
CA GLN B 985 -11.07 21.93 -9.55
C GLN B 985 -11.77 21.68 -10.88
N THR B 986 -12.37 20.50 -11.05
CA THR B 986 -13.12 20.22 -12.27
C THR B 986 -14.31 21.15 -12.41
N TYR B 987 -15.04 21.39 -11.31
CA TYR B 987 -16.17 22.30 -11.34
C TYR B 987 -15.72 23.74 -11.65
N VAL B 988 -14.57 24.15 -11.12
CA VAL B 988 -14.06 25.49 -11.38
C VAL B 988 -13.64 25.63 -12.83
N THR B 989 -13.03 24.59 -13.42
CA THR B 989 -12.69 24.63 -14.83
C THR B 989 -13.93 24.71 -15.71
N GLN B 990 -14.98 23.95 -15.35
CA GLN B 990 -16.24 24.03 -16.07
C GLN B 990 -16.85 25.43 -15.95
N GLN B 991 -16.79 26.02 -14.75
CA GLN B 991 -17.28 27.37 -14.55
C GLN B 991 -16.50 28.38 -15.37
N LEU B 992 -15.19 28.18 -15.50
CA LEU B 992 -14.36 29.09 -16.30
C LEU B 992 -14.68 28.97 -17.79
N ILE B 993 -14.93 27.75 -18.27
CA ILE B 993 -15.34 27.56 -19.66
C ILE B 993 -16.69 28.23 -19.92
N ARG B 994 -17.64 28.02 -19.00
CA ARG B 994 -18.94 28.67 -19.11
C ARG B 994 -18.81 30.19 -19.04
N ALA B 995 -17.88 30.68 -18.22
CA ALA B 995 -17.64 32.12 -18.11
C ALA B 995 -17.08 32.67 -19.41
N ALA B 996 -16.17 31.94 -20.05
CA ALA B 996 -15.66 32.38 -21.35
C ALA B 996 -16.77 32.42 -22.40
N GLU B 997 -17.63 31.41 -22.41
CA GLU B 997 -18.76 31.40 -23.36
C GLU B 997 -19.72 32.55 -23.08
N ILE B 998 -20.03 32.80 -21.81
CA ILE B 998 -20.95 33.87 -21.45
C ILE B 998 -20.33 35.24 -21.75
N ARG B 999 -19.02 35.37 -21.55
CA ARG B 999 -18.33 36.62 -21.88
C ARG B 999 -18.35 36.87 -23.37
N ALA B 1000 -18.13 35.83 -24.18
CA ALA B 1000 -18.23 35.99 -25.63
C ALA B 1000 -19.64 36.37 -26.07
N SER B 1001 -20.65 35.73 -25.47
CA SER B 1001 -22.03 36.06 -25.80
C SER B 1001 -22.39 37.48 -25.38
N ALA B 1002 -21.91 37.92 -24.22
CA ALA B 1002 -22.19 39.26 -23.75
C ALA B 1002 -21.48 40.31 -24.60
N ASN B 1003 -20.25 40.00 -25.04
CA ASN B 1003 -19.56 40.91 -25.95
C ASN B 1003 -20.29 41.01 -27.28
N LEU B 1004 -20.80 39.89 -27.80
CA LEU B 1004 -21.59 39.93 -29.01
C LEU B 1004 -22.87 40.73 -28.82
N ALA B 1005 -23.54 40.56 -27.68
CA ALA B 1005 -24.75 41.33 -27.40
C ALA B 1005 -24.46 42.82 -27.28
N ALA B 1006 -23.35 43.18 -26.62
CA ALA B 1006 -22.96 44.58 -26.52
C ALA B 1006 -22.63 45.17 -27.89
N THR B 1007 -21.96 44.39 -28.74
CA THR B 1007 -21.67 44.83 -30.10
C THR B 1007 -22.96 45.05 -30.88
N LYS B 1008 -23.93 44.13 -30.74
CA LYS B 1008 -25.21 44.29 -31.44
C LYS B 1008 -25.98 45.51 -30.91
N MET B 1009 -25.93 45.76 -29.61
CA MET B 1009 -26.61 46.91 -29.03
C MET B 1009 -25.95 48.21 -29.48
N SER B 1010 -24.62 48.22 -29.59
CA SER B 1010 -23.93 49.39 -30.11
C SER B 1010 -24.12 49.55 -31.61
N GLU B 1011 -24.46 48.46 -32.31
CA GLU B 1011 -24.61 48.51 -33.76
C GLU B 1011 -26.01 48.97 -34.17
N CYS B 1012 -27.03 48.21 -33.75
CA CYS B 1012 -28.38 48.37 -34.30
C CYS B 1012 -29.43 48.63 -33.22
N VAL B 1013 -29.02 49.23 -32.10
CA VAL B 1013 -29.95 49.75 -31.09
C VAL B 1013 -29.75 51.25 -30.90
N LEU B 1014 -28.49 51.68 -30.76
CA LEU B 1014 -28.16 53.09 -30.65
C LEU B 1014 -28.12 53.79 -32.00
N GLY B 1015 -28.24 53.06 -33.09
CA GLY B 1015 -28.20 53.66 -34.41
C GLY B 1015 -28.65 52.69 -35.47
N GLN B 1016 -28.46 53.10 -36.73
CA GLN B 1016 -28.85 52.30 -37.88
C GLN B 1016 -27.64 51.52 -38.39
N SER B 1017 -27.85 50.22 -38.63
CA SER B 1017 -26.79 49.34 -39.10
C SER B 1017 -27.06 48.94 -40.54
N LYS B 1018 -26.02 49.04 -41.38
CA LYS B 1018 -26.11 48.66 -42.79
C LYS B 1018 -25.78 47.19 -43.01
N ARG B 1019 -25.44 46.45 -41.96
CA ARG B 1019 -25.09 45.05 -42.10
C ARG B 1019 -26.32 44.22 -42.42
N VAL B 1020 -26.12 43.18 -43.23
CA VAL B 1020 -27.20 42.31 -43.69
C VAL B 1020 -27.23 41.08 -42.80
N ASP B 1021 -28.40 40.80 -42.21
CA ASP B 1021 -28.64 39.62 -41.38
C ASP B 1021 -27.68 39.52 -40.20
N PHE B 1022 -27.28 40.68 -39.65
CA PHE B 1022 -26.43 40.67 -38.47
C PHE B 1022 -27.27 40.57 -37.19
N CYS B 1023 -28.30 41.41 -37.08
CA CYS B 1023 -29.20 41.43 -35.94
C CYS B 1023 -30.65 41.49 -36.43
N GLY B 1024 -30.97 40.67 -37.42
CA GLY B 1024 -32.32 40.63 -37.96
C GLY B 1024 -32.38 40.29 -39.44
N LYS B 1025 -33.33 39.42 -39.80
CA LYS B 1025 -33.50 39.03 -41.19
C LYS B 1025 -34.09 40.19 -41.99
N GLY B 1026 -33.52 40.44 -43.17
CA GLY B 1026 -33.99 41.50 -44.03
C GLY B 1026 -33.29 42.82 -43.79
N TYR B 1027 -33.80 43.84 -44.46
CA TYR B 1027 -33.28 45.20 -44.32
C TYR B 1027 -33.63 45.74 -42.94
N HIS B 1028 -32.63 45.83 -42.07
CA HIS B 1028 -32.85 46.28 -40.70
C HIS B 1028 -33.18 47.77 -40.68
N LEU B 1029 -34.10 48.14 -39.78
CA LEU B 1029 -34.47 49.54 -39.57
C LEU B 1029 -34.07 50.02 -38.18
N MET B 1030 -34.56 49.35 -37.14
CA MET B 1030 -34.23 49.67 -35.75
C MET B 1030 -34.68 48.49 -34.90
N SER B 1031 -34.56 48.65 -33.58
CA SER B 1031 -34.90 47.57 -32.67
C SER B 1031 -35.27 48.15 -31.30
N PHE B 1032 -35.92 47.32 -30.49
CA PHE B 1032 -36.33 47.70 -29.15
C PHE B 1032 -35.57 46.86 -28.13
N PRO B 1033 -34.74 47.46 -27.28
CA PRO B 1033 -34.08 46.67 -26.23
C PRO B 1033 -35.02 46.43 -25.04
N GLN B 1034 -35.00 45.19 -24.55
CA GLN B 1034 -35.85 44.79 -23.44
C GLN B 1034 -35.02 44.06 -22.39
N SER B 1035 -35.45 44.16 -21.15
CA SER B 1035 -34.77 43.51 -20.04
C SER B 1035 -35.32 42.10 -19.82
N ALA B 1036 -34.41 41.15 -19.59
CA ALA B 1036 -34.76 39.76 -19.36
C ALA B 1036 -33.97 39.23 -18.18
N PRO B 1037 -34.50 38.22 -17.48
CA PRO B 1037 -33.73 37.61 -16.38
C PRO B 1037 -32.52 36.87 -16.92
N HIS B 1038 -31.33 37.34 -16.54
CA HIS B 1038 -30.05 36.77 -16.97
C HIS B 1038 -29.92 36.72 -18.48
N GLY B 1039 -30.39 37.77 -19.14
CA GLY B 1039 -30.34 37.83 -20.59
C GLY B 1039 -30.91 39.14 -21.08
N VAL B 1040 -30.89 39.29 -22.40
CA VAL B 1040 -31.43 40.49 -23.06
C VAL B 1040 -32.22 40.05 -24.28
N VAL B 1041 -33.37 40.69 -24.50
CA VAL B 1041 -34.25 40.40 -25.62
C VAL B 1041 -34.38 41.65 -26.47
N PHE B 1042 -34.14 41.52 -27.77
CA PHE B 1042 -34.24 42.61 -28.71
C PHE B 1042 -35.42 42.39 -29.63
N LEU B 1043 -36.27 43.41 -29.76
CA LEU B 1043 -37.42 43.38 -30.66
C LEU B 1043 -37.03 44.13 -31.93
N HIS B 1044 -36.42 43.41 -32.87
CA HIS B 1044 -35.92 44.02 -34.09
C HIS B 1044 -37.07 44.36 -35.04
N VAL B 1045 -36.94 45.50 -35.71
CA VAL B 1045 -37.87 45.93 -36.75
C VAL B 1045 -37.11 45.98 -38.06
N THR B 1046 -37.64 45.30 -39.08
CA THR B 1046 -36.93 45.14 -40.34
C THR B 1046 -37.86 45.49 -41.50
N TYR B 1047 -37.24 45.73 -42.66
CA TYR B 1047 -37.94 46.05 -43.90
C TYR B 1047 -37.92 44.82 -44.80
N VAL B 1048 -39.11 44.33 -45.15
CA VAL B 1048 -39.23 43.12 -45.97
C VAL B 1048 -39.98 43.45 -47.26
N PRO B 1049 -39.31 43.43 -48.41
CA PRO B 1049 -40.01 43.62 -49.68
C PRO B 1049 -40.93 42.45 -49.98
N ALA B 1050 -42.00 42.74 -50.72
CA ALA B 1050 -42.99 41.73 -51.06
C ALA B 1050 -43.73 42.17 -52.33
N GLN B 1051 -44.46 41.22 -52.90
CA GLN B 1051 -45.30 41.43 -54.09
C GLN B 1051 -44.47 41.94 -55.28
N GLU B 1052 -43.53 41.09 -55.70
CA GLU B 1052 -42.69 41.43 -56.85
C GLU B 1052 -43.49 41.31 -58.14
N LYS B 1053 -43.07 42.08 -59.15
CA LYS B 1053 -43.71 42.10 -60.45
C LYS B 1053 -42.66 41.94 -61.54
N ASN B 1054 -42.98 41.14 -62.56
CA ASN B 1054 -42.07 40.93 -63.67
C ASN B 1054 -41.99 42.17 -64.56
N PHE B 1055 -40.77 42.51 -64.99
CA PHE B 1055 -40.55 43.70 -65.79
C PHE B 1055 -39.34 43.47 -66.70
N THR B 1056 -39.21 44.33 -67.69
CA THR B 1056 -38.09 44.30 -68.64
C THR B 1056 -37.18 45.49 -68.37
N THR B 1057 -35.88 45.22 -68.29
CA THR B 1057 -34.88 46.23 -67.97
C THR B 1057 -33.83 46.31 -69.06
N ALA B 1058 -33.17 47.46 -69.14
CA ALA B 1058 -32.09 47.72 -70.08
C ALA B 1058 -30.91 48.33 -69.34
N PRO B 1059 -29.68 48.04 -69.79
CA PRO B 1059 -28.51 48.65 -69.15
C PRO B 1059 -28.46 50.17 -69.25
N ALA B 1060 -28.93 50.73 -70.36
CA ALA B 1060 -28.88 52.18 -70.57
C ALA B 1060 -29.89 52.55 -71.65
N ILE B 1061 -29.90 53.83 -72.01
CA ILE B 1061 -30.77 54.37 -73.06
C ILE B 1061 -29.91 55.17 -74.02
N CYS B 1062 -30.01 54.85 -75.31
CA CYS B 1062 -29.25 55.53 -76.35
C CYS B 1062 -30.14 56.60 -76.98
N HIS B 1063 -29.87 57.86 -76.67
CA HIS B 1063 -30.62 58.98 -77.21
C HIS B 1063 -29.67 59.97 -77.84
N ASP B 1064 -29.93 60.32 -79.11
CA ASP B 1064 -29.13 61.27 -79.88
C ASP B 1064 -27.67 60.84 -79.96
N GLY B 1065 -27.44 59.54 -80.08
CA GLY B 1065 -26.09 59.01 -80.18
C GLY B 1065 -25.33 58.98 -78.88
N LYS B 1066 -25.98 59.22 -77.74
CA LYS B 1066 -25.32 59.23 -76.44
C LYS B 1066 -26.02 58.26 -75.51
N ALA B 1067 -25.24 57.65 -74.62
CA ALA B 1067 -25.75 56.67 -73.67
C ALA B 1067 -26.06 57.36 -72.34
N HIS B 1068 -27.26 57.10 -71.81
CA HIS B 1068 -27.70 57.68 -70.56
C HIS B 1068 -27.81 56.58 -69.51
N PHE B 1069 -27.15 56.78 -68.37
CA PHE B 1069 -27.19 55.82 -67.28
C PHE B 1069 -27.88 56.42 -66.06
N PRO B 1070 -28.70 55.64 -65.36
CA PRO B 1070 -29.35 56.17 -64.15
C PRO B 1070 -28.33 56.46 -63.06
N ARG B 1071 -28.58 57.54 -62.32
CA ARG B 1071 -27.69 57.92 -61.23
C ARG B 1071 -27.83 56.99 -60.04
N GLU B 1072 -29.06 56.65 -59.67
CA GLU B 1072 -29.30 55.75 -58.54
C GLU B 1072 -30.38 54.69 -58.81
N GLY B 1073 -31.17 54.82 -59.85
CA GLY B 1073 -32.24 53.88 -60.14
C GLY B 1073 -31.88 52.91 -61.25
N VAL B 1074 -32.91 52.40 -61.93
CA VAL B 1074 -32.73 51.47 -63.03
C VAL B 1074 -33.86 51.68 -64.02
N PHE B 1075 -33.61 51.35 -65.28
CA PHE B 1075 -34.59 51.54 -66.34
C PHE B 1075 -35.55 50.36 -66.35
N VAL B 1076 -36.85 50.64 -66.22
CA VAL B 1076 -37.90 49.64 -66.11
C VAL B 1076 -38.91 49.87 -67.22
N SER B 1077 -39.28 48.79 -67.91
CA SER B 1077 -40.27 48.84 -68.98
C SER B 1077 -41.48 48.00 -68.59
N ASN B 1078 -42.66 48.56 -68.74
CA ASN B 1078 -43.91 47.85 -68.47
C ASN B 1078 -44.51 47.22 -69.71
N GLY B 1079 -43.84 47.32 -70.86
CA GLY B 1079 -44.33 46.72 -72.08
C GLY B 1079 -44.32 47.65 -73.26
N THR B 1080 -44.58 48.93 -73.02
CA THR B 1080 -44.61 49.92 -74.10
C THR B 1080 -43.71 51.12 -73.84
N HIS B 1081 -43.59 51.55 -72.58
CA HIS B 1081 -42.78 52.71 -72.24
C HIS B 1081 -41.74 52.33 -71.20
N TRP B 1082 -40.65 53.09 -71.17
CA TRP B 1082 -39.54 52.88 -70.26
C TRP B 1082 -39.58 53.92 -69.15
N PHE B 1083 -39.45 53.47 -67.91
CA PHE B 1083 -39.48 54.34 -66.74
C PHE B 1083 -38.28 54.03 -65.86
N VAL B 1084 -38.08 54.88 -64.85
CA VAL B 1084 -36.99 54.74 -63.90
C VAL B 1084 -37.58 54.72 -62.48
N THR B 1085 -37.05 53.83 -61.65
CA THR B 1085 -37.51 53.69 -60.28
C THR B 1085 -36.37 53.14 -59.43
N GLN B 1086 -36.59 53.14 -58.12
CA GLN B 1086 -35.60 52.64 -57.19
C GLN B 1086 -35.56 51.12 -57.22
N ARG B 1087 -34.49 50.56 -56.64
CA ARG B 1087 -34.29 49.12 -56.62
C ARG B 1087 -35.06 48.42 -55.49
N ASN B 1088 -35.72 49.17 -54.62
CA ASN B 1088 -36.46 48.60 -53.51
C ASN B 1088 -37.95 48.91 -53.55
N PHE B 1089 -38.41 49.70 -54.50
CA PHE B 1089 -39.83 50.04 -54.61
C PHE B 1089 -40.17 50.33 -56.05
N TYR B 1090 -41.46 50.26 -56.37
CA TYR B 1090 -41.97 50.50 -57.71
C TYR B 1090 -42.59 51.89 -57.75
N GLU B 1091 -41.79 52.88 -58.14
CA GLU B 1091 -42.23 54.26 -58.30
C GLU B 1091 -41.77 54.74 -59.68
N PRO B 1092 -42.49 54.37 -60.74
CA PRO B 1092 -42.06 54.74 -62.09
C PRO B 1092 -42.12 56.25 -62.32
N GLN B 1093 -41.19 56.74 -63.13
CA GLN B 1093 -41.09 58.15 -63.45
C GLN B 1093 -40.66 58.31 -64.89
N ILE B 1094 -40.96 59.48 -65.46
CA ILE B 1094 -40.54 59.80 -66.81
C ILE B 1094 -39.04 59.98 -66.85
N ILE B 1095 -38.40 59.46 -67.91
CA ILE B 1095 -36.95 59.54 -68.08
C ILE B 1095 -36.54 61.00 -68.22
N THR B 1096 -35.80 61.51 -67.23
CA THR B 1096 -35.42 62.91 -67.17
C THR B 1096 -33.92 63.00 -66.92
N THR B 1097 -33.30 64.04 -67.49
CA THR B 1097 -31.86 64.23 -67.38
C THR B 1097 -31.40 64.59 -65.98
N ASP B 1098 -32.33 64.92 -65.06
CA ASP B 1098 -31.94 65.25 -63.70
C ASP B 1098 -31.40 64.03 -62.94
N ASN B 1099 -31.98 62.86 -63.18
CA ASN B 1099 -31.58 61.63 -62.49
C ASN B 1099 -30.71 60.73 -63.36
N THR B 1100 -30.25 61.21 -64.51
CA THR B 1100 -29.40 60.42 -65.39
C THR B 1100 -28.19 61.24 -65.81
N PHE B 1101 -27.10 60.55 -66.11
CA PHE B 1101 -25.86 61.18 -66.53
C PHE B 1101 -25.38 60.55 -67.84
N VAL B 1102 -24.68 61.35 -68.63
CA VAL B 1102 -24.21 60.95 -69.95
C VAL B 1102 -22.71 60.69 -69.86
N SER B 1103 -22.28 59.50 -70.33
CA SER B 1103 -20.87 59.14 -70.32
C SER B 1103 -20.62 58.25 -71.53
N GLY B 1104 -20.13 58.85 -72.63
CA GLY B 1104 -19.82 58.10 -73.83
C GLY B 1104 -21.05 57.86 -74.69
N ASN B 1105 -20.82 57.16 -75.80
CA ASN B 1105 -21.87 56.85 -76.75
C ASN B 1105 -22.50 55.49 -76.42
N CYS B 1106 -23.47 55.09 -77.24
CA CYS B 1106 -24.18 53.83 -77.05
C CYS B 1106 -23.66 52.72 -77.96
N ASP B 1107 -22.55 52.96 -78.66
CA ASP B 1107 -22.00 51.96 -79.57
C ASP B 1107 -21.02 51.01 -78.90
N VAL B 1108 -20.67 51.24 -77.63
CA VAL B 1108 -19.71 50.40 -76.93
C VAL B 1108 -20.47 49.49 -75.97
N VAL B 1109 -21.67 49.92 -75.56
CA VAL B 1109 -22.46 49.14 -74.62
C VAL B 1109 -23.16 47.99 -75.35
N ILE B 1110 -23.62 47.01 -74.57
CA ILE B 1110 -24.25 45.81 -75.09
C ILE B 1110 -25.65 45.70 -74.52
N GLY B 1111 -26.63 45.42 -75.40
CA GLY B 1111 -27.99 45.20 -74.97
C GLY B 1111 -28.82 46.45 -74.79
N ILE B 1112 -28.41 47.57 -75.36
CA ILE B 1112 -29.12 48.82 -75.16
C ILE B 1112 -30.30 48.92 -76.12
N VAL B 1113 -31.33 49.64 -75.69
CA VAL B 1113 -32.54 49.83 -76.48
C VAL B 1113 -32.66 51.29 -76.87
N ASN B 1114 -33.60 51.57 -77.77
CA ASN B 1114 -33.81 52.92 -78.29
C ASN B 1114 -35.02 53.54 -77.64
N ASN B 1115 -34.85 54.71 -77.02
CA ASN B 1115 -35.95 55.46 -76.45
C ASN B 1115 -35.53 56.92 -76.30
N THR B 1116 -36.51 57.81 -76.43
CA THR B 1116 -36.27 59.23 -76.23
C THR B 1116 -36.13 59.55 -74.74
N VAL B 1117 -35.46 60.66 -74.45
CA VAL B 1117 -35.26 61.14 -73.09
C VAL B 1117 -35.95 62.48 -72.95
N TYR B 1118 -36.89 62.56 -72.02
CA TYR B 1118 -37.64 63.80 -71.81
C TYR B 1118 -36.79 64.83 -71.09
N ASP B 1119 -36.90 66.07 -71.55
CA ASP B 1119 -36.19 67.20 -70.95
C ASP B 1119 -37.13 68.40 -70.89
N PRO B 1120 -37.37 68.96 -69.70
CA PRO B 1120 -38.30 70.11 -69.61
C PRO B 1120 -37.77 71.39 -70.25
N LEU B 1121 -36.51 71.43 -70.67
CA LEU B 1121 -35.94 72.63 -71.28
C LEU B 1121 -36.65 72.98 -72.57
N GLN B 1122 -36.93 71.99 -73.42
CA GLN B 1122 -37.61 72.27 -74.68
C GLN B 1122 -39.04 72.80 -74.49
N PRO B 1123 -39.91 72.21 -73.65
CA PRO B 1123 -41.21 72.86 -73.44
C PRO B 1123 -41.14 74.17 -72.68
N GLU B 1124 -40.17 74.36 -71.78
CA GLU B 1124 -40.10 75.62 -71.06
C GLU B 1124 -39.52 76.74 -71.91
N LEU B 1125 -38.80 76.41 -72.99
CA LEU B 1125 -38.26 77.42 -73.89
C LEU B 1125 -39.09 77.57 -75.16
N ASP B 1126 -40.00 76.62 -75.45
CA ASP B 1126 -40.86 76.76 -76.62
C ASP B 1126 -41.84 77.91 -76.46
N SER B 1127 -42.38 78.09 -75.26
CA SER B 1127 -43.33 79.17 -74.99
C SER B 1127 -42.60 80.47 -74.65
N GLN C 1 20.54 29.95 53.15
CA GLN C 1 20.31 31.15 53.96
C GLN C 1 19.34 32.10 53.27
N CYS C 2 18.16 32.26 53.86
CA CYS C 2 17.14 33.16 53.32
C CYS C 2 16.55 33.98 54.46
N VAL C 3 16.18 35.22 54.14
CA VAL C 3 15.60 36.14 55.10
C VAL C 3 14.21 36.52 54.62
N ASN C 4 13.21 36.32 55.47
CA ASN C 4 11.84 36.66 55.12
C ASN C 4 11.63 38.17 55.17
N LEU C 5 10.62 38.62 54.44
CA LEU C 5 10.28 40.04 54.35
C LEU C 5 8.96 40.29 55.08
N THR C 6 8.93 41.33 55.91
CA THR C 6 7.77 41.68 56.70
C THR C 6 7.16 43.02 56.31
N THR C 7 7.98 43.98 55.88
CA THR C 7 7.53 45.34 55.58
C THR C 7 6.81 45.47 54.24
N ARG C 8 6.39 44.36 53.64
CA ARG C 8 5.65 44.41 52.38
C ARG C 8 4.28 45.06 52.60
N THR C 9 3.88 45.89 51.64
CA THR C 9 2.59 46.57 51.67
C THR C 9 1.67 45.94 50.63
N GLN C 10 0.45 45.61 51.06
CA GLN C 10 -0.49 44.94 50.17
C GLN C 10 -1.06 45.93 49.16
N LEU C 11 -1.05 45.53 47.89
CA LEU C 11 -1.60 46.34 46.79
C LEU C 11 -1.91 45.44 45.60
N PRO C 12 -3.09 45.59 45.00
CA PRO C 12 -3.42 44.78 43.83
C PRO C 12 -2.54 45.16 42.65
N PRO C 13 -2.23 44.22 41.76
CA PRO C 13 -1.41 44.54 40.59
C PRO C 13 -2.16 45.45 39.62
N ALA C 14 -1.39 46.27 38.91
CA ALA C 14 -1.93 47.20 37.92
C ALA C 14 -1.81 46.60 36.53
N TYR C 15 -2.44 47.27 35.57
CA TYR C 15 -2.47 46.82 34.18
C TYR C 15 -2.09 47.96 33.26
N THR C 16 -1.35 47.63 32.19
CA THR C 16 -0.95 48.59 31.18
C THR C 16 -1.10 47.95 29.80
N ASN C 17 -0.91 48.75 28.76
CA ASN C 17 -1.16 48.31 27.41
C ASN C 17 0.12 47.78 26.74
N SER C 18 -0.06 47.19 25.57
CA SER C 18 0.98 46.51 24.79
C SER C 18 0.91 46.94 23.33
N PHE C 19 0.95 48.26 23.10
CA PHE C 19 0.66 48.84 21.79
C PHE C 19 1.55 48.27 20.70
N THR C 20 2.86 48.50 20.78
CA THR C 20 3.82 48.11 19.74
C THR C 20 4.99 47.35 20.35
N ARG C 21 4.69 46.36 21.20
CA ARG C 21 5.71 45.58 21.86
C ARG C 21 5.46 44.10 21.66
N GLY C 22 6.51 43.31 21.80
CA GLY C 22 6.42 41.86 21.71
C GLY C 22 6.83 41.25 20.39
N VAL C 23 7.41 42.01 19.48
CA VAL C 23 7.83 41.50 18.19
C VAL C 23 9.25 40.95 18.30
N TYR C 24 9.50 39.84 17.60
CA TYR C 24 10.81 39.21 17.62
C TYR C 24 10.96 38.37 16.35
N TYR C 25 12.20 37.99 16.08
CA TYR C 25 12.49 37.18 14.90
C TYR C 25 12.01 35.76 15.11
N PRO C 26 11.12 35.23 14.27
CA PRO C 26 10.66 33.84 14.47
C PRO C 26 11.71 32.80 14.13
N ASP C 27 12.61 33.09 13.20
CA ASP C 27 13.63 32.14 12.77
C ASP C 27 14.90 32.92 12.46
N LYS C 28 15.88 32.22 11.87
CA LYS C 28 17.17 32.81 11.51
C LYS C 28 17.31 32.93 9.99
N VAL C 29 16.23 33.28 9.32
CA VAL C 29 16.18 33.35 7.86
C VAL C 29 16.38 34.80 7.44
N PHE C 30 17.35 35.04 6.55
CA PHE C 30 17.62 36.37 6.02
C PHE C 30 16.78 36.60 4.77
N ARG C 31 16.09 37.74 4.72
CA ARG C 31 15.24 38.10 3.60
C ARG C 31 15.52 39.54 3.19
N SER C 32 15.26 39.83 1.91
CA SER C 32 15.53 41.14 1.34
C SER C 32 14.30 41.61 0.58
N SER C 33 13.61 42.62 1.13
CA SER C 33 12.49 43.31 0.48
C SER C 33 11.37 42.32 0.11
N VAL C 34 10.79 41.72 1.14
CA VAL C 34 9.68 40.79 0.97
C VAL C 34 8.84 40.80 2.25
N LEU C 35 7.53 40.59 2.08
CA LEU C 35 6.60 40.53 3.20
C LEU C 35 6.22 39.07 3.43
N HIS C 36 6.63 38.54 4.57
CA HIS C 36 6.44 37.12 4.89
C HIS C 36 5.51 36.98 6.08
N SER C 37 4.59 36.01 5.98
CA SER C 37 3.66 35.68 7.06
C SER C 37 4.00 34.30 7.60
N THR C 38 4.12 34.19 8.92
CA THR C 38 4.49 32.94 9.56
C THR C 38 3.67 32.75 10.83
N GLN C 39 3.56 31.50 11.25
CA GLN C 39 2.82 31.13 12.46
C GLN C 39 3.81 30.82 13.57
N ASP C 40 3.72 31.55 14.68
CA ASP C 40 4.60 31.38 15.81
C ASP C 40 3.94 31.98 17.04
N LEU C 41 4.48 31.63 18.21
CA LEU C 41 3.99 32.19 19.46
C LEU C 41 4.33 33.67 19.52
N PHE C 42 3.32 34.52 19.31
CA PHE C 42 3.52 35.96 19.21
C PHE C 42 2.53 36.70 20.11
N LEU C 43 3.00 37.80 20.69
CA LEU C 43 2.16 38.59 21.59
C LEU C 43 1.18 39.41 20.78
N PRO C 44 -0.13 39.28 21.02
CA PRO C 44 -1.10 40.09 20.28
C PRO C 44 -0.99 41.57 20.63
N PHE C 45 -1.29 42.41 19.64
CA PHE C 45 -1.27 43.85 19.85
C PHE C 45 -2.51 44.30 20.59
N PHE C 46 -2.36 45.40 21.34
CA PHE C 46 -3.44 46.02 22.11
C PHE C 46 -4.06 45.04 23.11
N SER C 47 -3.22 44.60 24.04
CA SER C 47 -3.65 43.70 25.10
C SER C 47 -3.24 44.28 26.45
N ASN C 48 -4.04 43.99 27.47
CA ASN C 48 -3.80 44.50 28.82
C ASN C 48 -2.85 43.56 29.54
N VAL C 49 -1.60 43.99 29.68
CA VAL C 49 -0.57 43.22 30.37
C VAL C 49 -0.43 43.75 31.79
N THR C 50 0.04 42.89 32.68
CA THR C 50 0.18 43.24 34.09
C THR C 50 1.36 44.18 34.29
N TRP C 51 1.18 45.14 35.21
CA TRP C 51 2.21 46.10 35.55
C TRP C 51 2.54 45.97 37.04
N PHE C 52 3.83 45.80 37.34
CA PHE C 52 4.31 45.72 38.72
C PHE C 52 5.34 46.82 38.93
N HIS C 53 5.23 47.53 40.05
CA HIS C 53 6.13 48.63 40.37
C HIS C 53 6.80 48.37 41.71
N VAL C 54 8.08 48.71 41.80
CA VAL C 54 8.88 48.54 43.00
C VAL C 54 9.40 49.91 43.43
N ILE C 55 9.11 50.29 44.68
CA ILE C 55 9.56 51.57 45.21
C ILE C 55 10.01 51.41 46.66
N LYS C 62 7.36 52.07 49.59
CA LYS C 62 7.96 50.76 49.83
C LYS C 62 7.08 49.64 49.32
N ARG C 63 7.13 49.41 48.00
CA ARG C 63 6.34 48.37 47.34
C ARG C 63 7.28 47.26 46.88
N PHE C 64 7.00 46.03 47.32
CA PHE C 64 7.76 44.86 46.93
C PHE C 64 6.86 43.93 46.12
N ASP C 65 7.32 43.53 44.94
CA ASP C 65 6.54 42.70 44.03
C ASP C 65 7.35 41.46 43.68
N ASN C 66 7.02 40.34 44.31
CA ASN C 66 7.65 39.04 44.02
C ASN C 66 6.54 38.03 43.79
N PRO C 67 5.89 38.07 42.63
CA PRO C 67 4.75 37.17 42.38
C PRO C 67 5.18 35.82 41.83
N VAL C 68 4.31 34.84 42.06
CA VAL C 68 4.47 33.48 41.55
C VAL C 68 3.28 33.18 40.65
N LEU C 69 3.55 32.79 39.40
CA LEU C 69 2.51 32.55 38.44
C LEU C 69 2.92 31.40 37.53
N PRO C 70 2.04 30.44 37.25
CA PRO C 70 2.39 29.33 36.37
C PRO C 70 2.14 29.65 34.91
N PHE C 71 3.10 29.24 34.07
CA PHE C 71 3.01 29.45 32.63
C PHE C 71 3.46 28.17 31.92
N ASN C 72 2.95 27.97 30.71
CA ASN C 72 3.42 26.85 29.90
C ASN C 72 4.65 27.25 29.09
N ASP C 73 4.55 28.32 28.30
CA ASP C 73 5.67 28.86 27.54
C ASP C 73 5.33 30.27 27.13
N GLY C 74 6.35 31.00 26.66
CA GLY C 74 6.12 32.32 26.12
C GLY C 74 5.77 33.40 27.12
N VAL C 75 6.74 33.82 27.94
CA VAL C 75 6.58 34.97 28.81
C VAL C 75 7.32 36.16 28.20
N TYR C 76 6.73 37.33 28.32
CA TYR C 76 7.31 38.58 27.81
C TYR C 76 7.65 39.46 29.01
N PHE C 77 8.92 39.87 29.12
CA PHE C 77 9.41 40.63 30.26
C PHE C 77 9.99 41.95 29.75
N ALA C 78 9.23 43.02 29.87
CA ALA C 78 9.67 44.36 29.52
C ALA C 78 9.74 45.22 30.78
N SER C 79 10.82 45.98 30.92
CA SER C 79 11.04 46.76 32.12
C SER C 79 11.81 48.03 31.81
N ILE C 80 11.32 49.16 32.31
CA ILE C 80 12.10 50.38 32.33
C ILE C 80 13.09 50.30 33.47
N GLU C 81 14.37 50.52 33.16
CA GLU C 81 15.43 50.17 34.10
C GLU C 81 16.41 51.32 34.29
N LYS C 82 16.78 51.56 35.54
CA LYS C 82 17.84 52.50 35.88
C LYS C 82 18.64 51.93 37.05
N SER C 83 19.97 52.10 36.99
CA SER C 83 20.91 51.69 38.03
C SER C 83 20.93 50.18 38.26
N ASN C 84 20.39 49.40 37.32
CA ASN C 84 20.48 47.93 37.31
C ASN C 84 19.87 47.32 38.57
N ILE C 85 18.60 47.64 38.81
CA ILE C 85 17.88 47.06 39.94
C ILE C 85 17.59 45.59 39.70
N ILE C 86 17.13 45.25 38.49
CA ILE C 86 16.83 43.86 38.16
C ILE C 86 18.13 43.11 37.89
N ARG C 87 18.27 41.94 38.51
CA ARG C 87 19.51 41.16 38.39
C ARG C 87 19.29 39.78 37.79
N GLY C 88 18.36 38.98 38.34
CA GLY C 88 18.24 37.60 37.95
C GLY C 88 16.79 37.16 37.79
N TRP C 89 16.64 35.90 37.41
CA TRP C 89 15.33 35.30 37.15
C TRP C 89 15.33 33.86 37.66
N ILE C 90 14.13 33.35 37.93
CA ILE C 90 13.92 31.98 38.41
C ILE C 90 12.93 31.30 37.49
N PHE C 91 13.24 30.08 37.08
CA PHE C 91 12.32 29.26 36.29
C PHE C 91 12.30 27.84 36.84
N GLY C 92 11.14 27.20 36.74
CA GLY C 92 10.99 25.85 37.24
C GLY C 92 9.53 25.43 37.21
N THR C 93 9.24 24.35 37.93
CA THR C 93 7.87 23.86 38.09
C THR C 93 7.32 24.15 39.49
N THR C 94 8.01 23.67 40.53
CA THR C 94 7.60 23.90 41.90
C THR C 94 8.62 24.66 42.74
N LEU C 95 9.81 24.92 42.19
CA LEU C 95 10.86 25.70 42.85
C LEU C 95 11.27 25.07 44.18
N ASP C 96 11.65 23.80 44.13
CA ASP C 96 12.07 23.06 45.31
C ASP C 96 13.15 22.06 44.90
N SER C 97 13.52 21.18 45.83
CA SER C 97 14.56 20.19 45.58
C SER C 97 14.05 18.99 44.78
N LYS C 98 12.73 18.81 44.68
CA LYS C 98 12.18 17.64 44.01
C LYS C 98 12.25 17.72 42.49
N THR C 99 12.36 18.92 41.93
CA THR C 99 12.34 19.11 40.48
C THR C 99 13.48 20.03 40.06
N GLN C 100 13.88 19.87 38.80
CA GLN C 100 14.93 20.71 38.22
C GLN C 100 14.40 22.12 37.97
N SER C 101 15.27 23.11 38.22
CA SER C 101 14.91 24.51 38.05
C SER C 101 16.00 25.23 37.29
N LEU C 102 15.61 26.26 36.56
CA LEU C 102 16.54 27.06 35.77
C LEU C 102 16.79 28.37 36.50
N LEU C 103 18.07 28.73 36.66
CA LEU C 103 18.47 29.92 37.40
C LEU C 103 19.31 30.81 36.50
N ILE C 104 18.99 32.11 36.51
CA ILE C 104 19.74 33.13 35.78
C ILE C 104 20.26 34.13 36.81
N VAL C 105 21.57 34.37 36.78
CA VAL C 105 22.20 35.35 37.66
C VAL C 105 23.14 36.22 36.85
N ASN C 106 23.40 37.42 37.36
CA ASN C 106 24.28 38.37 36.68
C ASN C 106 24.85 39.32 37.71
N ASN C 107 26.12 39.13 38.06
CA ASN C 107 26.82 40.08 38.91
C ASN C 107 27.55 41.09 38.04
N ALA C 108 28.45 41.87 38.64
CA ALA C 108 29.15 42.96 37.95
C ALA C 108 30.19 42.47 36.94
N THR C 109 30.35 41.18 36.64
CA THR C 109 31.35 40.72 35.68
C THR C 109 30.72 40.11 34.44
N ASN C 110 29.88 39.09 34.60
CA ASN C 110 29.29 38.40 33.45
C ASN C 110 28.04 37.66 33.92
N VAL C 111 27.29 37.15 32.94
CA VAL C 111 26.09 36.36 33.22
C VAL C 111 26.47 34.91 33.40
N VAL C 112 25.66 34.18 34.17
CA VAL C 112 25.85 32.75 34.38
C VAL C 112 24.50 32.07 34.19
N ILE C 113 24.44 31.09 33.29
CA ILE C 113 23.24 30.33 33.02
C ILE C 113 23.42 28.95 33.62
N LYS C 114 22.57 28.60 34.58
CA LYS C 114 22.69 27.33 35.29
C LYS C 114 21.30 26.74 35.50
N VAL C 115 21.21 25.41 35.36
CA VAL C 115 19.99 24.67 35.65
C VAL C 115 20.32 23.60 36.69
N CYS C 116 19.53 23.56 37.77
CA CYS C 116 19.82 22.67 38.88
C CYS C 116 18.57 22.49 39.72
N GLU C 117 18.62 21.48 40.59
CA GLU C 117 17.56 21.22 41.56
C GLU C 117 17.78 22.03 42.83
N PHE C 118 17.84 23.35 42.64
CA PHE C 118 18.13 24.26 43.74
C PHE C 118 16.94 24.38 44.68
N GLN C 119 17.22 24.50 45.98
CA GLN C 119 16.18 24.72 46.96
C GLN C 119 15.92 26.21 47.09
N PHE C 120 14.70 26.63 46.78
CA PHE C 120 14.32 28.04 46.76
C PHE C 120 13.44 28.35 47.96
N CYS C 121 13.75 29.44 48.65
CA CYS C 121 12.98 29.86 49.81
C CYS C 121 11.71 30.62 49.36
N ASN C 122 10.97 31.11 50.35
CA ASN C 122 9.71 31.81 50.05
C ASN C 122 9.97 33.18 49.44
N ASP C 123 10.98 33.90 49.94
CA ASP C 123 11.27 35.26 49.50
C ASP C 123 12.74 35.38 49.13
N PRO C 124 13.13 34.95 47.94
CA PRO C 124 14.52 35.14 47.50
C PRO C 124 14.72 36.47 46.80
N PHE C 125 15.87 37.09 47.09
CA PHE C 125 16.21 38.38 46.52
C PHE C 125 17.72 38.54 46.52
N LEU C 126 18.19 39.67 46.01
CA LEU C 126 19.60 40.00 45.94
C LEU C 126 19.90 41.20 46.82
N ASP C 127 21.17 41.37 47.16
CA ASP C 127 21.61 42.49 47.98
C ASP C 127 22.89 43.10 47.44
N MET C 135 28.65 48.39 47.86
CA MET C 135 29.00 47.33 46.93
C MET C 135 28.07 46.14 47.07
N GLU C 136 28.04 45.28 46.06
CA GLU C 136 27.20 44.09 46.04
C GLU C 136 28.09 42.87 46.28
N SER C 137 27.97 42.28 47.47
CA SER C 137 28.77 41.11 47.81
C SER C 137 27.97 40.05 48.56
N GLU C 138 26.64 40.13 48.50
CA GLU C 138 25.76 39.18 49.18
C GLU C 138 24.96 38.41 48.15
N PHE C 139 24.94 37.09 48.27
CA PHE C 139 24.27 36.20 47.32
C PHE C 139 23.48 35.17 48.11
N ARG C 140 22.18 35.43 48.29
CA ARG C 140 21.29 34.56 49.07
C ARG C 140 20.05 34.27 48.24
N VAL C 141 20.12 33.24 47.39
CA VAL C 141 18.97 32.79 46.62
C VAL C 141 18.72 31.30 46.74
N TYR C 142 19.69 30.49 47.17
CA TYR C 142 19.52 29.05 47.29
C TYR C 142 20.33 28.56 48.46
N SER C 143 20.24 27.25 48.73
CA SER C 143 20.93 26.65 49.86
C SER C 143 21.83 25.49 49.48
N SER C 144 21.41 24.64 48.54
CA SER C 144 22.20 23.46 48.19
C SER C 144 21.86 23.03 46.78
N ALA C 145 22.71 22.18 46.23
CA ALA C 145 22.54 21.59 44.90
C ALA C 145 22.41 20.08 45.02
N ASN C 146 21.46 19.50 44.31
CA ASN C 146 21.16 18.08 44.42
C ASN C 146 21.76 17.27 43.29
N ASN C 147 21.41 17.59 42.04
CA ASN C 147 21.90 16.83 40.88
C ASN C 147 21.95 17.79 39.69
N CYS C 148 23.15 18.32 39.43
CA CYS C 148 23.34 19.20 38.28
C CYS C 148 24.83 19.29 37.98
N THR C 149 25.17 19.23 36.68
CA THR C 149 26.55 19.39 36.22
C THR C 149 26.65 20.38 35.06
N PHE C 150 25.59 21.15 34.79
CA PHE C 150 25.57 22.09 33.69
C PHE C 150 26.05 23.45 34.15
N GLU C 151 26.85 24.11 33.30
CA GLU C 151 27.36 25.44 33.61
C GLU C 151 27.65 26.17 32.30
N TYR C 152 27.12 27.38 32.18
CA TYR C 152 27.30 28.19 30.97
C TYR C 152 27.76 29.58 31.37
N VAL C 153 28.78 30.09 30.69
CA VAL C 153 29.32 31.42 30.92
C VAL C 153 29.28 32.19 29.62
N SER C 154 28.67 33.38 29.65
CA SER C 154 28.55 34.23 28.48
C SER C 154 28.88 35.67 28.85
N GLN C 155 28.92 36.53 27.84
CA GLN C 155 29.17 37.94 28.07
C GLN C 155 27.99 38.59 28.80
N PRO C 156 28.25 39.61 29.63
CA PRO C 156 27.15 40.28 30.32
C PRO C 156 26.20 40.96 29.34
N PHE C 157 24.90 40.89 29.68
CA PHE C 157 23.88 41.45 28.81
C PHE C 157 23.84 42.97 28.88
N LEU C 158 24.22 43.56 30.02
CA LEU C 158 24.14 45.00 30.20
C LEU C 158 25.52 45.64 30.13
N ASN C 167 15.14 59.37 37.22
CA ASN C 167 14.65 59.48 35.85
C ASN C 167 14.99 58.24 35.03
N PHE C 168 14.00 57.72 34.31
CA PHE C 168 14.22 56.54 33.48
C PHE C 168 15.11 56.88 32.29
N LYS C 169 16.05 55.99 31.99
CA LYS C 169 16.96 56.20 30.87
C LYS C 169 17.17 54.97 29.99
N ASN C 170 16.78 53.78 30.43
CA ASN C 170 16.99 52.56 29.65
C ASN C 170 15.75 51.68 29.74
N LEU C 171 15.41 51.05 28.62
CA LEU C 171 14.30 50.11 28.55
C LEU C 171 14.82 48.75 28.11
N ARG C 172 14.51 47.72 28.88
CA ARG C 172 14.98 46.37 28.61
C ARG C 172 13.79 45.45 28.44
N GLU C 173 13.77 44.71 27.33
CA GLU C 173 12.70 43.78 27.02
C GLU C 173 13.27 42.38 26.80
N PHE C 174 12.61 41.38 27.38
CA PHE C 174 13.09 40.00 27.30
C PHE C 174 11.93 39.07 26.98
N VAL C 175 12.19 38.11 26.10
CA VAL C 175 11.22 37.09 25.72
C VAL C 175 11.84 35.72 25.96
N PHE C 176 11.13 34.87 26.70
CA PHE C 176 11.57 33.52 26.98
C PHE C 176 10.54 32.53 26.43
N LYS C 177 11.02 31.52 25.70
CA LYS C 177 10.16 30.52 25.08
C LYS C 177 10.75 29.13 25.31
N ASN C 178 9.87 28.13 25.29
CA ASN C 178 10.25 26.73 25.46
C ASN C 178 9.54 25.90 24.39
N ILE C 179 10.18 25.77 23.23
CA ILE C 179 9.63 25.02 22.11
C ILE C 179 10.68 24.02 21.63
N ASP C 180 10.27 22.76 21.51
CA ASP C 180 11.14 21.67 21.03
C ASP C 180 12.38 21.53 21.93
N GLY C 181 12.17 21.73 23.23
CA GLY C 181 13.25 21.61 24.19
C GLY C 181 14.33 22.67 24.08
N TYR C 182 14.03 23.79 23.43
CA TYR C 182 15.01 24.87 23.23
C TYR C 182 14.54 26.10 23.97
N PHE C 183 15.41 26.68 24.78
CA PHE C 183 15.12 27.90 25.53
C PHE C 183 15.64 29.08 24.72
N LYS C 184 14.73 29.78 24.06
CA LYS C 184 15.08 30.92 23.22
C LYS C 184 14.94 32.21 24.02
N ILE C 185 15.98 33.03 24.00
CA ILE C 185 16.00 34.30 24.72
C ILE C 185 16.15 35.42 23.68
N TYR C 186 15.16 36.31 23.64
CA TYR C 186 15.18 37.47 22.75
C TYR C 186 15.27 38.73 23.60
N SER C 187 16.26 39.57 23.31
CA SER C 187 16.51 40.77 24.10
C SER C 187 16.76 41.96 23.19
N LYS C 188 16.45 43.14 23.71
CA LYS C 188 16.69 44.39 23.00
C LYS C 188 16.84 45.51 24.02
N HIS C 189 17.94 46.24 23.95
CA HIS C 189 18.22 47.35 24.85
C HIS C 189 18.20 48.66 24.07
N THR C 190 17.38 49.60 24.54
CA THR C 190 17.26 50.91 23.91
C THR C 190 17.32 51.99 24.97
N PRO C 191 17.87 53.16 24.63
CA PRO C 191 17.88 54.28 25.58
C PRO C 191 16.64 55.14 25.47
N ILE C 192 16.10 55.52 26.61
CA ILE C 192 14.91 56.35 26.67
C ILE C 192 15.14 57.54 27.59
N ASP C 199 5.10 54.46 31.46
CA ASP C 199 4.40 53.64 30.49
C ASP C 199 5.33 53.24 29.34
N LEU C 200 4.86 52.33 28.50
CA LEU C 200 5.65 51.88 27.36
C LEU C 200 5.72 52.98 26.31
N PRO C 201 6.92 53.33 25.83
CA PRO C 201 7.02 54.37 24.80
C PRO C 201 6.43 53.92 23.48
N GLN C 202 5.94 54.89 22.71
CA GLN C 202 5.32 54.61 21.42
C GLN C 202 6.41 54.49 20.37
N GLY C 203 6.75 53.25 20.01
CA GLY C 203 7.76 53.01 19.00
C GLY C 203 7.85 51.54 18.70
N PHE C 204 8.58 51.23 17.62
CA PHE C 204 8.75 49.87 17.15
C PHE C 204 10.22 49.47 17.28
N SER C 205 10.46 48.32 17.93
CA SER C 205 11.82 47.81 18.10
C SER C 205 11.75 46.29 18.08
N ALA C 206 12.31 45.68 17.03
CA ALA C 206 12.31 44.24 16.91
C ALA C 206 13.34 43.64 17.85
N LEU C 207 12.91 42.67 18.65
CA LEU C 207 13.78 42.03 19.64
C LEU C 207 14.55 40.89 18.97
N GLU C 208 15.84 41.11 18.74
CA GLU C 208 16.68 40.07 18.15
C GLU C 208 17.03 39.02 19.19
N PRO C 209 17.24 37.77 18.76
CA PRO C 209 17.69 36.73 19.70
C PRO C 209 19.14 36.97 20.11
N LEU C 210 19.48 36.46 21.30
CA LEU C 210 20.83 36.57 21.83
C LEU C 210 21.53 35.23 21.93
N VAL C 211 20.92 34.25 22.58
CA VAL C 211 21.52 32.94 22.75
C VAL C 211 20.40 31.91 22.86
N ASP C 212 20.62 30.73 22.28
CA ASP C 212 19.68 29.62 22.31
C ASP C 212 20.23 28.56 23.25
N LEU C 213 19.41 28.18 24.24
CA LEU C 213 19.85 27.23 25.25
C LEU C 213 19.25 25.85 24.97
N PRO C 214 20.06 24.85 24.61
CA PRO C 214 19.54 23.48 24.40
C PRO C 214 19.49 22.68 25.69
N ILE C 215 18.54 23.01 26.55
CA ILE C 215 18.42 22.36 27.85
C ILE C 215 17.42 21.22 27.81
N GLY C 216 16.26 21.44 27.21
CA GLY C 216 15.24 20.40 27.13
C GLY C 216 14.65 19.99 28.46
N ILE C 217 14.31 20.95 29.32
CA ILE C 217 13.79 20.67 30.64
C ILE C 217 12.29 20.96 30.67
N ASN C 218 11.67 20.54 31.76
CA ASN C 218 10.24 20.77 32.00
C ASN C 218 10.12 21.86 33.06
N ILE C 219 9.64 23.04 32.67
CA ILE C 219 9.45 24.16 33.58
C ILE C 219 8.05 24.71 33.38
N THR C 220 7.36 25.04 34.49
CA THR C 220 5.98 25.52 34.42
C THR C 220 5.73 26.69 35.38
N ARG C 221 6.78 27.41 35.77
CA ARG C 221 6.61 28.52 36.71
C ARG C 221 7.79 29.47 36.57
N PHE C 222 7.61 30.68 37.11
CA PHE C 222 8.67 31.68 37.12
C PHE C 222 8.58 32.50 38.40
N GLN C 223 9.69 33.16 38.72
CA GLN C 223 9.78 33.98 39.92
C GLN C 223 10.82 35.08 39.68
N THR C 224 10.48 36.31 40.07
CA THR C 224 11.33 37.46 39.83
C THR C 224 12.20 37.75 41.06
N LEU C 225 13.48 37.99 40.82
CA LEU C 225 14.45 38.32 41.86
C LEU C 225 14.77 39.81 41.80
N LEU C 226 14.72 40.47 42.94
CA LEU C 226 15.02 41.90 43.04
C LEU C 226 16.27 42.11 43.89
N ALA C 227 16.88 43.26 43.71
CA ALA C 227 18.09 43.64 44.43
C ALA C 227 17.80 44.80 45.37
N LEU C 228 18.34 44.71 46.59
CA LEU C 228 18.15 45.73 47.62
C LEU C 228 19.42 46.53 47.81
N HIS C 229 19.26 47.80 48.17
CA HIS C 229 20.38 48.70 48.40
C HIS C 229 20.57 48.90 49.90
N ARG C 230 21.81 48.76 50.36
CA ARG C 230 22.16 48.90 51.77
C ARG C 230 22.85 50.24 51.99
N SER C 231 22.39 50.99 52.98
CA SER C 231 22.96 52.30 53.29
C SER C 231 23.12 52.47 54.80
N GLY C 241 16.96 49.71 57.63
CA GLY C 241 17.37 48.38 57.21
C GLY C 241 17.87 48.35 55.77
N TRP C 242 16.94 48.22 54.83
CA TRP C 242 17.26 48.18 53.42
C TRP C 242 16.37 49.15 52.65
N THR C 243 16.90 49.67 51.54
CA THR C 243 16.20 50.60 50.69
C THR C 243 16.12 50.05 49.28
N ALA C 244 15.00 50.31 48.60
CA ALA C 244 14.77 49.85 47.24
C ALA C 244 14.52 51.05 46.33
N GLY C 245 15.16 51.03 45.16
CA GLY C 245 14.99 52.10 44.19
C GLY C 245 13.71 51.97 43.40
N ALA C 246 13.49 52.94 42.51
CA ALA C 246 12.31 52.96 41.67
C ALA C 246 12.52 52.06 40.46
N ALA C 247 11.64 51.08 40.29
CA ALA C 247 11.72 50.16 39.16
C ALA C 247 10.32 49.67 38.82
N ALA C 248 10.18 49.20 37.58
CA ALA C 248 8.90 48.69 37.11
C ALA C 248 9.15 47.71 35.97
N TYR C 249 8.37 46.64 35.94
CA TYR C 249 8.49 45.62 34.90
C TYR C 249 7.09 45.19 34.46
N TYR C 250 7.02 44.70 33.22
CA TYR C 250 5.77 44.25 32.62
C TYR C 250 5.86 42.76 32.30
N VAL C 251 4.73 42.07 32.48
CA VAL C 251 4.63 40.64 32.18
C VAL C 251 3.57 40.45 31.11
N GLY C 252 3.96 39.79 30.01
CA GLY C 252 3.05 39.59 28.89
C GLY C 252 2.78 38.13 28.61
N TYR C 253 1.67 37.85 27.92
CA TYR C 253 1.26 36.49 27.59
C TYR C 253 1.40 36.27 26.09
N LEU C 254 2.09 35.18 25.72
CA LEU C 254 2.32 34.86 24.32
C LEU C 254 1.25 33.88 23.83
N GLN C 255 0.73 34.14 22.64
CA GLN C 255 -0.34 33.34 22.08
C GLN C 255 0.04 32.85 20.69
N PRO C 256 -0.45 31.67 20.29
CA PRO C 256 -0.17 31.15 18.94
C PRO C 256 -1.06 31.82 17.90
N ARG C 257 -0.45 32.62 17.02
CA ARG C 257 -1.16 33.30 15.96
C ARG C 257 -0.19 33.62 14.83
N THR C 258 -0.76 33.96 13.68
CA THR C 258 0.02 34.27 12.49
C THR C 258 0.26 35.77 12.39
N PHE C 259 1.52 36.15 12.25
CA PHE C 259 1.91 37.54 12.03
C PHE C 259 2.51 37.72 10.64
N LEU C 260 2.17 38.83 10.00
CA LEU C 260 2.76 39.21 8.72
C LEU C 260 3.88 40.21 8.99
N LEU C 261 5.12 39.76 8.81
CA LEU C 261 6.30 40.57 9.11
C LEU C 261 6.94 41.07 7.83
N LYS C 262 7.59 42.23 7.93
CA LYS C 262 8.28 42.86 6.82
C LYS C 262 9.78 42.82 7.04
N TYR C 263 10.50 42.30 6.06
CA TYR C 263 11.96 42.28 6.07
C TYR C 263 12.47 43.23 5.00
N ASN C 264 13.31 44.18 5.40
CA ASN C 264 13.85 45.16 4.47
C ASN C 264 15.00 44.56 3.68
N GLU C 265 15.65 45.40 2.86
CA GLU C 265 16.79 44.95 2.08
C GLU C 265 18.00 44.60 2.94
N ASN C 266 18.09 45.16 4.14
CA ASN C 266 19.19 44.86 5.06
C ASN C 266 18.85 43.77 6.06
N GLY C 267 17.61 43.27 6.07
CA GLY C 267 17.24 42.12 6.85
C GLY C 267 16.51 42.42 8.15
N THR C 268 16.57 43.66 8.63
CA THR C 268 15.93 44.00 9.89
C THR C 268 14.41 44.08 9.73
N ILE C 269 13.70 43.83 10.83
CA ILE C 269 12.24 43.84 10.83
C ILE C 269 11.76 45.27 11.07
N THR C 270 10.90 45.76 10.19
CA THR C 270 10.40 47.13 10.25
C THR C 270 9.00 47.23 10.85
N ASP C 271 8.06 46.42 10.36
CA ASP C 271 6.68 46.49 10.80
C ASP C 271 6.11 45.09 10.97
N ALA C 272 5.04 45.00 11.77
CA ALA C 272 4.36 43.74 12.03
C ALA C 272 2.86 43.93 11.86
N VAL C 273 2.19 42.88 11.38
CA VAL C 273 0.76 42.91 11.12
C VAL C 273 0.14 41.67 11.75
N ASP C 274 -0.89 41.88 12.57
CA ASP C 274 -1.65 40.78 13.17
C ASP C 274 -2.83 40.45 12.27
N CYS C 275 -2.91 39.19 11.83
CA CYS C 275 -3.95 38.80 10.88
C CYS C 275 -5.33 38.66 11.51
N ALA C 276 -5.44 38.74 12.84
CA ALA C 276 -6.73 38.57 13.51
C ALA C 276 -6.94 39.64 14.58
N LEU C 277 -6.42 40.85 14.37
CA LEU C 277 -6.61 41.95 15.31
C LEU C 277 -7.78 42.84 14.91
N ASP C 278 -7.71 43.43 13.72
CA ASP C 278 -8.75 44.28 13.17
C ASP C 278 -8.91 43.96 11.70
N PRO C 279 -10.06 44.28 11.09
CA PRO C 279 -10.26 43.95 9.67
C PRO C 279 -9.25 44.57 8.72
N LEU C 280 -8.67 45.72 9.06
CA LEU C 280 -7.69 46.35 8.19
C LEU C 280 -6.42 45.50 8.09
N SER C 281 -5.86 45.11 9.23
CA SER C 281 -4.69 44.24 9.19
C SER C 281 -5.04 42.84 8.73
N GLU C 282 -6.31 42.43 8.89
CA GLU C 282 -6.75 41.15 8.32
C GLU C 282 -6.70 41.19 6.80
N THR C 283 -7.14 42.30 6.20
CA THR C 283 -7.03 42.47 4.75
C THR C 283 -5.58 42.59 4.32
N LYS C 284 -4.75 43.25 5.14
CA LYS C 284 -3.32 43.33 4.83
C LYS C 284 -2.67 41.96 4.84
N CYS C 285 -3.04 41.11 5.80
CA CYS C 285 -2.49 39.76 5.87
C CYS C 285 -3.01 38.88 4.74
N THR C 286 -4.29 39.03 4.38
CA THR C 286 -4.85 38.24 3.29
C THR C 286 -4.24 38.63 1.95
N LEU C 287 -4.05 39.92 1.71
CA LEU C 287 -3.47 40.40 0.46
C LEU C 287 -1.96 40.40 0.46
N LYS C 288 -1.32 40.13 1.61
CA LYS C 288 0.13 40.10 1.76
C LYS C 288 0.77 41.43 1.34
N SER C 289 0.12 42.54 1.68
CA SER C 289 0.61 43.86 1.35
C SER C 289 0.17 44.85 2.41
N PHE C 290 1.03 45.83 2.69
CA PHE C 290 0.69 46.85 3.68
C PHE C 290 -0.35 47.83 3.14
N THR C 291 -0.35 48.07 1.83
CA THR C 291 -1.28 49.00 1.20
C THR C 291 -2.37 48.20 0.48
N VAL C 292 -3.63 48.56 0.75
CA VAL C 292 -4.77 47.90 0.13
C VAL C 292 -5.48 48.89 -0.78
N GLU C 293 -5.92 48.40 -1.93
CA GLU C 293 -6.65 49.22 -2.88
C GLU C 293 -8.08 49.42 -2.42
N LYS C 294 -8.68 50.53 -2.83
CA LYS C 294 -10.06 50.84 -2.47
C LYS C 294 -11.00 49.85 -3.16
N GLY C 295 -11.74 49.10 -2.38
CA GLY C 295 -12.64 48.10 -2.93
C GLY C 295 -13.12 47.16 -1.84
N ILE C 296 -13.93 46.19 -2.27
CA ILE C 296 -14.48 45.18 -1.37
C ILE C 296 -13.60 43.94 -1.43
N TYR C 297 -13.28 43.37 -0.28
CA TYR C 297 -12.39 42.23 -0.17
C TYR C 297 -13.00 41.19 0.76
N GLN C 298 -12.68 39.92 0.49
CA GLN C 298 -13.13 38.79 1.30
C GLN C 298 -11.92 38.17 1.99
N THR C 299 -11.99 38.05 3.31
CA THR C 299 -10.89 37.54 4.11
C THR C 299 -11.11 36.14 4.64
N SER C 300 -12.22 35.90 5.32
CA SER C 300 -12.46 34.62 5.98
C SER C 300 -13.98 34.42 6.10
N ASN C 301 -14.38 33.48 6.96
CA ASN C 301 -15.78 33.17 7.18
C ASN C 301 -16.11 33.30 8.66
N PHE C 302 -17.40 33.46 8.95
CA PHE C 302 -17.89 33.61 10.31
C PHE C 302 -18.47 32.29 10.80
N ARG C 303 -18.08 31.88 12.00
CA ARG C 303 -18.52 30.61 12.56
C ARG C 303 -18.89 30.80 14.03
N VAL C 304 -19.70 29.87 14.54
CA VAL C 304 -20.16 29.88 15.92
C VAL C 304 -19.53 28.70 16.64
N GLN C 305 -18.90 28.97 17.79
CA GLN C 305 -18.19 27.94 18.54
C GLN C 305 -19.17 27.04 19.29
N PRO C 306 -18.86 25.75 19.39
CA PRO C 306 -19.72 24.81 20.11
C PRO C 306 -19.33 24.66 21.58
N THR C 307 -20.30 24.23 22.39
CA THR C 307 -20.09 24.08 23.82
C THR C 307 -20.18 22.64 24.30
N GLU C 308 -21.31 21.95 24.09
CA GLU C 308 -21.55 20.68 24.76
C GLU C 308 -22.75 20.01 24.09
N SER C 309 -22.88 18.70 24.32
CA SER C 309 -23.88 17.87 23.65
C SER C 309 -25.29 18.18 24.16
N ILE C 310 -26.27 17.40 23.70
CA ILE C 310 -27.66 17.73 24.00
C ILE C 310 -28.35 16.58 24.75
N VAL C 311 -28.46 15.41 24.13
CA VAL C 311 -29.18 14.30 24.74
C VAL C 311 -28.36 13.03 24.55
N ARG C 312 -28.56 12.08 25.47
CA ARG C 312 -27.72 10.91 25.63
C ARG C 312 -28.10 9.79 24.65
N PHE C 313 -27.41 8.66 24.81
CA PHE C 313 -27.67 7.43 24.07
C PHE C 313 -28.82 6.70 24.75
N PRO C 314 -29.24 5.52 24.24
CA PRO C 314 -30.10 4.64 25.04
C PRO C 314 -29.42 4.28 26.36
N ASN C 315 -30.23 4.11 27.40
CA ASN C 315 -29.73 3.92 28.76
C ASN C 315 -28.90 2.65 28.84
N ILE C 316 -27.73 2.76 29.47
CA ILE C 316 -26.77 1.67 29.60
C ILE C 316 -26.58 1.41 31.10
N THR C 317 -27.19 0.34 31.59
CA THR C 317 -27.09 -0.01 33.01
C THR C 317 -26.93 -1.51 33.22
N ASN C 318 -26.47 -2.24 32.22
CA ASN C 318 -26.33 -3.69 32.28
C ASN C 318 -24.86 -4.07 32.13
N LEU C 319 -24.60 -5.37 32.01
CA LEU C 319 -23.25 -5.89 31.79
C LEU C 319 -23.31 -6.89 30.66
N CYS C 320 -22.48 -6.69 29.65
CA CYS C 320 -22.44 -7.61 28.51
C CYS C 320 -21.76 -8.91 28.93
N PRO C 321 -22.41 -10.07 28.76
CA PRO C 321 -21.78 -11.33 29.19
C PRO C 321 -20.65 -11.77 28.28
N PHE C 322 -19.55 -11.02 28.27
CA PHE C 322 -18.37 -11.41 27.51
C PHE C 322 -17.67 -12.60 28.13
N ASP C 323 -17.88 -12.84 29.43
CA ASP C 323 -17.25 -13.98 30.09
C ASP C 323 -17.87 -15.31 29.68
N GLU C 324 -19.07 -15.29 29.09
CA GLU C 324 -19.67 -16.53 28.60
C GLU C 324 -18.87 -17.13 27.45
N VAL C 325 -18.38 -16.29 26.54
CA VAL C 325 -17.56 -16.78 25.43
C VAL C 325 -16.07 -16.76 25.76
N PHE C 326 -15.66 -16.03 26.80
CA PHE C 326 -14.26 -15.99 27.18
C PHE C 326 -13.91 -17.10 28.17
N ASN C 327 -14.61 -17.15 29.31
CA ASN C 327 -14.41 -18.18 30.32
C ASN C 327 -15.55 -19.18 30.21
N ALA C 328 -15.36 -20.19 29.36
CA ALA C 328 -16.33 -21.26 29.17
C ALA C 328 -15.72 -22.59 29.58
N THR C 329 -16.57 -23.49 30.07
CA THR C 329 -16.10 -24.81 30.50
C THR C 329 -15.57 -25.61 29.32
N ARG C 330 -16.27 -25.56 28.18
CA ARG C 330 -15.84 -26.28 26.98
C ARG C 330 -16.01 -25.38 25.77
N PHE C 331 -15.16 -25.59 24.77
CA PHE C 331 -15.18 -24.82 23.54
C PHE C 331 -15.57 -25.72 22.37
N ALA C 332 -15.92 -25.09 21.26
CA ALA C 332 -16.36 -25.78 20.06
C ALA C 332 -15.23 -25.84 19.04
N SER C 333 -15.45 -26.64 17.99
CA SER C 333 -14.45 -26.87 16.96
C SER C 333 -14.55 -25.80 15.87
N VAL C 334 -13.61 -25.84 14.92
CA VAL C 334 -13.57 -24.83 13.86
C VAL C 334 -14.72 -25.00 12.89
N TYR C 335 -15.10 -26.25 12.58
CA TYR C 335 -16.14 -26.46 11.57
C TYR C 335 -17.53 -26.16 12.13
N ALA C 336 -17.75 -26.42 13.41
CA ALA C 336 -19.04 -26.16 14.06
C ALA C 336 -18.76 -25.38 15.36
N TRP C 337 -18.68 -24.06 15.24
CA TRP C 337 -18.45 -23.21 16.41
C TRP C 337 -19.78 -22.86 17.05
N ASN C 338 -19.74 -21.98 18.05
CA ASN C 338 -20.94 -21.52 18.75
C ASN C 338 -21.09 -20.02 18.56
N ARG C 339 -22.32 -19.59 18.26
CA ARG C 339 -22.63 -18.18 18.06
C ARG C 339 -23.57 -17.72 19.16
N LYS C 340 -23.17 -16.67 19.88
CA LYS C 340 -23.97 -16.10 20.96
C LYS C 340 -24.16 -14.62 20.68
N ARG C 341 -25.42 -14.18 20.66
CA ARG C 341 -25.75 -12.79 20.38
C ARG C 341 -25.79 -12.00 21.69
N ILE C 342 -24.98 -10.94 21.75
CA ILE C 342 -24.88 -10.08 22.92
C ILE C 342 -25.32 -8.68 22.52
N SER C 343 -26.30 -8.14 23.22
CA SER C 343 -26.84 -6.83 22.89
C SER C 343 -27.51 -6.23 24.12
N ASN C 344 -27.72 -4.92 24.06
CA ASN C 344 -28.43 -4.14 25.10
C ASN C 344 -27.74 -4.27 26.46
N CYS C 345 -26.47 -3.86 26.50
CA CYS C 345 -25.67 -3.90 27.70
C CYS C 345 -24.47 -2.99 27.53
N VAL C 346 -23.56 -3.02 28.51
CA VAL C 346 -22.34 -2.21 28.50
C VAL C 346 -21.18 -3.12 28.18
N ALA C 347 -20.42 -2.77 27.14
CA ALA C 347 -19.26 -3.53 26.71
C ALA C 347 -17.99 -2.85 27.18
N ASP C 348 -17.14 -3.58 27.89
CA ASP C 348 -15.88 -3.07 28.42
C ASP C 348 -14.74 -3.69 27.62
N TYR C 349 -14.03 -2.86 26.86
CA TYR C 349 -12.90 -3.30 26.06
C TYR C 349 -11.56 -2.99 26.71
N SER C 350 -11.56 -2.58 27.98
CA SER C 350 -10.30 -2.35 28.69
C SER C 350 -9.56 -3.67 28.89
N VAL C 351 -10.28 -4.76 29.14
CA VAL C 351 -9.66 -6.06 29.31
C VAL C 351 -9.17 -6.63 27.98
N LEU C 352 -9.63 -6.08 26.86
CA LEU C 352 -9.22 -6.53 25.53
C LEU C 352 -8.18 -5.63 24.89
N TYR C 353 -8.35 -4.31 25.00
CA TYR C 353 -7.43 -3.35 24.37
C TYR C 353 -6.44 -2.76 25.37
N ASN C 354 -6.94 -2.18 26.46
CA ASN C 354 -6.06 -1.55 27.44
C ASN C 354 -5.24 -2.59 28.19
N LEU C 355 -5.87 -3.67 28.63
CA LEU C 355 -5.17 -4.78 29.27
C LEU C 355 -5.04 -5.94 28.29
N ALA C 356 -3.96 -6.70 28.43
CA ALA C 356 -3.66 -7.81 27.52
C ALA C 356 -3.38 -9.08 28.30
N PRO C 357 -4.42 -9.74 28.83
CA PRO C 357 -4.24 -11.12 29.31
C PRO C 357 -4.27 -12.14 28.19
N PHE C 358 -4.80 -11.76 27.02
CA PHE C 358 -4.85 -12.64 25.86
C PHE C 358 -3.60 -12.42 25.02
N PHE C 359 -3.19 -13.46 24.28
CA PHE C 359 -1.91 -13.43 23.59
C PHE C 359 -1.93 -12.40 22.46
N THR C 360 -2.93 -12.44 21.59
CA THR C 360 -2.97 -11.60 20.40
C THR C 360 -4.35 -10.98 20.26
N PHE C 361 -4.39 -9.65 20.17
CA PHE C 361 -5.61 -8.92 19.87
C PHE C 361 -5.37 -8.07 18.62
N LYS C 362 -6.25 -8.23 17.64
CA LYS C 362 -6.10 -7.55 16.35
C LYS C 362 -7.48 -7.20 15.81
N CYS C 363 -7.65 -5.96 15.38
CA CYS C 363 -8.89 -5.49 14.77
C CYS C 363 -8.59 -5.00 13.36
N TYR C 364 -9.36 -5.49 12.39
CA TYR C 364 -9.13 -5.16 10.98
C TYR C 364 -10.07 -4.06 10.49
N GLY C 365 -11.38 -4.29 10.59
CA GLY C 365 -12.35 -3.33 10.09
C GLY C 365 -12.75 -2.23 11.04
N VAL C 366 -12.28 -2.28 12.29
CA VAL C 366 -12.63 -1.29 13.29
C VAL C 366 -11.35 -0.87 14.01
N SER C 367 -11.38 0.32 14.60
CA SER C 367 -10.24 0.84 15.33
C SER C 367 -10.15 0.17 16.70
N PRO C 368 -9.03 -0.49 17.04
CA PRO C 368 -8.93 -1.10 18.37
C PRO C 368 -8.85 -0.08 19.49
N THR C 369 -8.39 1.15 19.22
CA THR C 369 -8.23 2.14 20.27
C THR C 369 -9.59 2.70 20.71
N LYS C 370 -10.50 2.89 19.77
CA LYS C 370 -11.81 3.50 20.05
C LYS C 370 -12.92 2.46 20.13
N LEU C 371 -12.61 1.27 20.65
CA LEU C 371 -13.63 0.22 20.76
C LEU C 371 -14.74 0.61 21.73
N ASN C 372 -14.37 1.24 22.85
CA ASN C 372 -15.37 1.65 23.83
C ASN C 372 -16.22 2.82 23.35
N ASP C 373 -15.72 3.63 22.43
CA ASP C 373 -16.46 4.80 21.99
C ASP C 373 -17.61 4.44 21.05
N LEU C 374 -17.43 3.43 20.20
CA LEU C 374 -18.47 3.07 19.25
C LEU C 374 -19.64 2.38 19.93
N CYS C 375 -20.80 2.50 19.29
CA CYS C 375 -22.03 1.84 19.71
C CYS C 375 -22.60 1.08 18.52
N PHE C 376 -22.96 -0.19 18.75
CA PHE C 376 -23.51 -1.04 17.70
C PHE C 376 -24.76 -1.74 18.23
N THR C 377 -25.40 -2.50 17.34
CA THR C 377 -26.64 -3.19 17.71
C THR C 377 -26.36 -4.47 18.48
N ASN C 378 -25.67 -5.42 17.85
CA ASN C 378 -25.40 -6.71 18.46
C ASN C 378 -24.09 -7.26 17.91
N VAL C 379 -23.53 -8.22 18.64
CA VAL C 379 -22.28 -8.88 18.24
C VAL C 379 -22.51 -10.38 18.21
N TYR C 380 -21.94 -11.04 17.22
CA TYR C 380 -22.01 -12.49 17.06
C TYR C 380 -20.63 -13.05 17.37
N ALA C 381 -20.45 -13.57 18.58
CA ALA C 381 -19.16 -14.09 19.02
C ALA C 381 -18.99 -15.53 18.56
N ASP C 382 -17.91 -15.80 17.85
CA ASP C 382 -17.58 -17.14 17.36
C ASP C 382 -16.36 -17.63 18.14
N SER C 383 -16.55 -18.68 18.94
CA SER C 383 -15.50 -19.21 19.79
C SER C 383 -15.07 -20.58 19.30
N PHE C 384 -13.78 -20.73 19.01
CA PHE C 384 -13.22 -21.94 18.43
C PHE C 384 -11.70 -21.92 18.58
N VAL C 385 -11.10 -23.09 18.46
CA VAL C 385 -9.69 -23.30 18.78
C VAL C 385 -8.95 -23.74 17.53
N ILE C 386 -7.82 -23.08 17.25
CA ILE C 386 -6.94 -23.43 16.14
C ILE C 386 -5.56 -23.70 16.70
N ARG C 387 -4.88 -24.70 16.14
CA ARG C 387 -3.46 -24.89 16.38
C ARG C 387 -2.67 -23.68 15.87
N GLY C 388 -1.46 -23.51 16.41
CA GLY C 388 -0.68 -22.31 16.14
C GLY C 388 -0.26 -22.15 14.69
N ASP C 389 -0.33 -23.21 13.90
CA ASP C 389 0.08 -23.12 12.50
C ASP C 389 -0.93 -22.38 11.63
N GLU C 390 -2.23 -22.50 11.94
CA GLU C 390 -3.29 -21.97 11.08
C GLU C 390 -4.03 -20.79 11.68
N VAL C 391 -3.48 -20.15 12.72
CA VAL C 391 -4.13 -19.00 13.32
C VAL C 391 -3.99 -17.75 12.46
N ARG C 392 -3.06 -17.75 11.50
CA ARG C 392 -2.92 -16.62 10.59
C ARG C 392 -4.08 -16.52 9.63
N GLN C 393 -4.81 -17.61 9.39
CA GLN C 393 -5.88 -17.65 8.42
C GLN C 393 -7.10 -16.83 8.83
N ILE C 394 -7.17 -16.36 10.06
CA ILE C 394 -8.35 -15.59 10.53
C ILE C 394 -8.07 -14.14 10.15
N ALA C 395 -8.39 -13.81 8.90
CA ALA C 395 -8.23 -12.49 8.31
C ALA C 395 -8.99 -12.46 6.98
N PRO C 396 -9.55 -11.31 6.59
CA PRO C 396 -10.25 -11.24 5.30
C PRO C 396 -9.29 -11.44 4.13
N GLY C 397 -9.79 -12.09 3.08
CA GLY C 397 -9.01 -12.32 1.88
C GLY C 397 -7.80 -13.21 2.07
N GLN C 398 -7.99 -14.33 2.77
CA GLN C 398 -6.90 -15.27 3.05
C GLN C 398 -7.19 -16.62 2.42
N THR C 399 -6.12 -17.36 2.14
CA THR C 399 -6.22 -18.68 1.53
C THR C 399 -5.44 -19.68 2.40
N GLY C 400 -6.08 -20.79 2.73
CA GLY C 400 -5.43 -21.79 3.56
C GLY C 400 -6.34 -22.97 3.79
N ASN C 401 -5.90 -23.85 4.69
CA ASN C 401 -6.70 -25.03 5.03
C ASN C 401 -8.01 -24.64 5.70
N ILE C 402 -7.97 -23.68 6.61
CA ILE C 402 -9.18 -23.20 7.29
C ILE C 402 -9.82 -22.05 6.53
N ALA C 403 -9.01 -21.20 5.90
CA ALA C 403 -9.51 -20.04 5.18
C ALA C 403 -10.29 -20.39 3.92
N ASP C 404 -10.27 -21.65 3.49
CA ASP C 404 -11.00 -22.08 2.31
C ASP C 404 -12.17 -23.01 2.61
N TYR C 405 -11.99 -23.95 3.55
CA TYR C 405 -13.00 -24.97 3.79
C TYR C 405 -13.62 -24.94 5.17
N ASN C 406 -13.08 -24.16 6.11
CA ASN C 406 -13.58 -24.15 7.48
C ASN C 406 -14.19 -22.82 7.88
N TYR C 407 -13.46 -21.71 7.70
CA TYR C 407 -13.94 -20.41 8.13
C TYR C 407 -13.44 -19.35 7.17
N LYS C 408 -14.37 -18.53 6.66
CA LYS C 408 -14.04 -17.45 5.74
C LYS C 408 -14.45 -16.11 6.34
N LEU C 409 -13.69 -15.07 6.00
CA LEU C 409 -13.96 -13.71 6.44
C LEU C 409 -14.16 -12.83 5.22
N PRO C 410 -15.30 -12.17 5.07
CA PRO C 410 -15.52 -11.32 3.89
C PRO C 410 -14.69 -10.05 3.94
N ASP C 411 -14.58 -9.41 2.78
CA ASP C 411 -13.76 -8.19 2.66
C ASP C 411 -14.37 -7.01 3.40
N ASP C 412 -15.68 -7.01 3.64
CA ASP C 412 -16.35 -5.94 4.36
C ASP C 412 -16.60 -6.28 5.82
N PHE C 413 -15.94 -7.32 6.33
CA PHE C 413 -16.11 -7.70 7.73
C PHE C 413 -15.50 -6.66 8.66
N THR C 414 -16.23 -6.35 9.72
CA THR C 414 -15.80 -5.38 10.73
C THR C 414 -15.82 -6.04 12.09
N GLY C 415 -14.71 -5.97 12.81
CA GLY C 415 -14.62 -6.57 14.12
C GLY C 415 -13.17 -6.73 14.55
N CYS C 416 -12.96 -7.63 15.50
CA CYS C 416 -11.65 -7.88 16.08
C CYS C 416 -11.40 -9.38 16.17
N VAL C 417 -10.12 -9.75 16.17
CA VAL C 417 -9.69 -11.13 16.34
C VAL C 417 -8.91 -11.22 17.63
N ILE C 418 -9.33 -12.10 18.53
CA ILE C 418 -8.80 -12.18 19.89
C ILE C 418 -8.26 -13.58 20.11
N ALA C 419 -7.02 -13.69 20.56
CA ALA C 419 -6.34 -14.98 20.67
C ALA C 419 -5.57 -15.08 21.98
N TRP C 420 -5.44 -16.33 22.46
CA TRP C 420 -4.69 -16.61 23.68
C TRP C 420 -4.05 -17.99 23.55
N ASN C 421 -3.01 -18.21 24.36
CA ASN C 421 -2.35 -19.50 24.44
C ASN C 421 -3.09 -20.38 25.44
N SER C 422 -3.62 -21.51 24.95
CA SER C 422 -4.37 -22.45 25.77
C SER C 422 -3.60 -23.75 26.00
N ASN C 423 -2.26 -23.69 25.90
CA ASN C 423 -1.45 -24.88 26.12
C ASN C 423 -1.44 -25.34 27.56
N LYS C 424 -1.75 -24.45 28.51
CA LYS C 424 -1.77 -24.84 29.91
C LYS C 424 -3.00 -25.67 30.25
N LEU C 425 -4.16 -25.29 29.72
CA LEU C 425 -5.43 -25.91 30.09
C LEU C 425 -5.95 -26.88 29.04
N ASP C 426 -5.99 -26.47 27.77
CA ASP C 426 -6.64 -27.25 26.74
C ASP C 426 -5.79 -28.40 26.22
N SER C 427 -4.52 -28.48 26.62
CA SER C 427 -3.66 -29.54 26.14
C SER C 427 -3.76 -30.78 27.03
N LYS C 428 -3.38 -31.93 26.47
CA LYS C 428 -3.40 -33.20 27.17
C LYS C 428 -2.07 -33.91 26.94
N VAL C 429 -1.64 -34.67 27.95
CA VAL C 429 -0.37 -35.40 27.85
C VAL C 429 -0.46 -36.49 26.78
N SER C 430 -1.62 -37.13 26.62
CA SER C 430 -1.83 -38.13 25.59
C SER C 430 -2.42 -37.55 24.31
N GLY C 431 -2.67 -36.25 24.27
CA GLY C 431 -3.25 -35.62 23.10
C GLY C 431 -4.72 -35.32 23.25
N ASN C 432 -5.15 -34.14 22.82
CA ASN C 432 -6.54 -33.72 22.91
C ASN C 432 -7.21 -33.95 21.57
N TYR C 433 -8.04 -34.98 21.49
CA TYR C 433 -8.75 -35.33 20.26
C TYR C 433 -10.19 -34.83 20.27
N ASN C 434 -10.58 -34.03 21.27
CA ASN C 434 -11.94 -33.51 21.31
C ASN C 434 -12.17 -32.46 20.24
N TYR C 435 -11.14 -31.70 19.88
CA TYR C 435 -11.25 -30.69 18.84
C TYR C 435 -10.80 -31.28 17.51
N LEU C 436 -11.63 -31.11 16.48
CA LEU C 436 -11.36 -31.69 15.17
C LEU C 436 -11.54 -30.62 14.10
N TYR C 437 -10.91 -30.86 12.95
CA TYR C 437 -10.95 -29.94 11.82
C TYR C 437 -11.22 -30.71 10.53
N ARG C 438 -11.75 -30.00 9.55
CA ARG C 438 -12.14 -30.58 8.27
C ARG C 438 -11.09 -30.25 7.21
N LEU C 439 -10.83 -31.22 6.33
CA LEU C 439 -9.89 -31.03 5.24
C LEU C 439 -10.44 -31.38 3.86
N PHE C 440 -11.58 -32.05 3.77
CA PHE C 440 -12.16 -32.48 2.51
C PHE C 440 -13.53 -31.86 2.34
N ARG C 441 -13.72 -31.12 1.25
CA ARG C 441 -15.00 -30.50 0.94
C ARG C 441 -15.24 -30.56 -0.56
N LYS C 442 -16.53 -30.54 -0.95
CA LYS C 442 -16.86 -30.53 -2.36
C LYS C 442 -16.63 -29.16 -2.98
N SER C 443 -16.80 -28.09 -2.21
CA SER C 443 -16.59 -26.74 -2.71
C SER C 443 -16.17 -25.85 -1.54
N ASN C 444 -15.84 -24.60 -1.87
CA ASN C 444 -15.43 -23.64 -0.85
C ASN C 444 -16.60 -23.29 0.05
N LEU C 445 -16.33 -23.22 1.35
CA LEU C 445 -17.36 -22.91 2.33
C LEU C 445 -17.62 -21.41 2.37
N LYS C 446 -18.90 -21.05 2.44
CA LYS C 446 -19.27 -19.65 2.52
C LYS C 446 -18.91 -19.07 3.89
N PRO C 447 -18.62 -17.77 3.97
CA PRO C 447 -18.30 -17.16 5.25
C PRO C 447 -19.49 -17.18 6.21
N PHE C 448 -19.16 -17.24 7.50
CA PHE C 448 -20.15 -17.29 8.59
C PHE C 448 -21.10 -18.48 8.43
N GLU C 449 -20.56 -19.62 7.99
CA GLU C 449 -21.33 -20.83 7.79
C GLU C 449 -20.64 -21.99 8.48
N ARG C 450 -21.41 -22.77 9.24
CA ARG C 450 -20.91 -23.94 9.93
C ARG C 450 -21.32 -25.20 9.18
N ASP C 451 -20.35 -26.07 8.91
CA ASP C 451 -20.61 -27.33 8.22
C ASP C 451 -20.62 -28.46 9.25
N ILE C 452 -21.72 -29.21 9.30
CA ILE C 452 -21.90 -30.29 10.26
C ILE C 452 -22.19 -31.61 9.54
N SER C 453 -21.90 -31.69 8.25
CA SER C 453 -22.14 -32.90 7.48
C SER C 453 -21.05 -33.92 7.75
N THR C 454 -21.44 -35.16 8.00
CA THR C 454 -20.50 -36.26 8.24
C THR C 454 -20.35 -37.17 7.04
N GLU C 455 -20.79 -36.73 5.86
CA GLU C 455 -20.70 -37.54 4.66
C GLU C 455 -19.26 -37.73 4.23
N ILE C 456 -18.95 -38.91 3.72
CA ILE C 456 -17.61 -39.23 3.26
C ILE C 456 -17.37 -38.55 1.92
N TYR C 457 -16.23 -37.86 1.80
CA TYR C 457 -15.88 -37.20 0.54
C TYR C 457 -15.56 -38.25 -0.52
N GLN C 458 -16.12 -38.06 -1.72
CA GLN C 458 -15.94 -38.98 -2.83
C GLN C 458 -15.12 -38.30 -3.91
N ALA C 459 -14.03 -38.96 -4.32
CA ALA C 459 -13.16 -38.45 -5.38
C ALA C 459 -13.37 -39.16 -6.70
N GLY C 460 -13.48 -40.48 -6.70
CA GLY C 460 -13.71 -41.26 -7.90
C GLY C 460 -15.19 -41.51 -8.14
N ASN C 461 -15.45 -42.48 -9.02
CA ASN C 461 -16.81 -42.86 -9.36
C ASN C 461 -17.38 -43.95 -8.46
N LYS C 462 -16.56 -44.54 -7.58
CA LYS C 462 -17.04 -45.59 -6.69
C LYS C 462 -17.76 -44.96 -5.50
N PRO C 463 -19.00 -45.36 -5.22
CA PRO C 463 -19.71 -44.80 -4.06
C PRO C 463 -19.09 -45.26 -2.75
N CYS C 464 -18.89 -44.31 -1.84
CA CYS C 464 -18.24 -44.62 -0.57
C CYS C 464 -19.14 -45.44 0.35
N ASN C 465 -20.47 -45.32 0.18
CA ASN C 465 -21.46 -46.03 0.99
C ASN C 465 -21.30 -45.75 2.48
N GLY C 466 -20.91 -44.53 2.82
CA GLY C 466 -20.78 -44.12 4.20
C GLY C 466 -19.50 -44.53 4.90
N VAL C 467 -18.59 -45.22 4.21
CA VAL C 467 -17.33 -45.67 4.79
C VAL C 467 -16.20 -45.28 3.86
N ALA C 468 -15.00 -45.21 4.43
CA ALA C 468 -13.81 -44.88 3.66
C ALA C 468 -13.33 -46.10 2.86
N GLY C 469 -12.51 -45.83 1.85
CA GLY C 469 -11.99 -46.89 1.00
C GLY C 469 -11.25 -46.36 -0.20
N PHE C 470 -11.50 -46.96 -1.37
CA PHE C 470 -10.86 -46.52 -2.60
C PHE C 470 -11.47 -45.19 -3.05
N ASN C 471 -10.63 -44.16 -3.18
CA ASN C 471 -11.04 -42.81 -3.54
C ASN C 471 -12.09 -42.25 -2.56
N CYS C 472 -12.00 -42.64 -1.30
CA CYS C 472 -12.89 -42.16 -0.25
C CYS C 472 -12.08 -41.92 1.01
N TYR C 473 -12.17 -40.70 1.54
CA TYR C 473 -11.41 -40.30 2.71
C TYR C 473 -12.31 -39.59 3.70
N PHE C 474 -11.95 -39.68 4.97
CA PHE C 474 -12.72 -39.05 6.03
C PHE C 474 -12.41 -37.55 6.07
N PRO C 475 -13.40 -36.67 5.88
CA PRO C 475 -13.13 -35.23 5.95
C PRO C 475 -12.64 -34.76 7.31
N LEU C 476 -13.09 -35.40 8.40
CA LEU C 476 -12.76 -34.94 9.74
C LEU C 476 -11.41 -35.50 10.17
N ARG C 477 -10.56 -34.61 10.72
CA ARG C 477 -9.26 -34.99 11.23
C ARG C 477 -9.08 -34.40 12.63
N SER C 478 -8.40 -35.15 13.49
CA SER C 478 -8.21 -34.75 14.88
C SER C 478 -6.96 -33.89 15.03
N TYR C 479 -6.99 -33.01 16.02
CA TYR C 479 -5.87 -32.13 16.31
C TYR C 479 -4.78 -32.87 17.08
N SER C 480 -3.61 -32.24 17.17
CA SER C 480 -2.47 -32.83 17.87
C SER C 480 -2.01 -31.93 19.01
N PHE C 481 -2.96 -31.45 19.82
CA PHE C 481 -2.65 -30.53 20.91
C PHE C 481 -1.90 -31.26 22.01
N ARG C 482 -0.63 -30.90 22.20
CA ARG C 482 0.20 -31.45 23.27
C ARG C 482 1.01 -30.33 23.90
N PRO C 483 1.26 -30.39 25.22
CA PRO C 483 2.01 -29.31 25.87
C PRO C 483 3.52 -29.40 25.70
N THR C 484 4.05 -30.54 25.25
CA THR C 484 5.48 -30.73 25.12
C THR C 484 6.01 -30.40 23.72
N TYR C 485 5.16 -29.90 22.82
CA TYR C 485 5.56 -29.61 21.47
C TYR C 485 5.64 -28.10 21.26
N GLY C 486 5.89 -27.69 20.02
CA GLY C 486 6.11 -26.29 19.69
C GLY C 486 4.84 -25.52 19.46
N VAL C 487 4.98 -24.39 18.77
CA VAL C 487 3.85 -23.50 18.52
C VAL C 487 2.84 -24.15 17.60
N GLY C 488 3.29 -24.96 16.64
CA GLY C 488 2.38 -25.58 15.68
C GLY C 488 1.37 -26.50 16.32
N HIS C 489 1.75 -27.21 17.38
CA HIS C 489 0.85 -28.08 18.10
C HIS C 489 0.21 -27.40 19.31
N GLN C 490 0.50 -26.13 19.54
CA GLN C 490 -0.07 -25.41 20.68
C GLN C 490 -1.48 -24.92 20.33
N PRO C 491 -2.51 -25.32 21.08
CA PRO C 491 -3.85 -24.81 20.81
C PRO C 491 -3.98 -23.34 21.17
N TYR C 492 -4.75 -22.62 20.36
CA TYR C 492 -4.98 -21.19 20.56
C TYR C 492 -6.48 -20.93 20.57
N ARG C 493 -6.95 -20.22 21.60
CA ARG C 493 -8.36 -19.87 21.71
C ARG C 493 -8.63 -18.61 20.90
N VAL C 494 -9.31 -18.77 19.76
CA VAL C 494 -9.57 -17.66 18.85
C VAL C 494 -11.04 -17.29 18.95
N VAL C 495 -11.31 -16.02 19.26
CA VAL C 495 -12.66 -15.50 19.36
C VAL C 495 -12.82 -14.38 18.33
N VAL C 496 -13.85 -14.49 17.49
CA VAL C 496 -14.10 -13.53 16.42
C VAL C 496 -15.41 -12.81 16.72
N LEU C 497 -15.34 -11.48 16.75
CA LEU C 497 -16.49 -10.63 17.02
C LEU C 497 -16.90 -9.91 15.74
N SER C 498 -18.19 -9.94 15.42
CA SER C 498 -18.73 -9.27 14.25
C SER C 498 -19.62 -8.13 14.70
N PHE C 499 -19.34 -6.93 14.20
CA PHE C 499 -20.03 -5.72 14.61
C PHE C 499 -20.97 -5.26 13.50
N GLU C 500 -22.23 -5.04 13.85
CA GLU C 500 -23.20 -4.43 12.94
C GLU C 500 -23.24 -2.93 13.23
N LEU C 501 -22.31 -2.22 12.61
CA LEU C 501 -22.05 -0.81 12.92
C LEU C 501 -22.92 0.07 12.03
N LEU C 502 -23.75 0.91 12.66
CA LEU C 502 -24.55 1.95 12.01
C LEU C 502 -25.53 1.41 10.98
N HIS C 503 -25.95 0.15 11.11
CA HIS C 503 -26.98 -0.42 10.28
C HIS C 503 -28.32 -0.54 10.99
N ALA C 504 -28.36 -0.21 12.27
CA ALA C 504 -29.56 -0.35 13.10
C ALA C 504 -29.37 0.50 14.34
N PRO C 505 -30.44 0.77 15.10
CA PRO C 505 -30.28 1.46 16.38
C PRO C 505 -29.36 0.68 17.32
N ALA C 506 -28.53 1.41 18.05
CA ALA C 506 -27.48 0.84 18.87
C ALA C 506 -27.83 0.95 20.35
N THR C 507 -27.61 -0.14 21.08
CA THR C 507 -27.87 -0.18 22.51
C THR C 507 -26.67 -0.67 23.32
N VAL C 508 -25.49 -0.75 22.71
CA VAL C 508 -24.29 -1.25 23.37
C VAL C 508 -23.30 -0.09 23.42
N CYS C 509 -23.27 0.62 24.54
CA CYS C 509 -22.38 1.76 24.74
C CYS C 509 -21.69 1.64 26.10
N GLY C 510 -20.46 2.12 26.16
CA GLY C 510 -19.67 2.05 27.37
C GLY C 510 -19.73 3.26 28.27
N PRO C 511 -19.35 4.46 27.75
CA PRO C 511 -19.40 5.65 28.61
C PRO C 511 -20.68 6.44 28.48
N LYS C 512 -21.03 7.20 29.52
CA LYS C 512 -22.23 8.03 29.52
C LYS C 512 -22.09 9.12 30.56
N LYS C 513 -22.53 10.33 30.21
CA LYS C 513 -22.55 11.46 31.12
C LYS C 513 -23.95 12.09 31.12
N SER C 514 -24.26 12.79 32.21
CA SER C 514 -25.57 13.40 32.37
C SER C 514 -25.64 14.70 31.57
N THR C 515 -26.61 14.80 30.67
CA THR C 515 -26.80 15.99 29.85
C THR C 515 -28.29 16.26 29.72
N ASN C 516 -28.60 17.52 29.40
CA ASN C 516 -29.99 17.97 29.26
C ASN C 516 -30.18 18.66 27.92
N LEU C 517 -31.43 18.65 27.45
CA LEU C 517 -31.76 19.20 26.15
C LEU C 517 -31.59 20.72 26.13
N VAL C 518 -31.04 21.23 25.04
CA VAL C 518 -30.88 22.67 24.82
C VAL C 518 -31.40 22.98 23.42
N LYS C 519 -31.88 24.21 23.25
CA LYS C 519 -32.52 24.63 22.01
C LYS C 519 -31.87 25.90 21.47
N ASN C 520 -31.90 26.04 20.14
CA ASN C 520 -31.48 27.25 19.43
C ASN C 520 -30.01 27.60 19.68
N LYS C 521 -29.17 26.59 19.87
CA LYS C 521 -27.73 26.79 20.05
C LYS C 521 -26.99 25.82 19.14
N CYS C 522 -26.16 26.36 18.24
CA CYS C 522 -25.37 25.53 17.33
C CYS C 522 -24.17 25.01 18.10
N VAL C 523 -24.33 23.83 18.72
CA VAL C 523 -23.32 23.23 19.56
C VAL C 523 -23.05 21.80 19.07
N ASN C 524 -21.88 21.29 19.43
CA ASN C 524 -21.49 19.96 19.00
C ASN C 524 -22.25 18.89 19.78
N PHE C 525 -22.32 17.70 19.19
CA PHE C 525 -23.04 16.58 19.80
C PHE C 525 -22.53 15.29 19.18
N ASN C 526 -23.15 14.18 19.58
CA ASN C 526 -22.86 12.86 19.03
C ASN C 526 -24.14 12.04 19.10
N PHE C 527 -24.87 11.96 17.98
CA PHE C 527 -26.13 11.22 17.91
C PHE C 527 -25.86 9.82 17.37
N ASN C 528 -25.91 8.82 18.24
CA ASN C 528 -25.81 7.40 17.88
C ASN C 528 -24.53 7.10 17.09
N GLY C 529 -23.43 7.74 17.48
CA GLY C 529 -22.17 7.60 16.77
C GLY C 529 -21.98 8.56 15.62
N LEU C 530 -22.87 9.53 15.43
CA LEU C 530 -22.77 10.52 14.36
C LEU C 530 -22.57 11.90 14.98
N LYS C 531 -21.53 12.59 14.53
CA LYS C 531 -21.15 13.88 15.09
C LYS C 531 -21.58 15.03 14.18
N GLY C 532 -22.01 16.13 14.80
CA GLY C 532 -22.40 17.32 14.07
C GLY C 532 -22.42 18.51 15.01
N THR C 533 -22.78 19.66 14.46
CA THR C 533 -22.84 20.90 15.23
C THR C 533 -23.95 21.77 14.64
N GLY C 534 -25.10 21.82 15.32
CA GLY C 534 -26.23 22.59 14.83
C GLY C 534 -27.22 22.88 15.93
N VAL C 535 -28.13 23.81 15.63
CA VAL C 535 -29.16 24.18 16.61
C VAL C 535 -30.22 23.10 16.68
N LEU C 536 -31.01 23.14 17.75
CA LEU C 536 -32.05 22.15 18.01
C LEU C 536 -33.39 22.88 18.06
N THR C 537 -34.23 22.64 17.06
CA THR C 537 -35.55 23.27 16.96
C THR C 537 -36.59 22.21 16.61
N GLU C 538 -37.83 22.64 16.48
CA GLU C 538 -38.95 21.76 16.15
C GLU C 538 -39.22 21.79 14.64
N SER C 539 -40.10 20.89 14.21
CA SER C 539 -40.48 20.82 12.81
C SER C 539 -41.88 20.20 12.72
N ASN C 540 -42.51 20.39 11.57
CA ASN C 540 -43.88 19.92 11.34
C ASN C 540 -43.94 18.61 10.57
N LYS C 541 -42.79 18.03 10.22
CA LYS C 541 -42.80 16.77 9.48
C LYS C 541 -43.19 15.61 10.40
N LYS C 542 -43.72 14.55 9.79
CA LYS C 542 -44.18 13.37 10.51
C LYS C 542 -43.21 12.22 10.29
N PHE C 543 -42.92 11.48 11.37
CA PHE C 543 -41.96 10.39 11.36
C PHE C 543 -42.70 9.06 11.49
N LEU C 544 -42.45 8.14 10.56
CA LEU C 544 -42.97 6.80 10.68
C LEU C 544 -42.24 6.05 11.80
N PRO C 545 -42.92 5.13 12.49
CA PRO C 545 -42.30 4.48 13.66
C PRO C 545 -41.02 3.71 13.36
N PHE C 546 -40.91 3.08 12.19
CA PHE C 546 -39.71 2.31 11.89
C PHE C 546 -38.55 3.20 11.44
N GLN C 547 -38.81 4.43 11.02
CA GLN C 547 -37.74 5.33 10.62
C GLN C 547 -37.00 5.85 11.83
N GLN C 548 -35.68 6.02 11.69
CA GLN C 548 -34.84 6.49 12.77
C GLN C 548 -34.21 7.85 12.47
N PHE C 549 -33.49 7.98 11.37
CA PHE C 549 -32.81 9.23 11.05
C PHE C 549 -33.02 9.55 9.57
N GLY C 550 -33.09 10.85 9.28
CA GLY C 550 -33.29 11.32 7.92
C GLY C 550 -31.99 11.71 7.24
N ARG C 551 -32.08 11.85 5.91
CA ARG C 551 -30.93 12.22 5.09
C ARG C 551 -31.39 13.13 3.96
N ASP C 552 -30.54 14.10 3.61
CA ASP C 552 -30.85 15.02 2.53
C ASP C 552 -30.28 14.48 1.21
N ILE C 553 -30.23 15.34 0.19
CA ILE C 553 -29.66 14.94 -1.09
C ILE C 553 -28.15 14.73 -0.95
N ALA C 554 -27.49 15.53 -0.12
CA ALA C 554 -26.04 15.47 0.05
C ALA C 554 -25.59 14.43 1.07
N ASP C 555 -26.48 13.50 1.44
CA ASP C 555 -26.18 12.43 2.40
C ASP C 555 -25.70 12.98 3.74
N THR C 556 -26.28 14.10 4.18
CA THR C 556 -25.97 14.71 5.46
C THR C 556 -27.17 14.57 6.39
N THR C 557 -26.91 14.18 7.63
CA THR C 557 -27.99 13.92 8.58
C THR C 557 -28.73 15.21 8.92
N ASP C 558 -30.05 15.18 8.80
CA ASP C 558 -30.90 16.30 9.16
C ASP C 558 -32.07 15.90 10.04
N ALA C 559 -32.15 14.64 10.45
CA ALA C 559 -33.20 14.17 11.34
C ALA C 559 -32.65 13.03 12.19
N VAL C 560 -33.28 12.80 13.35
CA VAL C 560 -32.86 11.76 14.27
C VAL C 560 -34.05 11.44 15.16
N ARG C 561 -34.01 10.26 15.79
CA ARG C 561 -35.02 9.85 16.76
C ARG C 561 -34.32 9.63 18.10
N ASP C 562 -34.51 10.55 19.03
CA ASP C 562 -33.93 10.41 20.36
C ASP C 562 -34.67 9.34 21.14
N PRO C 563 -33.98 8.38 21.75
CA PRO C 563 -34.67 7.32 22.49
C PRO C 563 -35.37 7.84 23.73
N GLN C 564 -36.48 7.17 24.07
CA GLN C 564 -37.30 7.43 25.25
C GLN C 564 -37.95 8.81 25.25
N THR C 565 -37.88 9.55 24.15
CA THR C 565 -38.51 10.86 24.04
C THR C 565 -39.38 11.00 22.80
N LEU C 566 -38.96 10.40 21.67
CA LEU C 566 -39.72 10.38 20.42
C LEU C 566 -40.02 11.80 19.93
N GLU C 567 -38.95 12.52 19.59
CA GLU C 567 -39.03 13.91 19.16
C GLU C 567 -38.15 14.08 17.91
N ILE C 568 -38.21 15.27 17.30
CA ILE C 568 -37.60 15.50 15.99
C ILE C 568 -36.10 15.76 16.12
N LEU C 569 -35.73 16.86 16.76
CA LEU C 569 -34.32 17.20 16.94
C LEU C 569 -33.56 17.28 15.63
N ASP C 570 -33.70 18.39 14.92
CA ASP C 570 -32.96 18.57 13.68
C ASP C 570 -31.48 18.43 13.96
N ILE C 571 -30.80 17.59 13.20
CA ILE C 571 -29.38 17.35 13.45
C ILE C 571 -28.52 18.59 13.24
N THR C 572 -28.50 19.13 12.03
CA THR C 572 -27.63 20.27 11.75
C THR C 572 -28.28 21.36 10.93
N PRO C 573 -29.19 22.13 11.55
CA PRO C 573 -29.80 23.26 10.85
C PRO C 573 -28.97 24.51 11.12
N CYS C 574 -27.76 24.32 11.62
CA CYS C 574 -26.89 25.44 11.96
C CYS C 574 -26.71 26.41 10.81
N SER C 575 -26.88 27.71 11.07
CA SER C 575 -26.68 28.71 10.03
C SER C 575 -25.22 29.12 9.98
N PHE C 576 -24.83 29.78 8.89
CA PHE C 576 -23.43 30.19 8.74
C PHE C 576 -23.22 31.05 7.51
N GLY C 577 -22.22 31.93 7.55
CA GLY C 577 -21.90 32.74 6.39
C GLY C 577 -20.46 33.21 6.45
N GLY C 578 -20.10 34.03 5.47
CA GLY C 578 -18.78 34.60 5.38
C GLY C 578 -18.74 36.04 5.88
N VAL C 579 -17.52 36.57 5.94
CA VAL C 579 -17.28 37.94 6.37
C VAL C 579 -16.50 38.66 5.27
N SER C 580 -16.90 39.90 4.99
CA SER C 580 -16.24 40.74 3.99
C SER C 580 -15.89 42.08 4.61
N VAL C 581 -14.79 42.66 4.14
CA VAL C 581 -14.27 43.91 4.68
C VAL C 581 -14.24 44.94 3.55
N ILE C 582 -14.83 46.11 3.81
CA ILE C 582 -14.86 47.22 2.86
C ILE C 582 -14.11 48.39 3.47
N THR C 583 -13.19 48.96 2.69
CA THR C 583 -12.35 50.06 3.17
C THR C 583 -11.77 50.79 1.97
N PRO C 584 -11.48 52.09 2.10
CA PRO C 584 -10.74 52.79 1.04
C PRO C 584 -9.25 52.51 1.11
N GLY C 585 -8.47 53.20 0.27
CA GLY C 585 -7.04 53.02 0.27
C GLY C 585 -6.38 53.54 1.53
N THR C 586 -5.19 53.00 1.81
CA THR C 586 -4.46 53.38 3.02
C THR C 586 -3.90 54.79 2.95
N ASN C 587 -3.70 55.33 1.74
CA ASN C 587 -3.19 56.70 1.62
C ASN C 587 -4.23 57.72 2.05
N THR C 588 -5.51 57.45 1.81
CA THR C 588 -6.56 58.39 2.19
C THR C 588 -6.86 58.34 3.68
N SER C 589 -7.27 57.17 4.16
CA SER C 589 -7.61 56.99 5.57
C SER C 589 -7.41 55.52 5.94
N ASN C 590 -7.88 55.14 7.13
CA ASN C 590 -7.77 53.77 7.61
C ASN C 590 -9.08 53.24 8.19
N GLN C 591 -10.19 53.94 7.99
CA GLN C 591 -11.47 53.48 8.51
C GLN C 591 -11.95 52.25 7.75
N VAL C 592 -12.52 51.30 8.49
CA VAL C 592 -12.98 50.03 7.92
C VAL C 592 -14.42 49.80 8.37
N ALA C 593 -15.13 48.99 7.58
CA ALA C 593 -16.48 48.56 7.90
C ALA C 593 -16.59 47.06 7.63
N VAL C 594 -17.31 46.35 8.50
CA VAL C 594 -17.44 44.91 8.42
C VAL C 594 -18.78 44.56 7.78
N LEU C 595 -18.79 43.52 6.95
CA LEU C 595 -19.99 43.08 6.25
C LEU C 595 -20.06 41.56 6.31
N TYR C 596 -21.28 41.04 6.44
CA TYR C 596 -21.54 39.61 6.44
C TYR C 596 -22.57 39.31 5.35
N GLN C 597 -22.14 38.65 4.28
CA GLN C 597 -23.03 38.34 3.17
C GLN C 597 -23.94 37.16 3.53
N GLY C 598 -25.23 37.31 3.25
CA GLY C 598 -26.20 36.27 3.50
C GLY C 598 -26.49 35.97 4.96
N VAL C 599 -26.00 36.79 5.88
CA VAL C 599 -26.15 36.55 7.31
C VAL C 599 -27.13 37.57 7.87
N ASN C 600 -28.17 37.09 8.55
CA ASN C 600 -29.12 37.96 9.22
C ASN C 600 -28.49 38.47 10.51
N CYS C 601 -28.22 39.78 10.55
CA CYS C 601 -27.55 40.37 11.72
C CYS C 601 -28.49 40.58 12.89
N THR C 602 -29.80 40.37 12.71
CA THR C 602 -30.73 40.46 13.83
C THR C 602 -30.60 39.28 14.79
N GLU C 603 -30.00 38.17 14.33
CA GLU C 603 -29.77 37.00 15.18
C GLU C 603 -28.34 36.49 15.05
N VAL C 604 -27.41 37.33 14.63
CA VAL C 604 -26.02 36.93 14.46
C VAL C 604 -25.34 36.74 15.81
N ASN C 625 -24.82 52.57 13.40
CA ASN C 625 -24.21 52.28 12.12
C ASN C 625 -24.58 50.90 11.58
N VAL C 626 -25.83 50.50 11.82
CA VAL C 626 -26.34 49.20 11.40
C VAL C 626 -27.32 49.41 10.26
N PHE C 627 -27.07 48.76 9.13
CA PHE C 627 -27.93 48.85 7.97
C PHE C 627 -28.21 47.45 7.44
N GLN C 628 -29.46 47.17 7.11
CA GLN C 628 -29.88 45.86 6.61
C GLN C 628 -30.13 45.96 5.11
N THR C 629 -29.45 45.11 4.35
CA THR C 629 -29.58 45.06 2.90
C THR C 629 -29.95 43.65 2.46
N ARG C 630 -30.30 43.52 1.18
CA ARG C 630 -30.62 42.19 0.63
C ARG C 630 -29.39 41.30 0.60
N ALA C 631 -28.23 41.85 0.23
CA ALA C 631 -27.01 41.06 0.18
C ALA C 631 -26.54 40.65 1.58
N GLY C 632 -26.70 41.54 2.56
CA GLY C 632 -26.26 41.24 3.90
C GLY C 632 -26.51 42.41 4.83
N CYS C 633 -25.82 42.40 5.97
CA CYS C 633 -25.93 43.45 6.97
C CYS C 633 -24.60 44.17 7.06
N LEU C 634 -24.63 45.49 6.95
CA LEU C 634 -23.43 46.32 6.97
C LEU C 634 -23.31 47.03 8.31
N ILE C 635 -22.15 46.91 8.93
CA ILE C 635 -21.85 47.55 10.21
C ILE C 635 -20.66 48.48 10.01
N GLY C 636 -20.79 49.71 10.48
CA GLY C 636 -19.75 50.70 10.35
C GLY C 636 -20.00 51.77 9.30
N ALA C 637 -21.16 51.75 8.65
CA ALA C 637 -21.52 52.75 7.65
C ALA C 637 -22.91 53.28 7.94
N GLU C 638 -23.13 54.55 7.64
CA GLU C 638 -24.41 55.20 7.86
C GLU C 638 -25.13 55.40 6.53
N TYR C 639 -26.41 55.06 6.50
CA TYR C 639 -27.19 55.20 5.27
C TYR C 639 -27.46 56.66 4.96
N VAL C 640 -27.28 57.02 3.69
CA VAL C 640 -27.49 58.38 3.21
C VAL C 640 -28.56 58.34 2.13
N ASN C 641 -29.58 59.19 2.27
CA ASN C 641 -30.66 59.22 1.30
C ASN C 641 -30.24 59.83 -0.04
N ASN C 642 -29.13 60.56 -0.07
CA ASN C 642 -28.64 61.14 -1.31
C ASN C 642 -28.05 60.06 -2.22
N SER C 643 -28.03 60.34 -3.51
CA SER C 643 -27.55 59.41 -4.52
C SER C 643 -26.29 59.97 -5.17
N TYR C 644 -25.26 59.13 -5.25
CA TYR C 644 -24.00 59.48 -5.89
C TYR C 644 -23.56 58.33 -6.79
N GLU C 645 -22.51 58.57 -7.57
CA GLU C 645 -21.93 57.52 -8.39
C GLU C 645 -21.28 56.46 -7.52
N CYS C 646 -21.44 55.19 -7.94
CA CYS C 646 -20.91 54.09 -7.15
C CYS C 646 -19.39 54.05 -7.24
N ASP C 647 -18.74 53.87 -6.08
CA ASP C 647 -17.30 53.73 -5.99
C ASP C 647 -16.88 52.31 -5.67
N ILE C 648 -17.45 51.71 -4.62
CA ILE C 648 -17.20 50.32 -4.26
C ILE C 648 -18.50 49.55 -4.38
N PRO C 649 -18.59 48.56 -5.28
CA PRO C 649 -19.85 47.80 -5.44
C PRO C 649 -20.06 46.82 -4.30
N ILE C 650 -21.06 47.08 -3.48
CA ILE C 650 -21.43 46.15 -2.42
C ILE C 650 -22.34 45.06 -2.96
N GLY C 651 -23.40 45.45 -3.66
CA GLY C 651 -24.33 44.49 -4.22
C GLY C 651 -25.76 44.75 -3.81
N ALA C 652 -26.71 44.21 -4.59
CA ALA C 652 -28.15 44.34 -4.33
C ALA C 652 -28.59 45.79 -4.23
N GLY C 653 -28.09 46.63 -5.15
CA GLY C 653 -28.48 48.01 -5.19
C GLY C 653 -27.87 48.89 -4.11
N ILE C 654 -26.75 48.48 -3.53
CA ILE C 654 -26.06 49.24 -2.48
C ILE C 654 -24.63 49.48 -2.92
N CYS C 655 -24.17 50.72 -2.79
CA CYS C 655 -22.79 51.08 -3.03
C CYS C 655 -22.31 52.02 -1.93
N ALA C 656 -20.99 52.01 -1.70
CA ALA C 656 -20.40 52.79 -0.63
C ALA C 656 -19.27 53.65 -1.16
N SER C 657 -19.02 54.75 -0.45
CA SER C 657 -17.94 55.67 -0.79
C SER C 657 -17.45 56.35 0.47
N TYR C 658 -16.24 56.90 0.40
CA TYR C 658 -15.63 57.59 1.53
C TYR C 658 -15.73 59.10 1.34
N GLN C 659 -16.23 59.79 2.36
CA GLN C 659 -16.36 61.24 2.30
C GLN C 659 -15.89 61.89 3.59
N SER C 671 -15.67 59.89 6.73
CA SER C 671 -16.30 58.67 7.22
C SER C 671 -16.77 57.79 6.06
N ILE C 672 -17.19 56.58 6.38
CA ILE C 672 -17.67 55.62 5.39
C ILE C 672 -19.20 55.65 5.39
N ILE C 673 -19.78 55.89 4.23
CA ILE C 673 -21.23 55.96 4.07
C ILE C 673 -21.66 54.97 3.00
N ALA C 674 -22.92 54.55 3.10
CA ALA C 674 -23.52 53.62 2.15
C ALA C 674 -24.82 54.18 1.63
N TYR C 675 -25.10 53.95 0.34
CA TYR C 675 -26.29 54.50 -0.30
C TYR C 675 -26.58 53.67 -1.55
N THR C 676 -27.55 54.14 -2.33
CA THR C 676 -27.89 53.54 -3.61
C THR C 676 -27.26 54.37 -4.71
N MET C 677 -26.64 53.70 -5.68
CA MET C 677 -25.91 54.39 -6.73
C MET C 677 -26.85 55.18 -7.63
N SER C 678 -26.34 56.27 -8.18
CA SER C 678 -27.08 57.09 -9.12
C SER C 678 -26.93 56.52 -10.53
N LEU C 679 -28.05 56.34 -11.22
CA LEU C 679 -28.02 55.82 -12.58
C LEU C 679 -27.33 56.80 -13.53
N GLY C 680 -27.55 58.09 -13.32
CA GLY C 680 -26.92 59.10 -14.15
C GLY C 680 -27.56 60.44 -13.91
N ALA C 681 -27.04 61.44 -14.63
CA ALA C 681 -27.59 62.78 -14.56
C ALA C 681 -28.97 62.81 -15.21
N GLU C 682 -29.92 63.43 -14.52
CA GLU C 682 -31.29 63.50 -15.02
C GLU C 682 -31.35 64.44 -16.21
N ASN C 683 -31.96 63.97 -17.31
CA ASN C 683 -32.08 64.78 -18.52
C ASN C 683 -33.40 64.38 -19.20
N SER C 684 -34.46 65.14 -18.92
CA SER C 684 -35.76 64.91 -19.54
C SER C 684 -35.84 65.76 -20.81
N VAL C 685 -35.72 65.11 -21.96
CA VAL C 685 -35.74 65.83 -23.23
C VAL C 685 -37.15 66.31 -23.52
N ALA C 686 -37.26 67.55 -23.99
CA ALA C 686 -38.55 68.17 -24.31
C ALA C 686 -38.99 67.66 -25.67
N TYR C 687 -39.64 66.49 -25.68
CA TYR C 687 -40.11 65.91 -26.92
C TYR C 687 -41.30 66.68 -27.46
N SER C 688 -41.25 67.00 -28.75
CA SER C 688 -42.34 67.71 -29.42
C SER C 688 -42.37 67.29 -30.88
N ASN C 689 -43.57 67.29 -31.45
CA ASN C 689 -43.77 66.89 -32.84
C ASN C 689 -43.69 68.06 -33.80
N ASN C 690 -43.40 69.26 -33.33
CA ASN C 690 -43.32 70.44 -34.19
C ASN C 690 -41.97 71.14 -34.14
N SER C 691 -40.99 70.61 -33.41
CA SER C 691 -39.69 71.26 -33.32
C SER C 691 -38.61 70.20 -33.08
N ILE C 692 -37.42 70.48 -33.60
CA ILE C 692 -36.25 69.62 -33.43
C ILE C 692 -35.09 70.48 -32.93
N ALA C 693 -33.94 69.84 -32.78
CA ALA C 693 -32.70 70.52 -32.40
C ALA C 693 -31.64 70.26 -33.46
N ILE C 694 -31.03 71.32 -33.96
CA ILE C 694 -29.99 71.24 -34.98
C ILE C 694 -28.71 71.81 -34.38
N PRO C 695 -27.60 71.05 -34.37
CA PRO C 695 -26.35 71.58 -33.83
C PRO C 695 -25.79 72.70 -34.68
N THR C 696 -25.10 73.64 -34.01
CA THR C 696 -24.47 74.76 -34.68
C THR C 696 -22.95 74.77 -34.54
N ASN C 697 -22.38 73.88 -33.74
CA ASN C 697 -20.94 73.82 -33.56
C ASN C 697 -20.51 72.36 -33.47
N PHE C 698 -19.20 72.14 -33.59
CA PHE C 698 -18.62 70.81 -33.54
C PHE C 698 -17.42 70.80 -32.61
N THR C 699 -17.14 69.63 -32.03
CA THR C 699 -16.02 69.44 -31.12
C THR C 699 -15.25 68.20 -31.52
N ILE C 700 -13.93 68.31 -31.58
CA ILE C 700 -13.05 67.20 -31.90
C ILE C 700 -12.56 66.59 -30.59
N SER C 701 -12.86 65.31 -30.38
CA SER C 701 -12.51 64.61 -29.15
C SER C 701 -11.62 63.42 -29.46
N VAL C 702 -10.60 63.23 -28.64
CA VAL C 702 -9.66 62.12 -28.77
C VAL C 702 -9.80 61.23 -27.54
N THR C 703 -10.05 59.95 -27.76
CA THR C 703 -10.24 58.98 -26.69
C THR C 703 -9.20 57.87 -26.81
N THR C 704 -8.90 57.25 -25.67
CA THR C 704 -7.91 56.19 -25.60
C THR C 704 -8.61 54.85 -25.41
N GLU C 705 -8.24 53.87 -26.23
CA GLU C 705 -8.74 52.50 -26.12
C GLU C 705 -7.54 51.56 -26.03
N ILE C 706 -7.45 50.83 -24.93
CA ILE C 706 -6.33 49.93 -24.66
C ILE C 706 -6.84 48.50 -24.75
N LEU C 707 -6.21 47.71 -25.63
CA LEU C 707 -6.58 46.32 -25.81
C LEU C 707 -5.32 45.46 -25.68
N PRO C 708 -5.34 44.44 -24.82
CA PRO C 708 -4.16 43.57 -24.70
C PRO C 708 -3.92 42.76 -25.97
N VAL C 709 -2.64 42.48 -26.22
CA VAL C 709 -2.20 41.77 -27.41
C VAL C 709 -1.60 40.41 -27.07
N SER C 710 -0.61 40.38 -26.18
CA SER C 710 0.10 39.16 -25.84
C SER C 710 0.48 39.19 -24.38
N MET C 711 1.26 38.21 -23.95
CA MET C 711 1.76 38.10 -22.59
C MET C 711 3.20 37.65 -22.64
N THR C 712 3.81 37.49 -21.46
CA THR C 712 5.16 36.96 -21.38
C THR C 712 5.13 35.46 -21.65
N LYS C 713 5.84 35.03 -22.68
CA LYS C 713 5.86 33.62 -23.05
C LYS C 713 6.64 32.81 -22.02
N THR C 714 6.04 31.73 -21.55
CA THR C 714 6.64 30.87 -20.53
C THR C 714 6.79 29.45 -21.05
N SER C 715 7.95 28.85 -20.77
CA SER C 715 8.22 27.46 -21.09
C SER C 715 8.44 26.69 -19.79
N VAL C 716 7.73 25.59 -19.63
CA VAL C 716 7.75 24.80 -18.39
C VAL C 716 8.52 23.51 -18.64
N ASP C 717 9.41 23.18 -17.72
CA ASP C 717 10.14 21.91 -17.74
C ASP C 717 9.55 21.02 -16.66
N CYS C 718 8.85 19.96 -17.08
CA CYS C 718 8.13 19.11 -16.14
C CYS C 718 9.09 18.34 -15.23
N THR C 719 10.16 17.79 -15.80
CA THR C 719 11.01 16.85 -15.07
C THR C 719 11.74 17.52 -13.92
N MET C 720 12.39 18.65 -14.17
CA MET C 720 13.17 19.29 -13.13
C MET C 720 12.28 20.02 -12.12
N TYR C 721 11.14 20.56 -12.58
CA TYR C 721 10.22 21.21 -11.65
C TYR C 721 9.58 20.20 -10.70
N ILE C 722 9.27 19.00 -11.19
CA ILE C 722 8.58 18.03 -10.34
C ILE C 722 9.57 17.23 -9.50
N CYS C 723 10.59 16.65 -10.14
CA CYS C 723 11.49 15.73 -9.46
C CYS C 723 12.90 16.28 -9.23
N GLY C 724 13.29 17.35 -9.89
CA GLY C 724 14.60 17.92 -9.69
C GLY C 724 15.72 17.12 -10.34
N ASP C 725 16.84 16.98 -9.65
CA ASP C 725 18.00 16.28 -10.16
C ASP C 725 18.04 14.81 -9.77
N SER C 726 16.99 14.31 -9.12
CA SER C 726 16.95 12.92 -8.67
C SER C 726 16.70 12.00 -9.87
N THR C 727 17.60 11.05 -10.09
CA THR C 727 17.44 10.10 -11.19
C THR C 727 16.33 9.09 -10.89
N GLU C 728 16.22 8.65 -9.64
CA GLU C 728 15.19 7.70 -9.27
C GLU C 728 13.80 8.31 -9.40
N CYS C 729 13.65 9.59 -9.04
CA CYS C 729 12.37 10.27 -9.22
C CYS C 729 12.01 10.40 -10.69
N SER C 730 12.99 10.66 -11.55
CA SER C 730 12.74 10.71 -12.99
C SER C 730 12.33 9.34 -13.52
N ASN C 731 12.97 8.27 -13.03
CA ASN C 731 12.59 6.93 -13.44
C ASN C 731 11.17 6.59 -12.99
N LEU C 732 10.79 7.02 -11.79
CA LEU C 732 9.42 6.82 -11.33
C LEU C 732 8.43 7.63 -12.15
N LEU C 733 8.80 8.85 -12.53
CA LEU C 733 7.91 9.69 -13.33
C LEU C 733 7.78 9.17 -14.75
N LEU C 734 8.77 8.42 -15.23
CA LEU C 734 8.70 7.85 -16.57
C LEU C 734 7.55 6.87 -16.74
N GLN C 735 7.12 6.22 -15.65
CA GLN C 735 6.02 5.26 -15.72
C GLN C 735 4.65 5.93 -15.73
N TYR C 736 4.56 7.25 -15.55
CA TYR C 736 3.28 7.93 -15.52
C TYR C 736 2.74 8.28 -16.90
N GLY C 737 3.49 8.03 -17.97
CA GLY C 737 2.99 8.25 -19.30
C GLY C 737 3.63 9.42 -20.02
N SER C 738 2.81 10.24 -20.65
CA SER C 738 3.27 11.35 -21.48
C SER C 738 2.63 12.68 -21.06
N PHE C 739 2.36 12.85 -19.76
CA PHE C 739 1.73 14.07 -19.29
C PHE C 739 2.64 15.28 -19.46
N CYS C 740 3.93 15.13 -19.15
CA CYS C 740 4.86 16.24 -19.30
C CYS C 740 5.02 16.63 -20.76
N THR C 741 5.06 15.64 -21.66
CA THR C 741 5.11 15.94 -23.09
C THR C 741 3.81 16.59 -23.57
N GLN C 742 2.67 16.18 -22.99
CA GLN C 742 1.40 16.83 -23.30
C GLN C 742 1.44 18.31 -22.92
N LEU C 743 1.93 18.61 -21.73
CA LEU C 743 1.99 20.00 -21.28
C LEU C 743 3.01 20.80 -22.08
N LYS C 744 4.13 20.18 -22.45
CA LYS C 744 5.11 20.87 -23.29
C LYS C 744 4.52 21.19 -24.67
N ARG C 745 3.78 20.24 -25.26
CA ARG C 745 3.15 20.48 -26.54
C ARG C 745 2.09 21.57 -26.44
N ALA C 746 1.31 21.57 -25.35
CA ALA C 746 0.30 22.59 -25.15
C ALA C 746 0.92 23.97 -25.00
N LEU C 747 2.02 24.06 -24.24
CA LEU C 747 2.70 25.35 -24.07
C LEU C 747 3.31 25.84 -25.37
N THR C 748 3.90 24.94 -26.16
CA THR C 748 4.45 25.34 -27.45
C THR C 748 3.35 25.79 -28.40
N GLY C 749 2.20 25.11 -28.37
CA GLY C 749 1.06 25.54 -29.18
C GLY C 749 0.55 26.90 -28.77
N ILE C 750 0.49 27.16 -27.46
CA ILE C 750 0.08 28.48 -26.97
C ILE C 750 1.07 29.55 -27.42
N ALA C 751 2.37 29.24 -27.34
CA ALA C 751 3.39 30.20 -27.73
C ALA C 751 3.32 30.52 -29.22
N VAL C 752 3.18 29.50 -30.06
CA VAL C 752 3.14 29.76 -31.49
C VAL C 752 1.82 30.43 -31.88
N GLU C 753 0.72 30.13 -31.18
CA GLU C 753 -0.53 30.82 -31.44
C GLU C 753 -0.43 32.30 -31.05
N GLN C 754 0.24 32.59 -29.93
CA GLN C 754 0.46 33.97 -29.54
C GLN C 754 1.35 34.70 -30.55
N ASP C 755 2.36 34.02 -31.08
CA ASP C 755 3.23 34.62 -32.10
C ASP C 755 2.46 34.91 -33.38
N LYS C 756 1.63 33.97 -33.82
CA LYS C 756 0.79 34.18 -35.00
C LYS C 756 -0.21 35.31 -34.78
N ASN C 757 -0.79 35.38 -33.58
CA ASN C 757 -1.74 36.44 -33.26
C ASN C 757 -1.05 37.80 -33.25
N THR C 758 0.17 37.86 -32.71
CA THR C 758 0.94 39.10 -32.73
C THR C 758 1.26 39.52 -34.17
N GLN C 759 1.61 38.54 -35.02
CA GLN C 759 1.85 38.84 -36.43
C GLN C 759 0.60 39.37 -37.11
N GLU C 760 -0.56 38.78 -36.82
CA GLU C 760 -1.79 39.19 -37.49
C GLU C 760 -2.36 40.50 -36.92
N VAL C 761 -1.94 40.91 -35.72
CA VAL C 761 -2.43 42.17 -35.17
C VAL C 761 -1.47 43.33 -35.43
N PHE C 762 -0.17 43.06 -35.59
CA PHE C 762 0.81 44.11 -35.84
C PHE C 762 1.26 44.18 -37.28
N ALA C 763 1.69 43.05 -37.87
CA ALA C 763 2.16 43.02 -39.26
C ALA C 763 0.95 42.93 -40.18
N GLN C 764 0.32 44.08 -40.42
CA GLN C 764 -0.86 44.16 -41.27
C GLN C 764 -0.55 44.56 -42.70
N VAL C 765 0.54 45.28 -42.94
CA VAL C 765 0.94 45.72 -44.27
C VAL C 765 2.35 45.25 -44.54
N LYS C 766 2.64 44.95 -45.81
CA LYS C 766 3.96 44.49 -46.22
C LYS C 766 4.84 45.63 -46.73
N GLN C 767 4.35 46.86 -46.75
CA GLN C 767 5.11 48.02 -47.20
C GLN C 767 5.33 48.97 -46.05
N ILE C 768 6.58 49.40 -45.86
CA ILE C 768 6.94 50.32 -44.78
C ILE C 768 6.99 51.73 -45.37
N TYR C 769 6.22 52.63 -44.80
CA TYR C 769 6.15 54.02 -45.26
C TYR C 769 6.89 54.93 -44.29
N LYS C 770 7.64 55.87 -44.85
CA LYS C 770 8.43 56.82 -44.07
C LYS C 770 7.82 58.21 -44.19
N THR C 771 7.83 58.95 -43.09
CA THR C 771 7.26 60.29 -43.07
C THR C 771 8.12 61.24 -43.91
N PRO C 772 7.49 62.21 -44.59
CA PRO C 772 8.27 63.19 -45.34
C PRO C 772 9.08 64.07 -44.41
N PRO C 773 10.22 64.60 -44.87
CA PRO C 773 10.99 65.53 -44.02
C PRO C 773 10.23 66.79 -43.65
N ILE C 774 9.36 67.29 -44.53
CA ILE C 774 8.55 68.46 -44.25
C ILE C 774 7.29 67.98 -43.53
N LYS C 775 7.26 68.20 -42.21
CA LYS C 775 6.13 67.74 -41.38
C LYS C 775 5.09 68.85 -41.26
N TYR C 776 4.56 69.27 -42.40
CA TYR C 776 3.53 70.29 -42.47
C TYR C 776 2.27 69.67 -43.08
N PHE C 777 1.16 69.78 -42.35
CA PHE C 777 -0.12 69.22 -42.77
C PHE C 777 -1.24 70.25 -42.61
N GLY C 778 -0.96 71.48 -43.05
CA GLY C 778 -1.93 72.55 -42.92
C GLY C 778 -2.20 72.99 -41.50
N GLY C 779 -1.16 73.09 -40.67
CA GLY C 779 -1.31 73.52 -39.30
C GLY C 779 -1.54 72.41 -38.29
N PHE C 780 -1.74 71.18 -38.75
CA PHE C 780 -1.94 70.06 -37.86
C PHE C 780 -0.62 69.62 -37.23
N ASN C 781 -0.68 69.24 -35.96
CA ASN C 781 0.50 68.84 -35.19
C ASN C 781 0.47 67.33 -34.97
N PHE C 782 1.61 66.67 -35.22
CA PHE C 782 1.70 65.23 -35.03
C PHE C 782 3.03 64.81 -34.40
N SER C 783 3.71 65.71 -33.68
CA SER C 783 4.96 65.37 -33.03
C SER C 783 4.78 64.40 -31.88
N GLN C 784 3.56 64.31 -31.31
CA GLN C 784 3.32 63.43 -30.18
C GLN C 784 3.31 61.96 -30.61
N ILE C 785 2.71 61.66 -31.76
CA ILE C 785 2.59 60.29 -32.24
C ILE C 785 3.72 59.90 -33.19
N LEU C 786 4.37 60.85 -33.84
CA LEU C 786 5.51 60.53 -34.69
C LEU C 786 6.71 60.17 -33.83
N PRO C 787 7.58 59.28 -34.32
CA PRO C 787 8.79 58.94 -33.56
C PRO C 787 9.73 60.13 -33.44
N ASP C 788 10.43 60.18 -32.32
CA ASP C 788 11.36 61.26 -32.04
C ASP C 788 12.77 60.85 -32.47
N PRO C 789 13.38 61.53 -33.44
CA PRO C 789 14.77 61.18 -33.82
C PRO C 789 15.78 61.41 -32.71
N SER C 790 15.50 62.28 -31.74
CA SER C 790 16.41 62.49 -30.63
C SER C 790 16.52 61.26 -29.76
N LYS C 791 15.41 60.57 -29.52
CA LYS C 791 15.44 59.37 -28.70
C LYS C 791 16.08 58.22 -29.48
N PRO C 792 17.10 57.56 -28.92
CA PRO C 792 17.72 56.43 -29.63
C PRO C 792 16.80 55.23 -29.81
N SER C 793 15.73 55.13 -29.03
CA SER C 793 14.80 54.01 -29.15
C SER C 793 13.88 54.12 -30.36
N LYS C 794 13.88 55.26 -31.05
CA LYS C 794 13.04 55.51 -32.22
C LYS C 794 11.56 55.31 -31.90
N ARG C 795 11.14 55.89 -30.77
CA ARG C 795 9.77 55.78 -30.30
C ARG C 795 9.17 57.16 -30.08
N SER C 796 7.86 57.25 -30.24
CA SER C 796 7.15 58.50 -30.04
C SER C 796 7.14 58.88 -28.56
N PRO C 797 7.03 60.17 -28.25
CA PRO C 797 6.86 60.56 -26.84
C PRO C 797 5.63 59.96 -26.17
N ILE C 798 4.53 59.82 -26.92
CA ILE C 798 3.37 59.10 -26.41
C ILE C 798 3.71 57.63 -26.19
N GLU C 799 4.43 57.03 -27.15
CA GLU C 799 4.86 55.64 -27.00
C GLU C 799 5.83 55.48 -25.83
N ASP C 800 6.73 56.45 -25.65
CA ASP C 800 7.66 56.40 -24.52
C ASP C 800 6.92 56.51 -23.20
N LEU C 801 5.91 57.40 -23.13
CA LEU C 801 5.12 57.53 -21.91
C LEU C 801 4.33 56.26 -21.62
N LEU C 802 3.77 55.64 -22.65
CA LEU C 802 3.04 54.40 -22.46
C LEU C 802 3.96 53.27 -22.02
N PHE C 803 5.17 53.22 -22.56
CA PHE C 803 6.15 52.22 -22.13
C PHE C 803 6.58 52.44 -20.69
N ASN C 804 6.77 53.71 -20.30
CA ASN C 804 7.21 54.01 -18.93
C ASN C 804 6.10 53.78 -17.92
N LYS C 805 4.84 53.98 -18.31
CA LYS C 805 3.73 53.80 -17.38
C LYS C 805 3.42 52.34 -17.10
N VAL C 806 3.99 51.41 -17.86
CA VAL C 806 3.77 49.98 -17.67
C VAL C 806 5.05 49.38 -17.12
N THR C 807 4.95 48.72 -15.96
CA THR C 807 6.10 48.09 -15.33
C THR C 807 5.91 46.59 -15.21
N LYS C 836 13.90 26.56 -11.44
CA LYS C 836 12.48 26.85 -11.33
C LYS C 836 11.70 26.29 -12.52
N GLY C 837 12.40 26.08 -13.63
CA GLY C 837 11.77 25.59 -14.85
C GLY C 837 10.83 26.59 -15.48
N LEU C 838 11.07 27.88 -15.26
CA LEU C 838 10.18 28.96 -15.72
C LEU C 838 11.03 29.95 -16.52
N THR C 839 11.19 29.68 -17.81
CA THR C 839 12.01 30.52 -18.68
C THR C 839 11.11 31.46 -19.46
N VAL C 840 11.40 32.76 -19.37
CA VAL C 840 10.61 33.78 -20.05
C VAL C 840 11.13 33.87 -21.48
N LEU C 841 10.41 33.26 -22.41
CA LEU C 841 10.80 33.33 -23.82
C LEU C 841 10.51 34.72 -24.37
N PRO C 842 11.47 35.40 -24.99
CA PRO C 842 11.20 36.72 -25.55
C PRO C 842 10.24 36.63 -26.72
N PRO C 843 9.42 37.66 -26.93
CA PRO C 843 8.49 37.64 -28.06
C PRO C 843 9.21 37.72 -29.39
N LEU C 844 8.55 37.21 -30.43
CA LEU C 844 9.11 37.26 -31.77
C LEU C 844 9.24 38.69 -32.27
N LEU C 845 8.25 39.52 -31.99
CA LEU C 845 8.27 40.92 -32.39
C LEU C 845 8.90 41.77 -31.28
N THR C 846 10.06 42.35 -31.56
CA THR C 846 10.72 43.22 -30.60
C THR C 846 10.05 44.59 -30.58
N ASP C 847 10.42 45.39 -29.56
CA ASP C 847 9.79 46.69 -29.37
C ASP C 847 10.14 47.66 -30.49
N GLU C 848 11.39 47.63 -30.97
CA GLU C 848 11.83 48.61 -31.96
C GLU C 848 11.11 48.43 -33.30
N MET C 849 10.96 47.19 -33.77
CA MET C 849 10.28 47.00 -35.03
C MET C 849 8.76 47.00 -34.88
N ILE C 850 8.23 46.77 -33.69
CA ILE C 850 6.82 47.06 -33.43
C ILE C 850 6.56 48.56 -33.56
N ALA C 851 7.46 49.37 -32.98
CA ALA C 851 7.35 50.82 -33.13
C ALA C 851 7.52 51.25 -34.59
N GLN C 852 8.40 50.57 -35.32
CA GLN C 852 8.56 50.85 -36.74
C GLN C 852 7.30 50.51 -37.53
N TYR C 853 6.65 49.40 -37.19
CA TYR C 853 5.38 49.04 -37.82
C TYR C 853 4.31 50.08 -37.54
N THR C 854 4.22 50.54 -36.29
CA THR C 854 3.24 51.57 -35.95
C THR C 854 3.54 52.87 -36.67
N SER C 855 4.81 53.24 -36.78
CA SER C 855 5.20 54.45 -37.50
C SER C 855 4.86 54.35 -38.98
N ALA C 856 5.08 53.18 -39.58
CA ALA C 856 4.72 52.96 -40.98
C ALA C 856 3.22 53.06 -41.17
N LEU C 857 2.44 52.50 -40.24
CA LEU C 857 0.99 52.60 -40.32
C LEU C 857 0.52 54.05 -40.20
N LEU C 858 1.12 54.81 -39.28
CA LEU C 858 0.77 56.22 -39.15
C LEU C 858 1.13 57.01 -40.40
N ALA C 859 2.31 56.74 -40.98
CA ALA C 859 2.70 57.42 -42.20
C ALA C 859 1.76 57.09 -43.35
N GLY C 860 1.34 55.82 -43.46
CA GLY C 860 0.40 55.45 -44.48
C GLY C 860 -0.98 56.08 -44.30
N THR C 861 -1.41 56.22 -43.04
CA THR C 861 -2.74 56.78 -42.80
C THR C 861 -2.76 58.30 -42.78
N ILE C 862 -1.61 58.97 -42.71
CA ILE C 862 -1.59 60.42 -42.82
C ILE C 862 -1.10 60.91 -44.18
N THR C 863 -0.46 60.06 -44.98
CA THR C 863 -0.02 60.45 -46.32
C THR C 863 -0.88 59.87 -47.42
N SER C 864 -1.14 58.56 -47.37
CA SER C 864 -1.95 57.88 -48.38
C SER C 864 -3.40 57.68 -47.93
N GLY C 865 -3.75 58.10 -46.73
CA GLY C 865 -5.10 57.88 -46.24
C GLY C 865 -5.36 56.40 -46.01
N TRP C 866 -6.51 55.92 -46.49
CA TRP C 866 -6.87 54.51 -46.40
C TRP C 866 -6.56 53.74 -47.68
N THR C 867 -5.93 54.39 -48.66
CA THR C 867 -5.66 53.73 -49.93
C THR C 867 -4.56 52.69 -49.81
N PHE C 868 -3.65 52.84 -48.84
CA PHE C 868 -2.57 51.88 -48.67
C PHE C 868 -3.10 50.55 -48.11
N GLY C 869 -4.22 50.58 -47.40
CA GLY C 869 -4.83 49.38 -46.88
C GLY C 869 -5.71 48.63 -47.86
N ALA C 870 -5.89 49.16 -49.07
CA ALA C 870 -6.73 48.52 -50.08
C ALA C 870 -5.96 48.30 -51.38
N GLY C 871 -4.65 48.17 -51.28
CA GLY C 871 -3.82 47.94 -52.45
C GLY C 871 -2.61 48.87 -52.49
N PRO C 872 -2.32 49.42 -53.66
CA PRO C 872 -1.18 50.34 -53.78
C PRO C 872 -1.46 51.66 -53.06
N ALA C 873 -0.37 52.33 -52.69
CA ALA C 873 -0.47 53.59 -51.99
C ALA C 873 -0.82 54.72 -52.96
N LEU C 874 -1.88 55.45 -52.65
CA LEU C 874 -2.31 56.60 -53.44
C LEU C 874 -2.14 57.85 -52.58
N GLN C 875 -1.25 58.74 -53.00
CA GLN C 875 -0.99 59.94 -52.21
C GLN C 875 -2.19 60.88 -52.24
N ILE C 876 -2.42 61.55 -51.11
CA ILE C 876 -3.55 62.46 -50.96
C ILE C 876 -3.18 63.54 -49.95
N PRO C 877 -3.53 64.81 -50.22
CA PRO C 877 -3.31 65.85 -49.20
C PRO C 877 -4.14 65.61 -47.96
N PHE C 878 -3.60 66.02 -46.82
CA PHE C 878 -4.27 65.80 -45.54
C PHE C 878 -5.60 66.54 -45.42
N PRO C 879 -5.74 67.81 -45.80
CA PRO C 879 -7.09 68.40 -45.81
C PRO C 879 -8.05 67.70 -46.75
N MET C 880 -7.57 67.17 -47.88
CA MET C 880 -8.43 66.38 -48.75
C MET C 880 -8.89 65.11 -48.06
N GLN C 881 -8.01 64.45 -47.31
CA GLN C 881 -8.40 63.26 -46.55
C GLN C 881 -9.43 63.59 -45.49
N MET C 882 -9.25 64.70 -44.78
CA MET C 882 -10.24 65.11 -43.78
C MET C 882 -11.57 65.45 -44.41
N ALA C 883 -11.55 66.10 -45.58
CA ALA C 883 -12.80 66.40 -46.28
C ALA C 883 -13.49 65.12 -46.74
N TYR C 884 -12.72 64.15 -47.22
CA TYR C 884 -13.29 62.86 -47.60
C TYR C 884 -13.91 62.16 -46.41
N ARG C 885 -13.24 62.19 -45.26
CA ARG C 885 -13.77 61.54 -44.07
C ARG C 885 -14.99 62.26 -43.52
N PHE C 886 -15.05 63.58 -43.66
CA PHE C 886 -16.26 64.31 -43.27
C PHE C 886 -17.41 64.00 -44.22
N ASN C 887 -17.11 63.84 -45.51
CA ASN C 887 -18.16 63.43 -46.46
C ASN C 887 -18.61 62.01 -46.20
N GLY C 888 -17.74 61.17 -45.62
CA GLY C 888 -18.12 59.81 -45.28
C GLY C 888 -19.16 59.71 -44.18
N ILE C 889 -19.26 60.73 -43.32
CA ILE C 889 -20.24 60.75 -42.25
C ILE C 889 -21.35 61.76 -42.52
N GLY C 890 -21.60 62.07 -43.79
CA GLY C 890 -22.66 62.98 -44.18
C GLY C 890 -22.45 64.42 -43.75
N VAL C 891 -21.22 64.92 -43.84
CA VAL C 891 -20.90 66.31 -43.53
C VAL C 891 -20.21 66.91 -44.75
N THR C 892 -20.71 68.07 -45.19
CA THR C 892 -20.14 68.72 -46.36
C THR C 892 -18.75 69.26 -46.06
N GLN C 893 -17.95 69.41 -47.11
CA GLN C 893 -16.55 69.83 -46.96
C GLN C 893 -16.39 71.34 -46.78
N ASN C 894 -17.45 72.12 -46.98
CA ASN C 894 -17.34 73.57 -46.84
C ASN C 894 -17.01 73.96 -45.40
N VAL C 895 -17.79 73.46 -44.44
CA VAL C 895 -17.58 73.80 -43.03
C VAL C 895 -16.19 73.36 -42.56
N LEU C 896 -15.60 72.37 -43.22
CA LEU C 896 -14.18 72.12 -43.06
C LEU C 896 -13.34 73.20 -43.71
N TYR C 897 -13.78 73.73 -44.86
CA TYR C 897 -12.95 74.64 -45.63
C TYR C 897 -12.80 76.01 -44.96
N GLU C 898 -13.90 76.62 -44.51
CA GLU C 898 -13.70 77.91 -43.85
C GLU C 898 -13.32 77.79 -42.38
N ASN C 899 -13.26 76.59 -41.82
CA ASN C 899 -12.89 76.41 -40.41
C ASN C 899 -11.76 75.40 -40.27
N GLN C 900 -10.84 75.38 -41.24
CA GLN C 900 -9.72 74.45 -41.19
C GLN C 900 -8.79 74.77 -40.01
N LYS C 901 -8.53 76.06 -39.77
CA LYS C 901 -7.70 76.45 -38.64
C LYS C 901 -8.36 76.09 -37.32
N LEU C 902 -9.69 76.24 -37.24
CA LEU C 902 -10.41 75.85 -36.03
C LEU C 902 -10.31 74.34 -35.78
N ILE C 903 -10.42 73.54 -36.84
CA ILE C 903 -10.28 72.09 -36.71
C ILE C 903 -8.88 71.73 -36.26
N ALA C 904 -7.86 72.38 -36.84
CA ALA C 904 -6.48 72.10 -36.45
C ALA C 904 -6.22 72.48 -34.99
N ASN C 905 -6.72 73.64 -34.56
CA ASN C 905 -6.55 74.05 -33.17
C ASN C 905 -7.27 73.13 -32.21
N GLN C 906 -8.49 72.71 -32.56
CA GLN C 906 -9.23 71.79 -31.71
C GLN C 906 -8.55 70.44 -31.63
N PHE C 907 -8.00 69.95 -32.74
CA PHE C 907 -7.27 68.69 -32.73
C PHE C 907 -6.01 68.78 -31.88
N ASN C 908 -5.27 69.89 -31.98
CA ASN C 908 -4.07 70.06 -31.16
C ASN C 908 -4.43 70.14 -29.68
N SER C 909 -5.50 70.86 -29.35
CA SER C 909 -5.94 70.96 -27.95
C SER C 909 -6.38 69.61 -27.42
N ALA C 910 -7.11 68.82 -28.23
CA ALA C 910 -7.53 67.49 -27.81
C ALA C 910 -6.35 66.56 -27.63
N ILE C 911 -5.34 66.65 -28.51
CA ILE C 911 -4.15 65.83 -28.38
C ILE C 911 -3.40 66.18 -27.09
N GLY C 912 -3.24 67.48 -26.81
CA GLY C 912 -2.59 67.87 -25.57
C GLY C 912 -3.35 67.45 -24.34
N LYS C 913 -4.68 67.59 -24.37
CA LYS C 913 -5.51 67.19 -23.24
C LYS C 913 -5.45 65.69 -23.00
N ILE C 914 -5.50 64.89 -24.07
CA ILE C 914 -5.44 63.44 -23.89
C ILE C 914 -4.05 63.00 -23.47
N GLN C 915 -3.00 63.71 -23.90
CA GLN C 915 -1.66 63.41 -23.41
C GLN C 915 -1.54 63.70 -21.92
N ASP C 916 -2.08 64.84 -21.47
CA ASP C 916 -2.06 65.16 -20.05
C ASP C 916 -2.88 64.16 -19.24
N SER C 917 -4.03 63.73 -19.79
CA SER C 917 -4.85 62.74 -19.10
C SER C 917 -4.14 61.40 -19.00
N LEU C 918 -3.45 60.97 -20.07
CA LEU C 918 -2.70 59.73 -20.01
C LEU C 918 -1.54 59.82 -19.04
N SER C 919 -0.89 60.98 -18.96
CA SER C 919 0.22 61.14 -18.02
C SER C 919 -0.26 61.19 -16.57
N SER C 920 -1.44 61.77 -16.33
CA SER C 920 -1.91 62.00 -14.97
C SER C 920 -2.81 60.88 -14.44
N THR C 921 -3.09 59.85 -15.24
CA THR C 921 -3.96 58.76 -14.81
C THR C 921 -3.19 57.45 -14.78
N PRO C 922 -2.76 56.98 -13.61
CA PRO C 922 -2.09 55.67 -13.55
C PRO C 922 -3.02 54.49 -13.78
N SER C 923 -4.34 54.69 -13.68
CA SER C 923 -5.31 53.62 -13.86
C SER C 923 -5.78 53.49 -15.30
N ALA C 924 -5.25 54.29 -16.22
CA ALA C 924 -5.63 54.17 -17.63
C ALA C 924 -5.04 52.93 -18.28
N LEU C 925 -4.02 52.31 -17.66
CA LEU C 925 -3.40 51.10 -18.15
C LEU C 925 -3.85 49.88 -17.36
N GLY C 926 -5.14 49.83 -17.01
CA GLY C 926 -5.63 48.80 -16.11
C GLY C 926 -5.58 47.40 -16.70
N LYS C 927 -5.84 47.27 -18.00
CA LYS C 927 -5.90 45.94 -18.62
C LYS C 927 -4.52 45.31 -18.69
N LEU C 928 -3.52 46.05 -19.18
CA LEU C 928 -2.17 45.50 -19.30
C LEU C 928 -1.57 45.23 -17.92
N GLN C 929 -1.77 46.15 -16.98
CA GLN C 929 -1.27 45.94 -15.63
C GLN C 929 -1.94 44.76 -14.95
N ASP C 930 -3.24 44.59 -15.18
CA ASP C 930 -3.95 43.44 -14.62
C ASP C 930 -3.46 42.14 -15.22
N VAL C 931 -3.19 42.12 -16.53
CA VAL C 931 -2.66 40.91 -17.17
C VAL C 931 -1.29 40.58 -16.63
N VAL C 932 -0.43 41.59 -16.48
CA VAL C 932 0.92 41.38 -15.95
C VAL C 932 0.86 40.88 -14.51
N ASN C 933 -0.02 41.47 -13.70
CA ASN C 933 -0.16 41.06 -12.30
C ASN C 933 -0.70 39.63 -12.20
N HIS C 934 -1.66 39.26 -13.05
CA HIS C 934 -2.18 37.90 -13.05
C HIS C 934 -1.10 36.91 -13.44
N ASN C 935 -0.30 37.24 -14.46
CA ASN C 935 0.79 36.36 -14.87
C ASN C 935 1.82 36.21 -13.76
N ALA C 936 2.19 37.32 -13.11
CA ALA C 936 3.15 37.26 -12.02
C ALA C 936 2.61 36.44 -10.85
N GLN C 937 1.32 36.59 -10.55
CA GLN C 937 0.71 35.81 -9.49
C GLN C 937 0.70 34.33 -9.83
N ALA C 938 0.43 33.98 -11.09
CA ALA C 938 0.46 32.57 -11.49
C ALA C 938 1.86 31.98 -11.37
N LEU C 939 2.88 32.74 -11.82
CA LEU C 939 4.25 32.26 -11.68
C LEU C 939 4.65 32.12 -10.21
N ASN C 940 4.26 33.08 -9.36
CA ASN C 940 4.59 33.00 -7.95
C ASN C 940 3.87 31.83 -7.27
N THR C 941 2.62 31.57 -7.67
CA THR C 941 1.89 30.43 -7.14
C THR C 941 2.54 29.11 -7.54
N LEU C 942 2.98 29.01 -8.80
CA LEU C 942 3.68 27.81 -9.25
C LEU C 942 4.99 27.62 -8.49
N VAL C 943 5.69 28.73 -8.20
CA VAL C 943 6.91 28.64 -7.41
C VAL C 943 6.61 28.17 -5.99
N LYS C 944 5.55 28.73 -5.39
CA LYS C 944 5.24 28.43 -3.99
C LYS C 944 4.65 27.04 -3.80
N GLN C 945 4.05 26.46 -4.86
CA GLN C 945 3.52 25.10 -4.73
C GLN C 945 4.61 24.04 -4.55
N LEU C 946 5.87 24.37 -4.82
CA LEU C 946 6.95 23.42 -4.57
C LEU C 946 7.14 23.16 -3.07
N SER C 947 6.87 24.16 -2.24
CA SER C 947 7.03 24.01 -0.80
C SER C 947 5.86 23.28 -0.14
N SER C 948 4.80 22.99 -0.89
CA SER C 948 3.67 22.27 -0.32
C SER C 948 4.04 20.83 0.00
N LYS C 949 3.63 20.36 1.19
CA LYS C 949 3.96 19.01 1.60
C LYS C 949 3.11 17.98 0.87
N PHE C 950 1.88 18.34 0.49
CA PHE C 950 0.94 17.45 -0.20
C PHE C 950 0.66 16.19 0.61
N GLY C 951 0.60 16.34 1.93
CA GLY C 951 0.35 15.22 2.82
C GLY C 951 1.54 14.35 3.12
N ALA C 952 2.72 14.66 2.60
CA ALA C 952 3.91 13.87 2.85
C ALA C 952 4.56 14.28 4.16
N ILE C 953 5.59 13.52 4.55
CA ILE C 953 6.32 13.81 5.78
C ILE C 953 7.11 15.11 5.62
N SER C 954 7.67 15.35 4.44
CA SER C 954 8.45 16.56 4.19
C SER C 954 8.24 17.00 2.75
N SER C 955 8.55 18.27 2.50
CA SER C 955 8.40 18.85 1.17
C SER C 955 9.65 18.74 0.32
N VAL C 956 10.72 18.11 0.83
CA VAL C 956 11.96 17.94 0.10
C VAL C 956 12.13 16.45 -0.22
N LEU C 957 12.44 16.16 -1.48
CA LEU C 957 12.62 14.76 -1.89
C LEU C 957 13.86 14.15 -1.25
N ASN C 958 14.91 14.96 -1.03
CA ASN C 958 16.12 14.45 -0.41
C ASN C 958 15.90 14.03 1.03
N ASP C 959 15.02 14.73 1.76
CA ASP C 959 14.69 14.33 3.13
C ASP C 959 14.04 12.95 3.14
N ILE C 960 13.12 12.70 2.21
CA ILE C 960 12.47 11.39 2.15
C ILE C 960 13.47 10.31 1.70
N PHE C 961 14.38 10.66 0.79
CA PHE C 961 15.35 9.69 0.30
C PHE C 961 16.35 9.30 1.40
N SER C 962 16.81 10.27 2.19
CA SER C 962 17.84 10.02 3.19
C SER C 962 17.30 9.83 4.59
N ARG C 963 15.98 9.83 4.78
CA ARG C 963 15.40 9.68 6.11
C ARG C 963 14.31 8.63 6.20
N LEU C 964 13.91 8.02 5.09
CA LEU C 964 12.84 7.04 5.09
C LEU C 964 13.26 5.81 4.31
N ASP C 965 12.71 4.66 4.71
CA ASP C 965 12.96 3.42 4.01
C ASP C 965 12.31 3.43 2.63
N PRO C 966 12.93 2.78 1.65
CA PRO C 966 12.43 2.86 0.25
C PRO C 966 10.99 2.41 0.05
N PRO C 967 10.48 1.37 0.76
CA PRO C 967 9.06 1.03 0.56
C PRO C 967 8.09 2.15 0.87
N GLU C 968 8.37 2.98 1.88
CA GLU C 968 7.55 4.15 2.15
C GLU C 968 8.07 5.39 1.44
N ALA C 969 9.37 5.44 1.14
CA ALA C 969 9.92 6.58 0.39
C ALA C 969 9.31 6.67 -0.99
N GLU C 970 9.10 5.52 -1.67
CA GLU C 970 8.48 5.55 -2.98
C GLU C 970 7.03 6.03 -2.91
N VAL C 971 6.31 5.67 -1.84
CA VAL C 971 4.93 6.13 -1.68
C VAL C 971 4.91 7.64 -1.47
N GLN C 972 5.81 8.15 -0.63
CA GLN C 972 5.86 9.59 -0.39
C GLN C 972 6.26 10.35 -1.66
N ILE C 973 7.23 9.82 -2.42
CA ILE C 973 7.62 10.44 -3.67
C ILE C 973 6.47 10.45 -4.65
N ASP C 974 5.74 9.33 -4.75
CA ASP C 974 4.60 9.25 -5.66
C ASP C 974 3.52 10.26 -5.29
N ARG C 975 3.21 10.38 -3.99
CA ARG C 975 2.21 11.36 -3.55
C ARG C 975 2.65 12.78 -3.88
N LEU C 976 3.91 13.12 -3.59
CA LEU C 976 4.38 14.47 -3.85
C LEU C 976 4.37 14.80 -5.33
N ILE C 977 4.83 13.87 -6.18
CA ILE C 977 4.91 14.19 -7.60
C ILE C 977 3.54 14.14 -8.26
N THR C 978 2.59 13.34 -7.76
CA THR C 978 1.25 13.40 -8.32
C THR C 978 0.53 14.67 -7.87
N GLY C 979 0.86 15.19 -6.68
CA GLY C 979 0.38 16.51 -6.32
C GLY C 979 0.96 17.61 -7.18
N ARG C 980 2.25 17.51 -7.50
CA ARG C 980 2.88 18.47 -8.40
C ARG C 980 2.28 18.37 -9.80
N LEU C 981 1.94 17.16 -10.24
CA LEU C 981 1.28 16.99 -11.53
C LEU C 981 -0.10 17.63 -11.54
N GLN C 982 -0.86 17.48 -10.44
CA GLN C 982 -2.16 18.14 -10.36
C GLN C 982 -2.03 19.65 -10.38
N SER C 983 -1.04 20.19 -9.65
CA SER C 983 -0.82 21.63 -9.65
C SER C 983 -0.42 22.12 -11.05
N LEU C 984 0.43 21.36 -11.74
CA LEU C 984 0.83 21.73 -13.09
C LEU C 984 -0.34 21.67 -14.06
N GLN C 985 -1.22 20.68 -13.90
CA GLN C 985 -2.43 20.62 -14.73
C GLN C 985 -3.32 21.83 -14.49
N THR C 986 -3.49 22.23 -13.23
CA THR C 986 -4.29 23.42 -12.93
C THR C 986 -3.65 24.67 -13.55
N TYR C 987 -2.32 24.80 -13.44
CA TYR C 987 -1.64 25.95 -14.02
C TYR C 987 -1.79 25.97 -15.54
N VAL C 988 -1.69 24.80 -16.18
CA VAL C 988 -1.81 24.73 -17.64
C VAL C 988 -3.23 25.09 -18.08
N THR C 989 -4.24 24.62 -17.33
CA THR C 989 -5.62 24.98 -17.66
C THR C 989 -5.85 26.48 -17.50
N GLN C 990 -5.33 27.08 -16.43
CA GLN C 990 -5.47 28.52 -16.24
C GLN C 990 -4.76 29.30 -17.34
N GLN C 991 -3.57 28.84 -17.75
CA GLN C 991 -2.84 29.49 -18.83
C GLN C 991 -3.59 29.37 -20.15
N LEU C 992 -4.22 28.22 -20.39
CA LEU C 992 -5.00 28.04 -21.61
C LEU C 992 -6.20 28.98 -21.64
N ILE C 993 -6.89 29.12 -20.51
CA ILE C 993 -8.05 30.02 -20.44
C ILE C 993 -7.60 31.48 -20.65
N ARG C 994 -6.50 31.87 -20.02
CA ARG C 994 -5.97 33.22 -20.20
C ARG C 994 -5.52 33.46 -21.63
N ALA C 995 -4.93 32.44 -22.27
CA ALA C 995 -4.53 32.55 -23.66
C ALA C 995 -5.73 32.69 -24.58
N ALA C 996 -6.83 31.98 -24.28
CA ALA C 996 -8.05 32.14 -25.07
C ALA C 996 -8.62 33.54 -24.94
N GLU C 997 -8.64 34.09 -23.71
CA GLU C 997 -9.13 35.45 -23.52
C GLU C 997 -8.24 36.47 -24.22
N ILE C 998 -6.91 36.27 -24.16
CA ILE C 998 -5.97 37.17 -24.81
C ILE C 998 -6.12 37.10 -26.32
N ARG C 999 -6.34 35.89 -26.85
CA ARG C 999 -6.52 35.74 -28.29
C ARG C 999 -7.81 36.40 -28.76
N ALA C 1000 -8.89 36.27 -27.98
CA ALA C 1000 -10.14 36.95 -28.34
C ALA C 1000 -9.96 38.47 -28.33
N SER C 1001 -9.29 39.00 -27.29
CA SER C 1001 -9.06 40.43 -27.23
C SER C 1001 -8.18 40.92 -28.37
N ALA C 1002 -7.16 40.14 -28.73
CA ALA C 1002 -6.24 40.57 -29.78
C ALA C 1002 -6.87 40.42 -31.16
N ASN C 1003 -7.77 39.44 -31.34
CA ASN C 1003 -8.53 39.39 -32.59
C ASN C 1003 -9.50 40.57 -32.70
N LEU C 1004 -10.09 40.98 -31.59
CA LEU C 1004 -10.88 42.22 -31.58
C LEU C 1004 -10.01 43.42 -31.94
N ALA C 1005 -8.79 43.47 -31.40
CA ALA C 1005 -7.87 44.56 -31.72
C ALA C 1005 -7.47 44.55 -33.19
N ALA C 1006 -7.27 43.35 -33.77
CA ALA C 1006 -6.96 43.24 -35.18
C ALA C 1006 -8.12 43.70 -36.04
N THR C 1007 -9.35 43.37 -35.63
CA THR C 1007 -10.53 43.87 -36.33
C THR C 1007 -10.61 45.39 -36.27
N LYS C 1008 -10.30 45.98 -35.11
CA LYS C 1008 -10.29 47.43 -34.98
C LYS C 1008 -9.20 48.04 -35.85
N MET C 1009 -8.03 47.40 -35.92
CA MET C 1009 -6.94 47.87 -36.77
C MET C 1009 -7.34 47.82 -38.25
N SER C 1010 -8.03 46.76 -38.66
CA SER C 1010 -8.46 46.65 -40.05
C SER C 1010 -9.57 47.63 -40.37
N GLU C 1011 -10.41 47.97 -39.41
CA GLU C 1011 -11.57 48.83 -39.66
C GLU C 1011 -11.31 50.29 -39.26
N CYS C 1012 -10.94 50.53 -38.00
CA CYS C 1012 -10.82 51.91 -37.54
C CYS C 1012 -9.55 52.58 -38.07
N VAL C 1013 -8.44 51.85 -38.14
CA VAL C 1013 -7.18 52.45 -38.54
C VAL C 1013 -7.06 52.51 -40.05
N LEU C 1014 -7.25 51.38 -40.73
CA LEU C 1014 -7.01 51.28 -42.17
C LEU C 1014 -8.19 51.76 -43.01
N GLY C 1015 -9.13 52.50 -42.42
CA GLY C 1015 -10.25 53.00 -43.19
C GLY C 1015 -11.20 53.77 -42.30
N GLN C 1016 -12.26 54.27 -42.92
CA GLN C 1016 -13.33 54.97 -42.22
C GLN C 1016 -14.48 54.01 -41.99
N SER C 1017 -14.89 53.85 -40.74
CA SER C 1017 -15.99 52.96 -40.38
C SER C 1017 -17.22 53.79 -40.05
N LYS C 1018 -18.34 53.45 -40.69
CA LYS C 1018 -19.61 54.10 -40.41
C LYS C 1018 -20.30 53.53 -39.18
N ARG C 1019 -19.71 52.50 -38.56
CA ARG C 1019 -20.33 51.86 -37.41
C ARG C 1019 -20.29 52.78 -36.19
N VAL C 1020 -21.34 52.73 -35.39
CA VAL C 1020 -21.46 53.54 -34.19
C VAL C 1020 -20.88 52.75 -33.02
N ASP C 1021 -20.11 53.45 -32.18
CA ASP C 1021 -19.53 52.98 -30.92
C ASP C 1021 -18.42 51.94 -31.12
N PHE C 1022 -18.13 51.52 -32.36
CA PHE C 1022 -17.10 50.52 -32.56
C PHE C 1022 -15.70 51.12 -32.46
N CYS C 1023 -15.52 52.36 -32.92
CA CYS C 1023 -14.22 53.02 -32.95
C CYS C 1023 -14.24 54.33 -32.19
N GLY C 1024 -14.98 54.38 -31.09
CA GLY C 1024 -15.02 55.54 -30.23
C GLY C 1024 -16.43 56.11 -30.12
N LYS C 1025 -16.54 57.13 -29.26
CA LYS C 1025 -17.83 57.77 -29.03
C LYS C 1025 -18.23 58.62 -30.23
N GLY C 1026 -19.49 58.50 -30.62
CA GLY C 1026 -19.99 59.34 -31.71
C GLY C 1026 -19.49 58.90 -33.08
N TYR C 1027 -19.56 59.84 -34.02
CA TYR C 1027 -19.12 59.58 -35.38
C TYR C 1027 -17.61 59.43 -35.41
N HIS C 1028 -17.12 58.38 -36.08
CA HIS C 1028 -15.71 58.03 -36.09
C HIS C 1028 -15.05 58.59 -37.35
N LEU C 1029 -13.94 59.30 -37.17
CA LEU C 1029 -13.16 59.83 -38.29
C LEU C 1029 -11.93 58.98 -38.56
N MET C 1030 -11.05 58.84 -37.57
CA MET C 1030 -9.84 58.04 -37.71
C MET C 1030 -9.35 57.66 -36.32
N SER C 1031 -8.37 56.76 -36.29
CA SER C 1031 -7.77 56.33 -35.04
C SER C 1031 -6.27 56.09 -35.26
N PHE C 1032 -5.47 56.48 -34.27
CA PHE C 1032 -4.02 56.37 -34.38
C PHE C 1032 -3.54 55.20 -33.53
N PRO C 1033 -3.02 54.13 -34.12
CA PRO C 1033 -2.48 53.03 -33.31
C PRO C 1033 -1.13 53.38 -32.72
N GLN C 1034 -0.93 52.98 -31.47
CA GLN C 1034 0.32 53.24 -30.76
C GLN C 1034 0.82 51.94 -30.13
N SER C 1035 2.14 51.84 -30.01
CA SER C 1035 2.76 50.65 -29.43
C SER C 1035 2.68 50.71 -27.91
N ALA C 1036 2.34 49.57 -27.31
CA ALA C 1036 2.22 49.44 -25.86
C ALA C 1036 2.87 48.14 -25.43
N PRO C 1037 3.38 48.06 -24.19
CA PRO C 1037 3.93 46.78 -23.71
C PRO C 1037 2.86 45.71 -23.56
N HIS C 1038 2.96 44.66 -24.39
CA HIS C 1038 2.01 43.55 -24.41
C HIS C 1038 0.58 44.05 -24.65
N GLY C 1039 0.43 45.01 -25.55
CA GLY C 1039 -0.88 45.57 -25.84
C GLY C 1039 -0.78 46.60 -26.95
N VAL C 1040 -1.94 47.15 -27.29
CA VAL C 1040 -2.05 48.18 -28.32
C VAL C 1040 -2.97 49.28 -27.81
N VAL C 1041 -2.62 50.53 -28.10
CA VAL C 1041 -3.39 51.70 -27.67
C VAL C 1041 -3.92 52.40 -28.90
N PHE C 1042 -5.24 52.64 -28.93
CA PHE C 1042 -5.90 53.29 -30.04
C PHE C 1042 -6.28 54.72 -29.65
N LEU C 1043 -5.86 55.69 -30.46
CA LEU C 1043 -6.19 57.10 -30.23
C LEU C 1043 -7.32 57.47 -31.19
N HIS C 1044 -8.54 57.19 -30.75
CA HIS C 1044 -9.73 57.41 -31.58
C HIS C 1044 -10.05 58.89 -31.67
N VAL C 1045 -9.91 59.46 -32.86
CA VAL C 1045 -10.30 60.84 -33.14
C VAL C 1045 -11.70 60.81 -33.73
N THR C 1046 -12.64 61.50 -33.08
CA THR C 1046 -14.05 61.39 -33.41
C THR C 1046 -14.66 62.76 -33.64
N TYR C 1047 -15.91 62.76 -34.10
CA TYR C 1047 -16.67 63.97 -34.39
C TYR C 1047 -17.83 64.04 -33.41
N VAL C 1048 -17.94 65.15 -32.68
CA VAL C 1048 -18.97 65.34 -31.67
C VAL C 1048 -19.72 66.64 -31.96
N PRO C 1049 -21.00 66.59 -32.30
CA PRO C 1049 -21.78 67.82 -32.45
C PRO C 1049 -22.04 68.49 -31.11
N ALA C 1050 -22.28 69.80 -31.16
CA ALA C 1050 -22.53 70.58 -29.95
C ALA C 1050 -23.32 71.83 -30.32
N GLN C 1051 -23.83 72.50 -29.28
CA GLN C 1051 -24.56 73.76 -29.39
C GLN C 1051 -25.79 73.64 -30.29
N GLU C 1052 -26.73 72.81 -29.84
CA GLU C 1052 -27.97 72.63 -30.56
C GLU C 1052 -28.87 73.85 -30.44
N LYS C 1053 -29.74 74.03 -31.43
CA LYS C 1053 -30.68 75.14 -31.46
C LYS C 1053 -32.04 74.64 -31.93
N ASN C 1054 -33.09 75.13 -31.29
CA ASN C 1054 -34.45 74.74 -31.65
C ASN C 1054 -34.84 75.32 -33.01
N PHE C 1055 -35.51 74.50 -33.82
CA PHE C 1055 -35.92 74.90 -35.15
C PHE C 1055 -37.22 74.20 -35.51
N THR C 1056 -37.92 74.74 -36.50
CA THR C 1056 -39.21 74.24 -36.94
C THR C 1056 -39.05 73.46 -38.24
N THR C 1057 -39.63 72.26 -38.28
CA THR C 1057 -39.54 71.37 -39.43
C THR C 1057 -40.78 71.48 -40.30
N ALA C 1058 -40.78 70.74 -41.40
CA ALA C 1058 -41.88 70.69 -42.35
C ALA C 1058 -41.80 69.37 -43.10
N PRO C 1059 -42.89 68.59 -43.13
CA PRO C 1059 -42.87 67.34 -43.91
C PRO C 1059 -42.62 67.55 -45.39
N ALA C 1060 -43.16 68.63 -45.97
CA ALA C 1060 -43.01 68.92 -47.38
C ALA C 1060 -43.37 70.39 -47.60
N ILE C 1061 -43.25 70.83 -48.85
CA ILE C 1061 -43.60 72.19 -49.26
C ILE C 1061 -44.64 72.10 -50.36
N CYS C 1062 -45.76 72.80 -50.18
CA CYS C 1062 -46.85 72.79 -51.15
C CYS C 1062 -46.69 73.99 -52.08
N HIS C 1063 -46.25 73.73 -53.31
CA HIS C 1063 -46.09 74.76 -54.32
C HIS C 1063 -46.85 74.34 -55.57
N ASP C 1064 -47.88 75.11 -55.92
CA ASP C 1064 -48.73 74.87 -57.09
C ASP C 1064 -49.34 73.46 -57.04
N GLY C 1065 -49.74 73.03 -55.86
CA GLY C 1065 -50.33 71.71 -55.69
C GLY C 1065 -49.36 70.56 -55.69
N LYS C 1066 -48.05 70.83 -55.67
CA LYS C 1066 -47.03 69.80 -55.69
C LYS C 1066 -46.27 69.79 -54.37
N ALA C 1067 -45.90 68.59 -53.92
CA ALA C 1067 -45.18 68.41 -52.68
C ALA C 1067 -43.68 68.30 -52.96
N HIS C 1068 -42.88 69.11 -52.27
CA HIS C 1068 -41.44 69.13 -52.45
C HIS C 1068 -40.76 68.53 -51.22
N PHE C 1069 -39.82 67.61 -51.46
CA PHE C 1069 -39.07 66.96 -50.41
C PHE C 1069 -37.58 67.20 -50.60
N PRO C 1070 -36.83 67.37 -49.52
CA PRO C 1070 -35.37 67.56 -49.66
C PRO C 1070 -34.69 66.30 -50.17
N ARG C 1071 -33.67 66.51 -51.00
CA ARG C 1071 -32.93 65.37 -51.55
C ARG C 1071 -32.02 64.74 -50.50
N GLU C 1072 -31.31 65.57 -49.72
CA GLU C 1072 -30.41 65.05 -48.71
C GLU C 1072 -30.51 65.75 -47.36
N GLY C 1073 -31.18 66.90 -47.26
CA GLY C 1073 -31.26 67.61 -46.00
C GLY C 1073 -32.63 67.59 -45.37
N VAL C 1074 -32.97 68.66 -44.64
CA VAL C 1074 -34.26 68.78 -43.97
C VAL C 1074 -34.65 70.24 -43.94
N PHE C 1075 -35.96 70.51 -43.98
CA PHE C 1075 -36.45 71.88 -43.92
C PHE C 1075 -36.24 72.46 -42.52
N VAL C 1076 -35.71 73.67 -42.47
CA VAL C 1076 -35.38 74.34 -41.21
C VAL C 1076 -36.02 75.72 -41.21
N SER C 1077 -36.57 76.11 -40.07
CA SER C 1077 -37.19 77.43 -39.92
C SER C 1077 -36.83 78.01 -38.57
N ASN C 1078 -36.45 79.28 -38.55
CA ASN C 1078 -36.14 79.99 -37.31
C ASN C 1078 -37.35 80.73 -36.74
N GLY C 1079 -38.49 80.70 -37.42
CA GLY C 1079 -39.68 81.35 -36.92
C GLY C 1079 -40.41 82.15 -37.98
N THR C 1080 -39.68 82.74 -38.91
CA THR C 1080 -40.26 83.56 -39.97
C THR C 1080 -40.07 82.95 -41.36
N HIS C 1081 -38.84 82.64 -41.74
CA HIS C 1081 -38.53 82.10 -43.05
C HIS C 1081 -38.21 80.61 -42.94
N TRP C 1082 -38.15 79.95 -44.08
CA TRP C 1082 -37.90 78.51 -44.15
C TRP C 1082 -36.71 78.25 -45.06
N PHE C 1083 -35.78 77.42 -44.60
CA PHE C 1083 -34.60 77.07 -45.37
C PHE C 1083 -34.40 75.56 -45.39
N VAL C 1084 -33.26 75.11 -45.93
CA VAL C 1084 -32.90 73.70 -45.94
C VAL C 1084 -31.48 73.58 -45.40
N THR C 1085 -31.25 72.54 -44.59
CA THR C 1085 -29.94 72.30 -44.00
C THR C 1085 -29.73 70.81 -43.82
N GLN C 1086 -28.46 70.43 -43.66
CA GLN C 1086 -28.13 69.04 -43.42
C GLN C 1086 -28.38 68.67 -41.96
N ARG C 1087 -28.35 67.37 -41.68
CA ARG C 1087 -28.72 66.87 -40.36
C ARG C 1087 -27.66 67.13 -39.30
N ASN C 1088 -26.38 67.08 -39.68
CA ASN C 1088 -25.30 67.16 -38.71
C ASN C 1088 -24.79 68.58 -38.47
N PHE C 1089 -25.27 69.56 -39.22
CA PHE C 1089 -24.79 70.94 -39.04
C PHE C 1089 -25.86 71.89 -39.52
N TYR C 1090 -25.79 73.12 -39.02
CA TYR C 1090 -26.74 74.18 -39.38
C TYR C 1090 -26.16 74.98 -40.55
N GLU C 1091 -26.59 74.62 -41.76
CA GLU C 1091 -26.19 75.33 -42.99
C GLU C 1091 -27.46 75.67 -43.76
N PRO C 1092 -28.12 76.77 -43.40
CA PRO C 1092 -29.38 77.13 -44.09
C PRO C 1092 -29.13 77.58 -45.51
N GLN C 1093 -29.88 77.00 -46.44
CA GLN C 1093 -29.79 77.33 -47.86
C GLN C 1093 -31.18 77.63 -48.39
N ILE C 1094 -31.22 78.39 -49.49
CA ILE C 1094 -32.48 78.74 -50.13
C ILE C 1094 -33.08 77.49 -50.76
N ILE C 1095 -34.37 77.25 -50.48
CA ILE C 1095 -35.05 76.08 -51.00
C ILE C 1095 -35.25 76.26 -52.51
N THR C 1096 -34.51 75.50 -53.30
CA THR C 1096 -34.54 75.58 -54.75
C THR C 1096 -34.98 74.24 -55.33
N THR C 1097 -34.96 74.14 -56.65
CA THR C 1097 -35.40 72.95 -57.35
C THR C 1097 -34.29 71.93 -57.57
N ASP C 1098 -33.03 72.31 -57.40
CA ASP C 1098 -31.93 71.37 -57.60
C ASP C 1098 -31.80 70.40 -56.43
N ASN C 1099 -32.02 70.88 -55.21
CA ASN C 1099 -31.90 70.06 -54.02
C ASN C 1099 -33.23 69.50 -53.54
N THR C 1100 -34.31 69.70 -54.31
CA THR C 1100 -35.62 69.20 -53.96
C THR C 1100 -36.21 68.44 -55.14
N PHE C 1101 -37.03 67.43 -54.83
CA PHE C 1101 -37.70 66.64 -55.84
C PHE C 1101 -39.19 66.61 -55.56
N VAL C 1102 -39.98 66.52 -56.63
CA VAL C 1102 -41.43 66.54 -56.55
C VAL C 1102 -41.95 65.11 -56.60
N SER C 1103 -42.75 64.73 -55.61
CA SER C 1103 -43.32 63.38 -55.56
C SER C 1103 -44.68 63.49 -54.87
N GLY C 1104 -45.75 63.53 -55.68
CA GLY C 1104 -47.09 63.58 -55.16
C GLY C 1104 -47.57 64.98 -54.83
N ASN C 1105 -48.83 65.04 -54.43
CA ASN C 1105 -49.51 66.28 -54.08
C ASN C 1105 -49.57 66.45 -52.56
N CYS C 1106 -50.30 67.47 -52.10
CA CYS C 1106 -50.23 67.90 -50.71
C CYS C 1106 -51.32 67.33 -49.82
N ASP C 1107 -52.41 66.79 -50.38
CA ASP C 1107 -53.49 66.31 -49.53
C ASP C 1107 -53.22 64.92 -48.95
N VAL C 1108 -52.17 64.23 -49.42
CA VAL C 1108 -51.83 62.93 -48.85
C VAL C 1108 -50.98 63.10 -47.60
N VAL C 1109 -50.03 64.03 -47.62
CA VAL C 1109 -49.19 64.25 -46.44
C VAL C 1109 -49.99 64.97 -45.36
N ILE C 1110 -49.49 64.89 -44.13
CA ILE C 1110 -50.15 65.46 -42.96
C ILE C 1110 -49.26 66.55 -42.39
N GLY C 1111 -49.85 67.71 -42.12
CA GLY C 1111 -49.12 68.80 -41.52
C GLY C 1111 -48.21 69.56 -42.47
N ILE C 1112 -48.55 69.62 -43.75
CA ILE C 1112 -47.73 70.34 -44.72
C ILE C 1112 -47.92 71.84 -44.52
N VAL C 1113 -46.81 72.57 -44.52
CA VAL C 1113 -46.85 74.02 -44.38
C VAL C 1113 -46.98 74.65 -45.76
N ASN C 1114 -47.32 75.94 -45.79
CA ASN C 1114 -47.50 76.67 -47.04
C ASN C 1114 -46.26 77.51 -47.32
N ASN C 1115 -45.60 77.24 -48.44
CA ASN C 1115 -44.42 77.99 -48.85
C ASN C 1115 -44.23 77.82 -50.35
N THR C 1116 -43.45 78.73 -50.92
CA THR C 1116 -43.13 78.70 -52.33
C THR C 1116 -41.71 78.15 -52.54
N VAL C 1117 -41.45 77.69 -53.76
CA VAL C 1117 -40.15 77.15 -54.14
C VAL C 1117 -39.54 78.08 -55.18
N TYR C 1118 -38.38 78.65 -54.84
CA TYR C 1118 -37.69 79.55 -55.77
C TYR C 1118 -37.01 78.73 -56.86
N ASP C 1119 -37.21 79.17 -58.11
CA ASP C 1119 -36.59 78.49 -59.25
C ASP C 1119 -35.37 79.27 -59.69
N PRO C 1120 -34.16 78.73 -59.57
CA PRO C 1120 -32.98 79.45 -60.07
C PRO C 1120 -32.97 79.64 -61.58
N LEU C 1121 -33.74 78.84 -62.31
CA LEU C 1121 -33.80 78.96 -63.77
C LEU C 1121 -34.66 80.14 -64.22
N GLN C 1122 -35.60 80.58 -63.38
CA GLN C 1122 -36.46 81.71 -63.74
C GLN C 1122 -35.71 83.02 -64.01
N PRO C 1123 -34.71 83.45 -63.23
CA PRO C 1123 -33.98 84.67 -63.59
C PRO C 1123 -33.18 84.56 -64.89
N GLU C 1124 -32.98 83.36 -65.41
CA GLU C 1124 -32.27 83.23 -66.69
C GLU C 1124 -33.11 83.75 -67.85
N LEU C 1125 -34.44 83.57 -67.80
CA LEU C 1125 -35.30 83.97 -68.91
C LEU C 1125 -36.34 85.01 -68.53
N ASP C 1126 -36.36 85.49 -67.27
CA ASP C 1126 -37.37 86.47 -66.90
C ASP C 1126 -37.11 87.83 -67.56
N SER C 1127 -35.86 88.18 -67.79
CA SER C 1127 -35.52 89.46 -68.42
C SER C 1127 -35.36 89.30 -69.93
N ASP D 1 -6.60 -61.30 19.93
CA ASP D 1 -7.16 -62.37 19.13
C ASP D 1 -6.06 -63.32 18.63
N ILE D 2 -5.34 -63.93 19.58
CA ILE D 2 -4.26 -64.85 19.21
C ILE D 2 -4.82 -66.19 18.78
N GLN D 3 -5.48 -66.89 19.72
CA GLN D 3 -6.23 -68.12 19.47
C GLN D 3 -5.33 -69.20 18.86
N MET D 4 -4.37 -69.64 19.68
CA MET D 4 -3.58 -70.83 19.40
C MET D 4 -3.91 -71.90 20.43
N THR D 5 -4.28 -73.09 19.94
CA THR D 5 -4.62 -74.22 20.79
C THR D 5 -3.80 -75.43 20.34
N GLN D 6 -3.20 -76.11 21.31
CA GLN D 6 -2.35 -77.28 21.03
C GLN D 6 -3.16 -78.56 21.22
N SER D 7 -3.07 -79.44 20.23
CA SER D 7 -3.74 -80.74 20.28
C SER D 7 -2.74 -81.84 19.91
N PRO D 8 -2.83 -83.01 20.54
CA PRO D 8 -3.77 -83.43 21.60
C PRO D 8 -3.39 -82.89 22.97
N SER D 9 -4.29 -83.03 23.96
CA SER D 9 -4.02 -82.49 25.28
C SER D 9 -2.90 -83.25 25.99
N SER D 10 -2.88 -84.57 25.86
CA SER D 10 -1.87 -85.38 26.54
C SER D 10 -1.58 -86.63 25.72
N VAL D 11 -0.36 -87.14 25.86
CA VAL D 11 0.08 -88.36 25.19
C VAL D 11 0.83 -89.21 26.20
N SER D 12 1.09 -90.46 25.82
CA SER D 12 1.80 -91.41 26.67
C SER D 12 2.73 -92.24 25.80
N ALA D 13 4.03 -92.23 26.13
CA ALA D 13 5.01 -93.00 25.39
C ALA D 13 6.17 -93.35 26.31
N SER D 14 6.91 -94.38 25.94
CA SER D 14 8.07 -94.86 26.68
C SER D 14 9.30 -94.85 25.79
N VAL D 15 10.40 -95.40 26.31
CA VAL D 15 11.65 -95.45 25.56
C VAL D 15 11.50 -96.41 24.39
N GLY D 16 11.90 -95.96 23.20
CA GLY D 16 11.76 -96.75 21.99
C GLY D 16 10.43 -96.60 21.28
N ASP D 17 9.50 -95.82 21.83
CA ASP D 17 8.20 -95.60 21.22
C ASP D 17 8.23 -94.34 20.36
N ARG D 18 7.15 -94.13 19.61
CA ARG D 18 7.00 -92.99 18.73
C ARG D 18 6.01 -92.00 19.35
N VAL D 19 6.43 -90.75 19.48
CA VAL D 19 5.60 -89.70 20.06
C VAL D 19 5.86 -88.41 19.29
N THR D 20 4.80 -87.61 19.11
CA THR D 20 4.92 -86.34 18.41
C THR D 20 3.84 -85.39 18.93
N ILE D 21 4.08 -84.09 18.72
CA ILE D 21 3.14 -83.05 19.11
C ILE D 21 3.05 -82.04 17.97
N THR D 22 1.82 -81.63 17.65
CA THR D 22 1.57 -80.71 16.54
C THR D 22 0.99 -79.41 17.08
N CYS D 23 1.55 -78.29 16.65
CA CYS D 23 1.06 -76.96 16.99
C CYS D 23 0.75 -76.21 15.70
N ARG D 24 -0.43 -75.61 15.64
CA ARG D 24 -0.91 -74.94 14.44
C ARG D 24 -1.19 -73.47 14.73
N ALA D 25 -1.00 -72.64 13.70
CA ALA D 25 -1.28 -71.22 13.78
C ALA D 25 -2.54 -70.90 12.98
N SER D 26 -3.43 -70.12 13.59
CA SER D 26 -4.68 -69.77 12.92
C SER D 26 -4.43 -68.91 11.68
N GLN D 27 -3.53 -67.93 11.79
CA GLN D 27 -3.18 -67.06 10.68
C GLN D 27 -1.81 -67.45 10.12
N GLY D 28 -1.54 -66.97 8.91
CA GLY D 28 -0.27 -67.24 8.25
C GLY D 28 0.93 -66.68 8.98
N ILE D 29 1.96 -67.50 9.16
CA ILE D 29 3.17 -67.10 9.86
C ILE D 29 4.37 -67.59 9.04
N GLY D 30 5.53 -67.00 9.35
CA GLY D 30 6.74 -67.31 8.63
C GLY D 30 7.36 -68.63 9.07
N SER D 31 8.61 -68.83 8.66
CA SER D 31 9.32 -70.07 8.95
C SER D 31 9.88 -70.11 10.36
N TRP D 32 9.77 -69.02 11.12
CA TRP D 32 10.29 -68.99 12.49
C TRP D 32 9.52 -69.97 13.37
N LEU D 33 10.25 -70.63 14.27
CA LEU D 33 9.67 -71.65 15.13
C LEU D 33 10.55 -71.84 16.35
N ALA D 34 9.90 -72.10 17.49
CA ALA D 34 10.62 -72.37 18.74
C ALA D 34 9.80 -73.34 19.58
N TRP D 35 10.50 -74.04 20.47
CA TRP D 35 9.88 -75.00 21.37
C TRP D 35 10.54 -74.91 22.73
N TYR D 36 9.77 -75.20 23.78
CA TYR D 36 10.23 -75.10 25.15
C TYR D 36 9.86 -76.36 25.93
N GLN D 37 10.69 -76.71 26.91
CA GLN D 37 10.43 -77.79 27.84
C GLN D 37 10.10 -77.18 29.20
N GLN D 38 8.83 -77.22 29.58
CA GLN D 38 8.36 -76.63 30.82
C GLN D 38 8.15 -77.73 31.85
N LYS D 39 9.07 -77.83 32.82
CA LYS D 39 8.95 -78.81 33.89
C LYS D 39 8.72 -78.10 35.22
N PRO D 40 7.92 -78.67 36.12
CA PRO D 40 7.68 -78.02 37.41
C PRO D 40 8.91 -78.03 38.30
N GLY D 41 9.00 -77.01 39.15
CA GLY D 41 10.07 -76.89 40.09
C GLY D 41 11.24 -76.02 39.65
N LYS D 42 11.31 -75.66 38.37
CA LYS D 42 12.40 -74.85 37.87
C LYS D 42 11.95 -74.14 36.60
N ALA D 43 12.77 -73.20 36.14
CA ALA D 43 12.45 -72.43 34.96
C ALA D 43 12.52 -73.33 33.71
N PRO D 44 11.66 -73.10 32.73
CA PRO D 44 11.69 -73.93 31.51
C PRO D 44 12.93 -73.63 30.67
N GLN D 45 13.28 -74.61 29.84
CA GLN D 45 14.42 -74.52 28.95
C GLN D 45 13.96 -74.56 27.49
N LEU D 46 14.82 -74.05 26.61
CA LEU D 46 14.50 -73.92 25.20
C LEU D 46 15.08 -75.09 24.40
N LEU D 47 14.68 -75.17 23.14
CA LEU D 47 15.10 -76.26 22.26
C LEU D 47 15.97 -75.77 21.10
N ILE D 48 15.46 -74.85 20.28
CA ILE D 48 16.10 -74.47 19.03
C ILE D 48 16.14 -72.94 18.92
N TYR D 49 17.00 -72.47 18.02
CA TYR D 49 17.10 -71.05 17.70
C TYR D 49 16.35 -70.72 16.41
N ALA D 50 16.72 -71.34 15.30
CA ALA D 50 16.09 -71.15 14.01
C ALA D 50 15.05 -72.25 13.77
N ALA D 51 14.55 -72.32 12.54
CA ALA D 51 13.56 -73.33 12.18
C ALA D 51 14.13 -74.74 12.30
N SER D 52 15.37 -74.94 11.87
CA SER D 52 15.99 -76.26 11.86
C SER D 52 17.24 -76.36 12.71
N THR D 53 18.00 -75.28 12.87
CA THR D 53 19.21 -75.33 13.69
C THR D 53 18.86 -75.46 15.16
N LEU D 54 19.63 -76.29 15.87
CA LEU D 54 19.38 -76.57 17.27
C LEU D 54 20.28 -75.71 18.16
N GLN D 55 20.09 -75.85 19.47
CA GLN D 55 20.90 -75.14 20.44
C GLN D 55 22.13 -75.98 20.79
N SER D 56 23.14 -75.30 21.35
CA SER D 56 24.40 -75.97 21.65
C SER D 56 24.25 -77.04 22.72
N GLY D 57 23.43 -76.78 23.74
CA GLY D 57 23.31 -77.70 24.86
C GLY D 57 22.00 -78.46 24.93
N VAL D 58 21.49 -78.91 23.78
CA VAL D 58 20.27 -79.71 23.74
C VAL D 58 20.59 -81.01 22.99
N PRO D 59 19.88 -82.10 23.26
CA PRO D 59 20.10 -83.34 22.50
C PRO D 59 19.81 -83.15 21.02
N PRO D 60 20.60 -83.77 20.14
CA PRO D 60 20.40 -83.59 18.70
C PRO D 60 19.24 -84.38 18.12
N ARG D 61 18.56 -85.20 18.91
CA ARG D 61 17.49 -86.06 18.41
C ARG D 61 16.14 -85.35 18.31
N PHE D 62 16.06 -84.10 18.75
CA PHE D 62 14.81 -83.35 18.60
C PHE D 62 14.64 -82.92 17.14
N SER D 63 13.50 -83.28 16.56
CA SER D 63 13.22 -83.03 15.15
C SER D 63 11.92 -82.26 15.03
N GLY D 64 11.94 -81.18 14.24
CA GLY D 64 10.74 -80.41 13.99
C GLY D 64 10.97 -79.30 12.97
N SER D 65 10.08 -79.21 11.98
CA SER D 65 10.21 -78.20 10.93
C SER D 65 8.84 -77.99 10.30
N GLY D 66 8.71 -76.89 9.57
CA GLY D 66 7.48 -76.59 8.88
C GLY D 66 7.64 -75.34 8.03
N SER D 67 6.72 -75.21 7.09
CA SER D 67 6.69 -74.06 6.18
C SER D 67 5.36 -73.31 6.20
N GLY D 68 4.25 -74.02 6.33
CA GLY D 68 2.94 -73.43 6.36
C GLY D 68 2.46 -73.13 7.77
N THR D 69 1.14 -73.20 7.95
CA THR D 69 0.54 -72.95 9.25
C THR D 69 0.57 -74.17 10.17
N ASP D 70 1.00 -75.32 9.68
CA ASP D 70 1.05 -76.54 10.47
C ASP D 70 2.50 -76.82 10.88
N PHE D 71 2.76 -76.88 12.18
CA PHE D 71 4.07 -77.16 12.72
C PHE D 71 4.00 -78.38 13.62
N THR D 72 5.12 -79.08 13.75
CA THR D 72 5.17 -80.30 14.56
C THR D 72 6.55 -80.45 15.16
N LEU D 73 6.63 -81.28 16.21
CA LEU D 73 7.87 -81.57 16.89
C LEU D 73 7.87 -83.03 17.31
N THR D 74 9.03 -83.68 17.18
CA THR D 74 9.15 -85.09 17.53
C THR D 74 10.57 -85.36 18.02
N ILE D 75 10.73 -86.49 18.70
CA ILE D 75 12.02 -86.91 19.25
C ILE D 75 12.41 -88.23 18.62
N THR D 76 13.64 -88.30 18.10
CA THR D 76 14.11 -89.52 17.46
C THR D 76 14.34 -90.63 18.50
N SER D 77 15.23 -90.39 19.45
CA SER D 77 15.50 -91.33 20.53
C SER D 77 14.97 -90.72 21.83
N LEU D 78 13.89 -91.30 22.36
CA LEU D 78 13.26 -90.78 23.56
C LEU D 78 14.13 -91.03 24.78
N GLN D 79 14.09 -90.08 25.71
CA GLN D 79 14.83 -90.14 26.95
C GLN D 79 13.89 -89.89 28.12
N PRO D 80 14.15 -90.50 29.29
CA PRO D 80 13.27 -90.27 30.45
C PRO D 80 13.29 -88.85 30.97
N GLU D 81 14.32 -88.06 30.69
CA GLU D 81 14.43 -86.70 31.18
C GLU D 81 13.73 -85.69 30.28
N ASP D 82 13.17 -86.12 29.15
CA ASP D 82 12.51 -85.23 28.21
C ASP D 82 10.99 -85.25 28.36
N PHE D 83 10.50 -85.45 29.58
CA PHE D 83 9.06 -85.52 29.86
C PHE D 83 8.66 -84.24 30.59
N ALA D 84 8.18 -83.27 29.82
CA ALA D 84 7.74 -81.99 30.37
C ALA D 84 6.61 -81.46 29.48
N SER D 85 6.26 -80.19 29.68
CA SER D 85 5.20 -79.56 28.90
C SER D 85 5.77 -79.03 27.59
N TYR D 86 4.98 -79.12 26.52
CA TYR D 86 5.36 -78.67 25.20
C TYR D 86 4.65 -77.37 24.86
N TYR D 87 5.41 -76.37 24.44
CA TYR D 87 4.87 -75.07 24.07
C TYR D 87 5.50 -74.61 22.76
N CYS D 88 4.71 -73.87 21.98
CA CYS D 88 5.14 -73.38 20.68
C CYS D 88 5.04 -71.87 20.63
N GLN D 89 6.07 -71.23 20.05
CA GLN D 89 6.10 -69.78 19.87
C GLN D 89 6.82 -69.53 18.55
N GLN D 90 6.06 -69.31 17.48
CA GLN D 90 6.68 -69.21 16.15
C GLN D 90 7.27 -67.82 15.91
N ALA D 91 6.41 -66.80 15.85
CA ALA D 91 6.80 -65.42 15.56
C ALA D 91 5.56 -64.54 15.64
N ASN D 92 5.79 -63.24 15.81
CA ASN D 92 4.74 -62.25 15.62
C ASN D 92 5.22 -61.01 14.86
N SER D 93 6.52 -60.83 14.66
CA SER D 93 7.19 -59.78 13.89
C SER D 93 7.06 -58.40 14.52
N VAL D 94 6.34 -58.25 15.63
CA VAL D 94 6.22 -56.97 16.34
C VAL D 94 6.58 -57.12 17.82
N LEU D 95 6.04 -58.13 18.49
CA LEU D 95 6.28 -58.31 19.91
C LEU D 95 6.49 -59.76 20.33
N ALA D 96 6.41 -60.72 19.41
CA ALA D 96 6.57 -62.16 19.70
C ALA D 96 5.55 -62.64 20.74
N LEU D 97 4.27 -62.55 20.36
CA LEU D 97 3.15 -62.99 21.20
C LEU D 97 2.41 -64.13 20.51
N THR D 98 2.79 -65.37 20.83
CA THR D 98 2.06 -66.54 20.41
C THR D 98 2.41 -67.70 21.32
N PHE D 99 1.38 -68.41 21.79
CA PHE D 99 1.57 -69.56 22.67
C PHE D 99 0.29 -70.39 22.68
N GLY D 100 0.43 -71.65 23.06
CA GLY D 100 -0.70 -72.56 23.10
C GLY D 100 -1.05 -73.04 24.50
N GLY D 101 -2.00 -73.97 24.59
CA GLY D 101 -2.39 -74.50 25.90
C GLY D 101 -1.31 -75.34 26.54
N GLY D 102 -0.65 -76.20 25.76
CA GLY D 102 0.38 -77.08 26.30
C GLY D 102 0.01 -78.54 26.20
N THR D 103 1.01 -79.42 26.32
CA THR D 103 0.78 -80.86 26.21
C THR D 103 1.77 -81.58 27.13
N LYS D 104 1.27 -82.55 27.89
CA LYS D 104 2.07 -83.32 28.82
C LYS D 104 2.20 -84.76 28.34
N VAL D 105 3.34 -85.37 28.65
CA VAL D 105 3.65 -86.74 28.25
C VAL D 105 4.20 -87.48 29.46
N GLU D 106 3.81 -88.76 29.62
CA GLU D 106 4.15 -89.54 30.79
C GLU D 106 4.69 -90.90 30.38
N ILE D 107 5.10 -91.68 31.38
CA ILE D 107 5.77 -92.96 31.20
C ILE D 107 4.85 -94.07 31.71
N LYS D 108 4.84 -95.21 31.01
CA LYS D 108 3.98 -96.33 31.35
C LYS D 108 4.43 -96.98 32.66
N ARG D 109 3.52 -97.76 33.25
CA ARG D 109 3.80 -98.60 34.41
C ARG D 109 3.33 -100.02 34.13
N THR D 110 3.52 -100.48 32.89
CA THR D 110 3.12 -101.82 32.43
C THR D 110 1.64 -102.09 32.67
N VAL D 111 0.83 -101.02 32.68
CA VAL D 111 -0.59 -101.05 33.00
C VAL D 111 -0.78 -101.73 34.36
N ALA D 112 -0.27 -101.12 35.41
CA ALA D 112 -0.40 -101.66 36.76
C ALA D 112 -1.82 -101.50 37.27
N ALA D 113 -2.27 -102.46 38.07
CA ALA D 113 -3.61 -102.39 38.63
C ALA D 113 -3.69 -101.31 39.70
N PRO D 114 -4.71 -100.47 39.70
CA PRO D 114 -4.83 -99.43 40.73
C PRO D 114 -5.13 -100.00 42.10
N SER D 115 -4.69 -99.28 43.13
CA SER D 115 -5.00 -99.59 44.52
C SER D 115 -6.11 -98.63 44.95
N VAL D 116 -7.35 -99.14 44.99
CA VAL D 116 -8.53 -98.31 45.26
C VAL D 116 -8.85 -98.37 46.74
N PHE D 117 -8.69 -97.24 47.43
CA PHE D 117 -8.99 -97.11 48.85
C PHE D 117 -9.99 -95.97 49.05
N ILE D 118 -10.75 -96.05 50.14
CA ILE D 118 -11.79 -95.08 50.44
C ILE D 118 -11.55 -94.50 51.84
N PHE D 119 -11.88 -93.21 52.00
CA PHE D 119 -11.71 -92.50 53.26
C PHE D 119 -13.01 -91.81 53.65
N PRO D 120 -13.77 -92.41 54.58
CA PRO D 120 -14.94 -91.70 55.06
C PRO D 120 -14.45 -90.45 55.77
N PRO D 121 -15.26 -89.41 55.85
CA PRO D 121 -14.83 -88.15 56.44
C PRO D 121 -14.54 -88.27 57.93
N SER D 122 -13.59 -87.46 58.40
CA SER D 122 -13.23 -87.47 59.81
C SER D 122 -14.32 -86.82 60.66
N ASP D 123 -14.30 -87.14 61.95
CA ASP D 123 -15.29 -86.61 62.86
C ASP D 123 -15.08 -85.12 63.11
N GLU D 124 -13.84 -84.64 63.02
CA GLU D 124 -13.57 -83.22 63.21
C GLU D 124 -14.20 -82.38 62.10
N GLN D 125 -14.15 -82.87 60.86
CA GLN D 125 -14.76 -82.15 59.76
C GLN D 125 -16.28 -82.17 59.83
N LEU D 126 -16.86 -83.23 60.39
CA LEU D 126 -18.32 -83.31 60.51
C LEU D 126 -18.87 -82.28 61.48
N LYS D 127 -18.06 -81.85 62.46
CA LYS D 127 -18.53 -80.82 63.39
C LYS D 127 -18.66 -79.46 62.71
N SER D 128 -17.89 -79.22 61.65
CA SER D 128 -17.95 -77.95 60.93
C SER D 128 -19.14 -77.87 59.98
N GLY D 129 -19.83 -78.98 59.72
CA GLY D 129 -20.98 -78.98 58.85
C GLY D 129 -20.72 -79.41 57.41
N THR D 130 -19.52 -79.87 57.10
CA THR D 130 -19.16 -80.31 55.75
C THR D 130 -18.52 -81.69 55.82
N ALA D 131 -18.93 -82.56 54.90
CA ALA D 131 -18.40 -83.92 54.81
C ALA D 131 -17.67 -84.10 53.49
N SER D 132 -16.45 -84.61 53.56
CA SER D 132 -15.62 -84.83 52.38
C SER D 132 -15.26 -86.31 52.31
N VAL D 133 -15.62 -86.95 51.19
CA VAL D 133 -15.33 -88.36 50.97
C VAL D 133 -14.33 -88.46 49.83
N VAL D 134 -13.20 -89.13 50.07
CA VAL D 134 -12.10 -89.20 49.12
C VAL D 134 -11.91 -90.66 48.71
N CYS D 135 -11.94 -90.91 47.41
CA CYS D 135 -11.59 -92.22 46.85
C CYS D 135 -10.17 -92.14 46.31
N LEU D 136 -9.30 -93.01 46.82
CA LEU D 136 -7.87 -92.92 46.54
C LEU D 136 -7.47 -93.93 45.47
N LEU D 137 -6.74 -93.45 44.47
CA LEU D 137 -6.17 -94.30 43.42
C LEU D 137 -4.67 -94.03 43.33
N ASN D 138 -3.89 -95.10 43.30
CA ASN D 138 -2.43 -94.97 43.28
C ASN D 138 -1.84 -96.11 42.47
N ASN D 139 -0.57 -95.93 42.09
CA ASN D 139 0.24 -96.85 41.29
C ASN D 139 -0.55 -97.48 40.14
N PHE D 140 -1.05 -96.61 39.25
CA PHE D 140 -1.88 -97.04 38.14
C PHE D 140 -1.46 -96.35 36.86
N TYR D 141 -1.82 -96.98 35.73
CA TYR D 141 -1.60 -96.46 34.39
C TYR D 141 -2.57 -97.20 33.49
N PRO D 142 -3.17 -96.56 32.48
CA PRO D 142 -3.07 -95.14 32.08
C PRO D 142 -4.07 -94.22 32.77
N ARG D 143 -4.33 -93.08 32.13
CA ARG D 143 -5.17 -92.02 32.66
C ARG D 143 -6.64 -92.41 32.80
N GLU D 144 -7.06 -93.53 32.20
CA GLU D 144 -8.47 -93.93 32.22
C GLU D 144 -8.91 -94.43 33.59
N ALA D 145 -8.92 -93.54 34.58
CA ALA D 145 -9.30 -93.87 35.95
C ALA D 145 -10.73 -93.38 36.18
N LYS D 146 -11.69 -94.30 36.08
CA LYS D 146 -13.08 -93.99 36.33
C LYS D 146 -13.31 -93.94 37.84
N VAL D 147 -13.75 -92.78 38.34
CA VAL D 147 -13.94 -92.58 39.78
C VAL D 147 -15.41 -92.19 39.93
N GLN D 148 -16.26 -92.76 39.07
CA GLN D 148 -17.69 -92.52 39.16
C GLN D 148 -18.24 -92.98 40.51
N TRP D 149 -19.03 -92.12 41.14
CA TRP D 149 -19.48 -92.32 42.51
C TRP D 149 -20.86 -92.96 42.54
N LYS D 150 -21.09 -93.79 43.55
CA LYS D 150 -22.40 -94.37 43.82
C LYS D 150 -22.79 -94.07 45.25
N VAL D 151 -23.97 -93.47 45.43
CA VAL D 151 -24.54 -93.22 46.75
C VAL D 151 -25.92 -93.83 46.77
N ASP D 152 -26.14 -94.77 47.71
CA ASP D 152 -27.40 -95.52 47.83
C ASP D 152 -27.75 -96.22 46.51
N ASN D 153 -26.73 -96.79 45.86
CA ASN D 153 -26.85 -97.46 44.56
C ASN D 153 -27.44 -96.54 43.50
N ALA D 154 -27.01 -95.28 43.51
CA ALA D 154 -27.46 -94.30 42.54
C ALA D 154 -26.26 -93.51 42.02
N LEU D 155 -26.28 -93.21 40.72
CA LEU D 155 -25.19 -92.48 40.10
C LEU D 155 -25.25 -91.00 40.46
N GLN D 156 -24.10 -90.33 40.31
CA GLN D 156 -23.97 -88.91 40.61
C GLN D 156 -23.19 -88.22 39.50
N SER D 157 -23.37 -86.91 39.41
CA SER D 157 -22.67 -86.10 38.42
C SER D 157 -22.51 -84.69 38.94
N GLY D 158 -21.35 -84.10 38.67
CA GLY D 158 -21.09 -82.72 39.02
C GLY D 158 -21.00 -82.42 40.50
N ASN D 159 -20.35 -83.30 41.27
CA ASN D 159 -20.18 -83.07 42.71
C ASN D 159 -18.80 -83.40 43.22
N SER D 160 -17.88 -83.86 42.38
CA SER D 160 -16.54 -84.22 42.80
C SER D 160 -15.51 -83.64 41.83
N GLN D 161 -14.32 -83.37 42.35
CA GLN D 161 -13.21 -82.84 41.56
C GLN D 161 -12.02 -83.77 41.67
N GLU D 162 -11.34 -83.99 40.54
CA GLU D 162 -10.22 -84.92 40.46
C GLU D 162 -8.92 -84.15 40.32
N SER D 163 -7.86 -84.67 40.93
CA SER D 163 -6.53 -84.08 40.87
C SER D 163 -5.52 -85.17 40.55
N VAL D 164 -4.60 -84.88 39.63
CA VAL D 164 -3.59 -85.84 39.19
C VAL D 164 -2.21 -85.24 39.43
N THR D 165 -1.35 -85.99 40.09
CA THR D 165 0.01 -85.54 40.36
C THR D 165 0.90 -85.76 39.14
N GLU D 166 2.08 -85.13 39.17
CA GLU D 166 3.10 -85.40 38.17
C GLU D 166 3.71 -86.77 38.41
N GLN D 167 4.29 -87.33 37.35
CA GLN D 167 4.86 -88.67 37.45
C GLN D 167 6.15 -88.65 38.25
N ASP D 168 6.35 -89.69 39.06
CA ASP D 168 7.49 -89.76 39.95
C ASP D 168 8.76 -90.08 39.18
N SER D 169 9.90 -89.72 39.76
CA SER D 169 11.19 -89.92 39.11
C SER D 169 11.75 -91.33 39.29
N LYS D 170 11.18 -92.13 40.20
CA LYS D 170 11.66 -93.49 40.45
C LYS D 170 10.89 -94.53 39.63
N ASP D 171 9.56 -94.56 39.77
CA ASP D 171 8.74 -95.57 39.10
C ASP D 171 7.83 -95.01 38.02
N SER D 172 7.68 -93.68 37.94
CA SER D 172 6.94 -93.01 36.87
C SER D 172 5.49 -93.49 36.81
N THR D 173 4.74 -93.16 37.86
CA THR D 173 3.35 -93.59 38.00
C THR D 173 2.44 -92.40 38.18
N TYR D 174 1.14 -92.66 38.16
CA TYR D 174 0.10 -91.67 38.39
C TYR D 174 -0.34 -91.71 39.85
N SER D 175 -1.15 -90.71 40.23
CA SER D 175 -1.74 -90.65 41.55
C SER D 175 -2.95 -89.74 41.49
N LEU D 176 -4.14 -90.29 41.72
CA LEU D 176 -5.38 -89.54 41.58
C LEU D 176 -6.20 -89.66 42.86
N SER D 177 -6.77 -88.54 43.30
CA SER D 177 -7.70 -88.51 44.42
C SER D 177 -8.85 -87.59 44.08
N SER D 178 -10.07 -88.07 44.27
CA SER D 178 -11.27 -87.30 44.02
C SER D 178 -12.05 -87.12 45.33
N THR D 179 -12.38 -85.88 45.65
CA THR D 179 -13.07 -85.54 46.89
C THR D 179 -14.52 -85.23 46.59
N LEU D 180 -15.43 -85.92 47.27
CA LEU D 180 -16.86 -85.67 47.16
C LEU D 180 -17.28 -84.79 48.33
N THR D 181 -17.73 -83.57 48.00
CA THR D 181 -18.10 -82.59 49.01
C THR D 181 -19.61 -82.49 49.12
N LEU D 182 -20.13 -82.66 50.34
CA LEU D 182 -21.56 -82.53 50.61
C LEU D 182 -21.76 -81.92 51.98
N SER D 183 -22.94 -81.34 52.18
CA SER D 183 -23.27 -80.75 53.46
C SER D 183 -23.53 -81.84 54.51
N LYS D 184 -23.50 -81.42 55.78
CA LYS D 184 -23.74 -82.36 56.88
C LYS D 184 -25.16 -82.92 56.85
N ALA D 185 -26.13 -82.07 56.53
CA ALA D 185 -27.51 -82.53 56.43
C ALA D 185 -27.69 -83.53 55.29
N ASP D 186 -27.04 -83.28 54.15
CA ASP D 186 -27.12 -84.20 53.03
C ASP D 186 -26.31 -85.46 53.29
N TYR D 187 -25.24 -85.37 54.09
CA TYR D 187 -24.43 -86.54 54.38
C TYR D 187 -25.18 -87.54 55.26
N GLU D 188 -25.95 -87.05 56.23
CA GLU D 188 -26.70 -87.93 57.12
C GLU D 188 -27.97 -88.47 56.49
N LYS D 189 -28.40 -87.94 55.35
CA LYS D 189 -29.60 -88.45 54.69
C LYS D 189 -29.35 -89.83 54.09
N HIS D 190 -28.18 -90.03 53.50
CA HIS D 190 -27.83 -91.30 52.88
C HIS D 190 -26.97 -92.14 53.83
N LYS D 191 -26.83 -93.42 53.48
CA LYS D 191 -26.07 -94.36 54.29
C LYS D 191 -24.93 -95.03 53.54
N VAL D 192 -25.13 -95.38 52.27
CA VAL D 192 -24.13 -96.12 51.49
C VAL D 192 -23.44 -95.16 50.54
N TYR D 193 -22.11 -95.14 50.60
CA TYR D 193 -21.28 -94.31 49.72
C TYR D 193 -20.25 -95.22 49.06
N ALA D 194 -20.11 -95.11 47.75
CA ALA D 194 -19.25 -96.03 47.02
C ALA D 194 -18.59 -95.33 45.85
N CYS D 195 -17.40 -95.81 45.49
CA CYS D 195 -16.70 -95.43 44.27
C CYS D 195 -16.22 -96.69 43.57
N GLU D 196 -16.54 -96.81 42.29
CA GLU D 196 -16.09 -97.92 41.46
C GLU D 196 -14.97 -97.46 40.55
N VAL D 197 -14.01 -98.35 40.30
CA VAL D 197 -12.88 -98.05 39.42
C VAL D 197 -12.82 -99.12 38.34
N THR D 198 -12.92 -98.70 37.09
CA THR D 198 -12.74 -99.57 35.93
C THR D 198 -11.40 -99.24 35.29
N HIS D 199 -10.58 -100.27 35.09
CA HIS D 199 -9.22 -100.09 34.61
C HIS D 199 -8.87 -101.20 33.64
N GLN D 200 -7.87 -100.94 32.80
CA GLN D 200 -7.38 -101.94 31.87
C GLN D 200 -6.74 -103.11 32.61
N GLY D 201 -6.02 -102.84 33.69
CA GLY D 201 -5.38 -103.88 34.47
C GLY D 201 -6.32 -104.70 35.33
N LEU D 202 -7.57 -104.27 35.49
CA LEU D 202 -8.56 -105.00 36.26
C LEU D 202 -9.54 -105.68 35.32
N SER D 203 -9.77 -106.98 35.52
CA SER D 203 -10.73 -107.70 34.71
C SER D 203 -12.14 -107.22 34.97
N SER D 204 -12.47 -106.91 36.22
CA SER D 204 -13.78 -106.42 36.61
C SER D 204 -13.63 -105.15 37.44
N PRO D 205 -14.62 -104.26 37.40
CA PRO D 205 -14.56 -103.05 38.23
C PRO D 205 -14.56 -103.40 39.71
N VAL D 206 -13.83 -102.59 40.48
CA VAL D 206 -13.68 -102.78 41.92
C VAL D 206 -14.36 -101.61 42.63
N THR D 207 -15.32 -101.92 43.50
CA THR D 207 -16.08 -100.92 44.23
C THR D 207 -15.78 -101.06 45.72
N LYS D 208 -15.27 -99.99 46.32
CA LYS D 208 -14.97 -99.97 47.75
C LYS D 208 -16.11 -99.30 48.51
N SER D 209 -17.26 -99.97 48.49
CA SER D 209 -18.45 -99.45 49.16
C SER D 209 -18.31 -99.54 50.67
N PHE D 210 -18.87 -98.55 51.38
CA PHE D 210 -18.88 -98.55 52.83
C PHE D 210 -20.19 -97.97 53.33
N ASN D 211 -20.73 -98.59 54.39
CA ASN D 211 -21.87 -98.08 55.13
C ASN D 211 -21.46 -97.43 56.44
N ARG D 212 -20.45 -97.98 57.09
CA ARG D 212 -19.79 -97.38 58.25
C ARG D 212 -18.32 -97.29 57.88
N GLY D 213 -17.42 -97.03 58.84
CA GLY D 213 -16.03 -96.84 58.49
C GLY D 213 -15.40 -98.08 57.87
N GLU D 214 -15.10 -99.09 58.70
CA GLU D 214 -14.89 -100.43 58.15
C GLU D 214 -15.77 -101.46 58.84
N CYS D 215 -15.62 -101.56 60.16
CA CYS D 215 -16.21 -102.61 61.01
C CYS D 215 -16.36 -103.98 60.36
N GLU E 1 28.61 -69.35 33.67
CA GLU E 1 29.19 -68.02 33.52
C GLU E 1 28.10 -66.94 33.41
N VAL E 2 26.91 -67.36 32.99
CA VAL E 2 25.76 -66.48 32.84
C VAL E 2 24.66 -66.99 33.76
N GLN E 3 24.15 -66.12 34.63
CA GLN E 3 23.09 -66.48 35.54
C GLN E 3 22.27 -65.24 35.88
N LEU E 4 21.00 -65.45 36.18
CA LEU E 4 20.08 -64.39 36.54
C LEU E 4 19.45 -64.69 37.90
N VAL E 5 19.31 -63.66 38.72
CA VAL E 5 18.75 -63.80 40.06
C VAL E 5 17.66 -62.74 40.23
N GLU E 6 16.63 -63.09 41.00
CA GLU E 6 15.51 -62.20 41.27
C GLU E 6 15.30 -62.09 42.77
N SER E 7 14.82 -60.92 43.20
CA SER E 7 14.58 -60.66 44.61
C SER E 7 13.52 -59.58 44.73
N GLY E 8 12.97 -59.46 45.94
CA GLY E 8 11.96 -58.47 46.24
C GLY E 8 10.53 -58.99 46.26
N GLY E 9 10.31 -60.22 45.81
CA GLY E 9 8.96 -60.76 45.81
C GLY E 9 8.49 -61.16 47.19
N GLY E 10 7.19 -61.36 47.30
CA GLY E 10 6.59 -61.75 48.56
C GLY E 10 5.14 -61.34 48.63
N LEU E 11 4.56 -61.49 49.82
CA LEU E 11 3.18 -61.11 50.04
C LEU E 11 3.01 -59.60 49.97
N ILE E 12 1.93 -59.16 49.33
CA ILE E 12 1.65 -57.73 49.17
C ILE E 12 0.14 -57.55 49.07
N GLN E 13 -0.37 -56.51 49.72
CA GLN E 13 -1.78 -56.18 49.62
C GLN E 13 -2.08 -55.59 48.23
N PRO E 14 -3.32 -55.72 47.77
CA PRO E 14 -3.69 -55.09 46.49
C PRO E 14 -3.55 -53.58 46.55
N GLY E 15 -3.11 -53.00 45.43
CA GLY E 15 -2.88 -51.57 45.36
C GLY E 15 -1.58 -51.10 45.97
N GLY E 16 -0.71 -52.01 46.40
CA GLY E 16 0.55 -51.62 47.00
C GLY E 16 1.62 -51.29 45.97
N SER E 17 2.74 -50.81 46.48
CA SER E 17 3.89 -50.43 45.67
CA SER E 17 3.89 -50.43 45.67
C SER E 17 5.08 -51.29 46.05
N LEU E 18 5.76 -51.84 45.05
CA LEU E 18 6.92 -52.70 45.27
C LEU E 18 7.87 -52.56 44.10
N ARG E 19 9.16 -52.71 44.38
CA ARG E 19 10.22 -52.57 43.38
C ARG E 19 10.85 -53.92 43.09
N LEU E 20 11.01 -54.21 41.80
CA LEU E 20 11.61 -55.46 41.34
C LEU E 20 13.08 -55.24 41.01
N SER E 21 13.91 -56.23 41.33
CA SER E 21 15.35 -56.16 41.08
C SER E 21 15.77 -57.37 40.26
N CYS E 22 16.53 -57.11 39.19
CA CYS E 22 17.05 -58.18 38.34
C CYS E 22 18.39 -57.71 37.78
N ALA E 23 19.47 -58.35 38.21
CA ALA E 23 20.82 -57.99 37.79
C ALA E 23 21.35 -59.07 36.85
N ALA E 24 21.95 -58.64 35.74
CA ALA E 24 22.51 -59.55 34.76
C ALA E 24 24.00 -59.73 35.01
N SER E 25 24.44 -60.99 35.08
CA SER E 25 25.84 -61.31 35.33
C SER E 25 26.57 -61.41 34.00
N GLY E 26 27.52 -60.50 33.79
CA GLY E 26 28.29 -60.50 32.56
C GLY E 26 27.60 -59.88 31.36
N LEU E 27 26.43 -59.27 31.54
CA LEU E 27 25.69 -58.66 30.46
C LEU E 27 25.32 -57.23 30.83
N THR E 28 25.28 -56.36 29.83
CA THR E 28 24.89 -54.96 30.01
C THR E 28 23.38 -54.84 29.77
N VAL E 29 22.66 -54.40 30.79
CA VAL E 29 21.20 -54.34 30.70
C VAL E 29 20.74 -53.22 29.77
N SER E 30 21.58 -52.23 29.49
CA SER E 30 21.19 -51.11 28.65
C SER E 30 21.28 -51.41 27.17
N SER E 31 21.86 -52.55 26.79
CA SER E 31 22.03 -52.90 25.39
C SER E 31 21.07 -54.00 24.94
N ASN E 32 21.07 -55.14 25.61
CA ASN E 32 20.24 -56.26 25.21
C ASN E 32 18.78 -56.01 25.57
N TYR E 33 17.89 -56.70 24.85
CA TYR E 33 16.47 -56.58 25.12
C TYR E 33 16.09 -57.33 26.39
N MET E 34 15.02 -56.88 27.03
CA MET E 34 14.48 -57.50 28.22
C MET E 34 13.03 -57.89 28.00
N HIS E 35 12.66 -59.07 28.47
CA HIS E 35 11.29 -59.57 28.37
C HIS E 35 10.80 -59.98 29.76
N TRP E 36 9.50 -59.83 29.98
CA TRP E 36 8.88 -60.19 31.25
C TRP E 36 7.72 -61.12 30.95
N VAL E 37 7.70 -62.28 31.61
CA VAL E 37 6.69 -63.31 31.38
C VAL E 37 6.10 -63.74 32.72
N ARG E 38 4.79 -63.97 32.73
CA ARG E 38 4.08 -64.42 33.91
C ARG E 38 3.43 -65.76 33.62
N GLN E 39 3.15 -66.52 34.69
CA GLN E 39 2.51 -67.83 34.55
C GLN E 39 1.65 -68.06 35.79
N ALA E 40 0.35 -67.79 35.67
CA ALA E 40 -0.57 -68.06 36.77
C ALA E 40 -0.73 -69.57 36.94
N PRO E 41 -0.97 -70.04 38.17
CA PRO E 41 -1.23 -71.47 38.38
C PRO E 41 -2.48 -71.93 37.65
N GLY E 42 -2.42 -73.13 37.09
CA GLY E 42 -3.51 -73.68 36.33
C GLY E 42 -3.55 -73.30 34.87
N LYS E 43 -2.63 -72.45 34.41
CA LYS E 43 -2.57 -72.02 33.02
C LYS E 43 -1.11 -71.84 32.61
N GLY E 44 -0.91 -71.50 31.33
CA GLY E 44 0.41 -71.40 30.76
C GLY E 44 1.04 -70.04 30.96
N LEU E 45 2.20 -69.87 30.32
CA LEU E 45 2.95 -68.63 30.43
C LEU E 45 2.29 -67.52 29.61
N GLU E 46 2.60 -66.28 29.97
CA GLU E 46 2.03 -65.12 29.30
C GLU E 46 3.02 -63.95 29.39
N TRP E 47 3.33 -63.37 28.23
CA TRP E 47 4.23 -62.22 28.18
C TRP E 47 3.56 -60.99 28.80
N VAL E 48 4.37 -60.16 29.47
CA VAL E 48 3.88 -58.97 30.17
C VAL E 48 4.42 -57.70 29.53
N SER E 49 5.73 -57.50 29.54
CA SER E 49 6.33 -56.26 29.09
C SER E 49 7.63 -56.53 28.35
N VAL E 50 8.02 -55.59 27.50
CA VAL E 50 9.24 -55.68 26.72
C VAL E 50 9.99 -54.36 26.85
N LEU E 51 11.31 -54.41 26.66
CA LEU E 51 12.17 -53.24 26.78
C LEU E 51 12.79 -52.92 25.43
N TYR E 52 12.92 -51.64 25.14
CA TYR E 52 13.51 -51.14 23.90
C TYR E 52 14.77 -50.36 24.23
N ALA E 53 15.32 -49.68 23.22
CA ALA E 53 16.55 -48.91 23.40
C ALA E 53 16.34 -47.76 24.38
N GLY E 54 15.21 -47.07 24.28
CA GLY E 54 14.92 -45.99 25.21
C GLY E 54 13.76 -45.11 24.77
N GLY E 55 12.94 -44.70 25.73
CA GLY E 55 11.81 -43.83 25.45
C GLY E 55 10.61 -44.50 24.83
N SER E 56 10.60 -45.83 24.73
CA SER E 56 9.48 -46.54 24.14
C SER E 56 9.35 -47.91 24.79
N ALA E 57 8.10 -48.31 25.06
CA ALA E 57 7.82 -49.60 25.66
C ALA E 57 6.43 -50.04 25.27
N PHE E 58 6.25 -51.33 25.02
CA PHE E 58 4.97 -51.90 24.63
C PHE E 58 4.50 -52.87 25.71
N TYR E 59 3.21 -52.81 26.02
CA TYR E 59 2.59 -53.63 27.06
C TYR E 59 1.50 -54.50 26.45
N ALA E 60 0.88 -55.33 27.30
CA ALA E 60 -0.16 -56.22 26.85
C ALA E 60 -1.44 -55.45 26.50
N ASP E 61 -2.25 -56.05 25.64
CA ASP E 61 -3.51 -55.41 25.24
C ASP E 61 -4.52 -55.43 26.37
N SER E 62 -4.53 -56.51 27.16
CA SER E 62 -5.50 -56.63 28.25
C SER E 62 -5.21 -55.63 29.36
N VAL E 63 -3.93 -55.42 29.69
CA VAL E 63 -3.55 -54.50 30.76
C VAL E 63 -3.64 -53.07 30.26
N LYS E 64 -3.61 -52.11 31.17
CA LYS E 64 -3.73 -50.70 30.86
C LYS E 64 -2.43 -49.94 31.12
N GLY E 65 -1.29 -50.57 30.84
CA GLY E 65 0.00 -49.95 31.02
C GLY E 65 0.36 -49.62 32.46
N ARG E 66 0.15 -50.59 33.36
CA ARG E 66 0.39 -50.38 34.78
C ARG E 66 1.80 -50.75 35.22
N PHE E 67 2.69 -51.09 34.29
CA PHE E 67 4.12 -51.23 34.59
C PHE E 67 4.90 -50.12 33.90
N THR E 68 5.83 -49.52 34.65
CA THR E 68 6.75 -48.52 34.12
C THR E 68 8.17 -49.06 34.29
N ILE E 69 8.95 -48.97 33.21
CA ILE E 69 10.31 -49.53 33.19
C ILE E 69 11.31 -48.40 33.42
N SER E 70 12.11 -48.54 34.47
CA SER E 70 13.21 -47.63 34.75
C SER E 70 14.48 -48.44 34.89
N ARG E 71 15.53 -48.04 34.16
CA ARG E 71 16.78 -48.78 34.12
C ARG E 71 17.95 -47.83 34.35
N ASN E 72 18.84 -48.21 35.26
CA ASN E 72 20.05 -47.46 35.54
C ASN E 72 21.25 -48.29 35.06
N ASN E 73 22.06 -47.70 34.18
CA ASN E 73 23.19 -48.41 33.62
C ASN E 73 24.37 -48.51 34.58
N SER E 74 24.39 -47.69 35.64
CA SER E 74 25.50 -47.74 36.59
C SER E 74 25.47 -49.03 37.41
N LYS E 75 24.30 -49.45 37.87
CA LYS E 75 24.17 -50.64 38.69
C LYS E 75 23.93 -51.91 37.87
N ASN E 76 23.72 -51.78 36.55
CA ASN E 76 23.52 -52.92 35.65
C ASN E 76 22.35 -53.81 36.09
N THR E 77 21.22 -53.16 36.42
CA THR E 77 20.03 -53.87 36.87
C THR E 77 18.81 -53.21 36.27
N LEU E 78 17.64 -53.78 36.57
CA LEU E 78 16.37 -53.30 36.04
C LEU E 78 15.38 -53.14 37.19
N TYR E 79 14.52 -52.12 37.09
CA TYR E 79 13.54 -51.80 38.11
C TYR E 79 12.14 -51.84 37.51
N LEU E 80 11.23 -52.50 38.20
CA LEU E 80 9.83 -52.56 37.82
C LEU E 80 8.95 -52.08 38.97
N GLN E 81 7.85 -51.43 38.64
CA GLN E 81 6.92 -50.90 39.62
C GLN E 81 5.52 -51.42 39.32
N MET E 82 4.80 -51.79 40.37
CA MET E 82 3.44 -52.32 40.27
C MET E 82 2.44 -51.31 40.79
N ASN E 83 1.35 -51.13 40.04
CA ASN E 83 0.27 -50.24 40.44
C ASN E 83 -1.07 -50.85 40.00
N SER E 84 -2.10 -50.60 40.80
CA SER E 84 -3.47 -51.08 40.55
C SER E 84 -3.50 -52.61 40.41
N LEU E 85 -3.12 -53.28 41.50
CA LEU E 85 -3.08 -54.73 41.51
C LEU E 85 -4.50 -55.30 41.50
N ARG E 86 -4.64 -56.52 40.97
CA ARG E 86 -5.90 -57.22 40.88
C ARG E 86 -5.71 -58.67 41.31
N ALA E 87 -6.83 -59.38 41.44
CA ALA E 87 -6.77 -60.79 41.83
C ALA E 87 -6.16 -61.65 40.74
N GLU E 88 -6.30 -61.26 39.47
CA GLU E 88 -5.72 -62.01 38.37
C GLU E 88 -4.21 -61.86 38.30
N ASP E 89 -3.65 -60.84 38.97
CA ASP E 89 -2.22 -60.56 38.88
C ASP E 89 -1.36 -61.57 39.64
N THR E 90 -1.96 -62.46 40.42
CA THR E 90 -1.20 -63.44 41.18
C THR E 90 -0.60 -64.48 40.22
N ALA E 91 0.71 -64.41 40.01
CA ALA E 91 1.39 -65.33 39.11
C ALA E 91 2.87 -65.35 39.47
N ILE E 92 3.55 -66.38 38.98
CA ILE E 92 5.01 -66.46 39.11
C ILE E 92 5.64 -65.55 38.07
N TYR E 93 6.76 -64.93 38.42
CA TYR E 93 7.41 -63.96 37.56
C TYR E 93 8.81 -64.44 37.23
N TYR E 94 9.15 -64.42 35.94
CA TYR E 94 10.45 -64.86 35.45
C TYR E 94 11.15 -63.68 34.78
N CYS E 95 12.41 -63.45 35.14
CA CYS E 95 13.22 -62.45 34.47
C CYS E 95 13.82 -63.04 33.21
N ALA E 96 13.60 -62.38 32.08
CA ALA E 96 13.97 -62.94 30.78
C ALA E 96 14.65 -61.89 29.93
N ARG E 97 15.45 -62.38 28.97
CA ARG E 97 16.07 -61.56 27.95
C ARG E 97 15.73 -62.15 26.59
N GLY E 98 15.74 -61.30 25.56
CA GLY E 98 15.33 -61.73 24.24
C GLY E 98 16.20 -61.14 23.16
N LEU E 99 16.18 -61.81 22.00
CA LEU E 99 16.89 -61.35 20.81
C LEU E 99 16.25 -61.99 19.59
N GLY E 100 15.92 -61.17 18.60
CA GLY E 100 15.33 -61.66 17.36
C GLY E 100 14.00 -62.37 17.53
N ASP E 101 13.14 -61.84 18.41
CA ASP E 101 11.86 -62.45 18.76
C ASP E 101 12.04 -63.89 19.27
N TYR E 102 13.11 -64.11 20.01
CA TYR E 102 13.42 -65.40 20.59
C TYR E 102 13.94 -65.20 22.01
N LEU E 103 13.68 -66.20 22.87
CA LEU E 103 14.11 -66.16 24.27
C LEU E 103 15.08 -67.30 24.51
N ASP E 104 16.22 -66.98 25.14
CA ASP E 104 17.29 -67.94 25.35
C ASP E 104 17.56 -68.23 26.82
N SER E 105 17.76 -67.22 27.65
CA SER E 105 18.14 -67.41 29.04
C SER E 105 17.08 -66.82 29.95
N TRP E 106 16.62 -67.61 30.91
CA TRP E 106 15.61 -67.21 31.88
C TRP E 106 16.16 -67.37 33.29
N GLY E 107 15.71 -66.50 34.19
CA GLY E 107 16.12 -66.57 35.58
C GLY E 107 15.39 -67.64 36.36
N GLN E 108 15.81 -67.79 37.63
CA GLN E 108 15.17 -68.78 38.50
C GLN E 108 13.72 -68.39 38.81
N GLY E 109 13.46 -67.11 38.99
CA GLY E 109 12.09 -66.66 39.14
C GLY E 109 11.80 -66.14 40.53
N THR E 110 10.86 -65.20 40.60
CA THR E 110 10.37 -64.65 41.86
C THR E 110 8.86 -64.75 41.89
N LEU E 111 8.30 -64.80 43.11
CA LEU E 111 6.87 -64.97 43.31
C LEU E 111 6.27 -63.68 43.86
N VAL E 112 5.18 -63.24 43.25
CA VAL E 112 4.39 -62.10 43.72
C VAL E 112 2.93 -62.54 43.75
N THR E 113 2.33 -62.51 44.94
CA THR E 113 0.96 -62.95 45.13
C THR E 113 0.11 -61.79 45.61
N VAL E 114 -1.00 -61.55 44.93
CA VAL E 114 -1.95 -60.50 45.32
C VAL E 114 -3.10 -61.18 46.06
N SER E 115 -3.28 -60.82 47.32
CA SER E 115 -4.27 -61.45 48.20
C SER E 115 -5.40 -60.45 48.43
N SER E 116 -6.45 -60.56 47.60
CA SER E 116 -7.65 -59.76 47.81
C SER E 116 -8.35 -60.17 49.12
N ALA E 117 -8.40 -61.46 49.41
CA ALA E 117 -8.96 -61.96 50.65
C ALA E 117 -7.85 -62.19 51.67
N SER E 118 -8.25 -62.29 52.94
CA SER E 118 -7.29 -62.50 54.01
C SER E 118 -6.75 -63.92 53.99
N THR E 119 -5.63 -64.11 54.68
CA THR E 119 -5.02 -65.44 54.76
C THR E 119 -5.86 -66.35 55.65
N LYS E 120 -6.16 -67.54 55.15
CA LYS E 120 -6.98 -68.52 55.86
C LYS E 120 -6.10 -69.67 56.33
N GLY E 121 -6.23 -70.03 57.60
CA GLY E 121 -5.48 -71.13 58.16
C GLY E 121 -5.92 -72.47 57.62
N PRO E 122 -5.01 -73.43 57.58
CA PRO E 122 -5.35 -74.75 57.05
C PRO E 122 -6.02 -75.63 58.10
N SER E 123 -6.99 -76.42 57.65
CA SER E 123 -7.68 -77.38 58.50
C SER E 123 -7.25 -78.78 58.11
N VAL E 124 -6.82 -79.56 59.10
CA VAL E 124 -6.28 -80.90 58.89
C VAL E 124 -7.28 -81.92 59.42
N PHE E 125 -7.60 -82.90 58.57
CA PHE E 125 -8.54 -83.95 58.93
C PHE E 125 -7.90 -85.31 58.64
N PRO E 126 -7.82 -86.19 59.64
CA PRO E 126 -7.19 -87.50 59.41
C PRO E 126 -7.97 -88.37 58.45
N LEU E 127 -7.26 -89.23 57.75
CA LEU E 127 -7.84 -90.25 56.87
C LEU E 127 -7.41 -91.61 57.42
N ALA E 128 -8.31 -92.25 58.16
CA ALA E 128 -7.95 -93.48 58.86
C ALA E 128 -7.77 -94.63 57.87
N PRO E 129 -6.72 -95.44 58.03
CA PRO E 129 -6.53 -96.60 57.15
C PRO E 129 -7.40 -97.77 57.59
N SER E 130 -7.39 -98.82 56.77
CA SER E 130 -8.15 -100.02 57.06
C SER E 130 -7.41 -101.21 56.46
N SER E 131 -6.63 -101.89 57.30
CA SER E 131 -5.87 -103.10 56.92
C SER E 131 -4.95 -102.87 55.72
N THR E 138 -1.42 -104.41 51.89
CA THR E 138 -0.94 -103.05 52.15
C THR E 138 -2.07 -102.13 52.59
N ALA E 139 -1.72 -100.89 52.93
CA ALA E 139 -2.70 -99.90 53.37
C ALA E 139 -2.16 -98.51 53.07
N ALA E 140 -3.05 -97.53 53.14
CA ALA E 140 -2.68 -96.14 52.95
C ALA E 140 -3.44 -95.26 53.93
N LEU E 141 -2.72 -94.32 54.55
CA LEU E 141 -3.33 -93.34 55.45
C LEU E 141 -2.78 -91.97 55.08
N GLY E 142 -3.60 -90.93 55.30
CA GLY E 142 -3.21 -89.60 54.87
C GLY E 142 -3.84 -88.52 55.72
N CYS E 143 -3.44 -87.28 55.43
CA CYS E 143 -3.97 -86.10 56.07
C CYS E 143 -4.63 -85.22 55.03
N LEU E 144 -5.86 -84.79 55.30
CA LEU E 144 -6.65 -83.98 54.38
C LEU E 144 -6.53 -82.51 54.79
N VAL E 145 -6.05 -81.68 53.87
CA VAL E 145 -5.89 -80.25 54.09
C VAL E 145 -6.98 -79.52 53.32
N LYS E 146 -7.76 -78.69 54.03
CA LYS E 146 -8.88 -77.98 53.44
C LYS E 146 -8.74 -76.49 53.75
N ASP E 147 -9.61 -75.72 53.09
CA ASP E 147 -9.88 -74.28 53.31
C ASP E 147 -8.64 -73.47 53.69
N TYR E 148 -7.58 -73.67 52.92
CA TYR E 148 -6.32 -72.94 53.12
C TYR E 148 -6.06 -72.02 51.93
N PHE E 149 -5.36 -70.92 52.22
CA PHE E 149 -5.07 -69.90 51.22
C PHE E 149 -3.92 -69.07 51.72
N PRO E 150 -2.93 -68.72 50.88
CA PRO E 150 -2.76 -69.11 49.48
C PRO E 150 -1.67 -70.15 49.24
N GLU E 151 -1.42 -70.47 47.97
CA GLU E 151 -0.35 -71.37 47.59
C GLU E 151 1.01 -70.68 47.77
N PRO E 152 2.11 -71.45 47.88
CA PRO E 152 2.20 -72.92 48.03
C PRO E 152 2.16 -73.39 49.48
N VAL E 153 1.96 -74.69 49.70
CA VAL E 153 2.13 -75.31 51.00
C VAL E 153 3.00 -76.55 50.83
N THR E 154 3.79 -76.87 51.86
CA THR E 154 4.69 -78.00 51.83
C THR E 154 4.24 -79.03 52.88
N VAL E 155 4.16 -80.29 52.46
CA VAL E 155 3.72 -81.38 53.32
C VAL E 155 4.90 -82.31 53.55
N SER E 156 5.28 -82.46 54.82
CA SER E 156 6.34 -83.39 55.22
C SER E 156 5.80 -84.29 56.32
N TRP E 157 6.30 -85.53 56.36
CA TRP E 157 5.80 -86.53 57.29
C TRP E 157 6.94 -87.02 58.17
N ASN E 158 6.64 -87.17 59.47
CA ASN E 158 7.60 -87.62 60.48
C ASN E 158 8.86 -86.76 60.51
N SER E 159 8.66 -85.44 60.32
CA SER E 159 9.75 -84.47 60.24
C SER E 159 10.75 -84.84 59.14
N GLY E 160 10.23 -85.30 58.01
CA GLY E 160 11.05 -85.67 56.87
C GLY E 160 11.62 -87.07 56.90
N ALA E 161 11.27 -87.87 57.90
CA ALA E 161 11.80 -89.24 57.98
C ALA E 161 11.19 -90.14 56.91
N LEU E 162 9.92 -89.93 56.58
CA LEU E 162 9.23 -90.77 55.59
C LEU E 162 9.31 -90.09 54.23
N THR E 163 9.90 -90.80 53.26
CA THR E 163 10.03 -90.28 51.90
C THR E 163 9.59 -91.27 50.82
N SER E 164 9.48 -92.56 51.12
CA SER E 164 9.13 -93.55 50.13
C SER E 164 7.61 -93.71 50.05
N GLY E 165 7.07 -93.59 48.84
CA GLY E 165 5.65 -93.76 48.61
C GLY E 165 4.80 -92.54 48.89
N VAL E 166 5.40 -91.43 49.31
CA VAL E 166 4.65 -90.21 49.61
C VAL E 166 4.27 -89.53 48.30
N HIS E 167 2.98 -89.21 48.14
CA HIS E 167 2.47 -88.57 46.94
C HIS E 167 1.62 -87.37 47.37
N THR E 168 2.15 -86.17 47.14
CA THR E 168 1.44 -84.94 47.47
C THR E 168 0.63 -84.50 46.26
N PHE E 169 -0.69 -84.48 46.40
CA PHE E 169 -1.55 -84.11 45.29
C PHE E 169 -1.48 -82.60 45.04
N PRO E 170 -1.60 -82.17 43.78
CA PRO E 170 -1.56 -80.74 43.48
C PRO E 170 -2.76 -80.00 44.03
N ALA E 171 -2.57 -78.72 44.31
CA ALA E 171 -3.65 -77.89 44.83
C ALA E 171 -4.72 -77.66 43.77
N VAL E 172 -5.98 -77.67 44.21
CA VAL E 172 -7.12 -77.42 43.34
C VAL E 172 -7.94 -76.28 43.94
N LEU E 173 -8.68 -75.59 43.08
CA LEU E 173 -9.49 -74.45 43.47
C LEU E 173 -10.94 -74.88 43.67
N GLN E 174 -11.50 -74.53 44.82
CA GLN E 174 -12.89 -74.86 45.13
C GLN E 174 -13.81 -73.72 44.69
N SER E 175 -15.12 -73.92 44.87
CA SER E 175 -16.08 -72.89 44.52
C SER E 175 -16.07 -71.72 45.49
N SER E 176 -15.55 -71.91 46.70
CA SER E 176 -15.48 -70.86 47.70
C SER E 176 -14.22 -70.01 47.58
N GLY E 177 -13.33 -70.32 46.62
CA GLY E 177 -12.11 -69.57 46.45
C GLY E 177 -10.93 -70.07 47.27
N LEU E 178 -11.12 -71.08 48.10
CA LEU E 178 -10.05 -71.62 48.93
C LEU E 178 -9.52 -72.92 48.32
N TYR E 179 -8.24 -73.17 48.57
CA TYR E 179 -7.55 -74.30 47.95
C TYR E 179 -7.77 -75.58 48.75
N SER E 180 -7.53 -76.72 48.08
CA SER E 180 -7.63 -78.03 48.71
C SER E 180 -6.43 -78.87 48.28
N LEU E 181 -5.99 -79.75 49.18
CA LEU E 181 -4.82 -80.58 48.91
C LEU E 181 -4.91 -81.84 49.76
N SER E 182 -4.36 -82.93 49.23
CA SER E 182 -4.30 -84.21 49.93
C SER E 182 -2.91 -84.80 49.77
N SER E 183 -2.56 -85.69 50.69
CA SER E 183 -1.27 -86.37 50.66
C SER E 183 -1.41 -87.72 51.36
N VAL E 184 -0.97 -88.78 50.68
CA VAL E 184 -1.09 -90.15 51.17
C VAL E 184 0.24 -90.87 50.96
N VAL E 185 0.32 -92.08 51.52
CA VAL E 185 1.50 -92.94 51.38
C VAL E 185 1.05 -94.38 51.56
N THR E 186 1.66 -95.28 50.78
CA THR E 186 1.37 -96.70 50.87
C THR E 186 2.20 -97.32 51.99
N VAL E 187 1.52 -97.90 52.98
CA VAL E 187 2.18 -98.47 54.16
C VAL E 187 1.73 -99.91 54.33
N PRO E 188 2.64 -100.86 54.56
CA PRO E 188 2.23 -102.24 54.84
C PRO E 188 1.41 -102.32 56.12
N SER E 189 0.46 -103.26 56.13
CA SER E 189 -0.47 -103.39 57.24
C SER E 189 0.18 -103.97 58.50
N SER E 190 1.38 -104.54 58.40
CA SER E 190 2.03 -105.11 59.56
C SER E 190 2.55 -104.07 60.53
N SER E 191 2.73 -102.82 60.07
CA SER E 191 3.23 -101.73 60.91
C SER E 191 2.15 -100.73 61.27
N LEU E 192 0.87 -101.11 61.12
CA LEU E 192 -0.22 -100.19 61.43
C LEU E 192 -0.31 -99.92 62.93
N GLY E 193 -0.11 -100.94 63.75
CA GLY E 193 -0.23 -100.82 65.19
C GLY E 193 1.08 -100.69 65.95
N THR E 194 2.21 -100.71 65.26
CA THR E 194 3.52 -100.64 65.91
C THR E 194 4.17 -99.26 65.79
N GLN E 195 3.99 -98.58 64.66
CA GLN E 195 4.59 -97.28 64.43
C GLN E 195 3.50 -96.24 64.22
N THR E 196 3.57 -95.16 64.98
CA THR E 196 2.61 -94.06 64.84
C THR E 196 2.98 -93.20 63.63
N TYR E 197 1.97 -92.56 63.05
CA TYR E 197 2.14 -91.73 61.88
C TYR E 197 1.54 -90.35 62.15
N ILE E 198 2.30 -89.30 61.82
CA ILE E 198 1.86 -87.93 61.99
C ILE E 198 2.07 -87.17 60.69
N CYS E 199 1.23 -86.16 60.47
CA CYS E 199 1.31 -85.30 59.30
C CYS E 199 1.60 -83.88 59.74
N ASN E 200 2.64 -83.27 59.18
CA ASN E 200 3.06 -81.91 59.52
C ASN E 200 2.53 -80.96 58.45
N VAL E 201 1.62 -80.08 58.84
CA VAL E 201 1.06 -79.07 57.95
C VAL E 201 1.46 -77.71 58.49
N ASN E 202 2.27 -76.98 57.70
CA ASN E 202 2.75 -75.66 58.11
C ASN E 202 3.17 -74.90 56.88
N HIS E 203 2.83 -73.61 56.83
CA HIS E 203 3.24 -72.75 55.74
C HIS E 203 3.37 -71.32 56.24
N LYS E 204 4.16 -70.53 55.51
CA LYS E 204 4.55 -69.20 55.97
C LYS E 204 3.40 -68.21 56.15
N PRO E 205 2.50 -67.97 55.18
CA PRO E 205 1.57 -66.83 55.32
C PRO E 205 0.56 -66.96 56.45
N SER E 206 0.32 -68.15 56.99
CA SER E 206 -0.57 -68.31 58.12
C SER E 206 0.14 -68.36 59.45
N ASN E 207 1.42 -68.74 59.47
CA ASN E 207 2.23 -68.87 60.69
C ASN E 207 1.57 -69.79 61.72
N THR E 208 0.97 -70.88 61.22
CA THR E 208 0.29 -71.84 62.07
C THR E 208 0.81 -73.23 61.76
N LYS E 209 1.25 -73.94 62.80
CA LYS E 209 1.75 -75.30 62.67
C LYS E 209 0.75 -76.27 63.30
N VAL E 210 0.38 -77.30 62.53
CA VAL E 210 -0.57 -78.31 62.98
C VAL E 210 0.08 -79.68 62.86
N ASP E 211 0.05 -80.44 63.94
CA ASP E 211 0.56 -81.81 63.96
C ASP E 211 -0.61 -82.74 64.28
N LYS E 212 -1.05 -83.51 63.28
CA LYS E 212 -2.21 -84.37 63.41
C LYS E 212 -1.76 -85.83 63.30
N LYS E 213 -2.26 -86.67 64.19
CA LYS E 213 -1.93 -88.09 64.22
C LYS E 213 -3.04 -88.90 63.57
N VAL E 214 -2.65 -89.90 62.79
CA VAL E 214 -3.57 -90.78 62.09
C VAL E 214 -3.38 -92.20 62.62
N GLU E 215 -4.48 -92.83 63.03
CA GLU E 215 -4.45 -94.18 63.57
C GLU E 215 -5.47 -95.05 62.86
N PRO E 216 -5.21 -96.36 62.75
CA PRO E 216 -6.18 -97.25 62.14
C PRO E 216 -7.44 -97.40 62.99
N LYS E 217 -8.55 -97.66 62.30
CA LYS E 217 -9.85 -97.85 62.94
C LYS E 217 -10.30 -99.28 62.69
N SER E 218 -10.32 -100.11 63.74
CA SER E 218 -10.84 -101.46 63.62
C SER E 218 -12.34 -101.45 63.34
N CYS E 219 -13.07 -100.56 64.00
CA CYS E 219 -14.50 -100.39 63.78
C CYS E 219 -14.81 -98.90 63.83
N ASP E 220 -15.92 -98.53 63.19
CA ASP E 220 -16.45 -97.15 63.00
C ASP E 220 -15.53 -95.97 63.31
N ASP F 1 45.27 -24.88 34.37
CA ASP F 1 46.56 -24.82 33.70
C ASP F 1 47.50 -23.87 34.42
N ILE F 2 47.27 -23.69 35.72
CA ILE F 2 48.13 -22.84 36.53
C ILE F 2 49.52 -23.48 36.69
N GLN F 3 49.56 -24.81 36.85
CA GLN F 3 50.79 -25.60 36.79
C GLN F 3 51.79 -25.17 37.88
N MET F 4 51.40 -25.42 39.12
CA MET F 4 52.30 -25.19 40.25
C MET F 4 53.09 -26.46 40.55
N THR F 5 54.29 -26.28 41.12
CA THR F 5 55.11 -27.38 41.59
C THR F 5 55.64 -27.07 42.97
N GLN F 6 55.78 -28.12 43.79
CA GLN F 6 56.35 -28.01 45.13
C GLN F 6 57.58 -28.90 45.23
N SER F 7 58.69 -28.33 45.69
CA SER F 7 59.92 -29.07 45.87
C SER F 7 60.53 -28.74 47.24
N PRO F 8 61.16 -29.71 47.91
CA PRO F 8 61.31 -31.13 47.53
C PRO F 8 60.06 -31.95 47.83
N SER F 9 59.96 -33.15 47.25
CA SER F 9 58.80 -34.00 47.52
C SER F 9 58.77 -34.49 48.96
N SER F 10 59.93 -34.86 49.50
CA SER F 10 60.01 -35.34 50.88
C SER F 10 61.37 -34.96 51.45
N VAL F 11 61.39 -34.80 52.78
CA VAL F 11 62.62 -34.45 53.49
C VAL F 11 62.48 -34.92 54.93
N SER F 12 63.60 -35.31 55.53
CA SER F 12 63.63 -35.81 56.89
C SER F 12 64.58 -34.97 57.73
N ALA F 13 64.18 -34.68 58.96
CA ALA F 13 65.00 -33.89 59.87
C ALA F 13 64.70 -34.31 61.30
N SER F 14 65.63 -33.98 62.19
CA SER F 14 65.52 -34.31 63.60
C SER F 14 65.07 -33.07 64.38
N VAL F 15 65.06 -33.19 65.71
CA VAL F 15 64.64 -32.10 66.57
C VAL F 15 65.75 -31.06 66.66
N GLY F 16 65.41 -29.80 66.36
CA GLY F 16 66.37 -28.72 66.45
C GLY F 16 67.28 -28.55 65.25
N ASP F 17 67.06 -29.32 64.19
CA ASP F 17 67.90 -29.23 63.00
C ASP F 17 67.38 -28.15 62.06
N ARG F 18 67.96 -28.06 60.87
CA ARG F 18 67.61 -27.05 59.88
C ARG F 18 66.79 -27.71 58.77
N VAL F 19 65.63 -27.14 58.48
CA VAL F 19 64.75 -27.66 57.43
C VAL F 19 63.91 -26.51 56.89
N THR F 20 63.60 -26.58 55.60
CA THR F 20 62.79 -25.54 54.96
C THR F 20 62.06 -26.16 53.78
N ILE F 21 60.99 -25.47 53.35
CA ILE F 21 60.17 -25.90 52.22
C ILE F 21 59.96 -24.70 51.30
N THR F 22 60.07 -24.94 50.00
CA THR F 22 59.95 -23.89 48.99
C THR F 22 58.75 -24.17 48.09
N CYS F 23 57.94 -23.15 47.85
CA CYS F 23 56.80 -23.23 46.95
C CYS F 23 57.03 -22.30 45.76
N ARG F 24 56.85 -22.84 44.55
CA ARG F 24 57.10 -22.11 43.32
C ARG F 24 55.81 -21.95 42.53
N ALA F 25 55.62 -20.77 41.95
CA ALA F 25 54.45 -20.47 41.13
C ALA F 25 54.89 -20.21 39.70
N SER F 26 54.09 -20.70 38.75
CA SER F 26 54.43 -20.54 37.33
C SER F 26 54.27 -19.09 36.89
N GLN F 27 53.19 -18.43 37.29
CA GLN F 27 52.92 -17.05 36.94
C GLN F 27 53.11 -16.15 38.15
N GLY F 28 53.19 -14.84 37.87
CA GLY F 28 53.47 -13.87 38.92
C GLY F 28 52.24 -13.61 39.76
N ILE F 29 52.35 -13.83 41.07
CA ILE F 29 51.29 -13.54 42.04
C ILE F 29 51.85 -12.54 43.04
N GLY F 30 50.96 -11.70 43.59
CA GLY F 30 51.36 -10.66 44.51
C GLY F 30 51.89 -11.12 45.85
N SER F 31 51.93 -10.20 46.83
CA SER F 31 52.54 -10.48 48.12
C SER F 31 51.73 -11.43 48.99
N TRP F 32 50.50 -11.75 48.60
CA TRP F 32 49.66 -12.63 49.41
C TRP F 32 50.21 -14.05 49.42
N LEU F 33 50.17 -14.68 50.59
CA LEU F 33 50.71 -16.03 50.76
C LEU F 33 50.06 -16.67 51.98
N ALA F 34 49.89 -17.99 51.92
CA ALA F 34 49.37 -18.76 53.04
C ALA F 34 50.07 -20.11 53.10
N TRP F 35 50.02 -20.72 54.28
CA TRP F 35 50.58 -22.05 54.49
C TRP F 35 49.63 -22.85 55.36
N TYR F 36 49.50 -24.14 55.05
CA TYR F 36 48.61 -25.03 55.76
C TYR F 36 49.37 -26.25 56.23
N GLN F 37 48.98 -26.75 57.41
CA GLN F 37 49.59 -27.94 58.01
C GLN F 37 48.53 -29.03 58.06
N GLN F 38 48.71 -30.07 57.26
CA GLN F 38 47.73 -31.15 57.12
C GLN F 38 48.22 -32.35 57.92
N LYS F 39 47.64 -32.54 59.10
CA LYS F 39 47.90 -33.70 59.94
C LYS F 39 46.90 -34.80 59.60
N PRO F 40 47.37 -36.03 59.34
CA PRO F 40 46.43 -37.12 59.02
C PRO F 40 45.51 -37.44 60.20
N GLY F 41 44.27 -37.78 59.87
CA GLY F 41 43.26 -38.05 60.88
C GLY F 41 42.57 -36.83 61.45
N LYS F 42 42.89 -35.64 60.95
CA LYS F 42 42.29 -34.41 61.45
C LYS F 42 42.29 -33.37 60.34
N ALA F 43 41.37 -32.42 60.45
CA ALA F 43 41.30 -31.34 59.47
C ALA F 43 42.51 -30.42 59.63
N PRO F 44 43.07 -29.92 58.53
CA PRO F 44 44.21 -29.00 58.63
C PRO F 44 43.80 -27.66 59.18
N GLN F 45 44.78 -26.95 59.73
CA GLN F 45 44.58 -25.67 60.39
C GLN F 45 45.31 -24.56 59.63
N LEU F 46 44.82 -23.34 59.78
CA LEU F 46 45.49 -22.19 59.20
C LEU F 46 46.76 -21.86 59.98
N LEU F 47 47.72 -21.26 59.29
CA LEU F 47 48.97 -20.84 59.91
C LEU F 47 49.18 -19.33 59.84
N ILE F 48 49.01 -18.72 58.67
CA ILE F 48 49.20 -17.28 58.51
C ILE F 48 48.02 -16.71 57.75
N TYR F 49 47.77 -15.41 57.96
CA TYR F 49 46.75 -14.67 57.24
C TYR F 49 47.37 -13.72 56.22
N ALA F 50 48.27 -12.83 56.66
CA ALA F 50 48.90 -11.88 55.77
C ALA F 50 50.20 -12.47 55.23
N ALA F 51 51.02 -11.63 54.59
CA ALA F 51 52.29 -12.09 54.03
C ALA F 51 53.26 -12.50 55.13
N SER F 52 53.30 -11.75 56.23
CA SER F 52 54.24 -12.02 57.32
C SER F 52 53.61 -12.11 58.69
N THR F 53 52.40 -11.62 58.89
CA THR F 53 51.78 -11.67 60.21
C THR F 53 51.34 -13.10 60.54
N LEU F 54 51.50 -13.48 61.80
CA LEU F 54 51.15 -14.82 62.26
C LEU F 54 49.76 -14.83 62.86
N GLN F 55 49.17 -16.02 62.90
CA GLN F 55 47.85 -16.20 63.48
C GLN F 55 47.95 -16.24 65.00
N SER F 56 46.84 -15.92 65.67
CA SER F 56 46.86 -15.74 67.12
C SER F 56 47.18 -17.04 67.86
N GLY F 57 46.66 -18.16 67.38
CA GLY F 57 46.81 -19.41 68.10
C GLY F 57 47.94 -20.31 67.62
N VAL F 58 48.91 -19.76 66.90
CA VAL F 58 50.06 -20.55 66.44
C VAL F 58 51.32 -19.94 67.04
N PRO F 59 52.38 -20.73 67.25
CA PRO F 59 53.62 -20.16 67.77
C PRO F 59 54.25 -19.21 66.76
N PRO F 60 54.95 -18.17 67.22
CA PRO F 60 55.56 -17.21 66.30
C PRO F 60 56.93 -17.60 65.75
N ARG F 61 57.35 -18.86 65.91
CA ARG F 61 58.65 -19.28 65.39
C ARG F 61 58.65 -19.48 63.88
N PHE F 62 57.48 -19.49 63.24
CA PHE F 62 57.41 -19.70 61.80
C PHE F 62 57.83 -18.44 61.07
N SER F 63 58.74 -18.60 60.10
CA SER F 63 59.24 -17.49 59.30
C SER F 63 59.07 -17.82 57.83
N GLY F 64 58.50 -16.88 57.07
CA GLY F 64 58.34 -17.06 55.65
C GLY F 64 57.78 -15.83 54.95
N SER F 65 58.39 -15.44 53.84
CA SER F 65 57.94 -14.28 53.09
C SER F 65 58.44 -14.39 51.66
N GLY F 66 57.85 -13.59 50.79
CA GLY F 66 58.25 -13.58 49.38
C GLY F 66 57.60 -12.43 48.66
N SER F 67 58.21 -12.08 47.53
CA SER F 67 57.73 -10.99 46.68
C SER F 67 57.47 -11.43 45.24
N GLY F 68 58.31 -12.29 44.70
CA GLY F 68 58.17 -12.78 43.34
C GLY F 68 57.38 -14.07 43.26
N THR F 69 57.67 -14.87 42.23
CA THR F 69 57.00 -16.14 42.03
C THR F 69 57.48 -17.23 42.97
N ASP F 70 58.57 -17.00 43.71
CA ASP F 70 59.14 -17.99 44.61
C ASP F 70 58.76 -17.65 46.05
N PHE F 71 58.31 -18.66 46.79
CA PHE F 71 57.94 -18.51 48.19
C PHE F 71 58.57 -19.64 49.00
N THR F 72 58.77 -19.38 50.29
CA THR F 72 59.41 -20.35 51.16
C THR F 72 58.87 -20.23 52.57
N LEU F 73 59.06 -21.29 53.34
CA LEU F 73 58.68 -21.34 54.75
C LEU F 73 59.70 -22.18 55.50
N THR F 74 59.98 -21.79 56.74
CA THR F 74 61.01 -22.45 57.54
C THR F 74 60.66 -22.31 59.01
N ILE F 75 61.33 -23.11 59.84
CA ILE F 75 61.13 -23.15 61.28
C ILE F 75 62.45 -22.82 61.97
N THR F 76 62.41 -21.90 62.93
CA THR F 76 63.61 -21.56 63.68
C THR F 76 63.91 -22.58 64.78
N SER F 77 62.87 -23.02 65.51
CA SER F 77 63.01 -24.00 66.58
C SER F 77 62.00 -25.11 66.31
N LEU F 78 62.51 -26.26 65.85
CA LEU F 78 61.64 -27.38 65.50
C LEU F 78 61.02 -28.01 66.73
N GLN F 79 59.80 -28.51 66.57
CA GLN F 79 59.06 -29.18 67.62
C GLN F 79 58.54 -30.52 67.12
N PRO F 80 58.36 -31.50 68.01
CA PRO F 80 57.90 -32.83 67.56
C PRO F 80 56.47 -32.84 67.00
N GLU F 81 55.67 -31.82 67.27
CA GLU F 81 54.29 -31.78 66.79
C GLU F 81 54.15 -31.05 65.46
N ASP F 82 55.25 -30.65 64.84
CA ASP F 82 55.21 -29.93 63.57
C ASP F 82 55.34 -30.84 62.36
N PHE F 83 55.38 -32.16 62.57
CA PHE F 83 55.61 -33.11 61.49
C PHE F 83 54.29 -33.43 60.80
N ALA F 84 54.02 -32.78 59.68
CA ALA F 84 52.82 -33.01 58.89
C ALA F 84 53.09 -32.52 57.47
N SER F 85 52.04 -32.45 56.67
CA SER F 85 52.16 -31.99 55.29
C SER F 85 52.12 -30.47 55.22
N TYR F 86 52.88 -29.92 54.26
CA TYR F 86 52.96 -28.48 54.07
C TYR F 86 52.34 -28.13 52.72
N TYR F 87 51.38 -27.21 52.73
CA TYR F 87 50.69 -26.77 51.54
C TYR F 87 50.83 -25.26 51.39
N CYS F 88 50.89 -24.78 50.15
CA CYS F 88 51.01 -23.37 49.85
C CYS F 88 49.85 -22.92 48.97
N GLN F 89 49.26 -21.78 49.33
CA GLN F 89 48.14 -21.19 48.58
C GLN F 89 48.30 -19.68 48.66
N GLN F 90 48.83 -19.08 47.60
CA GLN F 90 49.19 -17.66 47.65
C GLN F 90 47.97 -16.76 47.43
N ALA F 91 47.39 -16.80 46.23
CA ALA F 91 46.25 -15.97 45.82
C ALA F 91 45.86 -16.35 44.40
N ASN F 92 44.63 -16.01 44.04
CA ASN F 92 44.20 -16.04 42.64
C ASN F 92 43.39 -14.82 42.23
N SER F 93 42.94 -14.00 43.19
CA SER F 93 42.23 -12.73 43.01
C SER F 93 40.84 -12.88 42.42
N VAL F 94 40.41 -14.10 42.04
CA VAL F 94 39.06 -14.30 41.54
C VAL F 94 38.35 -15.38 42.36
N LEU F 95 39.01 -16.53 42.57
CA LEU F 95 38.38 -17.64 43.27
C LEU F 95 39.30 -18.37 44.24
N ALA F 96 40.58 -17.97 44.36
CA ALA F 96 41.57 -18.61 45.24
C ALA F 96 41.73 -20.10 44.93
N LEU F 97 42.24 -20.36 43.74
CA LEU F 97 42.60 -21.72 43.28
C LEU F 97 44.10 -21.79 43.05
N THR F 98 44.81 -22.29 44.06
CA THR F 98 46.18 -22.77 43.90
C THR F 98 46.49 -23.73 45.05
N PHE F 99 47.11 -24.86 44.71
CA PHE F 99 47.45 -25.89 45.69
C PHE F 99 48.42 -26.86 45.04
N GLY F 100 49.42 -27.31 45.82
CA GLY F 100 50.43 -28.21 45.35
C GLY F 100 50.32 -29.60 45.95
N GLY F 101 51.28 -30.45 45.56
CA GLY F 101 51.31 -31.81 46.07
C GLY F 101 51.61 -31.89 47.56
N GLY F 102 52.58 -31.11 48.03
CA GLY F 102 52.94 -31.07 49.43
C GLY F 102 54.22 -31.84 49.72
N THR F 103 54.67 -31.69 50.96
CA THR F 103 55.89 -32.33 51.44
C THR F 103 55.69 -32.77 52.88
N LYS F 104 56.06 -34.02 53.18
CA LYS F 104 55.90 -34.59 54.50
C LYS F 104 57.25 -34.75 55.18
N VAL F 105 57.32 -34.34 56.45
CA VAL F 105 58.54 -34.43 57.25
C VAL F 105 58.28 -35.37 58.41
N GLU F 106 59.25 -36.23 58.72
CA GLU F 106 59.05 -37.33 59.65
C GLU F 106 59.96 -37.17 60.87
N ILE F 107 59.44 -37.63 62.02
CA ILE F 107 60.16 -37.52 63.28
C ILE F 107 61.31 -38.51 63.33
N LYS F 108 62.46 -38.04 63.84
CA LYS F 108 63.65 -38.88 63.97
C LYS F 108 63.48 -39.89 65.10
N ARG F 109 63.92 -41.12 64.84
CA ARG F 109 63.91 -42.18 65.84
C ARG F 109 65.30 -42.78 65.94
N THR F 110 65.58 -43.40 67.09
CA THR F 110 66.86 -44.09 67.27
C THR F 110 66.96 -45.29 66.33
N VAL F 111 68.13 -45.46 65.73
CA VAL F 111 68.35 -46.50 64.73
C VAL F 111 68.50 -47.84 65.43
N ALA F 112 67.74 -48.83 64.98
CA ALA F 112 67.82 -50.18 65.52
C ALA F 112 67.75 -51.16 64.35
N ALA F 113 67.61 -52.45 64.67
CA ALA F 113 67.58 -53.46 63.62
C ALA F 113 66.14 -53.88 63.31
N PRO F 114 65.78 -54.00 62.04
CA PRO F 114 64.43 -54.43 61.69
C PRO F 114 64.18 -55.89 62.03
N SER F 115 62.92 -56.21 62.28
CA SER F 115 62.49 -57.59 62.53
C SER F 115 61.90 -58.14 61.24
N VAL F 116 62.63 -59.08 60.62
CA VAL F 116 62.26 -59.62 59.31
C VAL F 116 61.54 -60.95 59.51
N PHE F 117 60.36 -61.08 58.90
CA PHE F 117 59.59 -62.30 58.96
C PHE F 117 59.06 -62.63 57.58
N ILE F 118 58.79 -63.92 57.35
CA ILE F 118 58.26 -64.40 56.07
C ILE F 118 57.05 -65.28 56.37
N PHE F 119 56.06 -65.24 55.49
CA PHE F 119 54.82 -65.99 55.66
C PHE F 119 54.49 -66.71 54.35
N PRO F 120 54.41 -68.03 54.35
CA PRO F 120 54.03 -68.76 53.12
C PRO F 120 52.55 -68.58 52.84
N PRO F 121 52.13 -68.75 51.58
CA PRO F 121 50.69 -68.70 51.27
C PRO F 121 49.93 -69.81 51.97
N SER F 122 48.70 -69.50 52.37
CA SER F 122 47.86 -70.45 53.08
C SER F 122 47.32 -71.50 52.12
N ASP F 123 46.89 -72.63 52.69
CA ASP F 123 46.32 -73.70 51.90
C ASP F 123 44.95 -73.31 51.33
N GLU F 124 44.20 -72.47 52.05
CA GLU F 124 42.93 -72.00 51.52
C GLU F 124 43.12 -71.10 50.30
N GLN F 125 44.17 -70.28 50.31
CA GLN F 125 44.44 -69.40 49.18
C GLN F 125 44.94 -70.18 47.97
N LEU F 126 45.57 -71.33 48.19
CA LEU F 126 46.09 -72.13 47.08
C LEU F 126 44.97 -72.70 46.22
N LYS F 127 43.82 -73.00 46.82
CA LYS F 127 42.69 -73.51 46.05
C LYS F 127 42.08 -72.45 45.15
N SER F 128 42.31 -71.16 45.43
CA SER F 128 41.78 -70.09 44.59
C SER F 128 42.63 -69.83 43.36
N GLY F 129 43.78 -70.49 43.22
CA GLY F 129 44.64 -70.30 42.08
C GLY F 129 45.63 -69.16 42.18
N THR F 130 45.69 -68.48 43.33
CA THR F 130 46.62 -67.38 43.53
C THR F 130 47.40 -67.60 44.81
N ALA F 131 48.71 -67.36 44.76
CA ALA F 131 49.59 -67.52 45.91
C ALA F 131 50.19 -66.17 46.26
N SER F 132 50.11 -65.79 47.53
CA SER F 132 50.62 -64.52 48.01
C SER F 132 51.64 -64.76 49.11
N VAL F 133 52.86 -64.24 48.91
CA VAL F 133 53.94 -64.34 49.88
C VAL F 133 54.22 -62.94 50.43
N VAL F 134 54.23 -62.82 51.75
CA VAL F 134 54.37 -61.53 52.42
C VAL F 134 55.65 -61.53 53.23
N CYS F 135 56.50 -60.54 52.99
CA CYS F 135 57.70 -60.31 53.78
C CYS F 135 57.42 -59.17 54.77
N LEU F 136 57.63 -59.44 56.05
CA LEU F 136 57.16 -58.57 57.12
C LEU F 136 58.33 -57.87 57.80
N LEU F 137 58.20 -56.56 57.98
CA LEU F 137 59.18 -55.75 58.71
C LEU F 137 58.45 -54.89 59.74
N ASN F 138 58.96 -54.89 60.97
CA ASN F 138 58.40 -54.06 62.03
C ASN F 138 59.52 -53.45 62.86
N ASN F 139 59.21 -52.30 63.48
CA ASN F 139 60.07 -51.65 64.47
C ASN F 139 61.46 -51.34 63.91
N PHE F 140 61.47 -50.48 62.89
CA PHE F 140 62.71 -50.11 62.22
C PHE F 140 62.72 -48.63 61.90
N TYR F 141 63.93 -48.06 61.89
CA TYR F 141 64.19 -46.68 61.50
C TYR F 141 65.61 -46.68 60.95
N PRO F 142 65.86 -46.02 59.80
CA PRO F 142 64.98 -45.15 59.01
C PRO F 142 63.93 -45.89 58.17
N ARG F 143 63.08 -45.11 57.49
CA ARG F 143 61.96 -45.69 56.73
C ARG F 143 62.45 -46.51 55.55
N GLU F 144 63.59 -46.16 54.96
CA GLU F 144 64.09 -46.86 53.79
C GLU F 144 64.47 -48.30 54.14
N ALA F 145 64.12 -49.23 53.25
CA ALA F 145 64.41 -50.64 53.45
C ALA F 145 64.50 -51.30 52.08
N LYS F 146 65.68 -51.82 51.75
CA LYS F 146 65.92 -52.44 50.45
C LYS F 146 65.44 -53.89 50.51
N VAL F 147 64.13 -54.05 50.29
CA VAL F 147 63.50 -55.36 50.30
C VAL F 147 63.57 -55.93 48.88
N GLN F 148 64.34 -57.00 48.72
CA GLN F 148 64.52 -57.65 47.42
C GLN F 148 64.04 -59.09 47.53
N TRP F 149 63.15 -59.48 46.60
CA TRP F 149 62.59 -60.82 46.58
C TRP F 149 63.53 -61.76 45.84
N LYS F 150 63.86 -62.89 46.48
CA LYS F 150 64.73 -63.90 45.89
C LYS F 150 63.90 -65.16 45.64
N VAL F 151 63.73 -65.51 44.37
CA VAL F 151 62.98 -66.68 43.95
C VAL F 151 63.92 -67.57 43.17
N ASP F 152 64.24 -68.76 43.72
CA ASP F 152 65.15 -69.74 43.12
C ASP F 152 66.51 -69.11 42.80
N ASN F 153 66.99 -68.28 43.74
CA ASN F 153 68.28 -67.58 43.62
C ASN F 153 68.34 -66.71 42.36
N ALA F 154 67.21 -66.07 42.05
CA ALA F 154 67.11 -65.19 40.88
C ALA F 154 66.45 -63.90 41.29
N LEU F 155 66.91 -62.80 40.70
CA LEU F 155 66.35 -61.48 41.01
C LEU F 155 64.96 -61.32 40.40
N GLN F 156 64.09 -60.62 41.11
CA GLN F 156 62.73 -60.36 40.67
C GLN F 156 62.50 -58.85 40.63
N SER F 157 61.93 -58.36 39.53
CA SER F 157 61.66 -56.95 39.35
C SER F 157 60.24 -56.75 38.85
N GLY F 158 59.57 -55.74 39.39
CA GLY F 158 58.19 -55.44 38.98
C GLY F 158 57.20 -56.52 39.33
N ASN F 159 57.27 -57.05 40.56
CA ASN F 159 56.43 -58.15 40.97
C ASN F 159 55.76 -57.98 42.32
N SER F 160 56.19 -57.02 43.14
CA SER F 160 55.67 -56.86 44.48
C SER F 160 55.37 -55.40 44.76
N GLN F 161 54.45 -55.17 45.69
CA GLN F 161 54.05 -53.83 46.11
C GLN F 161 54.35 -53.66 47.59
N GLU F 162 54.78 -52.46 47.97
CA GLU F 162 55.17 -52.16 49.34
C GLU F 162 54.19 -51.19 49.98
N SER F 163 53.94 -51.38 51.27
CA SER F 163 53.06 -50.52 52.05
C SER F 163 53.78 -50.11 53.32
N VAL F 164 53.73 -48.82 53.63
CA VAL F 164 54.41 -48.26 54.80
C VAL F 164 53.37 -47.61 55.70
N THR F 165 53.40 -47.96 56.98
CA THR F 165 52.48 -47.40 57.95
C THR F 165 52.96 -46.02 58.43
N GLU F 166 52.03 -45.26 58.99
CA GLU F 166 52.37 -44.00 59.62
C GLU F 166 53.06 -44.25 60.97
N GLN F 167 53.90 -43.30 61.37
CA GLN F 167 54.72 -43.48 62.56
C GLN F 167 53.86 -43.46 63.82
N ASP F 168 54.06 -44.46 64.68
CA ASP F 168 53.23 -44.62 65.86
C ASP F 168 53.51 -43.50 66.86
N SER F 169 52.51 -43.24 67.72
CA SER F 169 52.63 -42.20 68.73
C SER F 169 53.39 -42.66 69.97
N LYS F 170 53.71 -43.95 70.08
CA LYS F 170 54.40 -44.49 71.25
C LYS F 170 55.91 -44.58 71.06
N ASP F 171 56.38 -44.92 69.86
CA ASP F 171 57.82 -45.06 69.63
C ASP F 171 58.29 -44.44 68.34
N SER F 172 57.40 -43.89 67.50
CA SER F 172 57.75 -43.22 66.25
C SER F 172 58.54 -44.12 65.30
N THR F 173 58.02 -45.33 65.10
CA THR F 173 58.68 -46.34 64.27
C THR F 173 57.80 -46.66 63.06
N TYR F 174 58.35 -47.45 62.15
CA TYR F 174 57.69 -47.81 60.90
C TYR F 174 57.39 -49.30 60.86
N SER F 175 56.47 -49.66 59.98
CA SER F 175 56.17 -51.05 59.65
C SER F 175 56.05 -51.18 58.14
N LEU F 176 56.77 -52.13 57.56
CA LEU F 176 56.80 -52.32 56.12
C LEU F 176 56.42 -53.76 55.80
N SER F 177 55.51 -53.93 54.83
CA SER F 177 55.11 -55.25 54.35
C SER F 177 55.23 -55.28 52.84
N SER F 178 55.97 -56.26 52.33
CA SER F 178 56.12 -56.48 50.89
C SER F 178 55.34 -57.74 50.52
N THR F 179 54.36 -57.59 49.64
CA THR F 179 53.48 -58.69 49.25
C THR F 179 53.77 -59.07 47.81
N LEU F 180 54.14 -60.34 47.61
CA LEU F 180 54.38 -60.90 46.28
C LEU F 180 53.24 -61.84 45.93
N THR F 181 52.49 -61.51 44.89
CA THR F 181 51.38 -62.33 44.42
C THR F 181 51.73 -62.96 43.08
N LEU F 182 51.33 -64.21 42.92
CA LEU F 182 51.63 -64.98 41.71
C LEU F 182 50.54 -66.02 41.50
N SER F 183 50.46 -66.52 40.27
CA SER F 183 49.53 -67.58 39.94
C SER F 183 50.00 -68.91 40.50
N LYS F 184 49.11 -69.92 40.45
CA LYS F 184 49.46 -71.24 40.97
C LYS F 184 50.51 -71.92 40.10
N ALA F 185 50.52 -71.64 38.80
CA ALA F 185 51.50 -72.28 37.91
C ALA F 185 52.90 -71.75 38.17
N ASP F 186 53.04 -70.43 38.35
CA ASP F 186 54.35 -69.86 38.59
C ASP F 186 54.84 -70.13 40.00
N TYR F 187 53.93 -70.32 40.95
CA TYR F 187 54.33 -70.63 42.32
C TYR F 187 54.84 -72.06 42.45
N GLU F 188 54.26 -73.00 41.70
CA GLU F 188 54.63 -74.40 41.81
C GLU F 188 55.84 -74.78 40.97
N LYS F 189 56.31 -73.89 40.09
CA LYS F 189 57.47 -74.18 39.26
C LYS F 189 58.77 -73.68 39.89
N HIS F 190 58.71 -73.06 41.06
CA HIS F 190 59.89 -72.60 41.78
C HIS F 190 59.89 -73.19 43.18
N LYS F 191 61.08 -73.51 43.69
CA LYS F 191 61.23 -74.21 44.95
C LYS F 191 61.55 -73.29 46.12
N VAL F 192 62.42 -72.31 45.93
CA VAL F 192 62.90 -71.45 47.02
C VAL F 192 62.32 -70.06 46.85
N TYR F 193 61.69 -69.56 47.90
CA TYR F 193 61.17 -68.20 47.97
C TYR F 193 61.75 -67.51 49.19
N ALA F 194 62.29 -66.31 49.00
CA ALA F 194 62.91 -65.58 50.11
C ALA F 194 62.90 -64.10 49.80
N CYS F 195 63.06 -63.30 50.86
CA CYS F 195 63.16 -61.85 50.75
C CYS F 195 64.40 -61.39 51.51
N GLU F 196 65.17 -60.51 50.90
CA GLU F 196 66.40 -59.99 51.48
C GLU F 196 66.18 -58.53 51.89
N VAL F 197 66.58 -58.20 53.12
CA VAL F 197 66.36 -56.87 53.69
C VAL F 197 67.72 -56.26 54.00
N THR F 198 67.97 -55.07 53.46
CA THR F 198 69.17 -54.29 53.75
C THR F 198 68.76 -53.05 54.52
N HIS F 199 69.40 -52.83 55.67
CA HIS F 199 69.01 -51.75 56.56
C HIS F 199 70.26 -51.10 57.16
N GLN F 200 70.10 -49.85 57.59
CA GLN F 200 71.19 -49.14 58.23
C GLN F 200 71.56 -49.77 59.58
N GLY F 201 70.57 -50.20 60.34
CA GLY F 201 70.82 -50.80 61.64
C GLY F 201 71.36 -52.22 61.58
N LEU F 202 71.37 -52.85 60.41
CA LEU F 202 71.89 -54.19 60.24
C LEU F 202 73.28 -54.10 59.61
N SER F 203 74.26 -54.74 60.26
CA SER F 203 75.62 -54.76 59.73
C SER F 203 75.68 -55.55 58.43
N SER F 204 74.95 -56.65 58.35
CA SER F 204 74.89 -57.50 57.17
C SER F 204 73.44 -57.74 56.79
N PRO F 205 73.15 -57.94 55.50
CA PRO F 205 71.78 -58.25 55.09
C PRO F 205 71.30 -59.56 55.68
N VAL F 206 70.01 -59.60 56.04
CA VAL F 206 69.39 -60.77 56.64
C VAL F 206 68.28 -61.24 55.71
N THR F 207 68.33 -62.52 55.35
CA THR F 207 67.36 -63.12 54.43
C THR F 207 66.63 -64.25 55.13
N LYS F 208 65.30 -64.21 55.07
CA LYS F 208 64.46 -65.28 55.61
C LYS F 208 64.05 -66.19 54.46
N SER F 209 64.41 -67.46 54.55
CA SER F 209 64.21 -68.41 53.47
C SER F 209 63.30 -69.55 53.91
N PHE F 210 62.35 -69.89 53.05
CA PHE F 210 61.47 -71.03 53.27
C PHE F 210 61.30 -71.79 51.96
N ASN F 211 61.06 -73.08 52.06
CA ASN F 211 60.91 -73.96 50.90
C ASN F 211 59.49 -74.52 50.86
N ARG F 212 59.03 -74.79 49.64
CA ARG F 212 57.70 -75.35 49.45
C ARG F 212 57.62 -76.76 50.01
N GLY F 213 56.52 -77.05 50.70
CA GLY F 213 56.34 -78.35 51.32
C GLY F 213 57.30 -78.63 52.45
N GLU F 214 57.64 -77.62 53.25
CA GLU F 214 58.55 -77.78 54.37
C GLU F 214 57.75 -78.19 55.60
N CYS F 215 57.65 -79.50 55.81
CA CYS F 215 56.90 -80.04 56.94
C CYS F 215 57.83 -80.36 58.11
N GLU G 1 34.44 -21.59 71.18
CA GLU G 1 33.22 -20.82 70.96
C GLU G 1 32.73 -20.97 69.53
N VAL G 2 33.62 -21.35 68.62
CA VAL G 2 33.32 -21.55 67.21
C VAL G 2 33.63 -22.99 66.84
N GLN G 3 32.65 -23.69 66.29
CA GLN G 3 32.82 -25.07 65.89
C GLN G 3 31.88 -25.38 64.75
N LEU G 4 32.31 -26.28 63.86
CA LEU G 4 31.53 -26.70 62.70
C LEU G 4 31.39 -28.21 62.70
N VAL G 5 30.18 -28.68 62.38
CA VAL G 5 29.89 -30.11 62.32
C VAL G 5 29.27 -30.42 60.96
N GLU G 6 29.39 -31.70 60.58
CA GLU G 6 28.84 -32.18 59.33
C GLU G 6 28.08 -33.48 59.57
N SER G 7 27.07 -33.72 58.75
CA SER G 7 26.25 -34.92 58.86
C SER G 7 25.60 -35.22 57.52
N GLY G 8 25.13 -36.45 57.38
CA GLY G 8 24.45 -36.89 56.17
C GLY G 8 25.29 -37.75 55.24
N GLY G 9 26.59 -37.85 55.48
CA GLY G 9 27.44 -38.65 54.62
C GLY G 9 27.27 -40.14 54.86
N GLY G 10 27.76 -40.91 53.91
CA GLY G 10 27.67 -42.36 54.00
C GLY G 10 27.73 -42.99 52.62
N LEU G 11 27.43 -44.29 52.60
CA LEU G 11 27.43 -45.04 51.35
C LEU G 11 26.26 -44.60 50.48
N ILE G 12 26.52 -44.49 49.18
CA ILE G 12 25.49 -44.11 48.22
C ILE G 12 25.84 -44.72 46.86
N GLN G 13 24.81 -45.22 46.17
CA GLN G 13 25.00 -45.72 44.82
C GLN G 13 25.28 -44.56 43.86
N PRO G 14 25.99 -44.81 42.76
CA PRO G 14 26.20 -43.74 41.78
C PRO G 14 24.91 -43.34 41.09
N GLY G 15 24.81 -42.04 40.79
CA GLY G 15 23.60 -41.49 40.21
C GLY G 15 22.51 -41.15 41.21
N GLY G 16 22.75 -41.38 42.50
CA GLY G 16 21.74 -41.10 43.51
C GLY G 16 21.73 -39.64 43.94
N SER G 17 20.85 -39.34 44.89
CA SER G 17 20.68 -37.99 45.41
CA SER G 17 20.68 -37.99 45.41
C SER G 17 20.89 -38.01 46.92
N LEU G 18 21.68 -37.07 47.41
CA LEU G 18 21.94 -36.94 48.84
C LEU G 18 22.08 -35.47 49.17
N ARG G 19 21.60 -35.09 50.36
CA ARG G 19 21.53 -33.69 50.76
C ARG G 19 22.44 -33.47 51.96
N LEU G 20 23.31 -32.47 51.86
CA LEU G 20 24.28 -32.16 52.91
C LEU G 20 23.72 -31.10 53.86
N SER G 21 24.25 -31.11 55.08
CA SER G 21 23.88 -30.12 56.09
C SER G 21 25.14 -29.67 56.82
N CYS G 22 25.28 -28.34 56.97
CA CYS G 22 26.41 -27.76 57.68
C CYS G 22 25.91 -26.55 58.46
N ALA G 23 25.90 -26.64 59.78
CA ALA G 23 25.43 -25.57 60.65
C ALA G 23 26.61 -24.85 61.27
N ALA G 24 26.52 -23.52 61.34
CA ALA G 24 27.56 -22.68 61.93
C ALA G 24 27.09 -22.18 63.29
N SER G 25 27.94 -22.35 64.30
CA SER G 25 27.61 -21.94 65.66
C SER G 25 28.07 -20.51 65.86
N GLY G 26 27.11 -19.60 66.04
CA GLY G 26 27.41 -18.20 66.26
C GLY G 26 27.71 -17.39 65.02
N LEU G 27 27.62 -18.00 63.84
CA LEU G 27 27.91 -17.32 62.58
C LEU G 27 26.69 -17.41 61.66
N THR G 28 26.36 -16.30 61.02
CA THR G 28 25.25 -16.26 60.08
C THR G 28 25.70 -16.76 58.72
N VAL G 29 24.98 -17.73 58.17
CA VAL G 29 25.38 -18.36 56.92
C VAL G 29 25.10 -17.46 55.71
N SER G 30 24.19 -16.51 55.83
CA SER G 30 23.82 -15.66 54.70
C SER G 30 24.74 -14.47 54.51
N SER G 31 25.71 -14.26 55.41
CA SER G 31 26.60 -13.11 55.35
C SER G 31 28.01 -13.45 54.90
N ASN G 32 28.67 -14.39 55.58
CA ASN G 32 30.05 -14.70 55.28
C ASN G 32 30.16 -15.57 54.03
N TYR G 33 31.37 -15.63 53.48
CA TYR G 33 31.63 -16.48 52.33
C TYR G 33 31.71 -17.95 52.76
N MET G 34 31.67 -18.83 51.78
CA MET G 34 31.75 -20.26 52.01
C MET G 34 32.75 -20.91 51.07
N HIS G 35 33.19 -22.10 51.45
CA HIS G 35 34.12 -22.87 50.63
C HIS G 35 33.89 -24.35 50.88
N TRP G 36 34.00 -25.15 49.83
CA TRP G 36 33.95 -26.60 49.92
C TRP G 36 35.21 -27.16 49.29
N VAL G 37 35.96 -27.96 50.06
CA VAL G 37 37.25 -28.47 49.63
C VAL G 37 37.22 -30.00 49.69
N ARG G 38 37.69 -30.63 48.63
CA ARG G 38 37.68 -32.09 48.50
C ARG G 38 39.11 -32.62 48.53
N GLN G 39 39.31 -33.71 49.27
CA GLN G 39 40.63 -34.34 49.38
C GLN G 39 40.49 -35.82 49.03
N ALA G 40 40.91 -36.19 47.83
CA ALA G 40 40.91 -37.59 47.43
C ALA G 40 42.01 -38.34 48.17
N PRO G 41 41.83 -39.65 48.39
CA PRO G 41 42.91 -40.46 49.00
C PRO G 41 44.12 -40.49 48.10
N GLY G 42 45.26 -40.07 48.66
CA GLY G 42 46.48 -39.95 47.88
C GLY G 42 46.59 -38.69 47.07
N LYS G 43 45.68 -37.73 47.26
CA LYS G 43 45.67 -36.49 46.50
C LYS G 43 45.45 -35.33 47.46
N GLY G 44 45.90 -34.14 47.04
CA GLY G 44 45.82 -32.96 47.88
C GLY G 44 44.41 -32.39 47.96
N LEU G 45 44.31 -31.29 48.71
CA LEU G 45 43.03 -30.62 48.90
C LEU G 45 42.61 -29.91 47.62
N GLU G 46 41.36 -30.11 47.20
CA GLU G 46 40.85 -29.55 45.97
C GLU G 46 39.55 -28.79 46.25
N TRP G 47 39.50 -27.53 45.82
CA TRP G 47 38.32 -26.71 46.00
C TRP G 47 37.17 -27.18 45.12
N VAL G 48 35.95 -27.01 45.61
CA VAL G 48 34.76 -27.46 44.91
C VAL G 48 33.88 -26.27 44.53
N SER G 49 33.39 -25.53 45.51
CA SER G 49 32.42 -24.48 45.26
C SER G 49 32.58 -23.34 46.25
N VAL G 50 32.08 -22.17 45.86
CA VAL G 50 32.10 -20.97 46.69
C VAL G 50 30.75 -20.27 46.55
N LEU G 51 30.22 -19.77 47.66
CA LEU G 51 28.94 -19.08 47.67
C LEU G 51 29.14 -17.58 47.82
N TYR G 52 28.49 -16.82 46.94
CA TYR G 52 28.51 -15.37 46.96
C TYR G 52 27.33 -14.85 47.79
N ALA G 53 27.05 -13.54 47.67
CA ALA G 53 25.96 -12.94 48.41
C ALA G 53 24.61 -13.51 47.99
N GLY G 54 24.41 -13.71 46.69
CA GLY G 54 23.16 -14.27 46.21
C GLY G 54 22.99 -14.22 44.71
N GLY G 55 22.44 -15.28 44.12
CA GLY G 55 22.18 -15.32 42.71
C GLY G 55 23.38 -15.60 41.83
N SER G 56 24.54 -15.91 42.42
CA SER G 56 25.74 -16.18 41.64
C SER G 56 26.61 -17.17 42.39
N ALA G 57 27.16 -18.13 41.65
CA ALA G 57 28.05 -19.13 42.21
C ALA G 57 28.97 -19.65 41.11
N PHE G 58 30.23 -19.90 41.46
CA PHE G 58 31.23 -20.40 40.52
C PHE G 58 31.67 -21.79 40.94
N TYR G 59 31.94 -22.64 39.94
CA TYR G 59 32.30 -24.02 40.15
C TYR G 59 33.65 -24.31 39.49
N ALA G 60 34.10 -25.56 39.61
CA ALA G 60 35.37 -25.95 39.04
C ALA G 60 35.29 -26.04 37.52
N ASP G 61 36.44 -25.88 36.87
CA ASP G 61 36.49 -25.95 35.41
C ASP G 61 36.27 -27.37 34.90
N SER G 62 36.76 -28.37 35.64
CA SER G 62 36.61 -29.76 35.20
C SER G 62 35.15 -30.20 35.28
N VAL G 63 34.43 -29.83 36.33
CA VAL G 63 33.05 -30.24 36.48
C VAL G 63 32.15 -29.34 35.63
N LYS G 64 30.94 -29.83 35.36
CA LYS G 64 29.96 -29.10 34.56
C LYS G 64 29.02 -28.26 35.40
N GLY G 65 29.18 -28.25 36.73
CA GLY G 65 28.30 -27.47 37.59
C GLY G 65 27.11 -28.26 38.08
N ARG G 66 27.36 -29.42 38.69
CA ARG G 66 26.31 -30.30 39.17
C ARG G 66 25.96 -30.06 40.64
N PHE G 67 26.54 -29.04 41.27
CA PHE G 67 26.16 -28.63 42.61
C PHE G 67 25.32 -27.37 42.56
N THR G 68 24.20 -27.39 43.28
CA THR G 68 23.33 -26.22 43.44
C THR G 68 23.31 -25.84 44.91
N ILE G 69 23.60 -24.58 45.20
CA ILE G 69 23.71 -24.09 46.57
C ILE G 69 22.40 -23.44 46.96
N SER G 70 21.78 -23.96 48.03
CA SER G 70 20.57 -23.38 48.59
C SER G 70 20.78 -23.21 50.09
N ARG G 71 20.43 -22.04 50.61
CA ARG G 71 20.63 -21.72 52.02
C ARG G 71 19.36 -21.11 52.60
N ASN G 72 19.13 -21.38 53.88
CA ASN G 72 17.99 -20.85 54.61
C ASN G 72 18.50 -20.16 55.87
N ASN G 73 18.04 -18.94 56.11
CA ASN G 73 18.43 -18.17 57.27
C ASN G 73 17.54 -18.44 58.48
N SER G 74 16.55 -19.32 58.36
CA SER G 74 15.65 -19.60 59.47
C SER G 74 16.36 -20.35 60.58
N LYS G 75 17.12 -21.38 60.23
CA LYS G 75 17.82 -22.21 61.22
C LYS G 75 19.32 -22.22 61.02
N ASN G 76 19.86 -21.36 60.15
CA ASN G 76 21.29 -21.13 59.98
C ASN G 76 22.01 -22.41 59.53
N THR G 77 21.63 -22.90 58.35
CA THR G 77 22.16 -24.14 57.81
C THR G 77 22.54 -23.92 56.35
N LEU G 78 23.19 -24.93 55.77
CA LEU G 78 23.57 -24.95 54.37
C LEU G 78 23.13 -26.26 53.75
N TYR G 79 22.59 -26.18 52.53
CA TYR G 79 22.02 -27.34 51.85
C TYR G 79 22.65 -27.50 50.48
N LEU G 80 22.98 -28.74 50.12
CA LEU G 80 23.60 -29.05 48.83
C LEU G 80 22.78 -30.11 48.11
N GLN G 81 22.85 -30.08 46.78
CA GLN G 81 22.19 -31.06 45.93
C GLN G 81 23.23 -31.88 45.19
N MET G 82 23.01 -33.19 45.13
CA MET G 82 23.99 -34.13 44.59
C MET G 82 23.40 -34.82 43.36
N ASN G 83 24.16 -34.81 42.26
CA ASN G 83 23.71 -35.43 41.01
C ASN G 83 24.94 -35.73 40.16
N SER G 84 24.75 -36.68 39.23
CA SER G 84 25.75 -37.07 38.23
C SER G 84 27.05 -37.53 38.91
N LEU G 85 26.94 -38.62 39.65
CA LEU G 85 28.07 -39.14 40.40
C LEU G 85 29.11 -39.78 39.49
N ARG G 86 30.35 -39.79 39.97
CA ARG G 86 31.48 -40.36 39.26
C ARG G 86 32.36 -41.08 40.28
N ALA G 87 33.11 -42.08 39.81
CA ALA G 87 33.97 -42.86 40.69
C ALA G 87 35.07 -42.01 41.33
N GLU G 88 35.43 -40.87 40.73
CA GLU G 88 36.44 -39.99 41.31
C GLU G 88 35.90 -39.22 42.51
N ASP G 89 34.58 -39.14 42.67
CA ASP G 89 33.96 -38.34 43.72
C ASP G 89 34.07 -38.97 45.10
N THR G 90 34.63 -40.17 45.22
CA THR G 90 34.79 -40.83 46.51
C THR G 90 35.95 -40.17 47.25
N ALA G 91 35.62 -39.29 48.19
CA ALA G 91 36.63 -38.54 48.94
C ALA G 91 35.97 -37.93 50.18
N ILE G 92 36.79 -37.30 51.00
CA ILE G 92 36.31 -36.60 52.19
C ILE G 92 35.83 -35.21 51.80
N TYR G 93 34.83 -34.70 52.52
CA TYR G 93 34.30 -33.36 52.32
C TYR G 93 34.58 -32.52 53.56
N TYR G 94 35.12 -31.32 53.34
CA TYR G 94 35.47 -30.41 54.42
C TYR G 94 34.62 -29.14 54.30
N CYS G 95 33.77 -28.90 55.30
CA CYS G 95 32.98 -27.68 55.33
C CYS G 95 33.87 -26.53 55.74
N ALA G 96 33.94 -25.49 54.90
CA ALA G 96 34.88 -24.40 55.10
C ALA G 96 34.18 -23.07 54.88
N ARG G 97 34.79 -22.02 55.44
CA ARG G 97 34.36 -20.65 55.24
C ARG G 97 35.55 -19.81 54.81
N GLY G 98 35.30 -18.75 54.04
CA GLY G 98 36.35 -17.95 53.49
C GLY G 98 36.16 -16.47 53.78
N LEU G 99 37.27 -15.74 53.68
CA LEU G 99 37.26 -14.29 53.81
C LEU G 99 38.56 -13.75 53.23
N GLY G 100 38.45 -12.79 52.33
CA GLY G 100 39.62 -12.19 51.70
C GLY G 100 40.48 -13.17 50.91
N ASP G 101 39.85 -14.11 50.20
CA ASP G 101 40.54 -15.20 49.51
C ASP G 101 41.42 -16.00 50.46
N TYR G 102 40.94 -16.18 51.69
CA TYR G 102 41.67 -16.92 52.71
C TYR G 102 40.71 -17.76 53.51
N LEU G 103 41.21 -18.88 54.04
CA LEU G 103 40.40 -19.83 54.79
C LEU G 103 40.93 -19.91 56.22
N ASP G 104 40.02 -19.82 57.19
CA ASP G 104 40.41 -19.80 58.60
C ASP G 104 39.87 -20.98 59.39
N SER G 105 38.58 -21.26 59.34
CA SER G 105 37.97 -22.29 60.16
C SER G 105 37.36 -23.39 59.28
N TRP G 106 37.75 -24.63 59.53
CA TRP G 106 37.25 -25.78 58.79
C TRP G 106 36.57 -26.76 59.74
N GLY G 107 35.59 -27.49 59.21
CA GLY G 107 34.88 -28.48 59.98
C GLY G 107 35.65 -29.77 60.14
N GLN G 108 35.08 -30.68 60.92
CA GLN G 108 35.73 -31.97 61.17
C GLN G 108 35.72 -32.86 59.93
N GLY G 109 34.68 -32.77 59.12
CA GLY G 109 34.64 -33.50 57.88
C GLY G 109 33.66 -34.66 57.92
N THR G 110 33.11 -34.97 56.74
CA THR G 110 32.17 -36.09 56.59
C THR G 110 32.58 -36.94 55.41
N LEU G 111 32.31 -38.24 55.52
CA LEU G 111 32.72 -39.21 54.51
C LEU G 111 31.59 -39.43 53.51
N VAL G 112 31.90 -39.21 52.23
CA VAL G 112 30.97 -39.50 51.14
C VAL G 112 31.71 -40.40 50.14
N THR G 113 31.18 -41.59 49.92
CA THR G 113 31.81 -42.60 49.07
C THR G 113 30.85 -43.02 47.96
N VAL G 114 31.39 -43.17 46.75
CA VAL G 114 30.63 -43.62 45.60
C VAL G 114 31.14 -45.01 45.22
N SER G 115 30.23 -45.99 45.18
CA SER G 115 30.56 -47.38 44.91
C SER G 115 29.86 -47.81 43.63
N SER G 116 30.55 -47.63 42.49
CA SER G 116 30.00 -48.05 41.21
C SER G 116 30.04 -49.56 41.05
N ALA G 117 31.12 -50.20 41.49
CA ALA G 117 31.27 -51.64 41.33
C ALA G 117 30.52 -52.39 42.42
N SER G 118 30.40 -53.70 42.23
CA SER G 118 29.70 -54.55 43.18
C SER G 118 30.50 -54.68 44.48
N THR G 119 29.78 -54.93 45.58
CA THR G 119 30.38 -55.07 46.89
C THR G 119 30.55 -56.57 47.17
N LYS G 120 31.73 -57.08 46.82
CA LYS G 120 32.03 -58.49 47.00
C LYS G 120 32.61 -58.76 48.38
N GLY G 121 32.51 -60.02 48.80
CA GLY G 121 33.00 -60.42 50.10
C GLY G 121 34.50 -60.58 50.13
N PRO G 122 35.09 -60.55 51.33
CA PRO G 122 36.55 -60.66 51.44
C PRO G 122 37.03 -62.11 51.51
N SER G 123 38.33 -62.30 51.67
CA SER G 123 38.92 -63.63 51.80
C SER G 123 40.07 -63.52 52.80
N VAL G 124 39.80 -63.89 54.05
CA VAL G 124 40.77 -63.77 55.12
C VAL G 124 41.64 -65.02 55.16
N PHE G 125 42.94 -64.84 55.08
CA PHE G 125 43.90 -65.94 55.12
C PHE G 125 44.91 -65.70 56.24
N PRO G 126 44.88 -66.49 57.32
CA PRO G 126 45.85 -66.31 58.40
C PRO G 126 47.27 -66.58 57.93
N LEU G 127 48.22 -65.85 58.52
CA LEU G 127 49.63 -66.01 58.21
C LEU G 127 50.25 -66.96 59.24
N ALA G 128 50.85 -68.04 58.76
CA ALA G 128 51.39 -69.06 59.65
C ALA G 128 52.71 -68.58 60.25
N PRO G 129 52.83 -68.53 61.58
CA PRO G 129 54.12 -68.14 62.20
C PRO G 129 55.12 -69.28 62.12
N SER G 130 56.14 -69.11 61.29
CA SER G 130 57.16 -70.13 61.12
C SER G 130 58.05 -70.21 62.36
N SER G 131 58.50 -71.43 62.67
CA SER G 131 59.35 -71.67 63.82
C SER G 131 60.78 -71.22 63.55
N THR G 138 61.01 -63.81 69.87
CA THR G 138 59.66 -63.37 69.57
C THR G 138 59.14 -64.01 68.28
N ALA G 139 57.84 -63.86 68.04
CA ALA G 139 57.21 -64.43 66.86
C ALA G 139 56.24 -63.42 66.27
N ALA G 140 55.95 -63.58 64.98
CA ALA G 140 55.04 -62.70 64.26
C ALA G 140 53.92 -63.53 63.63
N LEU G 141 52.69 -63.03 63.75
CA LEU G 141 51.54 -63.70 63.19
C LEU G 141 50.50 -62.66 62.80
N GLY G 142 49.58 -63.06 61.93
CA GLY G 142 48.54 -62.15 61.48
C GLY G 142 47.64 -62.80 60.47
N CYS G 143 46.73 -62.00 59.94
CA CYS G 143 45.77 -62.44 58.94
C CYS G 143 45.90 -61.60 57.68
N LEU G 144 45.91 -62.25 56.52
CA LEU G 144 46.01 -61.59 55.23
C LEU G 144 44.61 -61.47 54.63
N VAL G 145 44.16 -60.24 54.41
CA VAL G 145 42.86 -59.96 53.85
C VAL G 145 43.05 -59.63 52.38
N LYS G 146 42.45 -60.41 51.49
CA LYS G 146 42.60 -60.26 50.06
C LYS G 146 41.24 -60.34 49.38
N ASP G 147 41.16 -59.74 48.19
CA ASP G 147 39.95 -59.72 47.37
C ASP G 147 38.77 -59.11 48.14
N TYR G 148 39.03 -58.03 48.86
CA TYR G 148 38.03 -57.36 49.67
C TYR G 148 37.60 -56.07 48.96
N PHE G 149 36.30 -55.89 48.77
CA PHE G 149 35.80 -54.63 48.25
C PHE G 149 35.61 -53.56 49.33
N PRO G 150 34.93 -53.82 50.46
CA PRO G 150 34.81 -52.77 51.48
C PRO G 150 36.10 -52.65 52.29
N GLU G 151 36.21 -51.54 53.00
CA GLU G 151 37.39 -51.31 53.82
C GLU G 151 37.38 -52.25 55.03
N PRO G 152 38.59 -52.63 55.51
CA PRO G 152 38.63 -53.48 56.71
C PRO G 152 38.17 -52.75 57.95
N VAL G 153 37.02 -53.15 58.48
CA VAL G 153 36.47 -52.48 59.65
C VAL G 153 37.49 -52.48 60.78
N THR G 154 37.86 -53.66 61.25
CA THR G 154 38.83 -53.77 62.33
C THR G 154 39.46 -55.15 62.34
N VAL G 155 40.57 -55.32 63.04
CA VAL G 155 41.17 -56.64 63.17
C VAL G 155 40.71 -57.22 64.48
N SER G 156 40.47 -56.36 65.47
CA SER G 156 39.98 -56.82 66.76
C SER G 156 40.65 -58.11 67.22
N TRP G 157 41.95 -58.04 67.48
CA TRP G 157 42.68 -59.21 67.95
C TRP G 157 42.11 -59.62 69.29
N ASN G 158 41.54 -60.83 69.36
CA ASN G 158 40.88 -61.36 70.56
C ASN G 158 39.77 -60.43 71.04
N SER G 159 39.02 -59.87 70.08
CA SER G 159 37.88 -58.99 70.34
C SER G 159 38.28 -57.78 71.19
N GLY G 160 39.39 -57.15 70.81
CA GLY G 160 39.87 -55.97 71.48
C GLY G 160 40.74 -56.20 72.70
N ALA G 161 40.94 -57.45 73.11
CA ALA G 161 41.79 -57.73 74.26
C ALA G 161 43.26 -57.45 73.95
N LEU G 162 43.70 -57.79 72.74
CA LEU G 162 45.08 -57.61 72.32
C LEU G 162 45.18 -56.32 71.52
N THR G 163 45.85 -55.32 72.08
CA THR G 163 46.05 -54.04 71.42
C THR G 163 47.51 -53.63 71.35
N SER G 164 48.43 -54.43 71.88
CA SER G 164 49.85 -54.12 71.88
C SER G 164 50.54 -54.88 70.76
N GLY G 165 51.35 -54.17 69.97
CA GLY G 165 52.07 -54.77 68.87
C GLY G 165 51.31 -54.89 67.57
N VAL G 166 50.03 -54.49 67.54
CA VAL G 166 49.24 -54.57 66.33
C VAL G 166 49.62 -53.42 65.40
N HIS G 167 49.70 -53.72 64.10
CA HIS G 167 50.07 -52.72 63.09
C HIS G 167 49.25 -52.99 61.84
N THR G 168 48.25 -52.15 61.58
CA THR G 168 47.39 -52.29 60.42
C THR G 168 48.00 -51.52 59.26
N PHE G 169 48.44 -52.24 58.24
CA PHE G 169 49.06 -51.60 57.08
C PHE G 169 48.00 -50.88 56.24
N PRO G 170 48.38 -49.76 55.61
CA PRO G 170 47.43 -49.07 54.72
C PRO G 170 47.11 -49.90 53.49
N ALA G 171 45.90 -49.71 52.98
CA ALA G 171 45.45 -50.43 51.80
C ALA G 171 46.15 -49.93 50.55
N VAL G 172 46.38 -50.85 49.61
CA VAL G 172 47.01 -50.53 48.33
C VAL G 172 46.13 -51.03 47.20
N LEU G 173 46.24 -50.39 46.05
CA LEU G 173 45.43 -50.73 44.88
C LEU G 173 46.12 -51.83 44.08
N GLN G 174 45.37 -52.90 43.80
CA GLN G 174 45.86 -54.00 42.98
C GLN G 174 45.63 -53.70 41.50
N SER G 175 46.22 -54.55 40.65
CA SER G 175 46.07 -54.37 39.21
C SER G 175 44.69 -54.80 38.71
N SER G 176 43.96 -55.58 39.48
CA SER G 176 42.64 -56.05 39.09
C SER G 176 41.52 -55.11 39.51
N GLY G 177 41.85 -53.96 40.10
CA GLY G 177 40.86 -53.03 40.58
C GLY G 177 40.45 -53.21 42.03
N LEU G 178 40.90 -54.28 42.69
CA LEU G 178 40.61 -54.51 44.09
C LEU G 178 41.73 -53.97 44.96
N TYR G 179 41.62 -54.20 46.26
CA TYR G 179 42.59 -53.72 47.23
C TYR G 179 43.24 -54.89 47.95
N SER G 180 44.42 -54.64 48.49
CA SER G 180 45.17 -55.63 49.25
C SER G 180 45.65 -55.03 50.57
N LEU G 181 45.65 -55.83 51.62
CA LEU G 181 46.05 -55.35 52.94
C LEU G 181 46.51 -56.54 53.78
N SER G 182 47.42 -56.25 54.71
CA SER G 182 47.89 -57.23 55.69
C SER G 182 47.82 -56.61 57.08
N SER G 183 47.49 -57.45 58.07
CA SER G 183 47.45 -57.04 59.46
C SER G 183 48.23 -58.05 60.29
N VAL G 184 49.17 -57.55 61.10
CA VAL G 184 50.08 -58.40 61.85
C VAL G 184 50.15 -57.91 63.30
N VAL G 185 50.66 -58.78 64.17
CA VAL G 185 50.89 -58.44 65.56
C VAL G 185 52.08 -59.27 66.06
N THR G 186 52.90 -58.67 66.91
CA THR G 186 54.09 -59.32 67.45
C THR G 186 53.80 -59.85 68.84
N VAL G 187 54.02 -61.14 69.04
CA VAL G 187 53.77 -61.80 70.32
C VAL G 187 55.01 -62.60 70.70
N PRO G 188 55.25 -62.85 71.99
CA PRO G 188 56.37 -63.72 72.38
C PRO G 188 56.17 -65.15 71.90
N SER G 189 57.29 -65.81 71.62
CA SER G 189 57.25 -67.18 71.11
C SER G 189 56.85 -68.19 72.17
N SER G 190 56.98 -67.85 73.45
CA SER G 190 56.61 -68.77 74.52
C SER G 190 55.10 -68.89 74.69
N SER G 191 54.33 -67.96 74.16
CA SER G 191 52.87 -67.97 74.27
C SER G 191 52.19 -68.46 72.99
N LEU G 192 52.94 -69.04 72.06
CA LEU G 192 52.36 -69.52 70.81
C LEU G 192 51.42 -70.69 71.05
N GLY G 193 51.80 -71.61 71.93
CA GLY G 193 50.99 -72.78 72.22
C GLY G 193 50.03 -72.64 73.38
N THR G 194 50.04 -71.52 74.08
CA THR G 194 49.15 -71.31 75.22
C THR G 194 48.02 -70.33 74.96
N GLN G 195 48.26 -69.30 74.15
CA GLN G 195 47.26 -68.28 73.85
C GLN G 195 46.80 -68.43 72.41
N THR G 196 45.47 -68.42 72.21
CA THR G 196 44.88 -68.54 70.89
C THR G 196 44.46 -67.15 70.40
N TYR G 197 44.94 -66.78 69.22
CA TYR G 197 44.69 -65.46 68.65
C TYR G 197 43.69 -65.57 67.51
N ILE G 198 42.66 -64.73 67.55
CA ILE G 198 41.62 -64.69 66.52
C ILE G 198 41.57 -63.28 65.94
N CYS G 199 41.60 -63.18 64.62
CA CYS G 199 41.44 -61.91 63.93
C CYS G 199 39.98 -61.72 63.55
N ASN G 200 39.41 -60.58 63.93
CA ASN G 200 37.99 -60.30 63.69
C ASN G 200 37.89 -59.36 62.49
N VAL G 201 37.90 -59.96 61.30
CA VAL G 201 37.81 -59.24 60.04
C VAL G 201 36.35 -59.26 59.60
N ASN G 202 35.70 -58.10 59.68
CA ASN G 202 34.31 -57.96 59.26
C ASN G 202 34.18 -56.73 58.37
N HIS G 203 33.20 -56.76 57.47
CA HIS G 203 32.98 -55.69 56.51
C HIS G 203 31.52 -55.26 56.58
N LYS G 204 31.28 -54.07 57.12
CA LYS G 204 29.92 -53.55 57.23
C LYS G 204 29.21 -53.32 55.90
N PRO G 205 29.83 -52.71 54.86
CA PRO G 205 29.08 -52.55 53.59
C PRO G 205 28.64 -53.85 52.95
N SER G 206 29.44 -54.92 53.06
CA SER G 206 29.04 -56.21 52.52
C SER G 206 28.26 -57.06 53.53
N ASN G 207 28.20 -56.63 54.79
CA ASN G 207 27.43 -57.28 55.85
C ASN G 207 27.86 -58.73 56.04
N THR G 208 29.13 -58.92 56.38
CA THR G 208 29.67 -60.24 56.67
C THR G 208 30.63 -60.14 57.85
N LYS G 209 30.72 -61.24 58.61
CA LYS G 209 31.63 -61.35 59.73
C LYS G 209 32.45 -62.63 59.56
N VAL G 210 33.76 -62.49 59.49
CA VAL G 210 34.67 -63.61 59.29
C VAL G 210 35.60 -63.72 60.49
N ASP G 211 35.66 -64.90 61.08
CA ASP G 211 36.58 -65.21 62.17
C ASP G 211 37.49 -66.34 61.74
N LYS G 212 38.80 -66.16 61.94
CA LYS G 212 39.78 -67.12 61.47
C LYS G 212 40.70 -67.54 62.61
N LYS G 213 41.30 -68.70 62.46
CA LYS G 213 42.19 -69.28 63.46
C LYS G 213 43.64 -69.09 63.03
N VAL G 214 44.46 -68.57 63.93
CA VAL G 214 45.87 -68.32 63.66
C VAL G 214 46.67 -69.27 64.56
N GLU G 215 47.26 -70.29 63.97
CA GLU G 215 48.11 -71.24 64.66
C GLU G 215 49.23 -71.66 63.72
N PRO G 216 50.37 -72.10 64.26
CA PRO G 216 51.45 -72.62 63.40
C PRO G 216 51.00 -73.86 62.67
N LYS G 217 50.95 -73.76 61.33
CA LYS G 217 50.46 -74.84 60.49
C LYS G 217 51.61 -75.80 60.17
N SER G 218 51.35 -76.77 59.31
CA SER G 218 52.34 -77.73 58.86
C SER G 218 52.36 -77.75 57.33
N CYS G 219 53.55 -78.06 56.79
CA CYS G 219 53.81 -78.06 55.35
C CYS G 219 53.46 -76.71 54.72
N ASP G 220 54.18 -75.68 55.20
CA ASP G 220 54.02 -74.24 54.91
C ASP G 220 52.74 -73.79 54.19
#